data_2Q52
#
_entry.id   2Q52
#
_cell.length_a   118.438
_cell.length_b   48.195
_cell.length_c   89.411
_cell.angle_alpha   90.000
_cell.angle_beta   115.060
_cell.angle_gamma   90.000
#
_symmetry.space_group_name_H-M   'C 1 2 1'
#
loop_
_entity.id
_entity.type
_entity.pdbx_description
1 polymer 'Glycolipid transfer-like protein'
2 water water
#
_entity_poly.entity_id   1
_entity_poly.type   'polypeptide(L)'
_entity_poly.pdbx_seq_one_letter_code
;SWNKKNEEKEDFGIIVILWKQVTVKEDGKVPLEPFLTAAKEVLRVVDAFGSGFRIVKNDIAGNIKKLYRANQTVHAETLQ
ELIIAENSPDGLATVALLWLKRAFQFIASFLRRLVVTDKSLEQCVTEAYNCTLRPCHSAVIQKVFWGGVKLAPSRERFYR
KLHPDLNIAKAKIEEFLIELHDPLCCIVQFFFQRELEDQCWGDEVYQRKDSSEWLKVSCEQDSV
;
_entity_poly.pdbx_strand_id   A,B
#
# COMPACT_ATOMS: atom_id res chain seq x y z
N ASP A 11 10.16 5.17 -21.64
CA ASP A 11 11.59 4.85 -21.67
C ASP A 11 11.85 3.69 -20.73
N PHE A 12 11.08 2.62 -20.89
CA PHE A 12 11.22 1.45 -20.03
C PHE A 12 12.65 0.92 -20.02
N GLY A 13 13.35 1.02 -21.15
CA GLY A 13 14.70 0.51 -21.25
C GLY A 13 15.70 1.05 -20.23
N ILE A 14 15.35 2.16 -19.57
CA ILE A 14 16.22 2.70 -18.54
C ILE A 14 16.44 1.71 -17.39
N ILE A 15 15.47 0.80 -17.18
CA ILE A 15 15.57 -0.18 -16.10
C ILE A 15 16.79 -1.10 -16.28
N VAL A 16 17.14 -1.37 -17.54
CA VAL A 16 18.31 -2.24 -17.86
C VAL A 16 19.60 -1.57 -17.43
N ILE A 17 19.75 -0.30 -17.80
CA ILE A 17 20.94 0.46 -17.48
C ILE A 17 21.12 0.61 -15.96
N LEU A 18 20.05 0.93 -15.22
CA LEU A 18 20.18 1.15 -13.78
C LEU A 18 20.55 -0.12 -13.01
N TRP A 19 20.01 -1.25 -13.43
CA TRP A 19 20.38 -2.47 -12.75
C TRP A 19 21.82 -2.89 -13.08
N LYS A 20 22.32 -2.50 -14.24
CA LYS A 20 23.71 -2.79 -14.65
C LYS A 20 24.62 -2.02 -13.69
N GLN A 21 24.14 -0.86 -13.27
CA GLN A 21 24.92 -0.07 -12.31
C GLN A 21 25.00 -0.74 -10.94
N VAL A 22 24.17 -1.76 -10.72
CA VAL A 22 24.18 -2.50 -9.47
C VAL A 22 25.21 -3.62 -9.71
N THR A 23 26.46 -3.18 -9.70
CA THR A 23 27.58 -4.05 -9.98
C THR A 23 28.05 -4.87 -8.82
N VAL A 24 27.95 -6.19 -8.98
CA VAL A 24 28.44 -7.13 -7.99
C VAL A 24 29.75 -7.69 -8.57
N LYS A 25 30.83 -7.22 -7.98
CA LYS A 25 32.14 -7.64 -8.41
C LYS A 25 32.52 -8.91 -7.66
N GLU A 26 33.81 -9.23 -7.65
CA GLU A 26 34.25 -10.44 -6.99
C GLU A 26 33.92 -10.50 -5.51
N ASP A 27 33.86 -9.35 -4.83
CA ASP A 27 33.58 -9.38 -3.41
C ASP A 27 32.13 -9.76 -3.03
N GLY A 28 31.26 -9.91 -4.04
CA GLY A 28 29.87 -10.30 -3.77
C GLY A 28 29.04 -9.29 -2.99
N LYS A 29 29.36 -8.00 -3.10
CA LYS A 29 28.62 -6.96 -2.39
C LYS A 29 27.76 -6.24 -3.41
N VAL A 30 26.61 -5.72 -2.96
CA VAL A 30 25.68 -4.99 -3.83
C VAL A 30 25.65 -3.46 -3.54
N PRO A 31 26.02 -2.62 -4.52
CA PRO A 31 25.99 -1.17 -4.23
C PRO A 31 24.61 -0.64 -3.75
N LEU A 32 24.54 0.05 -2.63
CA LEU A 32 23.26 0.47 -2.07
C LEU A 32 22.49 1.50 -2.87
N GLU A 33 23.16 2.52 -3.39
CA GLU A 33 22.43 3.52 -4.15
C GLU A 33 22.13 3.05 -5.56
N PRO A 34 23.08 2.35 -6.23
CA PRO A 34 22.64 1.95 -7.57
C PRO A 34 21.50 0.90 -7.50
N PHE A 35 21.52 0.07 -6.47
CA PHE A 35 20.48 -0.95 -6.32
C PHE A 35 19.15 -0.26 -6.06
N LEU A 36 19.10 0.74 -5.18
CA LEU A 36 17.81 1.39 -4.86
C LEU A 36 17.23 2.24 -5.97
N THR A 37 18.08 2.96 -6.72
CA THR A 37 17.54 3.73 -7.84
C THR A 37 16.87 2.75 -8.82
N ALA A 38 17.60 1.68 -9.14
CA ALA A 38 17.12 0.66 -10.04
C ALA A 38 15.86 -0.06 -9.45
N ALA A 39 15.80 -0.24 -8.14
CA ALA A 39 14.66 -0.91 -7.50
C ALA A 39 13.44 -0.07 -7.75
N LYS A 40 13.59 1.26 -7.72
CA LYS A 40 12.41 2.10 -7.92
C LYS A 40 11.84 1.91 -9.32
N GLU A 41 12.70 1.68 -10.32
CA GLU A 41 12.21 1.53 -11.70
C GLU A 41 11.46 0.22 -11.95
N VAL A 42 11.55 -0.73 -11.01
CA VAL A 42 10.84 -2.01 -11.13
C VAL A 42 9.33 -1.76 -10.95
N LEU A 43 8.96 -0.66 -10.31
CA LEU A 43 7.55 -0.29 -10.14
C LEU A 43 6.91 -0.16 -11.52
N ARG A 44 7.70 0.07 -12.56
CA ARG A 44 7.16 0.11 -13.92
C ARG A 44 6.39 -1.20 -14.19
N VAL A 45 6.82 -2.29 -13.56
CA VAL A 45 6.16 -3.55 -13.76
C VAL A 45 4.78 -3.57 -13.08
N VAL A 46 4.70 -3.22 -11.80
CA VAL A 46 3.36 -3.23 -11.20
C VAL A 46 2.45 -2.18 -11.86
N ASP A 47 3.03 -1.14 -12.45
CA ASP A 47 2.18 -0.16 -13.12
C ASP A 47 1.59 -0.72 -14.42
N ALA A 48 2.31 -1.64 -15.07
CA ALA A 48 1.75 -2.23 -16.30
C ALA A 48 0.77 -3.35 -15.92
N PHE A 49 0.91 -3.94 -14.73
CA PHE A 49 -0.03 -4.99 -14.30
C PHE A 49 -1.38 -4.36 -13.89
N GLY A 50 -1.32 -3.18 -13.26
CA GLY A 50 -2.55 -2.52 -12.82
C GLY A 50 -2.78 -2.67 -11.31
N SER A 51 -3.95 -2.20 -10.87
CA SER A 51 -4.32 -2.20 -9.43
C SER A 51 -4.37 -3.57 -8.75
N GLY A 52 -4.60 -4.68 -9.48
CA GLY A 52 -4.62 -5.99 -8.86
C GLY A 52 -3.25 -6.38 -8.26
N PHE A 53 -2.22 -5.60 -8.53
CA PHE A 53 -0.85 -5.83 -8.00
C PHE A 53 -0.53 -4.87 -6.86
N ARG A 54 -1.57 -4.26 -6.30
CA ARG A 54 -1.42 -3.33 -5.18
C ARG A 54 -0.52 -3.90 -4.09
N ILE A 55 -0.72 -5.15 -3.69
CA ILE A 55 0.11 -5.69 -2.61
C ILE A 55 1.59 -5.62 -2.96
N VAL A 56 1.92 -5.93 -4.21
CA VAL A 56 3.31 -5.94 -4.68
C VAL A 56 3.84 -4.52 -4.85
N LYS A 57 3.02 -3.65 -5.42
CA LYS A 57 3.43 -2.27 -5.62
C LYS A 57 3.70 -1.54 -4.29
N ASN A 58 2.70 -1.54 -3.39
CA ASN A 58 2.86 -0.86 -2.10
C ASN A 58 3.94 -1.48 -1.25
N ASP A 59 4.06 -2.79 -1.37
CA ASP A 59 5.05 -3.60 -0.63
C ASP A 59 6.48 -3.21 -1.01
N ILE A 60 6.76 -3.14 -2.30
CA ILE A 60 8.08 -2.78 -2.77
C ILE A 60 8.41 -1.34 -2.34
N ALA A 61 7.44 -0.45 -2.57
CA ALA A 61 7.58 0.97 -2.27
C ALA A 61 7.94 1.29 -0.83
N GLY A 62 7.23 0.60 0.07
CA GLY A 62 7.42 0.81 1.50
C GLY A 62 8.79 0.30 1.91
N ASN A 63 9.29 -0.51 0.98
CA ASN A 63 10.59 -1.14 1.14
C ASN A 63 11.71 -0.32 0.60
N ILE A 64 11.57 0.16 -0.63
CA ILE A 64 12.59 1.07 -1.12
C ILE A 64 12.72 2.25 -0.11
N LYS A 65 11.59 2.82 0.33
CA LYS A 65 11.62 3.96 1.28
C LYS A 65 12.28 3.57 2.62
N LYS A 66 11.79 2.50 3.26
CA LYS A 66 12.35 2.03 4.52
C LYS A 66 13.86 1.78 4.40
N LEU A 67 14.33 1.18 3.31
CA LEU A 67 15.78 1.03 3.21
C LEU A 67 16.40 2.45 3.32
N TYR A 68 16.05 3.39 2.44
CA TYR A 68 16.64 4.74 2.64
C TYR A 68 16.54 5.20 4.11
N ARG A 69 15.34 5.15 4.69
CA ARG A 69 15.18 5.61 6.08
C ARG A 69 16.21 4.89 6.98
N ALA A 70 16.22 3.55 7.03
CA ALA A 70 17.17 2.81 7.86
C ALA A 70 18.64 3.30 7.69
N ASN A 71 19.10 3.37 6.46
CA ASN A 71 20.47 3.81 6.15
C ASN A 71 20.63 5.28 6.50
N GLN A 72 21.53 5.58 7.42
CA GLN A 72 21.72 6.97 7.81
C GLN A 72 23.03 7.15 8.52
N THR A 73 22.99 6.96 9.83
CA THR A 73 24.20 7.08 10.61
C THR A 73 25.12 5.94 10.19
N VAL A 74 24.54 4.84 9.70
CA VAL A 74 25.34 3.70 9.25
C VAL A 74 26.02 4.10 7.95
N HIS A 75 25.30 4.72 7.02
CA HIS A 75 25.93 5.15 5.77
C HIS A 75 26.60 3.99 5.05
N ALA A 76 25.99 2.80 5.11
CA ALA A 76 26.55 1.65 4.44
C ALA A 76 26.59 1.97 2.96
N GLU A 77 27.63 1.50 2.31
CA GLU A 77 27.82 1.72 0.88
C GLU A 77 27.11 0.62 0.06
N THR A 78 27.10 -0.61 0.57
CA THR A 78 26.45 -1.75 -0.12
C THR A 78 25.35 -2.33 0.73
N LEU A 79 24.53 -3.22 0.14
CA LEU A 79 23.44 -3.85 0.90
C LEU A 79 24.02 -4.73 2.02
N GLN A 80 25.05 -5.50 1.70
CA GLN A 80 25.71 -6.37 2.70
C GLN A 80 26.13 -5.64 3.97
N GLU A 81 26.82 -4.51 3.81
CA GLU A 81 27.32 -3.81 4.99
C GLU A 81 26.14 -3.30 5.83
N LEU A 82 25.04 -2.87 5.18
CA LEU A 82 23.94 -2.33 5.93
C LEU A 82 23.28 -3.35 6.81
N ILE A 83 23.13 -4.55 6.26
CA ILE A 83 22.51 -5.62 7.00
C ILE A 83 23.39 -6.09 8.17
N ILE A 84 24.70 -6.08 7.96
CA ILE A 84 25.65 -6.47 9.01
C ILE A 84 25.57 -5.49 10.20
N ALA A 85 25.43 -4.19 9.92
CA ALA A 85 25.32 -3.20 11.00
C ALA A 85 24.12 -3.44 11.89
N GLU A 86 22.99 -3.89 11.32
CA GLU A 86 21.84 -4.16 12.16
C GLU A 86 22.02 -5.48 12.90
N ASN A 87 22.66 -6.44 12.26
CA ASN A 87 22.85 -7.75 12.90
C ASN A 87 21.64 -8.24 13.68
N SER A 88 20.48 -8.27 13.03
CA SER A 88 19.27 -8.72 13.69
C SER A 88 18.18 -9.03 12.70
N PRO A 89 17.57 -10.21 12.79
CA PRO A 89 16.49 -10.58 11.86
C PRO A 89 15.32 -9.61 11.90
N ASP A 90 15.10 -8.92 13.03
CA ASP A 90 14.00 -7.96 13.17
C ASP A 90 14.41 -6.51 12.90
N GLY A 91 15.64 -6.29 12.45
CA GLY A 91 16.07 -4.93 12.15
C GLY A 91 15.16 -4.36 11.07
N LEU A 92 14.94 -3.04 11.09
CA LEU A 92 14.07 -2.39 10.11
C LEU A 92 14.51 -2.59 8.68
N ALA A 93 15.79 -2.38 8.40
CA ALA A 93 16.32 -2.55 7.06
C ALA A 93 16.36 -4.03 6.66
N THR A 94 16.73 -4.93 7.59
CA THR A 94 16.87 -6.36 7.23
C THR A 94 15.51 -6.98 6.87
N VAL A 95 14.48 -6.85 7.73
CA VAL A 95 13.14 -7.38 7.42
C VAL A 95 12.69 -6.76 6.09
N ALA A 96 13.03 -5.49 5.85
CA ALA A 96 12.61 -4.83 4.61
C ALA A 96 13.31 -5.40 3.40
N LEU A 97 14.61 -5.68 3.49
CA LEU A 97 15.26 -6.20 2.29
C LEU A 97 14.83 -7.64 2.01
N LEU A 98 14.60 -8.43 3.06
CA LEU A 98 14.07 -9.83 2.92
C LEU A 98 12.82 -9.83 2.00
N TRP A 99 11.91 -8.91 2.27
CA TRP A 99 10.65 -8.80 1.54
C TRP A 99 10.88 -8.19 0.15
N LEU A 100 11.73 -7.19 0.00
CA LEU A 100 12.03 -6.61 -1.29
C LEU A 100 12.65 -7.65 -2.27
N LYS A 101 13.62 -8.41 -1.79
CA LYS A 101 14.27 -9.49 -2.55
C LYS A 101 13.15 -10.53 -2.98
N ARG A 102 12.36 -10.98 -2.01
CA ARG A 102 11.27 -11.94 -2.29
C ARG A 102 10.40 -11.43 -3.44
N ALA A 103 10.19 -10.12 -3.49
CA ALA A 103 9.41 -9.49 -4.53
C ALA A 103 10.07 -9.49 -5.86
N PHE A 104 11.40 -9.41 -5.87
CA PHE A 104 11.99 -9.40 -7.20
C PHE A 104 12.19 -10.82 -7.71
N GLN A 105 12.30 -11.78 -6.79
CA GLN A 105 12.37 -13.21 -7.15
C GLN A 105 11.01 -13.52 -7.85
N PHE A 106 9.91 -13.06 -7.24
CA PHE A 106 8.53 -13.21 -7.72
C PHE A 106 8.42 -12.54 -9.09
N ILE A 107 8.76 -11.24 -9.18
CA ILE A 107 8.69 -10.46 -10.41
C ILE A 107 9.58 -11.10 -11.46
N ALA A 108 10.76 -11.58 -11.02
CA ALA A 108 11.66 -12.25 -11.95
C ALA A 108 10.97 -13.53 -12.36
N SER A 109 10.64 -14.41 -11.39
CA SER A 109 10.01 -15.70 -11.71
C SER A 109 8.82 -15.45 -12.69
N PHE A 110 8.00 -14.40 -12.48
CA PHE A 110 6.84 -14.01 -13.34
C PHE A 110 7.23 -13.63 -14.78
N LEU A 111 7.94 -12.50 -14.91
CA LEU A 111 8.34 -11.97 -16.21
C LEU A 111 8.97 -13.01 -17.11
N ARG A 112 9.80 -13.91 -16.54
CA ARG A 112 10.44 -15.02 -17.30
C ARG A 112 9.35 -15.90 -17.85
N ARG A 113 8.43 -16.36 -16.99
CA ARG A 113 7.45 -17.30 -17.48
C ARG A 113 6.65 -16.69 -18.61
N LEU A 114 6.79 -15.37 -18.75
CA LEU A 114 6.08 -14.61 -19.76
C LEU A 114 6.88 -14.43 -21.04
N VAL A 115 8.18 -14.26 -20.90
CA VAL A 115 9.00 -13.99 -22.06
C VAL A 115 9.60 -15.21 -22.77
N VAL A 116 9.64 -16.35 -22.08
CA VAL A 116 10.19 -17.54 -22.71
C VAL A 116 9.13 -18.61 -22.98
N THR A 117 8.35 -19.03 -21.96
CA THR A 117 7.30 -20.04 -22.14
C THR A 117 6.09 -19.40 -22.87
N ASP A 118 5.14 -20.23 -23.30
CA ASP A 118 3.94 -19.75 -23.99
C ASP A 118 2.72 -19.85 -23.08
N LYS A 119 2.96 -19.95 -21.78
CA LYS A 119 1.82 -20.07 -20.88
C LYS A 119 1.12 -18.72 -20.76
N SER A 120 -0.15 -18.75 -20.41
CA SER A 120 -0.90 -17.53 -20.26
C SER A 120 -0.31 -16.63 -19.16
N LEU A 121 -0.78 -15.39 -19.09
CA LEU A 121 -0.25 -14.49 -18.04
C LEU A 121 -0.80 -14.99 -16.71
N GLU A 122 -2.01 -15.49 -16.74
CA GLU A 122 -2.59 -15.97 -15.53
C GLU A 122 -1.78 -17.09 -14.82
N GLN A 123 -1.47 -18.17 -15.52
CA GLN A 123 -0.75 -19.29 -14.97
C GLN A 123 0.60 -18.70 -14.59
N CYS A 124 0.97 -17.64 -15.29
CA CYS A 124 2.23 -17.02 -15.03
C CYS A 124 2.34 -16.36 -13.66
N VAL A 125 1.31 -15.59 -13.32
CA VAL A 125 1.26 -14.93 -12.01
C VAL A 125 1.13 -16.03 -10.93
N THR A 126 0.37 -17.08 -11.23
CA THR A 126 0.17 -18.19 -10.30
C THR A 126 1.48 -18.95 -9.92
N GLU A 127 2.17 -19.50 -10.91
CA GLU A 127 3.38 -20.25 -10.61
C GLU A 127 4.41 -19.33 -9.94
N ALA A 128 4.51 -18.09 -10.43
CA ALA A 128 5.41 -17.11 -9.86
C ALA A 128 5.11 -16.92 -8.38
N TYR A 129 3.85 -16.62 -8.09
CA TYR A 129 3.41 -16.39 -6.72
C TYR A 129 3.63 -17.66 -5.91
N ASN A 130 3.22 -18.78 -6.49
CA ASN A 130 3.31 -20.07 -5.80
C ASN A 130 4.73 -20.40 -5.36
N CYS A 131 5.74 -20.00 -6.15
CA CYS A 131 7.12 -20.35 -5.75
C CYS A 131 7.88 -19.25 -4.97
N THR A 132 7.20 -18.14 -4.70
CA THR A 132 7.85 -17.06 -3.95
C THR A 132 7.08 -16.58 -2.72
N LEU A 133 6.18 -15.63 -2.93
CA LEU A 133 5.48 -14.96 -1.85
C LEU A 133 4.31 -15.73 -1.22
N ARG A 134 3.68 -16.65 -1.97
CA ARG A 134 2.51 -17.33 -1.42
C ARG A 134 2.73 -17.87 -0.01
N PRO A 135 3.79 -18.66 0.21
CA PRO A 135 3.96 -19.16 1.57
C PRO A 135 4.15 -18.08 2.63
N CYS A 136 4.59 -16.90 2.19
CA CYS A 136 4.84 -15.78 3.09
C CYS A 136 3.57 -15.01 3.48
N HIS A 137 2.45 -15.29 2.81
CA HIS A 137 1.18 -14.60 3.06
C HIS A 137 0.17 -15.42 3.82
N SER A 138 -0.46 -14.81 4.82
CA SER A 138 -1.50 -15.47 5.58
C SER A 138 -2.58 -15.83 4.59
N ALA A 139 -3.47 -16.72 5.00
CA ALA A 139 -4.53 -17.13 4.11
C ALA A 139 -5.40 -15.95 3.66
N VAL A 140 -5.63 -14.98 4.55
CA VAL A 140 -6.47 -13.87 4.13
C VAL A 140 -5.77 -12.98 3.11
N ILE A 141 -4.46 -12.81 3.24
CA ILE A 141 -3.75 -11.98 2.28
C ILE A 141 -3.60 -12.73 0.93
N GLN A 142 -3.43 -14.06 0.97
CA GLN A 142 -3.38 -14.82 -0.27
C GLN A 142 -4.67 -14.58 -1.06
N LYS A 143 -5.81 -14.51 -0.36
CA LYS A 143 -7.06 -14.26 -1.06
C LYS A 143 -7.08 -12.85 -1.72
N VAL A 144 -6.47 -11.85 -1.06
CA VAL A 144 -6.39 -10.52 -1.67
C VAL A 144 -5.56 -10.63 -2.97
N PHE A 145 -4.44 -11.36 -2.92
CA PHE A 145 -3.63 -11.48 -4.13
C PHE A 145 -4.40 -12.17 -5.25
N TRP A 146 -5.02 -13.31 -4.95
CA TRP A 146 -5.80 -13.98 -5.98
C TRP A 146 -6.90 -13.02 -6.47
N GLY A 147 -7.53 -12.26 -5.56
CA GLY A 147 -8.51 -11.28 -6.00
C GLY A 147 -7.83 -10.39 -7.03
N GLY A 148 -6.65 -9.87 -6.71
CA GLY A 148 -5.93 -9.01 -7.67
C GLY A 148 -5.55 -9.62 -9.01
N VAL A 149 -5.31 -10.94 -9.03
CA VAL A 149 -4.96 -11.61 -10.28
C VAL A 149 -6.20 -11.66 -11.18
N LYS A 150 -7.37 -11.58 -10.58
CA LYS A 150 -8.57 -11.51 -11.39
C LYS A 150 -8.55 -10.26 -12.29
N LEU A 151 -7.79 -9.23 -11.89
CA LEU A 151 -7.71 -7.99 -12.68
C LEU A 151 -6.50 -7.90 -13.62
N ALA A 152 -5.90 -9.05 -13.90
CA ALA A 152 -4.71 -9.14 -14.74
C ALA A 152 -4.92 -8.93 -16.23
N PRO A 153 -3.97 -8.27 -16.92
CA PRO A 153 -4.07 -8.07 -18.37
C PRO A 153 -3.65 -9.41 -19.03
N SER A 154 -3.75 -9.51 -20.33
CA SER A 154 -3.26 -10.71 -21.01
C SER A 154 -1.75 -10.43 -21.29
N ARG A 155 -1.00 -11.42 -21.72
CA ARG A 155 0.44 -11.19 -22.00
C ARG A 155 0.62 -9.96 -22.89
N GLU A 156 -0.12 -9.88 -24.01
CA GLU A 156 0.01 -8.72 -24.92
C GLU A 156 -0.31 -7.38 -24.32
N ARG A 157 -1.43 -7.24 -23.62
CA ARG A 157 -1.66 -5.91 -23.02
C ARG A 157 -0.57 -5.57 -22.00
N PHE A 158 -0.08 -6.59 -21.28
CA PHE A 158 0.98 -6.39 -20.33
C PHE A 158 2.18 -5.80 -21.07
N TYR A 159 2.59 -6.47 -22.14
CA TYR A 159 3.73 -5.95 -22.90
C TYR A 159 3.56 -4.51 -23.37
N ARG A 160 2.37 -4.20 -23.93
CA ARG A 160 2.18 -2.86 -24.46
C ARG A 160 2.10 -1.75 -23.46
N LYS A 161 1.78 -2.08 -22.20
CA LYS A 161 1.75 -1.03 -21.15
C LYS A 161 3.19 -0.69 -20.71
N LEU A 162 4.15 -1.58 -21.00
CA LEU A 162 5.55 -1.32 -20.63
C LEU A 162 6.24 -0.40 -21.63
N HIS A 163 5.98 -0.65 -22.92
CA HIS A 163 6.53 0.14 -24.04
C HIS A 163 5.57 -0.06 -25.21
N PRO A 164 5.19 1.03 -25.90
CA PRO A 164 4.27 0.97 -27.05
C PRO A 164 4.52 -0.16 -28.04
N ASP A 165 5.79 -0.39 -28.35
CA ASP A 165 6.14 -1.46 -29.29
C ASP A 165 6.41 -2.74 -28.51
N LEU A 166 5.58 -3.76 -28.78
CA LEU A 166 5.67 -5.08 -28.13
C LEU A 166 7.05 -5.69 -28.20
N ASN A 167 7.66 -5.73 -29.39
CA ASN A 167 9.00 -6.32 -29.57
C ASN A 167 10.07 -5.68 -28.68
N ILE A 168 9.99 -4.38 -28.48
CA ILE A 168 10.94 -3.67 -27.61
C ILE A 168 10.64 -4.00 -26.13
N ALA A 169 9.38 -3.88 -25.71
CA ALA A 169 9.00 -4.12 -24.34
C ALA A 169 9.56 -5.49 -23.97
N LYS A 170 9.27 -6.51 -24.78
CA LYS A 170 9.75 -7.86 -24.58
C LYS A 170 11.28 -7.88 -24.57
N ALA A 171 11.93 -7.33 -25.63
CA ALA A 171 13.40 -7.27 -25.63
C ALA A 171 13.95 -6.65 -24.34
N LYS A 172 13.36 -5.52 -23.93
CA LYS A 172 13.82 -4.84 -22.73
C LYS A 172 13.56 -5.55 -21.36
N ILE A 173 12.49 -6.34 -21.22
CA ILE A 173 12.31 -7.09 -19.95
C ILE A 173 13.42 -8.18 -19.88
N GLU A 174 13.84 -8.69 -21.06
CA GLU A 174 14.84 -9.74 -21.15
C GLU A 174 16.20 -9.26 -20.67
N GLU A 175 16.56 -8.05 -21.10
CA GLU A 175 17.83 -7.46 -20.74
C GLU A 175 17.76 -7.11 -19.27
N PHE A 176 16.60 -6.62 -18.80
CA PHE A 176 16.38 -6.32 -17.38
C PHE A 176 16.66 -7.54 -16.51
N LEU A 177 15.97 -8.65 -16.79
CA LEU A 177 16.16 -9.89 -16.02
C LEU A 177 17.64 -10.33 -15.97
N ILE A 178 18.38 -10.08 -17.05
CA ILE A 178 19.80 -10.44 -17.07
C ILE A 178 20.53 -9.62 -16.01
N GLU A 179 20.27 -8.31 -15.99
CA GLU A 179 20.94 -7.41 -15.06
C GLU A 179 20.51 -7.44 -13.62
N LEU A 180 19.26 -7.84 -13.36
CA LEU A 180 18.72 -7.95 -12.00
C LEU A 180 19.30 -9.20 -11.34
N HIS A 181 19.81 -10.10 -12.17
CA HIS A 181 20.15 -11.42 -11.67
C HIS A 181 21.16 -11.62 -10.57
N ASP A 182 22.36 -11.05 -10.72
CA ASP A 182 23.38 -11.26 -9.70
C ASP A 182 23.13 -10.43 -8.45
N PRO A 183 22.72 -9.16 -8.62
CA PRO A 183 22.49 -8.47 -7.36
C PRO A 183 21.36 -9.13 -6.53
N LEU A 184 20.26 -9.48 -7.18
CA LEU A 184 19.19 -10.14 -6.47
C LEU A 184 19.65 -11.49 -5.90
N CYS A 185 20.36 -12.31 -6.70
CA CYS A 185 20.83 -13.65 -6.28
C CYS A 185 21.91 -13.53 -5.19
N CYS A 186 22.65 -12.41 -5.19
CA CYS A 186 23.62 -12.21 -4.14
C CYS A 186 22.88 -12.04 -2.81
N ILE A 187 21.82 -11.27 -2.87
CA ILE A 187 21.00 -11.02 -1.68
C ILE A 187 20.32 -12.32 -1.26
N VAL A 188 19.70 -13.01 -2.21
CA VAL A 188 19.07 -14.31 -1.90
C VAL A 188 20.04 -15.23 -1.12
N GLN A 189 21.20 -15.51 -1.71
CA GLN A 189 22.17 -16.38 -1.02
C GLN A 189 22.67 -15.77 0.27
N PHE A 190 22.72 -14.45 0.37
CA PHE A 190 23.20 -13.75 1.57
C PHE A 190 22.27 -13.86 2.79
N PHE A 191 20.98 -13.64 2.57
CA PHE A 191 19.91 -13.75 3.61
C PHE A 191 19.90 -15.18 4.18
N PHE A 192 20.30 -16.19 3.40
CA PHE A 192 20.41 -17.58 3.90
C PHE A 192 21.66 -17.71 4.77
N GLN A 193 22.76 -17.02 4.40
CA GLN A 193 24.01 -17.09 5.17
C GLN A 193 23.65 -16.51 6.52
N ARG A 194 22.76 -15.52 6.54
CA ARG A 194 22.35 -14.94 7.82
C ARG A 194 21.15 -15.68 8.43
N GLU A 195 20.64 -16.72 7.75
CA GLU A 195 19.51 -17.53 8.24
C GLU A 195 18.22 -16.72 8.46
N LEU A 196 17.95 -15.85 7.47
CA LEU A 196 16.80 -14.97 7.50
C LEU A 196 15.66 -15.40 6.57
N GLU A 197 15.92 -16.32 5.64
CA GLU A 197 14.88 -16.78 4.70
C GLU A 197 14.46 -18.22 4.98
N ASP A 198 13.21 -18.37 5.42
CA ASP A 198 12.71 -19.72 5.80
C ASP A 198 11.49 -20.18 5.01
N GLN A 199 11.01 -19.34 4.11
CA GLN A 199 9.76 -19.65 3.39
C GLN A 199 9.85 -19.54 1.89
N CYS A 200 10.44 -18.42 1.45
CA CYS A 200 10.51 -18.08 0.04
C CYS A 200 11.72 -18.66 -0.65
N TRP A 201 11.50 -19.63 -1.51
CA TRP A 201 12.61 -20.26 -2.22
C TRP A 201 12.75 -19.64 -3.62
N GLY A 202 11.65 -19.14 -4.19
CA GLY A 202 11.75 -18.55 -5.51
C GLY A 202 11.86 -19.52 -6.66
N ASP A 203 12.24 -18.96 -7.80
CA ASP A 203 12.32 -19.67 -9.05
C ASP A 203 13.70 -20.28 -9.24
N GLU A 204 13.77 -21.57 -8.93
CA GLU A 204 15.01 -22.32 -9.01
C GLU A 204 15.78 -22.15 -10.32
N VAL A 205 15.08 -22.13 -11.46
CA VAL A 205 15.74 -21.98 -12.77
C VAL A 205 16.40 -20.60 -12.90
N TYR A 206 15.61 -19.54 -12.77
CA TYR A 206 16.16 -18.21 -12.88
C TYR A 206 17.34 -18.06 -11.93
N GLN A 207 17.22 -18.67 -10.75
CA GLN A 207 18.21 -18.48 -9.70
C GLN A 207 19.47 -19.32 -9.81
N ARG A 208 19.57 -20.08 -10.90
CA ARG A 208 20.78 -20.87 -11.17
C ARG A 208 21.86 -19.84 -11.55
N LYS A 209 23.08 -20.12 -11.11
CA LYS A 209 24.26 -19.26 -11.30
C LYS A 209 24.38 -18.44 -12.60
N ASP A 210 24.17 -19.04 -13.78
CA ASP A 210 24.30 -18.25 -15.02
C ASP A 210 23.18 -17.17 -15.09
N SER A 211 23.46 -16.02 -15.71
CA SER A 211 22.44 -14.95 -15.78
C SER A 211 21.66 -14.88 -17.07
N SER A 212 22.04 -15.70 -18.07
CA SER A 212 21.27 -15.80 -19.32
C SER A 212 20.77 -17.23 -19.63
N GLU A 213 21.22 -18.19 -18.84
CA GLU A 213 20.83 -19.60 -19.02
C GLU A 213 19.34 -19.81 -19.12
N TRP A 214 18.61 -19.23 -18.19
CA TRP A 214 17.17 -19.36 -18.11
C TRP A 214 16.42 -19.03 -19.41
N LEU A 215 17.10 -18.43 -20.38
CA LEU A 215 16.42 -18.09 -21.65
C LEU A 215 16.19 -19.33 -22.52
N LYS A 216 17.21 -20.19 -22.61
CA LYS A 216 17.13 -21.42 -23.41
C LYS A 216 16.04 -22.39 -22.96
N ASP B 11 -0.87 -3.49 19.22
CA ASP B 11 -1.13 -4.11 17.88
C ASP B 11 -1.88 -3.17 16.95
N PHE B 12 -1.52 -1.87 16.99
CA PHE B 12 -2.15 -0.87 16.11
C PHE B 12 -2.03 -1.36 14.67
N GLY B 13 -0.98 -2.13 14.37
CA GLY B 13 -0.78 -2.63 13.01
C GLY B 13 -1.94 -3.44 12.39
N ILE B 14 -2.86 -3.96 13.19
CA ILE B 14 -4.04 -4.68 12.66
C ILE B 14 -4.82 -3.76 11.70
N ILE B 15 -4.93 -2.47 12.01
CA ILE B 15 -5.68 -1.58 11.12
C ILE B 15 -5.05 -1.66 9.70
N VAL B 16 -3.74 -1.94 9.64
CA VAL B 16 -3.06 -2.01 8.35
C VAL B 16 -3.42 -3.28 7.60
N ILE B 17 -3.44 -4.40 8.31
CA ILE B 17 -3.77 -5.66 7.69
C ILE B 17 -5.23 -5.64 7.23
N LEU B 18 -6.10 -4.99 8.00
CA LEU B 18 -7.51 -4.92 7.65
C LEU B 18 -7.79 -4.06 6.41
N TRP B 19 -7.09 -2.93 6.26
CA TRP B 19 -7.32 -2.08 5.09
C TRP B 19 -6.75 -2.62 3.77
N LYS B 20 -5.66 -3.40 3.84
CA LYS B 20 -5.13 -4.09 2.65
C LYS B 20 -6.21 -5.02 2.07
N GLN B 21 -7.18 -5.42 2.90
CA GLN B 21 -8.23 -6.32 2.45
C GLN B 21 -9.42 -5.57 1.84
N VAL B 22 -9.36 -4.22 1.87
CA VAL B 22 -10.44 -3.41 1.29
C VAL B 22 -9.97 -2.96 -0.07
N THR B 23 -10.63 -3.42 -1.13
CA THR B 23 -10.14 -3.12 -2.47
C THR B 23 -11.14 -2.43 -3.38
N VAL B 24 -10.61 -1.97 -4.51
CA VAL B 24 -11.46 -1.37 -5.53
C VAL B 24 -11.47 -2.39 -6.67
N LYS B 25 -12.65 -2.95 -7.00
CA LYS B 25 -12.75 -3.93 -8.09
C LYS B 25 -12.79 -3.20 -9.43
N GLU B 26 -12.56 -3.95 -10.53
CA GLU B 26 -12.55 -3.38 -11.87
C GLU B 26 -13.78 -2.53 -12.17
N ASP B 27 -14.92 -2.86 -11.59
CA ASP B 27 -16.14 -2.12 -11.85
C ASP B 27 -16.21 -0.85 -10.98
N GLY B 28 -15.16 -0.62 -10.19
CA GLY B 28 -15.10 0.57 -9.36
C GLY B 28 -15.90 0.51 -8.06
N LYS B 29 -16.25 -0.70 -7.62
CA LYS B 29 -17.04 -0.92 -6.41
C LYS B 29 -16.19 -1.53 -5.30
N VAL B 30 -16.58 -1.23 -4.05
CA VAL B 30 -15.83 -1.68 -2.89
C VAL B 30 -16.64 -2.68 -2.07
N PRO B 31 -16.06 -3.89 -1.84
CA PRO B 31 -16.78 -4.91 -1.06
C PRO B 31 -17.20 -4.33 0.30
N LEU B 32 -18.48 -4.51 0.60
CA LEU B 32 -19.06 -3.95 1.81
C LEU B 32 -18.54 -4.53 3.12
N GLU B 33 -18.36 -5.86 3.18
CA GLU B 33 -17.97 -6.53 4.41
C GLU B 33 -16.54 -6.26 4.86
N PRO B 34 -15.55 -6.33 3.95
CA PRO B 34 -14.19 -6.04 4.40
C PRO B 34 -14.08 -4.54 4.80
N PHE B 35 -14.69 -3.67 3.99
CA PHE B 35 -14.65 -2.24 4.32
C PHE B 35 -15.21 -2.04 5.74
N LEU B 36 -16.31 -2.71 6.11
CA LEU B 36 -16.94 -2.52 7.44
C LEU B 36 -16.12 -2.88 8.64
N THR B 37 -15.48 -4.05 8.64
CA THR B 37 -14.64 -4.36 9.77
C THR B 37 -13.45 -3.36 9.76
N ALA B 38 -12.97 -2.98 8.57
CA ALA B 38 -11.85 -2.02 8.48
C ALA B 38 -12.24 -0.66 9.08
N ALA B 39 -13.50 -0.30 8.98
CA ALA B 39 -13.95 1.00 9.51
C ALA B 39 -13.92 0.95 11.04
N LYS B 40 -14.30 -0.19 11.62
CA LYS B 40 -14.30 -0.30 13.07
C LYS B 40 -12.95 0.08 13.70
N GLU B 41 -11.87 -0.45 13.13
CA GLU B 41 -10.51 -0.24 13.63
C GLU B 41 -10.08 1.24 13.62
N VAL B 42 -10.66 2.05 12.76
CA VAL B 42 -10.32 3.46 12.69
C VAL B 42 -10.67 4.14 14.03
N LEU B 43 -11.58 3.55 14.80
CA LEU B 43 -11.88 4.13 16.10
C LEU B 43 -10.60 4.15 16.96
N ARG B 44 -9.63 3.26 16.70
CA ARG B 44 -8.37 3.27 17.47
C ARG B 44 -7.58 4.56 17.17
N VAL B 45 -7.67 5.08 15.95
CA VAL B 45 -7.02 6.35 15.64
C VAL B 45 -7.62 7.48 16.50
N VAL B 46 -8.96 7.56 16.58
CA VAL B 46 -9.57 8.61 17.39
C VAL B 46 -9.26 8.38 18.87
N ASP B 47 -9.09 7.14 19.30
CA ASP B 47 -8.76 6.95 20.71
C ASP B 47 -7.42 7.61 21.07
N ALA B 48 -6.58 7.87 20.06
CA ALA B 48 -5.28 8.47 20.34
C ALA B 48 -5.42 9.96 20.67
N PHE B 49 -6.59 10.56 20.38
CA PHE B 49 -6.81 11.95 20.80
C PHE B 49 -7.04 12.02 22.33
N GLY B 50 -7.51 10.91 22.93
CA GLY B 50 -7.79 10.87 24.37
C GLY B 50 -9.25 10.69 24.80
N SER B 51 -9.69 11.52 25.73
CA SER B 51 -11.07 11.47 26.25
C SER B 51 -12.13 12.23 25.43
N GLY B 52 -11.66 13.31 24.81
CA GLY B 52 -12.51 14.23 24.04
C GLY B 52 -12.95 13.65 22.70
N PHE B 53 -13.45 14.54 21.85
CA PHE B 53 -13.98 14.18 20.52
C PHE B 53 -15.03 13.03 20.58
N ARG B 54 -15.80 12.91 21.67
CA ARG B 54 -16.77 11.81 21.63
C ARG B 54 -17.85 12.04 20.58
N ILE B 55 -18.16 13.29 20.20
CA ILE B 55 -19.15 13.47 19.12
C ILE B 55 -18.67 12.79 17.82
N VAL B 56 -17.38 12.93 17.49
CA VAL B 56 -16.81 12.29 16.28
C VAL B 56 -16.80 10.77 16.43
N LYS B 57 -16.37 10.28 17.61
CA LYS B 57 -16.34 8.84 17.92
C LYS B 57 -17.72 8.17 17.80
N ASN B 58 -18.72 8.75 18.48
CA ASN B 58 -20.06 8.16 18.44
C ASN B 58 -20.58 8.14 17.01
N ASP B 59 -20.08 9.07 16.19
CA ASP B 59 -20.52 9.17 14.80
C ASP B 59 -20.04 7.97 13.96
N ILE B 60 -18.78 7.58 14.15
CA ILE B 60 -18.25 6.46 13.40
C ILE B 60 -18.90 5.14 13.81
N ALA B 61 -19.02 4.88 15.11
CA ALA B 61 -19.64 3.62 15.49
C ALA B 61 -21.11 3.65 15.09
N GLY B 62 -21.75 4.78 15.36
CA GLY B 62 -23.16 4.90 15.03
C GLY B 62 -23.38 4.59 13.59
N ASN B 63 -22.55 5.16 12.72
CA ASN B 63 -22.66 4.94 11.29
C ASN B 63 -22.27 3.53 10.89
N ILE B 64 -21.25 2.98 11.53
CA ILE B 64 -20.93 1.59 11.22
C ILE B 64 -22.13 0.70 11.66
N LYS B 65 -22.81 1.09 12.76
CA LYS B 65 -23.94 0.31 13.26
C LYS B 65 -25.06 0.39 12.23
N LYS B 66 -25.39 1.60 11.75
CA LYS B 66 -26.45 1.76 10.77
C LYS B 66 -26.21 1.02 9.45
N LEU B 67 -24.94 0.87 9.03
CA LEU B 67 -24.63 0.17 7.79
C LEU B 67 -24.85 -1.33 7.97
N TYR B 68 -24.43 -1.88 9.10
CA TYR B 68 -24.71 -3.31 9.29
C TYR B 68 -26.23 -3.53 9.35
N ARG B 69 -26.96 -2.65 10.03
CA ARG B 69 -28.41 -2.77 10.14
C ARG B 69 -29.12 -2.64 8.78
N ALA B 70 -28.77 -1.66 7.96
CA ALA B 70 -29.38 -1.49 6.65
C ALA B 70 -29.15 -2.74 5.77
N ASN B 71 -27.97 -3.33 5.89
CA ASN B 71 -27.65 -4.49 5.07
C ASN B 71 -28.36 -5.79 5.55
N GLN B 72 -28.96 -5.74 6.73
CA GLN B 72 -29.67 -6.91 7.27
C GLN B 72 -30.82 -7.36 6.36
N THR B 73 -31.37 -6.44 5.57
CA THR B 73 -32.46 -6.77 4.65
C THR B 73 -32.11 -6.66 3.15
N VAL B 74 -31.11 -5.85 2.82
CA VAL B 74 -30.69 -5.67 1.42
C VAL B 74 -29.68 -6.77 1.03
N HIS B 75 -28.90 -7.19 2.00
CA HIS B 75 -27.88 -8.21 1.81
C HIS B 75 -26.93 -7.84 0.73
N ALA B 76 -26.62 -6.54 0.63
CA ALA B 76 -25.66 -6.10 -0.36
C ALA B 76 -24.29 -6.66 0.03
N GLU B 77 -23.44 -6.89 -0.97
CA GLU B 77 -22.08 -7.38 -0.73
C GLU B 77 -21.10 -6.25 -0.92
N THR B 78 -21.57 -5.11 -1.43
CA THR B 78 -20.66 -3.94 -1.63
C THR B 78 -21.38 -2.70 -1.16
N LEU B 79 -20.57 -1.77 -0.71
CA LEU B 79 -21.11 -0.49 -0.22
C LEU B 79 -21.99 0.11 -1.32
N GLN B 80 -21.54 0.07 -2.59
CA GLN B 80 -22.29 0.63 -3.71
C GLN B 80 -23.64 -0.07 -3.90
N GLU B 81 -23.62 -1.40 -3.81
CA GLU B 81 -24.85 -2.19 -3.99
C GLU B 81 -25.84 -1.84 -2.85
N LEU B 82 -25.36 -1.55 -1.66
CA LEU B 82 -26.32 -1.19 -0.63
C LEU B 82 -26.94 0.18 -0.90
N ILE B 83 -26.11 1.13 -1.35
CA ILE B 83 -26.56 2.49 -1.68
C ILE B 83 -27.53 2.54 -2.88
N ILE B 84 -27.16 1.86 -3.95
CA ILE B 84 -28.00 1.84 -5.15
C ILE B 84 -29.33 1.19 -4.79
N ALA B 85 -29.29 0.14 -3.97
CA ALA B 85 -30.49 -0.58 -3.56
C ALA B 85 -31.47 0.33 -2.82
N GLU B 86 -30.92 1.33 -2.11
CA GLU B 86 -31.73 2.30 -1.38
C GLU B 86 -32.24 3.42 -2.28
N ASN B 87 -31.42 3.85 -3.23
CA ASN B 87 -31.76 4.92 -4.16
C ASN B 87 -32.56 6.04 -3.47
N SER B 88 -31.89 6.74 -2.54
CA SER B 88 -32.53 7.81 -1.80
C SER B 88 -31.48 8.56 -0.97
N PRO B 89 -31.42 9.89 -1.12
CA PRO B 89 -30.41 10.67 -0.36
C PRO B 89 -30.70 10.56 1.14
N ASP B 90 -31.92 10.15 1.50
CA ASP B 90 -32.29 10.03 2.91
C ASP B 90 -32.27 8.60 3.46
N GLY B 91 -31.75 7.68 2.65
CA GLY B 91 -31.67 6.27 3.06
C GLY B 91 -30.82 6.08 4.30
N LEU B 92 -31.07 5.00 5.03
CA LEU B 92 -30.35 4.69 6.27
C LEU B 92 -28.86 4.49 6.00
N ALA B 93 -28.54 3.65 5.03
CA ALA B 93 -27.13 3.39 4.70
C ALA B 93 -26.52 4.57 3.99
N THR B 94 -27.30 5.29 3.19
CA THR B 94 -26.80 6.44 2.42
C THR B 94 -26.34 7.55 3.35
N VAL B 95 -27.15 7.84 4.36
CA VAL B 95 -26.81 8.89 5.30
C VAL B 95 -25.61 8.46 6.18
N ALA B 96 -25.58 7.20 6.60
CA ALA B 96 -24.48 6.69 7.42
C ALA B 96 -23.21 6.69 6.59
N LEU B 97 -23.31 6.40 5.29
CA LEU B 97 -22.14 6.39 4.45
C LEU B 97 -21.67 7.79 4.26
N LEU B 98 -22.57 8.71 3.91
CA LEU B 98 -22.16 10.09 3.75
C LEU B 98 -21.21 10.54 4.86
N TRP B 99 -21.71 10.42 6.08
CA TRP B 99 -20.95 10.86 7.23
C TRP B 99 -19.74 9.99 7.52
N LEU B 100 -19.78 8.71 7.20
CA LEU B 100 -18.60 7.87 7.43
C LEU B 100 -17.47 8.29 6.47
N LYS B 101 -17.81 8.49 5.21
CA LYS B 101 -16.84 8.97 4.21
C LYS B 101 -16.25 10.28 4.73
N ARG B 102 -17.07 11.30 4.97
CA ARG B 102 -16.52 12.57 5.47
C ARG B 102 -15.64 12.36 6.73
N ALA B 103 -16.08 11.53 7.67
CA ALA B 103 -15.26 11.26 8.85
C ALA B 103 -13.89 10.79 8.45
N PHE B 104 -13.84 9.76 7.59
CA PHE B 104 -12.58 9.19 7.16
C PHE B 104 -11.75 10.19 6.32
N GLN B 105 -12.40 11.03 5.50
CA GLN B 105 -11.67 12.06 4.76
C GLN B 105 -10.93 12.95 5.75
N PHE B 106 -11.56 13.26 6.89
CA PHE B 106 -10.97 14.07 7.97
C PHE B 106 -9.76 13.33 8.53
N ILE B 107 -9.92 12.03 8.71
CA ILE B 107 -8.83 11.25 9.25
C ILE B 107 -7.59 11.25 8.36
N ALA B 108 -7.78 11.08 7.06
CA ALA B 108 -6.66 11.08 6.14
C ALA B 108 -6.05 12.47 6.12
N SER B 109 -6.88 13.51 6.34
CA SER B 109 -6.34 14.88 6.31
C SER B 109 -5.51 15.09 7.57
N PHE B 110 -6.12 14.81 8.71
CA PHE B 110 -5.39 14.95 9.95
C PHE B 110 -4.07 14.15 9.93
N LEU B 111 -4.14 12.83 9.67
CA LEU B 111 -2.92 12.03 9.66
C LEU B 111 -1.90 12.44 8.61
N ARG B 112 -2.32 12.79 7.40
CA ARG B 112 -1.38 13.23 6.38
C ARG B 112 -0.60 14.42 6.96
N ARG B 113 -1.31 15.50 7.27
CA ARG B 113 -0.62 16.69 7.82
C ARG B 113 0.30 16.31 8.95
N LEU B 114 -0.13 15.42 9.84
CA LEU B 114 0.72 15.01 10.94
C LEU B 114 2.04 14.38 10.50
N VAL B 115 2.01 13.26 9.76
CA VAL B 115 3.25 12.61 9.36
C VAL B 115 4.06 13.27 8.22
N VAL B 116 3.62 14.39 7.62
CA VAL B 116 4.39 14.98 6.53
C VAL B 116 4.99 16.36 6.83
N THR B 117 4.22 17.26 7.42
CA THR B 117 4.70 18.59 7.68
C THR B 117 5.21 18.64 9.10
N ASP B 118 5.65 19.84 9.52
CA ASP B 118 6.10 20.08 10.89
C ASP B 118 5.09 20.92 11.67
N LYS B 119 3.85 20.98 11.19
CA LYS B 119 2.84 21.80 11.87
C LYS B 119 2.42 21.23 13.22
N SER B 120 1.94 22.07 14.13
CA SER B 120 1.45 21.52 15.40
C SER B 120 0.29 20.58 15.12
N LEU B 121 0.08 19.64 16.02
CA LEU B 121 -1.04 18.71 15.83
C LEU B 121 -2.32 19.54 15.83
N GLU B 122 -2.34 20.63 16.57
CA GLU B 122 -3.52 21.48 16.61
C GLU B 122 -3.79 22.02 15.22
N GLN B 123 -2.73 22.48 14.55
CA GLN B 123 -2.89 22.99 13.20
C GLN B 123 -3.23 21.85 12.23
N CYS B 124 -2.73 20.68 12.57
CA CYS B 124 -2.94 19.47 11.74
C CYS B 124 -4.45 19.14 11.78
N VAL B 125 -4.99 19.01 12.99
CA VAL B 125 -6.42 18.70 13.11
C VAL B 125 -7.33 19.84 12.75
N THR B 126 -6.92 21.08 13.07
CA THR B 126 -7.70 22.26 12.71
C THR B 126 -7.83 22.32 11.19
N GLU B 127 -6.71 22.15 10.49
CA GLU B 127 -6.72 22.19 9.02
C GLU B 127 -7.54 21.02 8.46
N ALA B 128 -7.40 19.84 9.07
CA ALA B 128 -8.16 18.67 8.62
C ALA B 128 -9.63 18.92 8.76
N TYR B 129 -10.05 19.44 9.92
CA TYR B 129 -11.47 19.72 10.15
C TYR B 129 -12.00 20.74 9.15
N ASN B 130 -11.21 21.79 8.91
CA ASN B 130 -11.65 22.86 8.02
C ASN B 130 -11.89 22.44 6.58
N CYS B 131 -11.21 21.40 6.10
CA CYS B 131 -11.42 20.98 4.73
C CYS B 131 -12.28 19.71 4.59
N THR B 132 -12.89 19.28 5.69
CA THR B 132 -13.72 18.08 5.64
C THR B 132 -15.07 18.32 6.33
N LEU B 133 -15.14 18.07 7.64
CA LEU B 133 -16.41 18.16 8.37
C LEU B 133 -16.93 19.57 8.60
N ARG B 134 -16.07 20.60 8.75
CA ARG B 134 -16.55 21.95 9.07
C ARG B 134 -17.61 22.51 8.15
N PRO B 135 -17.47 22.32 6.83
CA PRO B 135 -18.45 22.84 5.86
C PRO B 135 -19.84 22.19 5.93
N CYS B 136 -19.95 21.03 6.58
CA CYS B 136 -21.28 20.45 6.69
C CYS B 136 -21.82 20.35 8.11
N HIS B 137 -21.17 20.97 9.10
CA HIS B 137 -21.57 20.90 10.52
C HIS B 137 -22.33 22.13 11.00
N SER B 138 -23.25 21.94 11.95
CA SER B 138 -23.99 23.06 12.54
C SER B 138 -23.07 23.90 13.44
N ALA B 139 -23.48 25.13 13.74
CA ALA B 139 -22.73 26.02 14.64
C ALA B 139 -22.47 25.39 16.00
N VAL B 140 -23.49 24.71 16.54
CA VAL B 140 -23.37 24.06 17.85
C VAL B 140 -22.30 22.94 17.88
N ILE B 141 -22.20 22.20 16.79
CA ILE B 141 -21.25 21.13 16.70
C ILE B 141 -19.82 21.67 16.47
N GLN B 142 -19.70 22.65 15.58
CA GLN B 142 -18.40 23.27 15.29
C GLN B 142 -17.67 23.73 16.54
N LYS B 143 -18.38 24.43 17.44
CA LYS B 143 -17.79 24.94 18.66
C LYS B 143 -17.49 23.77 19.61
N VAL B 144 -18.32 22.72 19.62
CA VAL B 144 -17.99 21.54 20.43
C VAL B 144 -16.70 20.88 19.89
N PHE B 145 -16.56 20.84 18.56
CA PHE B 145 -15.34 20.27 17.98
C PHE B 145 -14.13 21.08 18.43
N TRP B 146 -14.18 22.42 18.39
CA TRP B 146 -13.03 23.19 18.85
C TRP B 146 -12.68 22.91 20.30
N GLY B 147 -13.69 22.68 21.14
CA GLY B 147 -13.41 22.37 22.54
C GLY B 147 -12.60 21.09 22.67
N GLY B 148 -12.82 20.15 21.76
CA GLY B 148 -12.05 18.93 21.81
C GLY B 148 -10.62 19.18 21.34
N VAL B 149 -10.46 20.12 20.42
CA VAL B 149 -9.11 20.41 19.89
C VAL B 149 -8.27 20.93 21.05
N LYS B 150 -8.86 21.82 21.85
CA LYS B 150 -8.12 22.37 22.99
C LYS B 150 -7.54 21.24 23.82
N LEU B 151 -8.18 20.08 23.76
CA LEU B 151 -7.82 18.89 24.52
C LEU B 151 -6.87 17.93 23.85
N ALA B 152 -6.68 18.10 22.55
CA ALA B 152 -5.86 17.17 21.80
C ALA B 152 -4.40 17.14 22.28
N PRO B 153 -3.77 15.96 22.17
CA PRO B 153 -2.38 15.88 22.63
C PRO B 153 -1.41 16.53 21.62
N SER B 154 -0.13 16.59 21.99
CA SER B 154 0.91 17.03 21.08
C SER B 154 1.11 15.91 20.05
N ARG B 155 1.79 16.23 18.97
CA ARG B 155 2.07 15.21 17.96
C ARG B 155 2.79 13.95 18.61
N GLU B 156 3.65 14.16 19.62
CA GLU B 156 4.40 13.07 20.30
C GLU B 156 3.55 12.17 21.18
N ARG B 157 2.68 12.74 22.00
CA ARG B 157 1.83 11.93 22.85
C ARG B 157 0.82 11.15 21.96
N PHE B 158 0.47 11.71 20.79
CA PHE B 158 -0.47 11.01 19.87
C PHE B 158 0.16 9.73 19.37
N TYR B 159 1.42 9.83 18.92
CA TYR B 159 2.09 8.62 18.43
C TYR B 159 2.22 7.59 19.56
N ARG B 160 2.64 8.02 20.76
CA ARG B 160 2.84 7.09 21.88
C ARG B 160 1.65 6.21 22.16
N LYS B 161 0.44 6.78 22.07
CA LYS B 161 -0.79 6.02 22.25
C LYS B 161 -0.83 4.85 21.26
N LEU B 162 -0.44 5.10 20.03
CA LEU B 162 -0.46 4.05 19.00
C LEU B 162 0.66 3.01 19.14
N HIS B 163 1.88 3.45 19.47
CA HIS B 163 2.98 2.50 19.62
C HIS B 163 4.09 3.17 20.43
N PRO B 164 4.75 2.43 21.36
CA PRO B 164 5.81 3.09 22.15
C PRO B 164 7.00 3.64 21.34
N ASP B 165 7.31 2.99 20.22
CA ASP B 165 8.38 3.45 19.34
C ASP B 165 7.81 4.52 18.38
N LEU B 166 8.20 5.78 18.54
CA LEU B 166 7.67 6.85 17.69
C LEU B 166 7.82 6.61 16.19
N ASN B 167 8.92 6.00 15.80
CA ASN B 167 9.14 5.73 14.40
C ASN B 167 8.19 4.67 13.90
N ILE B 168 7.83 3.71 14.75
CA ILE B 168 6.94 2.65 14.34
C ILE B 168 5.56 3.23 14.20
N ALA B 169 5.09 3.97 15.21
CA ALA B 169 3.76 4.57 15.14
C ALA B 169 3.70 5.34 13.84
N LYS B 170 4.63 6.26 13.60
CA LYS B 170 4.59 7.05 12.38
C LYS B 170 4.55 6.18 11.12
N ALA B 171 5.26 5.05 11.14
CA ALA B 171 5.27 4.15 10.00
C ALA B 171 3.93 3.40 9.88
N LYS B 172 3.30 3.07 11.01
CA LYS B 172 2.01 2.39 11.01
C LYS B 172 0.97 3.33 10.42
N ILE B 173 0.97 4.58 10.88
CA ILE B 173 0.03 5.58 10.36
C ILE B 173 0.29 5.76 8.86
N GLU B 174 1.57 5.83 8.45
CA GLU B 174 1.86 5.97 7.03
C GLU B 174 1.37 4.74 6.28
N GLU B 175 1.67 3.55 6.84
CA GLU B 175 1.21 2.30 6.22
C GLU B 175 -0.34 2.31 6.12
N PHE B 176 -1.01 2.68 7.22
CA PHE B 176 -2.46 2.74 7.25
C PHE B 176 -2.95 3.77 6.24
N LEU B 177 -2.26 4.92 6.17
CA LEU B 177 -2.73 5.95 5.23
C LEU B 177 -2.78 5.44 3.81
N ILE B 178 -1.72 4.75 3.37
CA ILE B 178 -1.67 4.20 2.00
C ILE B 178 -2.80 3.20 1.62
N GLU B 179 -3.23 2.32 2.52
CA GLU B 179 -4.25 1.35 2.14
C GLU B 179 -5.64 1.95 2.19
N LEU B 180 -5.74 3.09 2.88
CA LEU B 180 -6.99 3.87 3.02
C LEU B 180 -7.11 4.89 1.87
N HIS B 181 -6.41 4.70 0.78
CA HIS B 181 -6.55 5.74 -0.22
C HIS B 181 -7.45 5.43 -1.41
N ASP B 182 -7.52 4.16 -1.84
CA ASP B 182 -8.27 3.92 -3.07
C ASP B 182 -9.74 3.69 -2.73
N PRO B 183 -10.01 2.97 -1.63
CA PRO B 183 -11.45 2.80 -1.41
C PRO B 183 -12.17 4.09 -0.95
N LEU B 184 -11.54 4.82 -0.03
CA LEU B 184 -12.15 6.03 0.50
C LEU B 184 -12.33 6.97 -0.71
N CYS B 185 -11.30 7.06 -1.54
CA CYS B 185 -11.36 7.92 -2.70
C CYS B 185 -12.37 7.40 -3.74
N CYS B 186 -12.43 6.06 -3.91
CA CYS B 186 -13.41 5.44 -4.82
C CYS B 186 -14.78 5.86 -4.31
N ILE B 187 -14.98 5.80 -2.99
CA ILE B 187 -16.24 6.20 -2.37
C ILE B 187 -16.51 7.71 -2.50
N VAL B 188 -15.49 8.54 -2.33
CA VAL B 188 -15.65 9.98 -2.47
C VAL B 188 -16.19 10.34 -3.86
N GLN B 189 -15.54 9.84 -4.90
CA GLN B 189 -16.01 10.15 -6.25
C GLN B 189 -17.43 9.61 -6.49
N PHE B 190 -17.74 8.42 -5.98
CA PHE B 190 -19.06 7.77 -6.13
C PHE B 190 -20.17 8.62 -5.48
N PHE B 191 -19.91 9.22 -4.32
CA PHE B 191 -20.94 10.06 -3.70
C PHE B 191 -21.23 11.28 -4.59
N PHE B 192 -20.21 11.87 -5.17
CA PHE B 192 -20.50 12.96 -6.12
C PHE B 192 -21.33 12.45 -7.29
N GLN B 193 -20.95 11.31 -7.88
CA GLN B 193 -21.70 10.77 -9.03
C GLN B 193 -23.19 10.58 -8.71
N ARG B 194 -23.47 10.20 -7.47
CA ARG B 194 -24.83 9.99 -7.02
C ARG B 194 -25.46 11.34 -6.60
N GLU B 195 -24.67 12.42 -6.67
CA GLU B 195 -25.07 13.76 -6.25
C GLU B 195 -25.48 13.84 -4.78
N LEU B 196 -24.71 13.13 -3.93
CA LEU B 196 -24.95 13.06 -2.49
C LEU B 196 -23.99 13.98 -1.75
N GLU B 197 -22.80 14.16 -2.30
CA GLU B 197 -21.83 15.03 -1.64
C GLU B 197 -21.71 16.29 -2.48
N ASP B 198 -21.86 17.44 -1.81
CA ASP B 198 -21.70 18.78 -2.38
C ASP B 198 -21.44 19.80 -1.24
N GLN B 199 -20.80 19.31 -0.14
CA GLN B 199 -20.47 20.14 1.04
C GLN B 199 -19.02 20.06 1.51
N CYS B 200 -18.15 19.38 0.78
CA CYS B 200 -16.79 19.25 1.26
C CYS B 200 -16.01 18.22 0.42
N TRP B 201 -15.00 18.72 -0.24
CA TRP B 201 -14.14 17.92 -1.10
C TRP B 201 -12.89 17.45 -0.41
N GLY B 202 -12.88 17.49 0.91
CA GLY B 202 -11.73 16.99 1.62
C GLY B 202 -10.38 17.52 1.22
N ASP B 203 -9.37 16.70 1.47
CA ASP B 203 -7.99 17.09 1.22
C ASP B 203 -7.54 16.74 -0.17
N GLU B 204 -7.52 17.76 -1.03
CA GLU B 204 -7.20 17.59 -2.43
C GLU B 204 -5.90 16.88 -2.60
N VAL B 205 -4.92 17.23 -1.78
CA VAL B 205 -3.61 16.60 -1.86
C VAL B 205 -3.65 15.08 -1.59
N TYR B 206 -4.18 14.69 -0.44
CA TYR B 206 -4.21 13.25 -0.18
C TYR B 206 -4.98 12.47 -1.22
N GLN B 207 -6.05 13.07 -1.74
CA GLN B 207 -6.96 12.37 -2.68
C GLN B 207 -6.54 12.29 -4.15
N ARG B 208 -5.28 12.63 -4.45
CA ARG B 208 -4.78 12.48 -5.82
C ARG B 208 -4.81 11.03 -6.29
N LYS B 209 -4.22 10.80 -7.46
CA LYS B 209 -4.25 9.50 -8.06
C LYS B 209 -3.72 8.31 -7.31
N ASP B 210 -2.42 8.34 -7.11
CA ASP B 210 -1.70 7.25 -6.49
C ASP B 210 -1.66 7.35 -4.99
N SER B 211 -1.65 6.19 -4.34
CA SER B 211 -1.69 6.15 -2.87
C SER B 211 -0.50 6.71 -2.10
N SER B 212 0.61 7.03 -2.77
CA SER B 212 1.74 7.64 -2.05
C SER B 212 2.05 9.07 -2.50
N GLU B 213 1.20 9.67 -3.34
CA GLU B 213 1.47 11.04 -3.78
C GLU B 213 1.55 12.03 -2.62
N TRP B 214 0.81 11.76 -1.56
CA TRP B 214 0.81 12.63 -0.39
C TRP B 214 2.17 12.65 0.32
N LEU B 215 3.07 11.78 -0.12
CA LEU B 215 4.41 11.71 0.46
C LEU B 215 5.45 12.49 -0.38
N LYS B 216 5.09 12.89 -1.58
CA LYS B 216 6.04 13.59 -2.44
C LYS B 216 6.13 15.11 -2.20
N ASP A 11 9.75 5.19 -20.76
CA ASP A 11 11.19 4.90 -21.11
C ASP A 11 11.66 3.72 -20.25
N PHE A 12 10.86 2.66 -20.26
CA PHE A 12 11.10 1.44 -19.51
C PHE A 12 12.56 0.97 -19.64
N GLY A 13 13.10 1.11 -20.84
CA GLY A 13 14.46 0.66 -21.16
C GLY A 13 15.57 1.12 -20.23
N ILE A 14 15.33 2.18 -19.46
CA ILE A 14 16.33 2.64 -18.53
C ILE A 14 16.51 1.67 -17.36
N ILE A 15 15.55 0.74 -17.16
CA ILE A 15 15.65 -0.23 -16.07
C ILE A 15 16.83 -1.18 -16.34
N VAL A 16 17.15 -1.39 -17.61
CA VAL A 16 18.28 -2.28 -17.98
C VAL A 16 19.61 -1.64 -17.69
N ILE A 17 19.67 -0.33 -17.91
CA ILE A 17 20.89 0.44 -17.68
C ILE A 17 21.10 0.63 -16.19
N LEU A 18 20.02 0.87 -15.44
CA LEU A 18 20.16 1.11 -14.01
C LEU A 18 20.50 -0.17 -13.25
N TRP A 19 19.96 -1.32 -13.65
CA TRP A 19 20.35 -2.53 -12.95
C TRP A 19 21.79 -2.94 -13.26
N LYS A 20 22.26 -2.69 -14.48
CA LYS A 20 23.67 -2.97 -14.87
C LYS A 20 24.58 -2.11 -13.99
N GLN A 21 24.10 -0.92 -13.63
CA GLN A 21 24.87 -0.02 -12.77
C GLN A 21 24.90 -0.49 -11.32
N VAL A 22 24.22 -1.60 -11.00
CA VAL A 22 24.27 -2.16 -9.65
C VAL A 22 25.33 -3.27 -9.78
N THR A 23 26.53 -2.85 -10.14
CA THR A 23 27.62 -3.79 -10.35
C THR A 23 28.15 -4.45 -9.10
N VAL A 24 28.09 -5.79 -9.09
CA VAL A 24 28.60 -6.60 -7.99
C VAL A 24 29.99 -7.17 -8.37
N LYS A 25 31.01 -6.62 -7.75
CA LYS A 25 32.38 -7.07 -7.99
C LYS A 25 32.63 -8.45 -7.37
N GLU A 26 33.90 -8.75 -7.12
CA GLU A 26 34.26 -10.04 -6.56
C GLU A 26 33.93 -10.21 -5.09
N ASP A 27 33.87 -9.11 -4.34
CA ASP A 27 33.60 -9.25 -2.91
C ASP A 27 32.16 -9.76 -2.61
N GLY A 28 31.36 -9.92 -3.68
CA GLY A 28 30.01 -10.41 -3.55
C GLY A 28 29.02 -9.53 -2.85
N LYS A 29 29.30 -8.23 -2.76
CA LYS A 29 28.42 -7.26 -2.09
C LYS A 29 27.73 -6.46 -3.19
N VAL A 30 26.49 -6.05 -2.92
CA VAL A 30 25.71 -5.30 -3.89
C VAL A 30 25.70 -3.81 -3.57
N PRO A 31 26.11 -2.97 -4.53
CA PRO A 31 26.13 -1.53 -4.24
C PRO A 31 24.76 -0.95 -3.88
N LEU A 32 24.69 -0.32 -2.72
CA LEU A 32 23.44 0.17 -2.17
C LEU A 32 22.70 1.23 -2.97
N GLU A 33 23.23 2.45 -3.06
CA GLU A 33 22.50 3.44 -3.81
C GLU A 33 22.23 2.96 -5.23
N PRO A 34 23.18 2.24 -5.86
CA PRO A 34 22.85 1.78 -7.22
C PRO A 34 21.62 0.84 -7.11
N PHE A 35 21.58 0.04 -6.06
CA PHE A 35 20.44 -0.87 -5.90
C PHE A 35 19.12 -0.17 -5.65
N LEU A 36 19.08 0.81 -4.73
CA LEU A 36 17.77 1.44 -4.46
C LEU A 36 17.23 2.26 -5.63
N THR A 37 18.11 2.94 -6.38
CA THR A 37 17.67 3.69 -7.55
C THR A 37 17.07 2.71 -8.58
N ALA A 38 17.76 1.59 -8.81
CA ALA A 38 17.26 0.61 -9.78
C ALA A 38 15.96 -0.07 -9.29
N ALA A 39 15.85 -0.29 -7.98
CA ALA A 39 14.67 -0.93 -7.40
C ALA A 39 13.44 -0.11 -7.69
N LYS A 40 13.56 1.21 -7.60
CA LYS A 40 12.40 2.06 -7.84
C LYS A 40 11.84 1.88 -9.24
N GLU A 41 12.71 1.66 -10.23
CA GLU A 41 12.25 1.51 -11.61
C GLU A 41 11.44 0.23 -11.87
N VAL A 42 11.57 -0.77 -10.98
CA VAL A 42 10.81 -2.01 -11.13
C VAL A 42 9.31 -1.70 -10.91
N LEU A 43 9.00 -0.57 -10.28
CA LEU A 43 7.61 -0.17 -10.08
C LEU A 43 6.93 0.00 -11.44
N ARG A 44 7.67 0.34 -12.49
CA ARG A 44 7.05 0.43 -13.81
C ARG A 44 6.40 -0.95 -14.12
N VAL A 45 7.18 -2.02 -14.00
CA VAL A 45 6.67 -3.35 -14.28
C VAL A 45 5.40 -3.65 -13.52
N VAL A 46 5.37 -3.21 -12.26
CA VAL A 46 4.22 -3.41 -11.42
C VAL A 46 3.01 -2.64 -11.97
N ASP A 47 3.25 -1.41 -12.41
CA ASP A 47 2.19 -0.57 -12.99
C ASP A 47 1.60 -1.16 -14.24
N ALA A 48 2.40 -1.87 -15.04
CA ALA A 48 1.81 -2.44 -16.26
C ALA A 48 0.75 -3.47 -15.87
N PHE A 49 0.89 -4.11 -14.71
CA PHE A 49 -0.13 -5.06 -14.27
C PHE A 49 -1.41 -4.33 -13.79
N GLY A 50 -1.25 -3.14 -13.21
CA GLY A 50 -2.40 -2.39 -12.72
C GLY A 50 -2.77 -2.71 -11.27
N SER A 51 -4.03 -2.45 -10.90
CA SER A 51 -4.53 -2.68 -9.53
C SER A 51 -4.38 -4.06 -8.97
N GLY A 52 -4.35 -5.05 -9.87
CA GLY A 52 -4.18 -6.42 -9.43
C GLY A 52 -2.92 -6.50 -8.60
N PHE A 53 -1.93 -5.66 -8.90
CA PHE A 53 -0.68 -5.67 -8.12
C PHE A 53 -0.56 -4.63 -7.02
N ARG A 54 -1.68 -4.13 -6.46
CA ARG A 54 -1.59 -3.16 -5.36
C ARG A 54 -0.71 -3.64 -4.21
N ILE A 55 -0.84 -4.90 -3.78
CA ILE A 55 -0.03 -5.44 -2.66
C ILE A 55 1.45 -5.42 -2.96
N VAL A 56 1.85 -5.89 -4.14
CA VAL A 56 3.27 -5.93 -4.53
C VAL A 56 3.82 -4.52 -4.76
N LYS A 57 3.00 -3.66 -5.35
CA LYS A 57 3.42 -2.27 -5.58
C LYS A 57 3.66 -1.58 -4.23
N ASN A 58 2.65 -1.63 -3.35
CA ASN A 58 2.76 -0.97 -2.05
C ASN A 58 3.90 -1.48 -1.21
N ASP A 59 4.07 -2.79 -1.13
CA ASP A 59 5.15 -3.33 -0.31
C ASP A 59 6.50 -2.95 -0.92
N ILE A 60 6.64 -3.16 -2.22
CA ILE A 60 7.89 -2.83 -2.86
C ILE A 60 8.23 -1.37 -2.65
N ALA A 61 7.24 -0.48 -2.87
CA ALA A 61 7.56 0.94 -2.71
C ALA A 61 7.86 1.29 -1.25
N GLY A 62 7.12 0.67 -0.35
CA GLY A 62 7.29 0.98 1.07
C GLY A 62 8.62 0.49 1.63
N ASN A 63 9.14 -0.60 1.06
CA ASN A 63 10.40 -1.16 1.55
C ASN A 63 11.63 -0.44 1.03
N ILE A 64 11.60 0.06 -0.20
CA ILE A 64 12.70 0.87 -0.68
C ILE A 64 12.78 2.13 0.23
N LYS A 65 11.62 2.76 0.48
CA LYS A 65 11.59 3.97 1.31
C LYS A 65 12.12 3.67 2.71
N LYS A 66 11.80 2.49 3.25
CA LYS A 66 12.26 2.08 4.58
C LYS A 66 13.74 1.83 4.64
N LEU A 67 14.35 1.41 3.51
CA LEU A 67 15.78 1.14 3.46
C LEU A 67 16.59 2.42 3.27
N TYR A 68 16.03 3.41 2.57
CA TYR A 68 16.77 4.67 2.48
C TYR A 68 16.87 5.25 3.88
N ARG A 69 15.87 4.96 4.73
CA ARG A 69 15.74 5.47 6.12
C ARG A 69 16.55 4.66 7.11
N ALA A 70 16.50 3.33 7.06
CA ALA A 70 17.26 2.49 8.00
C ALA A 70 18.78 2.66 7.81
N ASN A 71 19.15 3.33 6.73
CA ASN A 71 20.54 3.60 6.39
C ASN A 71 21.01 4.95 6.95
N GLN A 72 20.07 5.86 7.21
CA GLN A 72 20.33 7.21 7.74
C GLN A 72 21.37 7.33 8.85
N THR A 73 21.38 6.35 9.75
CA THR A 73 22.28 6.35 10.89
C THR A 73 23.45 5.38 10.71
N VAL A 74 23.45 4.64 9.61
CA VAL A 74 24.51 3.68 9.35
C VAL A 74 25.44 4.12 8.22
N HIS A 75 24.87 4.73 7.18
CA HIS A 75 25.64 5.19 6.02
C HIS A 75 26.47 4.10 5.34
N ALA A 76 25.80 3.03 4.92
CA ALA A 76 26.45 1.94 4.22
C ALA A 76 26.43 2.24 2.71
N GLU A 77 27.49 1.81 2.02
CA GLU A 77 27.62 1.95 0.57
C GLU A 77 27.09 0.70 -0.12
N THR A 78 26.95 -0.38 0.65
CA THR A 78 26.42 -1.66 0.14
C THR A 78 25.24 -2.05 1.01
N LEU A 79 24.38 -2.90 0.44
CA LEU A 79 23.22 -3.47 1.15
C LEU A 79 23.75 -4.39 2.30
N GLN A 80 24.78 -5.22 2.01
CA GLN A 80 25.35 -6.12 3.05
C GLN A 80 25.95 -5.31 4.20
N GLU A 81 26.65 -4.21 3.90
CA GLU A 81 27.22 -3.37 4.96
C GLU A 81 26.04 -2.96 5.85
N LEU A 82 24.89 -2.61 5.26
CA LEU A 82 23.79 -2.14 6.08
C LEU A 82 23.12 -3.17 6.98
N ILE A 83 22.93 -4.38 6.48
CA ILE A 83 22.30 -5.45 7.25
C ILE A 83 23.16 -5.88 8.45
N ILE A 84 24.47 -5.98 8.22
CA ILE A 84 25.41 -6.37 9.26
C ILE A 84 25.34 -5.39 10.45
N ALA A 85 25.17 -4.10 10.17
CA ALA A 85 25.08 -3.13 11.25
C ALA A 85 23.88 -3.43 12.14
N GLU A 86 22.92 -4.21 11.62
CA GLU A 86 21.77 -4.56 12.43
C GLU A 86 21.91 -5.87 13.14
N ASN A 87 22.54 -6.82 12.47
CA ASN A 87 22.76 -8.15 13.00
C ASN A 87 21.59 -8.81 13.71
N SER A 88 20.38 -8.62 13.20
CA SER A 88 19.19 -9.20 13.80
C SER A 88 18.09 -9.32 12.76
N PRO A 89 17.31 -10.40 12.80
CA PRO A 89 16.22 -10.56 11.83
C PRO A 89 15.15 -9.48 11.99
N ASP A 90 15.18 -8.75 13.12
CA ASP A 90 14.21 -7.69 13.36
C ASP A 90 14.72 -6.32 12.87
N GLY A 91 15.93 -6.28 12.34
CA GLY A 91 16.45 -5.01 11.87
C GLY A 91 15.44 -4.42 10.89
N LEU A 92 15.12 -3.13 11.00
CA LEU A 92 14.13 -2.50 10.13
C LEU A 92 14.59 -2.65 8.70
N ALA A 93 15.90 -2.52 8.49
CA ALA A 93 16.48 -2.64 7.17
C ALA A 93 16.41 -4.10 6.72
N THR A 94 16.78 -5.02 7.61
CA THR A 94 16.83 -6.44 7.25
C THR A 94 15.46 -6.98 6.85
N VAL A 95 14.38 -6.69 7.60
CA VAL A 95 13.01 -7.17 7.25
C VAL A 95 12.56 -6.47 5.95
N ALA A 96 12.72 -5.14 5.87
CA ALA A 96 12.32 -4.43 4.66
C ALA A 96 13.09 -5.03 3.47
N LEU A 97 14.34 -5.49 3.70
CA LEU A 97 15.11 -6.09 2.61
C LEU A 97 14.63 -7.49 2.27
N LEU A 98 14.42 -8.33 3.29
CA LEU A 98 13.88 -9.69 3.06
C LEU A 98 12.73 -9.66 2.02
N TRP A 99 11.91 -8.63 2.09
CA TRP A 99 10.75 -8.55 1.24
C TRP A 99 11.01 -8.04 -0.19
N LEU A 100 11.87 -7.06 -0.41
CA LEU A 100 12.18 -6.55 -1.73
C LEU A 100 12.78 -7.75 -2.43
N LYS A 101 13.64 -8.47 -1.73
CA LYS A 101 14.20 -9.67 -2.31
C LYS A 101 13.05 -10.58 -2.79
N ARG A 102 12.10 -10.86 -1.90
CA ARG A 102 10.97 -11.73 -2.27
C ARG A 102 10.13 -11.17 -3.42
N ALA A 103 9.78 -9.89 -3.36
CA ALA A 103 8.97 -9.26 -4.39
C ALA A 103 9.68 -9.30 -5.74
N PHE A 104 11.01 -9.13 -5.73
CA PHE A 104 11.78 -9.13 -6.97
C PHE A 104 11.96 -10.57 -7.50
N GLN A 105 11.99 -11.54 -6.60
CA GLN A 105 12.03 -12.97 -6.98
C GLN A 105 10.70 -13.29 -7.69
N PHE A 106 9.61 -12.70 -7.19
CA PHE A 106 8.28 -12.88 -7.80
C PHE A 106 8.24 -12.19 -9.18
N ILE A 107 8.73 -10.96 -9.30
CA ILE A 107 8.66 -10.33 -10.59
C ILE A 107 9.59 -11.05 -11.57
N ALA A 108 10.75 -11.50 -11.08
CA ALA A 108 11.70 -12.20 -11.95
C ALA A 108 11.07 -13.49 -12.45
N SER A 109 10.53 -14.30 -11.53
CA SER A 109 9.94 -15.56 -11.97
C SER A 109 8.74 -15.32 -12.87
N PHE A 110 7.89 -14.33 -12.53
CA PHE A 110 6.69 -13.95 -13.33
C PHE A 110 7.16 -13.61 -14.75
N LEU A 111 8.05 -12.60 -14.86
CA LEU A 111 8.52 -12.15 -16.18
C LEU A 111 9.19 -13.27 -16.94
N ARG A 112 10.09 -14.02 -16.29
CA ARG A 112 10.75 -15.14 -17.01
C ARG A 112 9.69 -16.02 -17.68
N ARG A 113 8.64 -16.36 -16.94
CA ARG A 113 7.61 -17.21 -17.51
C ARG A 113 6.96 -16.51 -18.69
N LEU A 114 6.66 -15.23 -18.52
CA LEU A 114 6.05 -14.47 -19.57
C LEU A 114 6.88 -14.62 -20.85
N VAL A 115 8.06 -14.02 -20.87
CA VAL A 115 8.92 -14.04 -22.06
C VAL A 115 9.37 -15.39 -22.64
N VAL A 116 9.54 -16.44 -21.83
CA VAL A 116 10.00 -17.74 -22.36
C VAL A 116 8.90 -18.67 -22.82
N THR A 117 7.68 -18.52 -22.29
CA THR A 117 6.55 -19.38 -22.67
C THR A 117 5.48 -18.66 -23.42
N ASP A 118 4.46 -19.42 -23.83
CA ASP A 118 3.35 -18.81 -24.51
C ASP A 118 2.13 -18.82 -23.63
N LYS A 119 2.33 -19.18 -22.36
CA LYS A 119 1.26 -19.23 -21.36
C LYS A 119 0.59 -17.84 -21.20
N SER A 120 -0.66 -17.77 -20.75
CA SER A 120 -1.34 -16.47 -20.58
C SER A 120 -0.56 -15.73 -19.53
N LEU A 121 -0.73 -14.41 -19.50
CA LEU A 121 -0.04 -13.65 -18.45
C LEU A 121 -0.56 -14.07 -17.07
N GLU A 122 -1.88 -14.28 -16.92
CA GLU A 122 -2.43 -14.74 -15.65
C GLU A 122 -1.79 -16.06 -15.26
N GLN A 123 -1.62 -16.98 -16.23
CA GLN A 123 -0.94 -18.24 -15.93
C GLN A 123 0.44 -17.98 -15.31
N CYS A 124 1.28 -17.21 -16.00
CA CYS A 124 2.57 -16.92 -15.33
C CYS A 124 2.35 -16.18 -14.01
N VAL A 125 1.37 -15.29 -13.89
CA VAL A 125 1.14 -14.63 -12.58
C VAL A 125 1.13 -15.70 -11.47
N THR A 126 0.25 -16.69 -11.67
CA THR A 126 0.09 -17.79 -10.73
C THR A 126 1.35 -18.62 -10.65
N GLU A 127 1.96 -18.95 -11.79
CA GLU A 127 3.16 -19.77 -11.63
C GLU A 127 4.23 -19.04 -10.81
N ALA A 128 4.26 -17.71 -10.93
CA ALA A 128 5.25 -16.93 -10.19
C ALA A 128 5.02 -16.90 -8.70
N TYR A 129 3.78 -16.59 -8.33
CA TYR A 129 3.38 -16.48 -6.94
C TYR A 129 3.65 -17.73 -6.08
N ASN A 130 3.28 -18.89 -6.63
CA ASN A 130 3.41 -20.15 -5.90
C ASN A 130 4.83 -20.61 -5.67
N CYS A 131 5.78 -19.99 -6.37
CA CYS A 131 7.18 -20.37 -6.12
C CYS A 131 7.91 -19.23 -5.36
N THR A 132 7.20 -18.15 -5.05
CA THR A 132 7.77 -17.03 -4.28
C THR A 132 7.05 -16.67 -2.99
N LEU A 133 6.25 -15.61 -3.04
CA LEU A 133 5.60 -15.04 -1.87
C LEU A 133 4.45 -15.82 -1.28
N ARG A 134 3.82 -16.74 -2.02
CA ARG A 134 2.66 -17.43 -1.48
C ARG A 134 2.76 -17.87 -0.02
N PRO A 135 3.78 -18.67 0.34
CA PRO A 135 3.89 -19.13 1.73
C PRO A 135 3.98 -18.02 2.77
N CYS A 136 4.54 -16.90 2.36
CA CYS A 136 4.76 -15.74 3.22
C CYS A 136 3.47 -14.98 3.53
N HIS A 137 2.41 -15.25 2.77
CA HIS A 137 1.11 -14.59 2.96
C HIS A 137 0.14 -15.39 3.79
N SER A 138 -0.47 -14.75 4.79
CA SER A 138 -1.46 -15.40 5.61
C SER A 138 -2.60 -15.77 4.70
N ALA A 139 -3.51 -16.60 5.18
CA ALA A 139 -4.65 -17.00 4.37
C ALA A 139 -5.39 -15.79 3.83
N VAL A 140 -5.54 -14.79 4.68
CA VAL A 140 -6.27 -13.60 4.26
C VAL A 140 -5.54 -12.78 3.21
N ILE A 141 -4.22 -12.68 3.30
CA ILE A 141 -3.50 -11.90 2.31
C ILE A 141 -3.33 -12.68 0.99
N GLN A 142 -3.20 -14.01 1.11
CA GLN A 142 -3.11 -14.82 -0.07
C GLN A 142 -4.43 -14.62 -0.86
N LYS A 143 -5.58 -14.53 -0.18
CA LYS A 143 -6.85 -14.27 -0.89
C LYS A 143 -6.93 -12.86 -1.53
N VAL A 144 -6.28 -11.86 -0.90
CA VAL A 144 -6.25 -10.53 -1.50
C VAL A 144 -5.47 -10.65 -2.84
N PHE A 145 -4.33 -11.35 -2.83
CA PHE A 145 -3.56 -11.48 -4.07
C PHE A 145 -4.36 -12.15 -5.17
N TRP A 146 -5.01 -13.29 -4.86
CA TRP A 146 -5.82 -13.95 -5.87
C TRP A 146 -6.90 -12.95 -6.33
N GLY A 147 -7.48 -12.17 -5.41
CA GLY A 147 -8.44 -11.14 -5.82
C GLY A 147 -7.79 -10.31 -6.90
N GLY A 148 -6.54 -9.88 -6.67
CA GLY A 148 -5.82 -9.06 -7.65
C GLY A 148 -5.46 -9.73 -8.97
N VAL A 149 -5.29 -11.05 -8.92
CA VAL A 149 -4.98 -11.79 -10.15
C VAL A 149 -6.22 -11.74 -11.07
N LYS A 150 -7.40 -11.72 -10.48
CA LYS A 150 -8.60 -11.60 -11.29
C LYS A 150 -8.54 -10.36 -12.19
N LEU A 151 -7.72 -9.37 -11.81
CA LEU A 151 -7.61 -8.15 -12.60
C LEU A 151 -6.41 -8.19 -13.58
N ALA A 152 -5.82 -9.37 -13.77
CA ALA A 152 -4.67 -9.48 -14.66
C ALA A 152 -4.89 -9.18 -16.12
N PRO A 153 -4.11 -8.25 -16.69
CA PRO A 153 -4.24 -7.91 -18.12
C PRO A 153 -3.69 -9.08 -18.94
N SER A 154 -3.95 -9.07 -20.22
CA SER A 154 -3.36 -10.07 -21.09
C SER A 154 -1.86 -9.72 -21.16
N ARG A 155 -1.06 -10.59 -21.77
CA ARG A 155 0.37 -10.38 -22.00
C ARG A 155 0.64 -9.22 -22.95
N GLU A 156 -0.10 -9.12 -24.06
CA GLU A 156 0.15 -8.07 -25.04
C GLU A 156 -0.16 -6.70 -24.50
N ARG A 157 -1.26 -6.54 -23.75
CA ARG A 157 -1.58 -5.24 -23.15
C ARG A 157 -0.46 -4.83 -22.17
N PHE A 158 -0.04 -5.76 -21.33
CA PHE A 158 1.00 -5.55 -20.33
C PHE A 158 2.28 -5.04 -20.99
N TYR A 159 2.69 -5.71 -22.06
CA TYR A 159 3.86 -5.27 -22.79
C TYR A 159 3.75 -3.84 -23.22
N ARG A 160 2.61 -3.44 -23.83
CA ARG A 160 2.47 -2.08 -24.34
C ARG A 160 2.40 -0.94 -23.31
N LYS A 161 2.19 -1.29 -22.07
CA LYS A 161 2.21 -0.30 -21.03
C LYS A 161 3.70 -0.02 -20.80
N LEU A 162 4.55 -0.99 -21.17
CA LEU A 162 6.01 -0.83 -21.01
C LEU A 162 6.59 -0.20 -22.28
N HIS A 163 6.14 -0.66 -23.45
CA HIS A 163 6.58 -0.10 -24.72
C HIS A 163 5.59 -0.51 -25.81
N PRO A 164 5.14 0.44 -26.66
CA PRO A 164 4.18 0.11 -27.72
C PRO A 164 4.54 -1.06 -28.65
N ASP A 165 5.83 -1.23 -28.96
CA ASP A 165 6.32 -2.33 -29.82
C ASP A 165 6.48 -3.63 -28.99
N LEU A 166 5.69 -4.65 -29.32
CA LEU A 166 5.70 -5.91 -28.57
C LEU A 166 7.07 -6.57 -28.53
N ASN A 167 7.79 -6.42 -29.62
CA ASN A 167 9.14 -6.97 -29.73
C ASN A 167 10.11 -6.25 -28.82
N ILE A 168 10.03 -4.93 -28.79
CA ILE A 168 10.92 -4.14 -27.94
C ILE A 168 10.61 -4.40 -26.48
N ALA A 169 9.33 -4.37 -26.10
CA ALA A 169 8.98 -4.59 -24.70
C ALA A 169 9.56 -5.92 -24.23
N LYS A 170 9.41 -6.96 -25.04
CA LYS A 170 9.88 -8.31 -24.67
C LYS A 170 11.39 -8.38 -24.54
N ALA A 171 12.09 -7.75 -25.49
CA ALA A 171 13.55 -7.75 -25.45
C ALA A 171 14.11 -7.05 -24.22
N LYS A 172 13.45 -5.97 -23.79
CA LYS A 172 13.92 -5.23 -22.63
C LYS A 172 13.57 -5.89 -21.30
N ILE A 173 12.54 -6.73 -21.31
CA ILE A 173 12.21 -7.52 -20.14
C ILE A 173 13.30 -8.60 -19.97
N GLU A 174 13.60 -9.33 -21.06
CA GLU A 174 14.65 -10.38 -21.02
C GLU A 174 15.97 -9.72 -20.62
N GLU A 175 16.34 -8.61 -21.29
CA GLU A 175 17.59 -7.90 -20.92
C GLU A 175 17.53 -7.46 -19.46
N PHE A 176 16.36 -6.94 -19.04
CA PHE A 176 16.22 -6.55 -17.64
C PHE A 176 16.39 -7.77 -16.73
N LEU A 177 15.89 -8.92 -17.16
CA LEU A 177 16.02 -10.11 -16.33
C LEU A 177 17.45 -10.64 -16.29
N ILE A 178 18.20 -10.47 -17.41
CA ILE A 178 19.60 -10.93 -17.39
C ILE A 178 20.38 -10.09 -16.38
N GLU A 179 20.14 -8.77 -16.36
CA GLU A 179 20.87 -7.85 -15.50
C GLU A 179 20.40 -7.80 -14.06
N LEU A 180 19.08 -7.85 -13.88
CA LEU A 180 18.59 -7.90 -12.54
C LEU A 180 19.21 -9.14 -11.86
N HIS A 181 19.65 -10.10 -12.67
CA HIS A 181 20.07 -11.36 -12.14
C HIS A 181 21.09 -11.50 -11.00
N ASP A 182 22.32 -11.06 -11.21
CA ASP A 182 23.32 -11.32 -10.16
C ASP A 182 23.15 -10.67 -8.79
N PRO A 183 22.82 -9.36 -8.74
CA PRO A 183 22.64 -8.76 -7.40
C PRO A 183 21.44 -9.36 -6.61
N LEU A 184 20.49 -10.00 -7.29
CA LEU A 184 19.36 -10.55 -6.58
C LEU A 184 19.71 -11.92 -6.06
N CYS A 185 20.43 -12.68 -6.89
CA CYS A 185 20.81 -14.06 -6.50
C CYS A 185 21.85 -13.93 -5.40
N CYS A 186 22.63 -12.85 -5.46
CA CYS A 186 23.64 -12.53 -4.45
C CYS A 186 22.91 -12.17 -3.13
N ILE A 187 21.84 -11.36 -3.19
CA ILE A 187 21.10 -11.06 -1.98
C ILE A 187 20.42 -12.33 -1.41
N VAL A 188 19.99 -13.22 -2.30
CA VAL A 188 19.38 -14.46 -1.89
C VAL A 188 20.43 -15.29 -1.10
N GLN A 189 21.65 -15.29 -1.61
CA GLN A 189 22.73 -16.04 -0.94
C GLN A 189 22.97 -15.46 0.45
N PHE A 190 22.99 -14.13 0.55
CA PHE A 190 23.22 -13.46 1.83
C PHE A 190 22.10 -13.75 2.84
N PHE A 191 20.91 -13.96 2.29
CA PHE A 191 19.79 -14.24 3.17
C PHE A 191 19.76 -15.68 3.62
N PHE A 192 20.26 -16.57 2.77
CA PHE A 192 20.41 -17.95 3.20
C PHE A 192 21.76 -18.16 3.88
N GLN A 193 22.36 -17.12 4.49
CA GLN A 193 23.61 -17.23 5.24
C GLN A 193 23.26 -16.70 6.60
N ARG A 194 22.78 -15.46 6.62
CA ARG A 194 22.39 -14.83 7.86
C ARG A 194 21.19 -15.48 8.52
N GLU A 195 20.64 -16.54 7.92
CA GLU A 195 19.52 -17.26 8.52
C GLU A 195 18.36 -16.27 8.69
N LEU A 196 17.84 -15.80 7.56
CA LEU A 196 16.76 -14.84 7.58
C LEU A 196 15.61 -15.21 6.68
N GLU A 197 15.78 -16.21 5.82
CA GLU A 197 14.74 -16.62 4.88
C GLU A 197 14.35 -18.07 5.16
N ASP A 198 13.04 -18.33 5.34
CA ASP A 198 12.54 -19.71 5.69
C ASP A 198 11.31 -20.14 4.89
N GLN A 199 10.93 -19.35 3.88
CA GLN A 199 9.68 -19.66 3.21
C GLN A 199 9.73 -19.53 1.71
N CYS A 200 10.29 -18.40 1.29
CA CYS A 200 10.35 -18.02 -0.08
C CYS A 200 11.57 -18.58 -0.76
N TRP A 201 11.38 -19.61 -1.55
CA TRP A 201 12.50 -20.23 -2.22
C TRP A 201 12.70 -19.62 -3.61
N GLY A 202 11.61 -19.11 -4.19
CA GLY A 202 11.74 -18.52 -5.52
C GLY A 202 11.87 -19.49 -6.64
N ASP A 203 12.15 -18.92 -7.80
CA ASP A 203 12.22 -19.65 -9.06
C ASP A 203 13.56 -20.33 -9.17
N GLU A 204 13.53 -21.66 -9.27
CA GLU A 204 14.79 -22.40 -9.33
C GLU A 204 15.63 -22.21 -10.58
N VAL A 205 14.99 -22.09 -11.75
CA VAL A 205 15.72 -21.92 -13.02
C VAL A 205 16.44 -20.57 -13.14
N TYR A 206 15.67 -19.48 -13.02
CA TYR A 206 16.23 -18.15 -13.11
C TYR A 206 17.44 -17.98 -12.19
N GLN A 207 17.36 -18.59 -11.00
CA GLN A 207 18.39 -18.44 -9.97
C GLN A 207 19.61 -19.29 -10.16
N ARG A 208 19.60 -20.06 -11.24
CA ARG A 208 20.79 -20.84 -11.58
C ARG A 208 21.89 -19.83 -11.93
N LYS A 209 23.13 -20.29 -11.90
CA LYS A 209 24.28 -19.44 -12.12
C LYS A 209 24.31 -18.71 -13.43
N ASP A 210 23.97 -19.37 -14.52
CA ASP A 210 24.04 -18.65 -15.79
C ASP A 210 22.94 -17.59 -15.83
N SER A 211 23.27 -16.31 -15.92
CA SER A 211 22.23 -15.26 -15.92
C SER A 211 21.40 -15.25 -17.22
N SER A 212 21.77 -16.08 -18.19
CA SER A 212 20.98 -16.18 -19.42
C SER A 212 20.52 -17.60 -19.63
N GLU A 213 20.89 -18.49 -18.72
CA GLU A 213 20.52 -19.88 -18.84
C GLU A 213 19.02 -20.07 -18.99
N TRP A 214 18.23 -19.27 -18.30
CA TRP A 214 16.77 -19.40 -18.34
C TRP A 214 16.19 -19.04 -19.69
N LEU A 215 16.98 -18.37 -20.52
CA LEU A 215 16.43 -18.00 -21.81
C LEU A 215 16.12 -19.18 -22.73
N LYS A 216 16.96 -20.21 -22.70
CA LYS A 216 16.76 -21.40 -23.53
C LYS A 216 15.37 -22.00 -23.37
N ASP B 11 -0.96 -3.63 19.26
CA ASP B 11 -1.28 -4.24 17.95
C ASP B 11 -1.98 -3.25 17.01
N PHE B 12 -1.60 -1.98 17.09
CA PHE B 12 -2.19 -0.96 16.22
C PHE B 12 -2.03 -1.35 14.74
N GLY B 13 -0.94 -2.02 14.41
CA GLY B 13 -0.68 -2.43 13.02
C GLY B 13 -1.74 -3.28 12.30
N ILE B 14 -2.64 -3.91 13.04
CA ILE B 14 -3.75 -4.70 12.47
C ILE B 14 -4.59 -3.77 11.56
N ILE B 15 -4.64 -2.48 11.87
CA ILE B 15 -5.43 -1.58 11.02
C ILE B 15 -4.92 -1.62 9.55
N VAL B 16 -3.62 -1.82 9.38
CA VAL B 16 -3.03 -1.91 8.04
C VAL B 16 -3.44 -3.25 7.43
N ILE B 17 -3.39 -4.32 8.23
CA ILE B 17 -3.78 -5.64 7.77
C ILE B 17 -5.23 -5.64 7.28
N LEU B 18 -6.14 -5.06 8.07
CA LEU B 18 -7.56 -5.02 7.69
C LEU B 18 -7.81 -4.14 6.49
N TRP B 19 -7.13 -3.00 6.42
CA TRP B 19 -7.34 -2.11 5.29
C TRP B 19 -6.64 -2.64 4.03
N LYS B 20 -5.75 -3.62 4.22
CA LYS B 20 -5.10 -4.30 3.08
C LYS B 20 -6.10 -5.22 2.33
N GLN B 21 -7.25 -5.49 2.96
CA GLN B 21 -8.28 -6.33 2.38
C GLN B 21 -9.38 -5.55 1.65
N VAL B 22 -9.56 -4.27 2.03
CA VAL B 22 -10.55 -3.40 1.39
C VAL B 22 -9.99 -3.00 0.04
N THR B 23 -10.70 -3.34 -1.02
CA THR B 23 -10.17 -3.15 -2.36
C THR B 23 -11.19 -2.51 -3.27
N VAL B 24 -10.70 -2.15 -4.46
CA VAL B 24 -11.57 -1.61 -5.48
C VAL B 24 -11.61 -2.70 -6.55
N LYS B 25 -12.77 -3.32 -6.77
CA LYS B 25 -12.87 -4.39 -7.80
C LYS B 25 -12.85 -3.84 -9.22
N GLU B 26 -12.87 -4.73 -10.20
CA GLU B 26 -12.82 -4.28 -11.60
C GLU B 26 -13.93 -3.27 -11.95
N ASP B 27 -15.12 -3.49 -11.39
CA ASP B 27 -16.24 -2.59 -11.65
C ASP B 27 -16.24 -1.26 -10.87
N GLY B 28 -15.13 -0.95 -10.21
CA GLY B 28 -15.02 0.32 -9.48
C GLY B 28 -15.83 0.43 -8.18
N LYS B 29 -16.29 -0.72 -7.66
CA LYS B 29 -17.09 -0.76 -6.45
C LYS B 29 -16.28 -1.37 -5.33
N VAL B 30 -16.54 -0.90 -4.10
CA VAL B 30 -15.83 -1.34 -2.91
C VAL B 30 -16.65 -2.40 -2.25
N PRO B 31 -16.07 -3.60 -2.02
CA PRO B 31 -16.87 -4.64 -1.36
C PRO B 31 -17.29 -4.16 0.05
N LEU B 32 -18.55 -4.42 0.39
CA LEU B 32 -19.11 -3.94 1.66
C LEU B 32 -18.57 -4.52 2.96
N GLU B 33 -18.71 -5.82 3.21
CA GLU B 33 -18.27 -6.41 4.47
C GLU B 33 -16.81 -6.05 4.79
N PRO B 34 -15.87 -6.22 3.83
CA PRO B 34 -14.48 -5.86 4.11
C PRO B 34 -14.36 -4.39 4.59
N PHE B 35 -15.18 -3.56 3.95
CA PHE B 35 -15.14 -2.13 4.32
C PHE B 35 -15.63 -1.90 5.74
N LEU B 36 -16.76 -2.50 6.12
CA LEU B 36 -17.23 -2.26 7.48
C LEU B 36 -16.30 -2.97 8.47
N THR B 37 -15.62 -4.05 8.05
CA THR B 37 -14.69 -4.63 9.02
C THR B 37 -13.55 -3.63 9.29
N ALA B 38 -12.89 -3.14 8.23
CA ALA B 38 -11.77 -2.18 8.39
C ALA B 38 -12.25 -0.87 9.01
N ALA B 39 -13.49 -0.49 8.68
CA ALA B 39 -14.08 0.73 9.26
C ALA B 39 -13.85 0.83 10.75
N LYS B 40 -14.39 -0.15 11.49
CA LYS B 40 -14.28 -0.18 12.95
C LYS B 40 -12.90 0.06 13.54
N GLU B 41 -11.87 -0.50 12.93
CA GLU B 41 -10.52 -0.35 13.49
C GLU B 41 -10.10 1.11 13.58
N VAL B 42 -10.68 1.96 12.74
CA VAL B 42 -10.34 3.37 12.77
C VAL B 42 -10.70 3.95 14.12
N LEU B 43 -11.75 3.44 14.75
CA LEU B 43 -12.11 3.95 16.06
C LEU B 43 -10.90 4.06 17.03
N ARG B 44 -9.97 3.09 17.00
CA ARG B 44 -8.77 3.03 17.86
C ARG B 44 -7.94 4.29 17.61
N VAL B 45 -7.69 4.59 16.32
CA VAL B 45 -7.00 5.81 15.94
C VAL B 45 -7.73 7.03 16.48
N VAL B 46 -9.05 7.12 16.29
CA VAL B 46 -9.73 8.29 16.79
C VAL B 46 -9.61 8.38 18.31
N ASP B 47 -9.54 7.23 18.97
CA ASP B 47 -9.42 7.23 20.44
C ASP B 47 -8.28 8.08 20.91
N ALA B 48 -7.14 8.05 20.20
CA ALA B 48 -5.94 8.79 20.58
C ALA B 48 -6.07 10.30 20.42
N PHE B 49 -7.19 10.75 19.84
CA PHE B 49 -7.50 12.18 19.69
C PHE B 49 -7.85 12.74 21.06
N GLY B 50 -8.10 11.86 22.03
CA GLY B 50 -8.44 12.26 23.40
C GLY B 50 -9.49 11.41 24.10
N SER B 51 -9.82 11.77 25.35
CA SER B 51 -10.84 11.09 26.16
C SER B 51 -12.16 11.72 25.73
N GLY B 52 -12.07 12.77 24.90
CA GLY B 52 -13.25 13.48 24.40
C GLY B 52 -13.48 13.04 22.96
N PHE B 53 -13.59 14.05 22.09
CA PHE B 53 -13.90 13.86 20.70
C PHE B 53 -15.00 12.78 20.60
N ARG B 54 -15.81 12.62 21.67
CA ARG B 54 -16.87 11.62 21.54
C ARG B 54 -17.93 12.07 20.51
N ILE B 55 -18.12 13.37 20.24
CA ILE B 55 -19.09 13.74 19.19
C ILE B 55 -18.71 13.14 17.81
N VAL B 56 -17.41 12.82 17.62
CA VAL B 56 -16.87 12.22 16.39
C VAL B 56 -16.81 10.70 16.52
N LYS B 57 -16.35 10.19 17.67
CA LYS B 57 -16.31 8.73 17.90
C LYS B 57 -17.74 8.15 17.80
N ASN B 58 -18.70 8.83 18.41
CA ASN B 58 -20.07 8.33 18.37
C ASN B 58 -20.66 8.42 16.95
N ASP B 59 -20.30 9.47 16.21
CA ASP B 59 -20.85 9.59 14.86
C ASP B 59 -20.33 8.48 13.94
N ILE B 60 -19.02 8.16 14.08
CA ILE B 60 -18.41 7.09 13.28
C ILE B 60 -18.97 5.73 13.66
N ALA B 61 -19.05 5.44 14.96
CA ALA B 61 -19.56 4.15 15.42
C ALA B 61 -21.04 3.96 15.08
N GLY B 62 -21.81 5.03 15.21
CA GLY B 62 -23.22 4.92 14.91
C GLY B 62 -23.49 4.74 13.43
N ASN B 63 -22.58 5.21 12.59
CA ASN B 63 -22.79 5.05 11.16
C ASN B 63 -22.39 3.65 10.69
N ILE B 64 -21.39 3.06 11.32
CA ILE B 64 -21.06 1.67 11.00
C ILE B 64 -22.30 0.80 11.36
N LYS B 65 -22.96 1.11 12.49
CA LYS B 65 -24.11 0.34 12.93
C LYS B 65 -25.26 0.55 11.97
N LYS B 66 -25.48 1.78 11.52
CA LYS B 66 -26.58 2.01 10.59
C LYS B 66 -26.37 1.31 9.25
N LEU B 67 -25.12 1.18 8.78
CA LEU B 67 -24.84 0.47 7.53
C LEU B 67 -25.18 -1.01 7.72
N TYR B 68 -24.79 -1.59 8.85
CA TYR B 68 -25.15 -3.00 9.11
C TYR B 68 -26.66 -3.11 9.22
N ARG B 69 -27.29 -2.14 9.88
CA ARG B 69 -28.75 -2.24 10.02
C ARG B 69 -29.40 -2.21 8.65
N ALA B 70 -28.89 -1.33 7.79
CA ALA B 70 -29.43 -1.17 6.45
C ALA B 70 -29.28 -2.41 5.57
N ASN B 71 -28.14 -3.11 5.65
CA ASN B 71 -27.92 -4.30 4.83
C ASN B 71 -28.60 -5.59 5.38
N GLN B 72 -29.57 -5.40 6.26
CA GLN B 72 -30.30 -6.50 6.87
C GLN B 72 -31.12 -7.31 5.86
N THR B 73 -31.81 -6.65 4.94
CA THR B 73 -32.62 -7.35 3.94
C THR B 73 -32.11 -7.22 2.51
N VAL B 74 -31.20 -6.27 2.27
CA VAL B 74 -30.63 -6.05 0.94
C VAL B 74 -29.52 -7.06 0.67
N HIS B 75 -28.72 -7.34 1.70
CA HIS B 75 -27.63 -8.28 1.61
C HIS B 75 -26.64 -7.98 0.48
N ALA B 76 -26.30 -6.69 0.36
CA ALA B 76 -25.33 -6.26 -0.63
C ALA B 76 -23.92 -6.75 -0.23
N GLU B 77 -23.06 -6.92 -1.22
CA GLU B 77 -21.69 -7.37 -0.99
C GLU B 77 -20.64 -6.29 -1.33
N THR B 78 -21.15 -5.13 -1.73
CA THR B 78 -20.28 -3.94 -1.94
C THR B 78 -21.07 -2.77 -1.38
N LEU B 79 -20.34 -1.71 -1.02
CA LEU B 79 -20.98 -0.48 -0.51
C LEU B 79 -21.87 0.12 -1.60
N GLN B 80 -21.40 0.10 -2.85
CA GLN B 80 -22.13 0.67 -3.99
C GLN B 80 -23.49 0.03 -4.26
N GLU B 81 -23.65 -1.25 -3.90
CA GLU B 81 -24.92 -1.99 -4.11
C GLU B 81 -25.97 -1.50 -3.09
N LEU B 82 -25.53 -1.31 -1.85
CA LEU B 82 -26.46 -0.84 -0.83
C LEU B 82 -26.96 0.57 -1.19
N ILE B 83 -26.05 1.43 -1.63
CA ILE B 83 -26.42 2.78 -2.01
C ILE B 83 -27.35 2.77 -3.26
N ILE B 84 -26.96 2.03 -4.29
CA ILE B 84 -27.80 1.95 -5.49
C ILE B 84 -29.16 1.33 -5.14
N ALA B 85 -29.18 0.32 -4.26
CA ALA B 85 -30.44 -0.32 -3.87
C ALA B 85 -31.39 0.69 -3.21
N GLU B 86 -30.88 1.46 -2.22
CA GLU B 86 -31.70 2.46 -1.53
C GLU B 86 -32.19 3.58 -2.47
N ASN B 87 -31.36 3.99 -3.41
CA ASN B 87 -31.66 5.05 -4.39
C ASN B 87 -32.40 6.22 -3.72
N SER B 88 -31.85 6.72 -2.62
CA SER B 88 -32.47 7.81 -1.88
C SER B 88 -31.43 8.56 -1.06
N PRO B 89 -31.36 9.88 -1.23
CA PRO B 89 -30.36 10.68 -0.47
C PRO B 89 -30.66 10.57 1.03
N ASP B 90 -31.89 10.19 1.39
CA ASP B 90 -32.27 10.07 2.79
C ASP B 90 -32.24 8.64 3.34
N GLY B 91 -31.73 7.71 2.54
CA GLY B 91 -31.66 6.32 2.97
C GLY B 91 -30.82 6.15 4.23
N LEU B 92 -31.06 5.07 4.96
CA LEU B 92 -30.36 4.77 6.21
C LEU B 92 -28.88 4.54 5.90
N ALA B 93 -28.59 3.78 4.85
CA ALA B 93 -27.20 3.51 4.48
C ALA B 93 -26.61 4.76 3.88
N THR B 94 -27.14 5.18 2.74
CA THR B 94 -26.63 6.36 2.03
C THR B 94 -26.17 7.49 2.95
N VAL B 95 -26.98 7.87 3.93
CA VAL B 95 -26.63 8.95 4.84
C VAL B 95 -25.52 8.46 5.77
N ALA B 96 -25.63 7.25 6.30
CA ALA B 96 -24.61 6.73 7.23
C ALA B 96 -23.27 6.74 6.53
N LEU B 97 -23.23 6.33 5.27
CA LEU B 97 -22.00 6.32 4.53
C LEU B 97 -21.54 7.72 4.16
N LEU B 98 -22.46 8.64 3.86
CA LEU B 98 -22.01 10.00 3.57
C LEU B 98 -21.16 10.50 4.76
N TRP B 99 -21.57 10.15 5.97
CA TRP B 99 -20.87 10.67 7.15
C TRP B 99 -19.66 9.86 7.54
N LEU B 100 -19.65 8.59 7.20
CA LEU B 100 -18.49 7.78 7.51
C LEU B 100 -17.38 8.15 6.50
N LYS B 101 -17.74 8.33 5.25
CA LYS B 101 -16.78 8.76 4.21
C LYS B 101 -16.17 10.09 4.66
N ARG B 102 -16.98 11.13 4.90
CA ARG B 102 -16.46 12.43 5.36
C ARG B 102 -15.48 12.31 6.50
N ALA B 103 -15.74 11.45 7.48
CA ALA B 103 -14.90 11.25 8.66
C ALA B 103 -13.62 10.66 8.19
N PHE B 104 -13.69 9.80 7.20
CA PHE B 104 -12.48 9.14 6.73
C PHE B 104 -11.60 10.09 5.93
N GLN B 105 -12.23 11.00 5.21
CA GLN B 105 -11.45 12.00 4.49
C GLN B 105 -10.80 13.00 5.46
N PHE B 106 -11.43 13.26 6.62
CA PHE B 106 -10.94 14.18 7.67
C PHE B 106 -9.86 13.44 8.48
N ILE B 107 -10.11 12.19 8.93
CA ILE B 107 -9.08 11.51 9.71
C ILE B 107 -7.82 11.36 8.86
N ALA B 108 -7.96 10.99 7.58
CA ALA B 108 -6.84 10.85 6.65
C ALA B 108 -6.10 12.20 6.50
N SER B 109 -6.85 13.32 6.43
CA SER B 109 -6.16 14.61 6.21
C SER B 109 -5.33 14.95 7.44
N PHE B 110 -5.86 14.61 8.59
CA PHE B 110 -5.19 14.87 9.84
C PHE B 110 -3.93 14.05 9.95
N LEU B 111 -4.06 12.75 9.79
CA LEU B 111 -2.89 11.93 9.92
C LEU B 111 -1.80 12.24 8.87
N ARG B 112 -2.17 12.45 7.61
CA ARG B 112 -1.19 12.76 6.60
C ARG B 112 -0.35 13.92 7.04
N ARG B 113 -0.97 15.01 7.51
CA ARG B 113 -0.27 16.21 7.94
C ARG B 113 0.54 15.97 9.18
N LEU B 114 -0.04 15.23 10.12
CA LEU B 114 0.66 14.97 11.34
C LEU B 114 1.99 14.30 11.03
N VAL B 115 2.00 13.32 10.10
CA VAL B 115 3.24 12.64 9.74
C VAL B 115 4.14 13.33 8.68
N VAL B 116 3.61 14.12 7.74
CA VAL B 116 4.44 14.73 6.68
C VAL B 116 5.13 16.03 7.11
N THR B 117 4.33 16.89 7.75
CA THR B 117 4.75 18.21 8.14
C THR B 117 5.31 18.25 9.56
N ASP B 118 5.75 19.44 9.95
CA ASP B 118 6.27 19.68 11.28
C ASP B 118 5.30 20.52 12.11
N LYS B 119 4.08 20.72 11.60
CA LYS B 119 3.08 21.52 12.32
C LYS B 119 2.61 20.78 13.60
N SER B 120 2.18 21.55 14.59
CA SER B 120 1.70 20.98 15.86
C SER B 120 0.51 20.04 15.57
N LEU B 121 0.21 19.14 16.49
CA LEU B 121 -0.94 18.29 16.27
C LEU B 121 -2.19 19.18 16.17
N GLU B 122 -2.27 20.24 16.98
CA GLU B 122 -3.39 21.16 16.91
C GLU B 122 -3.56 21.75 15.53
N GLN B 123 -2.46 22.21 14.91
CA GLN B 123 -2.65 22.75 13.57
C GLN B 123 -3.10 21.73 12.53
N CYS B 124 -2.51 20.56 12.67
CA CYS B 124 -2.75 19.43 11.73
C CYS B 124 -4.30 19.15 11.66
N VAL B 125 -4.88 18.87 12.82
CA VAL B 125 -6.34 18.59 12.91
C VAL B 125 -7.20 19.77 12.53
N THR B 126 -6.70 20.98 12.79
CA THR B 126 -7.43 22.18 12.42
C THR B 126 -7.49 22.26 10.88
N GLU B 127 -6.37 22.03 10.21
CA GLU B 127 -6.42 22.10 8.73
C GLU B 127 -7.25 20.99 8.06
N ALA B 128 -7.36 19.85 8.75
CA ALA B 128 -8.14 18.73 8.23
C ALA B 128 -9.62 18.98 8.42
N TYR B 129 -10.04 19.44 9.61
CA TYR B 129 -11.47 19.72 9.89
C TYR B 129 -12.02 20.76 8.91
N ASN B 130 -11.21 21.80 8.62
CA ASN B 130 -11.66 22.87 7.76
C ASN B 130 -11.95 22.39 6.32
N CYS B 131 -11.20 21.41 5.85
CA CYS B 131 -11.37 20.95 4.48
C CYS B 131 -12.33 19.79 4.33
N THR B 132 -12.83 19.30 5.46
CA THR B 132 -13.73 18.17 5.44
C THR B 132 -15.08 18.45 6.15
N LEU B 133 -15.16 18.19 7.46
CA LEU B 133 -16.39 18.27 8.22
C LEU B 133 -16.92 19.63 8.59
N ARG B 134 -16.05 20.64 8.81
CA ARG B 134 -16.53 21.96 9.24
C ARG B 134 -17.67 22.51 8.39
N PRO B 135 -17.54 22.51 7.06
CA PRO B 135 -18.63 23.05 6.23
C PRO B 135 -19.92 22.26 6.33
N CYS B 136 -19.85 21.08 6.93
CA CYS B 136 -21.02 20.24 7.06
C CYS B 136 -21.70 20.45 8.43
N HIS B 137 -21.06 21.22 9.32
CA HIS B 137 -21.54 21.46 10.69
C HIS B 137 -22.06 22.88 10.93
N SER B 138 -22.88 23.03 11.96
CA SER B 138 -23.40 24.34 12.37
C SER B 138 -22.40 24.96 13.32
N ALA B 139 -22.51 26.27 13.55
CA ALA B 139 -21.59 26.92 14.46
C ALA B 139 -21.56 26.25 15.85
N VAL B 140 -22.69 25.77 16.32
CA VAL B 140 -22.73 25.13 17.65
C VAL B 140 -21.85 23.85 17.71
N ILE B 141 -22.07 22.96 16.75
CA ILE B 141 -21.34 21.70 16.67
C ILE B 141 -19.86 22.00 16.43
N GLN B 142 -19.59 22.99 15.58
CA GLN B 142 -18.20 23.40 15.30
C GLN B 142 -17.49 23.84 16.58
N LYS B 143 -18.13 24.71 17.35
CA LYS B 143 -17.57 25.21 18.60
C LYS B 143 -17.31 24.03 19.53
N VAL B 144 -18.22 23.05 19.59
CA VAL B 144 -17.96 21.86 20.41
C VAL B 144 -16.67 21.19 19.93
N PHE B 145 -16.53 21.01 18.60
CA PHE B 145 -15.32 20.40 18.05
C PHE B 145 -14.08 21.22 18.44
N TRP B 146 -14.14 22.56 18.35
CA TRP B 146 -12.95 23.30 18.74
C TRP B 146 -12.59 23.08 20.21
N GLY B 147 -13.61 22.85 21.06
CA GLY B 147 -13.33 22.57 22.46
C GLY B 147 -12.49 21.31 22.54
N GLY B 148 -12.85 20.31 21.75
CA GLY B 148 -12.04 19.10 21.74
C GLY B 148 -10.63 19.38 21.23
N VAL B 149 -10.52 20.25 20.23
CA VAL B 149 -9.21 20.62 19.65
C VAL B 149 -8.37 21.34 20.70
N LYS B 150 -8.97 22.29 21.40
CA LYS B 150 -8.26 23.04 22.43
C LYS B 150 -7.53 22.12 23.43
N LEU B 151 -8.07 20.93 23.65
CA LEU B 151 -7.48 19.99 24.58
C LEU B 151 -6.83 18.83 23.85
N ALA B 152 -6.68 18.97 22.53
CA ALA B 152 -6.06 17.89 21.78
C ALA B 152 -4.64 17.68 22.29
N PRO B 153 -4.15 16.46 22.18
CA PRO B 153 -2.79 16.23 22.65
C PRO B 153 -1.77 16.76 21.66
N SER B 154 -0.51 16.75 22.07
CA SER B 154 0.57 17.13 21.18
C SER B 154 0.84 15.82 20.40
N ARG B 155 1.77 15.91 19.46
CA ARG B 155 2.18 14.79 18.62
C ARG B 155 2.74 13.59 19.36
N GLU B 156 3.48 13.85 20.43
CA GLU B 156 4.08 12.79 21.19
C GLU B 156 3.08 11.92 21.94
N ARG B 157 2.13 12.55 22.60
CA ARG B 157 1.12 11.79 23.37
C ARG B 157 0.21 10.98 22.41
N PHE B 158 0.15 11.42 21.15
CA PHE B 158 -0.65 10.73 20.16
C PHE B 158 0.10 9.59 19.50
N TYR B 159 1.32 9.86 18.99
CA TYR B 159 2.14 8.81 18.37
C TYR B 159 2.36 7.64 19.32
N ARG B 160 2.75 7.96 20.56
CA ARG B 160 3.05 6.94 21.57
C ARG B 160 1.83 6.21 22.12
N LYS B 161 0.64 6.80 22.00
CA LYS B 161 -0.60 6.16 22.42
C LYS B 161 -0.89 4.96 21.49
N LEU B 162 -0.50 5.07 20.23
CA LEU B 162 -0.72 4.03 19.24
C LEU B 162 0.36 2.93 19.31
N HIS B 163 1.60 3.34 19.57
CA HIS B 163 2.72 2.38 19.70
C HIS B 163 3.83 3.01 20.55
N PRO B 164 4.41 2.21 21.47
CA PRO B 164 5.49 2.75 22.33
C PRO B 164 6.70 3.30 21.57
N ASP B 165 7.00 2.70 20.42
CA ASP B 165 8.10 3.17 19.59
C ASP B 165 7.47 4.21 18.65
N LEU B 166 7.78 5.48 18.88
CA LEU B 166 7.21 6.55 18.06
C LEU B 166 7.45 6.40 16.58
N ASN B 167 8.59 5.81 16.20
CA ASN B 167 8.89 5.60 14.79
C ASN B 167 8.00 4.55 14.16
N ILE B 168 7.63 3.53 14.92
CA ILE B 168 6.75 2.48 14.42
C ILE B 168 5.36 3.08 14.30
N ALA B 169 4.96 3.94 15.25
CA ALA B 169 3.65 4.56 15.18
C ALA B 169 3.56 5.42 13.92
N LYS B 170 4.60 6.20 13.61
CA LYS B 170 4.53 7.06 12.43
C LYS B 170 4.53 6.28 11.10
N ALA B 171 5.38 5.25 11.02
CA ALA B 171 5.46 4.42 9.86
C ALA B 171 4.12 3.71 9.59
N LYS B 172 3.48 3.20 10.65
CA LYS B 172 2.20 2.51 10.48
C LYS B 172 1.09 3.48 10.05
N ILE B 173 1.08 4.71 10.56
CA ILE B 173 0.06 5.66 10.08
C ILE B 173 0.26 5.90 8.58
N GLU B 174 1.51 6.05 8.16
CA GLU B 174 1.83 6.25 6.74
C GLU B 174 1.30 5.06 5.92
N GLU B 175 1.58 3.82 6.33
CA GLU B 175 1.11 2.63 5.59
C GLU B 175 -0.42 2.71 5.51
N PHE B 176 -1.06 2.97 6.64
CA PHE B 176 -2.54 3.04 6.71
C PHE B 176 -3.10 4.05 5.71
N LEU B 177 -2.44 5.20 5.58
CA LEU B 177 -2.93 6.20 4.63
C LEU B 177 -2.85 5.76 3.19
N ILE B 178 -1.78 5.07 2.81
CA ILE B 178 -1.69 4.60 1.42
C ILE B 178 -2.77 3.49 1.08
N GLU B 179 -3.03 2.57 2.02
CA GLU B 179 -4.00 1.48 1.85
C GLU B 179 -5.40 2.05 1.87
N LEU B 180 -5.68 3.00 2.77
CA LEU B 180 -7.02 3.65 2.87
C LEU B 180 -7.42 4.38 1.58
N HIS B 181 -6.39 4.94 0.99
CA HIS B 181 -6.54 5.82 -0.12
C HIS B 181 -7.42 5.34 -1.24
N ASP B 182 -7.01 4.23 -1.87
CA ASP B 182 -7.75 3.74 -3.02
C ASP B 182 -9.23 3.52 -2.72
N PRO B 183 -9.57 2.71 -1.70
CA PRO B 183 -10.99 2.52 -1.45
C PRO B 183 -11.64 3.82 -0.98
N LEU B 184 -10.98 4.58 -0.09
CA LEU B 184 -11.63 5.82 0.31
C LEU B 184 -11.85 6.72 -0.91
N CYS B 185 -10.87 6.87 -1.78
CA CYS B 185 -11.07 7.73 -2.96
C CYS B 185 -12.12 7.16 -3.90
N CYS B 186 -12.21 5.83 -3.98
CA CYS B 186 -13.24 5.23 -4.82
C CYS B 186 -14.61 5.63 -4.22
N ILE B 187 -14.77 5.54 -2.89
CA ILE B 187 -16.05 5.94 -2.29
C ILE B 187 -16.32 7.44 -2.50
N VAL B 188 -15.29 8.28 -2.36
CA VAL B 188 -15.45 9.72 -2.58
C VAL B 188 -16.01 10.02 -3.97
N GLN B 189 -15.44 9.41 -5.01
CA GLN B 189 -15.96 9.67 -6.37
C GLN B 189 -17.38 9.09 -6.51
N PHE B 190 -17.66 7.95 -5.90
CA PHE B 190 -19.00 7.38 -5.99
C PHE B 190 -20.05 8.37 -5.45
N PHE B 191 -19.72 9.11 -4.37
CA PHE B 191 -20.68 10.10 -3.84
C PHE B 191 -20.91 11.28 -4.77
N PHE B 192 -19.88 11.67 -5.51
CA PHE B 192 -20.10 12.74 -6.52
C PHE B 192 -20.89 12.16 -7.69
N GLN B 193 -20.55 10.97 -8.18
CA GLN B 193 -21.31 10.41 -9.29
C GLN B 193 -22.81 10.31 -8.97
N ARG B 194 -23.11 9.93 -7.74
CA ARG B 194 -24.49 9.76 -7.28
C ARG B 194 -25.12 11.11 -6.94
N GLU B 195 -24.32 12.17 -6.99
CA GLU B 195 -24.73 13.55 -6.67
C GLU B 195 -25.17 13.64 -5.22
N LEU B 196 -24.36 13.06 -4.33
CA LEU B 196 -24.71 13.06 -2.89
C LEU B 196 -23.81 13.92 -2.02
N GLU B 197 -22.73 14.47 -2.57
CA GLU B 197 -21.81 15.29 -1.78
C GLU B 197 -21.62 16.67 -2.39
N ASP B 198 -22.02 17.71 -1.66
CA ASP B 198 -21.85 19.08 -2.11
C ASP B 198 -21.30 20.04 -1.03
N GLN B 199 -20.69 19.46 0.01
CA GLN B 199 -20.14 20.21 1.14
C GLN B 199 -18.69 19.85 1.52
N CYS B 200 -18.36 18.56 1.47
CA CYS B 200 -17.04 18.04 1.85
C CYS B 200 -16.25 17.68 0.62
N TRP B 201 -15.12 18.32 0.46
CA TRP B 201 -14.22 18.05 -0.66
C TRP B 201 -12.88 17.53 -0.18
N GLY B 202 -12.67 17.55 1.14
CA GLY B 202 -11.47 16.98 1.69
C GLY B 202 -10.14 17.50 1.18
N ASP B 203 -9.13 16.83 1.68
CA ASP B 203 -7.72 17.14 1.44
C ASP B 203 -7.37 16.83 0.00
N GLU B 204 -7.17 17.88 -0.79
CA GLU B 204 -6.91 17.73 -2.19
C GLU B 204 -5.64 16.92 -2.52
N VAL B 205 -4.55 17.10 -1.79
CA VAL B 205 -3.32 16.36 -2.11
C VAL B 205 -3.49 14.84 -1.88
N TYR B 206 -4.01 14.47 -0.73
CA TYR B 206 -4.20 13.07 -0.40
C TYR B 206 -5.09 12.36 -1.41
N GLN B 207 -6.13 13.06 -1.85
CA GLN B 207 -7.12 12.42 -2.75
C GLN B 207 -6.74 12.37 -4.23
N ARG B 208 -5.52 12.79 -4.53
CA ARG B 208 -4.99 12.68 -5.88
C ARG B 208 -4.94 11.16 -6.19
N LYS B 209 -5.12 10.80 -7.45
CA LYS B 209 -5.15 9.40 -7.89
C LYS B 209 -4.09 8.47 -7.32
N ASP B 210 -2.84 8.92 -7.27
CA ASP B 210 -1.78 8.06 -6.75
C ASP B 210 -1.80 8.07 -5.22
N SER B 211 -1.93 6.89 -4.67
CA SER B 211 -2.03 6.75 -3.21
C SER B 211 -0.82 7.27 -2.44
N SER B 212 0.37 7.37 -3.03
CA SER B 212 1.55 7.91 -2.32
C SER B 212 1.89 9.35 -2.71
N GLU B 213 1.00 10.05 -3.41
CA GLU B 213 1.31 11.44 -3.77
C GLU B 213 1.57 12.30 -2.53
N TRP B 214 0.80 12.07 -1.50
CA TRP B 214 0.92 12.83 -0.27
C TRP B 214 2.34 12.73 0.29
N LEU B 215 3.04 11.64 -0.03
CA LEU B 215 4.42 11.46 0.43
C LEU B 215 5.42 11.99 -0.59
N LYS B 216 5.19 11.72 -1.86
CA LYS B 216 6.11 12.17 -2.89
C LYS B 216 6.13 13.69 -3.09
N ASP A 11 10.75 4.96 -22.63
CA ASP A 11 11.97 4.99 -21.79
C ASP A 11 12.03 3.78 -20.90
N PHE A 12 11.29 2.72 -21.26
CA PHE A 12 11.30 1.51 -20.49
C PHE A 12 12.72 0.95 -20.39
N GLY A 13 13.50 1.07 -21.46
CA GLY A 13 14.85 0.53 -21.45
C GLY A 13 15.74 1.08 -20.34
N ILE A 14 15.35 2.18 -19.71
CA ILE A 14 16.12 2.73 -18.62
C ILE A 14 16.35 1.71 -17.51
N ILE A 15 15.37 0.82 -17.28
CA ILE A 15 15.51 -0.18 -16.21
C ILE A 15 16.74 -1.08 -16.38
N VAL A 16 17.11 -1.35 -17.64
CA VAL A 16 18.28 -2.20 -17.91
C VAL A 16 19.57 -1.51 -17.49
N ILE A 17 19.66 -0.23 -17.83
CA ILE A 17 20.85 0.56 -17.49
C ILE A 17 21.04 0.69 -15.98
N LEU A 18 19.98 0.99 -15.23
CA LEU A 18 20.12 1.18 -13.78
C LEU A 18 20.52 -0.09 -13.04
N TRP A 19 19.99 -1.22 -13.47
CA TRP A 19 20.40 -2.46 -12.82
C TRP A 19 21.81 -2.88 -13.32
N LYS A 20 22.31 -2.14 -14.31
CA LYS A 20 23.64 -2.42 -14.83
C LYS A 20 24.53 -1.63 -13.89
N GLN A 21 24.03 -0.49 -13.42
CA GLN A 21 24.83 0.26 -12.46
C GLN A 21 25.04 -0.63 -11.20
N VAL A 22 24.06 -1.46 -10.81
CA VAL A 22 24.22 -2.31 -9.65
C VAL A 22 25.31 -3.32 -10.01
N THR A 23 26.45 -3.22 -9.36
CA THR A 23 27.53 -4.12 -9.75
C THR A 23 28.00 -5.03 -8.66
N VAL A 24 27.88 -6.34 -8.90
CA VAL A 24 28.39 -7.32 -7.97
C VAL A 24 29.66 -7.89 -8.61
N LYS A 25 30.76 -7.44 -8.05
CA LYS A 25 32.06 -7.87 -8.54
C LYS A 25 32.48 -9.09 -7.73
N GLU A 26 33.77 -9.37 -7.73
CA GLU A 26 34.27 -10.53 -7.01
C GLU A 26 33.94 -10.53 -5.52
N ASP A 27 33.91 -9.34 -4.92
CA ASP A 27 33.64 -9.25 -3.48
C ASP A 27 32.18 -9.63 -3.08
N GLY A 28 31.31 -9.83 -4.07
CA GLY A 28 29.93 -10.21 -3.78
C GLY A 28 29.10 -9.24 -2.97
N LYS A 29 29.38 -7.94 -3.10
CA LYS A 29 28.66 -6.91 -2.35
C LYS A 29 27.76 -6.13 -3.27
N VAL A 30 26.60 -5.70 -2.71
CA VAL A 30 25.62 -4.91 -3.45
C VAL A 30 25.64 -3.48 -2.91
N PRO A 31 26.13 -2.52 -3.72
CA PRO A 31 26.19 -1.12 -3.29
C PRO A 31 24.74 -0.76 -2.96
N LEU A 32 24.52 -0.18 -1.78
CA LEU A 32 23.20 0.16 -1.34
C LEU A 32 22.48 1.22 -2.14
N GLU A 33 23.14 2.36 -2.40
CA GLU A 33 22.51 3.44 -3.13
C GLU A 33 22.02 3.04 -4.51
N PRO A 34 22.91 2.47 -5.34
CA PRO A 34 22.55 2.02 -6.69
C PRO A 34 21.37 1.04 -6.60
N PHE A 35 21.52 0.05 -5.71
CA PHE A 35 20.44 -0.94 -5.53
C PHE A 35 19.10 -0.29 -5.30
N LEU A 36 19.06 0.65 -4.35
CA LEU A 36 17.79 1.30 -4.05
C LEU A 36 17.31 2.16 -5.23
N THR A 37 18.23 2.79 -5.97
CA THR A 37 17.87 3.57 -7.16
C THR A 37 17.23 2.64 -8.22
N ALA A 38 17.84 1.48 -8.47
CA ALA A 38 17.33 0.53 -9.47
C ALA A 38 16.03 -0.14 -8.97
N ALA A 39 15.96 -0.35 -7.65
CA ALA A 39 14.78 -0.99 -7.06
C ALA A 39 13.49 -0.18 -7.17
N LYS A 40 13.63 1.15 -7.07
CA LYS A 40 12.50 2.08 -7.21
C LYS A 40 11.98 1.96 -8.66
N GLU A 41 12.84 1.60 -9.63
CA GLU A 41 12.37 1.45 -11.03
C GLU A 41 11.56 0.15 -11.30
N VAL A 42 11.72 -0.87 -10.43
CA VAL A 42 10.96 -2.11 -10.64
C VAL A 42 9.43 -1.85 -10.67
N LEU A 43 9.00 -0.73 -10.08
CA LEU A 43 7.57 -0.34 -10.08
C LEU A 43 6.95 -0.20 -11.48
N ARG A 44 7.76 0.06 -12.51
CA ARG A 44 7.24 0.13 -13.88
C ARG A 44 6.49 -1.16 -14.24
N VAL A 45 6.94 -2.29 -13.69
CA VAL A 45 6.33 -3.56 -13.96
C VAL A 45 5.00 -3.58 -13.27
N VAL A 46 4.99 -3.13 -12.02
CA VAL A 46 3.75 -3.10 -11.24
C VAL A 46 2.71 -2.18 -11.87
N ASP A 47 3.12 -1.00 -12.29
CA ASP A 47 2.18 -0.05 -12.90
C ASP A 47 1.54 -0.59 -14.16
N ALA A 48 2.29 -1.36 -14.94
CA ALA A 48 1.77 -1.96 -16.18
C ALA A 48 0.83 -3.11 -15.89
N PHE A 49 0.93 -3.72 -14.70
CA PHE A 49 0.03 -4.84 -14.37
C PHE A 49 -1.30 -4.26 -13.88
N GLY A 50 -1.28 -3.41 -12.85
CA GLY A 50 -2.55 -2.82 -12.39
C GLY A 50 -2.87 -2.95 -10.92
N SER A 51 -4.15 -2.83 -10.54
CA SER A 51 -4.50 -2.97 -9.11
C SER A 51 -4.24 -4.36 -8.59
N GLY A 52 -4.12 -5.30 -9.54
CA GLY A 52 -3.80 -6.69 -9.23
C GLY A 52 -2.48 -6.86 -8.49
N PHE A 53 -1.65 -5.85 -8.62
CA PHE A 53 -0.34 -5.86 -7.95
C PHE A 53 -0.32 -4.73 -6.87
N ARG A 54 -1.43 -4.48 -6.17
CA ARG A 54 -1.46 -3.46 -5.12
C ARG A 54 -0.55 -3.93 -4.00
N ILE A 55 -0.71 -5.17 -3.53
CA ILE A 55 0.14 -5.62 -2.42
C ILE A 55 1.63 -5.51 -2.77
N VAL A 56 2.02 -6.00 -3.95
CA VAL A 56 3.41 -5.98 -4.43
C VAL A 56 3.90 -4.54 -4.66
N LYS A 57 3.04 -3.67 -5.19
CA LYS A 57 3.42 -2.28 -5.38
C LYS A 57 3.66 -1.66 -4.00
N ASN A 58 2.65 -1.75 -3.13
CA ASN A 58 2.78 -1.13 -1.83
C ASN A 58 3.92 -1.68 -1.02
N ASP A 59 4.23 -2.95 -1.23
CA ASP A 59 5.33 -3.56 -0.51
C ASP A 59 6.68 -3.08 -1.10
N ILE A 60 6.82 -3.06 -2.43
CA ILE A 60 8.08 -2.61 -3.01
C ILE A 60 8.40 -1.15 -2.68
N ALA A 61 7.46 -0.24 -2.96
CA ALA A 61 7.71 1.16 -2.69
C ALA A 61 7.97 1.41 -1.21
N GLY A 62 7.19 0.74 -0.36
CA GLY A 62 7.33 0.94 1.07
C GLY A 62 8.67 0.46 1.59
N ASN A 63 9.14 -0.66 1.04
CA ASN A 63 10.41 -1.22 1.51
C ASN A 63 11.62 -0.47 0.99
N ILE A 64 11.58 0.05 -0.23
CA ILE A 64 12.68 0.89 -0.70
C ILE A 64 12.73 2.15 0.18
N LYS A 65 11.57 2.79 0.39
CA LYS A 65 11.54 4.02 1.18
C LYS A 65 12.13 3.78 2.56
N LYS A 66 11.84 2.60 3.15
CA LYS A 66 12.35 2.20 4.47
C LYS A 66 13.83 1.86 4.45
N LEU A 67 14.34 1.27 3.36
CA LEU A 67 15.78 0.98 3.31
C LEU A 67 16.53 2.33 3.34
N TYR A 68 16.10 3.32 2.54
CA TYR A 68 16.77 4.64 2.65
C TYR A 68 16.70 5.12 4.11
N ARG A 69 15.51 5.12 4.72
CA ARG A 69 15.39 5.60 6.11
C ARG A 69 16.36 4.84 7.00
N ALA A 70 16.45 3.52 6.84
CA ALA A 70 17.34 2.70 7.67
C ALA A 70 18.82 2.95 7.38
N ASN A 71 19.15 3.67 6.32
CA ASN A 71 20.57 3.93 6.01
C ASN A 71 20.91 5.37 6.29
N GLN A 72 19.97 6.14 6.81
CA GLN A 72 20.20 7.58 7.07
C GLN A 72 21.08 7.80 8.31
N THR A 73 21.13 6.84 9.21
CA THR A 73 21.93 6.97 10.42
C THR A 73 23.12 6.01 10.42
N VAL A 74 23.08 5.02 9.55
CA VAL A 74 24.15 4.04 9.45
C VAL A 74 25.14 4.38 8.33
N HIS A 75 24.63 5.00 7.27
CA HIS A 75 25.43 5.39 6.11
C HIS A 75 26.24 4.23 5.55
N ALA A 76 25.64 3.05 5.52
CA ALA A 76 26.32 1.91 4.99
C ALA A 76 26.44 2.09 3.51
N GLU A 77 27.51 1.54 2.96
CA GLU A 77 27.79 1.62 1.55
C GLU A 77 27.13 0.45 0.84
N THR A 78 26.76 -0.57 1.61
CA THR A 78 26.20 -1.77 1.02
C THR A 78 25.04 -2.29 1.84
N LEU A 79 24.16 -3.05 1.17
CA LEU A 79 22.99 -3.68 1.81
C LEU A 79 23.49 -4.62 2.91
N GLN A 80 24.51 -5.41 2.58
CA GLN A 80 25.07 -6.41 3.51
C GLN A 80 25.57 -5.77 4.79
N GLU A 81 26.19 -4.60 4.65
CA GLU A 81 26.73 -3.83 5.76
C GLU A 81 25.61 -3.29 6.64
N LEU A 82 24.51 -2.89 6.02
CA LEU A 82 23.40 -2.37 6.79
C LEU A 82 22.75 -3.48 7.64
N ILE A 83 22.55 -4.64 7.03
CA ILE A 83 21.94 -5.76 7.71
C ILE A 83 22.85 -6.31 8.83
N ILE A 84 24.12 -6.50 8.50
CA ILE A 84 25.09 -7.00 9.50
C ILE A 84 25.14 -6.04 10.73
N ALA A 85 25.02 -4.74 10.46
CA ALA A 85 25.04 -3.75 11.55
C ALA A 85 23.84 -3.92 12.47
N GLU A 86 22.66 -4.13 11.88
CA GLU A 86 21.46 -4.31 12.68
C GLU A 86 21.59 -5.64 13.43
N ASN A 87 22.25 -6.58 12.76
CA ASN A 87 22.48 -7.92 13.25
C ASN A 87 21.28 -8.48 14.02
N SER A 88 20.11 -8.39 13.39
CA SER A 88 18.87 -8.85 14.00
C SER A 88 17.88 -9.16 12.93
N PRO A 89 16.97 -10.10 13.19
CA PRO A 89 15.99 -10.41 12.14
C PRO A 89 14.93 -9.32 12.09
N ASP A 90 14.47 -8.87 13.26
CA ASP A 90 13.46 -7.82 13.28
C ASP A 90 13.95 -6.43 12.92
N GLY A 91 15.24 -6.31 12.64
CA GLY A 91 15.79 -5.02 12.27
C GLY A 91 14.99 -4.38 11.15
N LEU A 92 14.78 -3.06 11.23
CA LEU A 92 14.02 -2.30 10.24
C LEU A 92 14.44 -2.55 8.78
N ALA A 93 15.72 -2.30 8.48
CA ALA A 93 16.25 -2.49 7.13
C ALA A 93 16.27 -3.99 6.79
N THR A 94 16.52 -4.85 7.78
CA THR A 94 16.62 -6.28 7.50
C THR A 94 15.29 -6.82 6.96
N VAL A 95 14.18 -6.49 7.65
CA VAL A 95 12.85 -6.92 7.24
C VAL A 95 12.47 -6.25 5.92
N ALA A 96 12.78 -4.96 5.76
CA ALA A 96 12.43 -4.30 4.52
C ALA A 96 13.15 -5.00 3.37
N LEU A 97 14.41 -5.42 3.59
CA LEU A 97 15.15 -6.10 2.53
C LEU A 97 14.62 -7.51 2.29
N LEU A 98 14.31 -8.25 3.36
CA LEU A 98 13.73 -9.59 3.20
C LEU A 98 12.54 -9.53 2.23
N TRP A 99 11.58 -8.67 2.54
CA TRP A 99 10.38 -8.57 1.69
C TRP A 99 10.69 -8.04 0.32
N LEU A 100 11.63 -7.13 0.21
CA LEU A 100 12.01 -6.62 -1.08
C LEU A 100 12.61 -7.75 -1.92
N LYS A 101 13.50 -8.52 -1.28
CA LYS A 101 14.09 -9.66 -1.97
C LYS A 101 13.01 -10.63 -2.49
N ARG A 102 11.89 -10.70 -1.77
CA ARG A 102 10.82 -11.60 -2.18
C ARG A 102 10.01 -11.04 -3.35
N ALA A 103 9.75 -9.74 -3.35
CA ALA A 103 8.98 -9.15 -4.44
C ALA A 103 9.72 -9.29 -5.75
N PHE A 104 11.05 -9.09 -5.72
CA PHE A 104 11.82 -9.17 -6.95
C PHE A 104 12.00 -10.62 -7.44
N GLN A 105 12.03 -11.59 -6.52
CA GLN A 105 12.05 -13.02 -6.90
C GLN A 105 10.71 -13.32 -7.60
N PHE A 106 9.62 -12.76 -7.10
CA PHE A 106 8.29 -12.91 -7.72
C PHE A 106 8.26 -12.24 -9.10
N ILE A 107 8.71 -10.99 -9.18
CA ILE A 107 8.69 -10.29 -10.45
C ILE A 107 9.58 -11.05 -11.45
N ALA A 108 10.74 -11.52 -10.98
CA ALA A 108 11.66 -12.26 -11.84
C ALA A 108 10.97 -13.51 -12.37
N SER A 109 10.25 -14.22 -11.49
CA SER A 109 9.55 -15.44 -11.91
C SER A 109 8.44 -15.12 -12.87
N PHE A 110 7.67 -14.10 -12.53
CA PHE A 110 6.54 -13.76 -13.37
C PHE A 110 7.03 -13.33 -14.77
N LEU A 111 8.17 -12.62 -14.84
CA LEU A 111 8.67 -12.16 -16.15
C LEU A 111 9.36 -13.30 -16.89
N ARG A 112 10.06 -14.16 -16.17
CA ARG A 112 10.67 -15.30 -16.87
C ARG A 112 9.59 -16.13 -17.54
N ARG A 113 8.50 -16.39 -16.81
CA ARG A 113 7.45 -17.21 -17.39
C ARG A 113 6.81 -16.53 -18.60
N LEU A 114 6.63 -15.22 -18.51
CA LEU A 114 6.03 -14.48 -19.60
C LEU A 114 6.87 -14.47 -20.90
N VAL A 115 8.19 -14.40 -20.78
CA VAL A 115 8.99 -14.32 -22.00
C VAL A 115 9.56 -15.64 -22.51
N VAL A 116 9.48 -16.71 -21.72
CA VAL A 116 10.00 -18.00 -22.24
C VAL A 116 8.89 -19.02 -22.51
N THR A 117 7.64 -18.62 -22.31
CA THR A 117 6.52 -19.54 -22.58
C THR A 117 5.35 -18.89 -23.26
N ASP A 118 4.39 -19.71 -23.68
CA ASP A 118 3.17 -19.22 -24.30
C ASP A 118 2.03 -19.27 -23.31
N LYS A 119 2.37 -19.51 -22.04
CA LYS A 119 1.35 -19.54 -21.01
C LYS A 119 0.69 -18.14 -20.93
N SER A 120 -0.57 -18.08 -20.53
CA SER A 120 -1.26 -16.81 -20.38
C SER A 120 -0.55 -15.99 -19.31
N LEU A 121 -0.62 -14.68 -19.41
CA LEU A 121 0.01 -13.86 -18.37
C LEU A 121 -0.52 -14.24 -16.98
N GLU A 122 -1.84 -14.38 -16.83
CA GLU A 122 -2.45 -14.78 -15.57
C GLU A 122 -1.85 -16.08 -15.04
N GLN A 123 -1.64 -17.09 -15.90
CA GLN A 123 -1.00 -18.33 -15.45
C GLN A 123 0.46 -18.05 -15.09
N CYS A 124 1.11 -17.18 -15.87
CA CYS A 124 2.50 -16.80 -15.57
C CYS A 124 2.66 -16.23 -14.16
N VAL A 125 1.70 -15.40 -13.71
CA VAL A 125 1.81 -14.85 -12.35
C VAL A 125 1.47 -15.89 -11.27
N THR A 126 0.59 -16.84 -11.60
CA THR A 126 0.18 -17.89 -10.69
C THR A 126 1.38 -18.74 -10.30
N GLU A 127 2.08 -19.23 -11.29
CA GLU A 127 3.26 -20.04 -11.03
C GLU A 127 4.28 -19.22 -10.23
N ALA A 128 4.46 -17.95 -10.59
CA ALA A 128 5.39 -17.10 -9.86
C ALA A 128 5.02 -16.87 -8.39
N TYR A 129 3.74 -16.61 -8.14
CA TYR A 129 3.30 -16.35 -6.77
C TYR A 129 3.47 -17.57 -5.85
N ASN A 130 3.16 -18.75 -6.37
CA ASN A 130 3.23 -19.99 -5.58
C ASN A 130 4.59 -20.26 -4.89
N CYS A 131 5.72 -19.97 -5.52
CA CYS A 131 6.91 -20.27 -4.76
C CYS A 131 7.61 -19.04 -4.22
N THR A 132 6.92 -17.92 -4.30
CA THR A 132 7.57 -16.78 -3.71
C THR A 132 6.80 -16.24 -2.53
N LEU A 133 5.82 -15.40 -2.82
CA LEU A 133 5.10 -14.73 -1.75
C LEU A 133 3.97 -15.51 -1.09
N ARG A 134 3.33 -16.42 -1.82
CA ARG A 134 2.20 -17.16 -1.28
C ARG A 134 2.47 -17.71 0.13
N PRO A 135 3.51 -18.56 0.33
CA PRO A 135 3.67 -19.07 1.70
C PRO A 135 3.96 -18.00 2.76
N CYS A 136 4.51 -16.88 2.30
CA CYS A 136 4.86 -15.77 3.18
C CYS A 136 3.62 -14.97 3.55
N HIS A 137 2.53 -15.21 2.81
CA HIS A 137 1.25 -14.53 3.02
C HIS A 137 0.26 -15.37 3.80
N SER A 138 -0.36 -14.76 4.81
CA SER A 138 -1.38 -15.42 5.61
C SER A 138 -2.48 -15.81 4.64
N ALA A 139 -3.38 -16.68 5.09
CA ALA A 139 -4.44 -17.09 4.20
C ALA A 139 -5.31 -15.90 3.78
N VAL A 140 -5.46 -14.91 4.67
CA VAL A 140 -6.29 -13.77 4.29
C VAL A 140 -5.63 -12.93 3.18
N ILE A 141 -4.31 -12.74 3.23
CA ILE A 141 -3.66 -11.96 2.17
C ILE A 141 -3.54 -12.73 0.83
N GLN A 142 -3.45 -14.08 0.86
CA GLN A 142 -3.45 -14.84 -0.38
C GLN A 142 -4.78 -14.64 -1.10
N LYS A 143 -5.87 -14.66 -0.34
CA LYS A 143 -7.17 -14.48 -0.97
C LYS A 143 -7.30 -13.11 -1.65
N VAL A 144 -6.76 -12.07 -1.01
CA VAL A 144 -6.72 -10.73 -1.60
C VAL A 144 -5.75 -10.76 -2.80
N PHE A 145 -4.62 -11.44 -2.64
CA PHE A 145 -3.68 -11.48 -3.76
C PHE A 145 -4.32 -12.19 -4.94
N TRP A 146 -4.96 -13.35 -4.69
CA TRP A 146 -5.62 -14.04 -5.81
C TRP A 146 -6.74 -13.16 -6.43
N GLY A 147 -7.40 -12.30 -5.65
CA GLY A 147 -8.40 -11.39 -6.20
C GLY A 147 -7.75 -10.36 -7.13
N GLY A 148 -6.45 -10.08 -6.91
CA GLY A 148 -5.74 -9.14 -7.77
C GLY A 148 -5.29 -9.81 -9.05
N VAL A 149 -5.00 -11.11 -8.95
CA VAL A 149 -4.58 -11.86 -10.14
C VAL A 149 -5.73 -12.00 -11.16
N LYS A 150 -6.96 -12.02 -10.66
CA LYS A 150 -8.15 -12.12 -11.50
C LYS A 150 -8.21 -10.90 -12.41
N LEU A 151 -7.62 -9.78 -11.96
CA LEU A 151 -7.60 -8.52 -12.72
C LEU A 151 -6.37 -8.50 -13.67
N ALA A 152 -5.76 -9.65 -13.91
CA ALA A 152 -4.59 -9.69 -14.80
C ALA A 152 -4.86 -9.37 -16.25
N PRO A 153 -4.11 -8.40 -16.81
CA PRO A 153 -4.24 -8.02 -18.22
C PRO A 153 -3.68 -9.15 -19.11
N SER A 154 -3.80 -8.99 -20.41
CA SER A 154 -3.19 -9.92 -21.33
C SER A 154 -1.66 -9.65 -21.42
N ARG A 155 -0.92 -10.66 -21.82
CA ARG A 155 0.52 -10.51 -22.05
C ARG A 155 0.75 -9.42 -23.09
N GLU A 156 -0.21 -9.18 -23.98
CA GLU A 156 0.05 -8.18 -25.02
C GLU A 156 -0.16 -6.76 -24.58
N ARG A 157 -1.25 -6.49 -23.83
CA ARG A 157 -1.49 -5.12 -23.33
C ARG A 157 -0.37 -4.76 -22.34
N PHE A 158 0.07 -5.76 -21.57
CA PHE A 158 1.12 -5.59 -20.56
C PHE A 158 2.39 -5.19 -21.30
N TYR A 159 2.73 -5.95 -22.33
CA TYR A 159 3.91 -5.55 -23.07
C TYR A 159 3.78 -4.11 -23.52
N ARG A 160 2.63 -3.74 -24.10
CA ARG A 160 2.46 -2.37 -24.56
C ARG A 160 2.33 -1.31 -23.48
N LYS A 161 2.00 -1.70 -22.25
CA LYS A 161 1.95 -0.71 -21.15
C LYS A 161 3.36 -0.42 -20.62
N LEU A 162 4.34 -1.23 -21.05
CA LEU A 162 5.75 -1.06 -20.68
C LEU A 162 6.42 -0.18 -21.72
N HIS A 163 6.07 -0.43 -22.99
CA HIS A 163 6.57 0.32 -24.15
C HIS A 163 5.55 0.01 -25.25
N PRO A 164 5.13 1.01 -26.05
CA PRO A 164 4.14 0.78 -27.13
C PRO A 164 4.53 -0.21 -28.24
N ASP A 165 5.82 -0.47 -28.40
CA ASP A 165 6.28 -1.44 -29.40
C ASP A 165 6.52 -2.69 -28.56
N LEU A 166 5.71 -3.73 -28.83
CA LEU A 166 5.76 -5.01 -28.13
C LEU A 166 7.14 -5.60 -28.23
N ASN A 167 7.78 -5.51 -29.40
CA ASN A 167 9.12 -6.10 -29.56
C ASN A 167 10.15 -5.45 -28.65
N ILE A 168 10.00 -4.16 -28.42
CA ILE A 168 10.92 -3.47 -27.52
C ILE A 168 10.65 -3.88 -26.04
N ALA A 169 9.40 -3.76 -25.59
CA ALA A 169 9.04 -4.07 -24.22
C ALA A 169 9.58 -5.46 -23.87
N LYS A 170 9.28 -6.45 -24.72
CA LYS A 170 9.75 -7.83 -24.55
C LYS A 170 11.28 -7.87 -24.53
N ALA A 171 11.93 -7.32 -25.58
CA ALA A 171 13.40 -7.27 -25.59
C ALA A 171 13.98 -6.72 -24.28
N LYS A 172 13.43 -5.60 -23.80
CA LYS A 172 13.94 -5.00 -22.57
C LYS A 172 13.58 -5.76 -21.27
N ILE A 173 12.50 -6.52 -21.26
CA ILE A 173 12.24 -7.35 -20.08
C ILE A 173 13.29 -8.47 -20.02
N GLU A 174 13.57 -9.12 -21.17
CA GLU A 174 14.57 -10.21 -21.20
C GLU A 174 15.92 -9.70 -20.76
N GLU A 175 16.33 -8.51 -21.25
CA GLU A 175 17.62 -7.91 -20.86
C GLU A 175 17.63 -7.50 -19.37
N PHE A 176 16.45 -7.11 -18.84
CA PHE A 176 16.27 -6.73 -17.43
C PHE A 176 16.60 -7.88 -16.51
N LEU A 177 16.01 -9.03 -16.83
CA LEU A 177 16.20 -10.21 -15.99
C LEU A 177 17.66 -10.60 -15.95
N ILE A 178 18.40 -10.28 -17.02
CA ILE A 178 19.82 -10.60 -17.03
C ILE A 178 20.49 -9.67 -16.04
N GLU A 179 20.16 -8.37 -16.08
CA GLU A 179 20.79 -7.39 -15.20
C GLU A 179 20.36 -7.38 -13.73
N LEU A 180 19.14 -7.82 -13.43
CA LEU A 180 18.67 -7.91 -12.05
C LEU A 180 19.27 -9.15 -11.40
N HIS A 181 19.72 -10.08 -12.26
CA HIS A 181 20.08 -11.39 -11.75
C HIS A 181 21.18 -11.35 -10.74
N ASP A 182 22.32 -10.85 -11.19
CA ASP A 182 23.47 -10.81 -10.31
C ASP A 182 23.17 -10.23 -8.92
N PRO A 183 22.65 -9.00 -8.82
CA PRO A 183 22.41 -8.59 -7.45
C PRO A 183 21.32 -9.46 -6.76
N LEU A 184 20.28 -9.85 -7.51
CA LEU A 184 19.23 -10.66 -6.93
C LEU A 184 19.71 -11.97 -6.33
N CYS A 185 20.37 -12.77 -7.15
CA CYS A 185 20.84 -14.08 -6.66
C CYS A 185 21.86 -13.86 -5.54
N CYS A 186 22.69 -12.81 -5.68
CA CYS A 186 23.64 -12.45 -4.64
C CYS A 186 22.88 -12.11 -3.34
N ILE A 187 21.80 -11.33 -3.42
CA ILE A 187 21.03 -11.08 -2.19
C ILE A 187 20.34 -12.37 -1.68
N VAL A 188 19.76 -13.15 -2.61
CA VAL A 188 19.12 -14.42 -2.22
C VAL A 188 20.08 -15.27 -1.34
N GLN A 189 21.32 -15.47 -1.80
CA GLN A 189 22.29 -16.26 -1.05
C GLN A 189 22.67 -15.65 0.29
N PHE A 190 22.90 -14.35 0.33
CA PHE A 190 23.25 -13.66 1.58
C PHE A 190 22.18 -13.97 2.62
N PHE A 191 20.93 -13.99 2.18
CA PHE A 191 19.83 -14.27 3.10
C PHE A 191 19.80 -15.70 3.60
N PHE A 192 20.36 -16.64 2.83
CA PHE A 192 20.50 -18.00 3.36
C PHE A 192 21.68 -18.05 4.34
N GLN A 193 22.84 -17.49 3.97
CA GLN A 193 24.01 -17.50 4.88
C GLN A 193 23.63 -16.89 6.23
N ARG A 194 22.87 -15.79 6.21
CA ARG A 194 22.47 -15.15 7.46
C ARG A 194 21.33 -15.86 8.18
N GLU A 195 20.76 -16.90 7.55
CA GLU A 195 19.64 -17.68 8.10
C GLU A 195 18.40 -16.81 8.37
N LEU A 196 18.13 -15.92 7.40
CA LEU A 196 17.02 -14.98 7.47
C LEU A 196 15.78 -15.39 6.69
N GLU A 197 15.98 -16.19 5.63
CA GLU A 197 14.86 -16.61 4.78
C GLU A 197 14.39 -18.01 5.12
N ASP A 198 13.17 -18.12 5.63
CA ASP A 198 12.68 -19.47 6.01
C ASP A 198 11.44 -19.93 5.24
N GLN A 199 10.87 -19.04 4.42
CA GLN A 199 9.62 -19.32 3.68
C GLN A 199 9.65 -19.24 2.17
N CYS A 200 10.13 -18.11 1.62
CA CYS A 200 10.12 -17.91 0.17
C CYS A 200 11.41 -18.39 -0.45
N TRP A 201 11.28 -19.38 -1.33
CA TRP A 201 12.43 -20.01 -1.97
C TRP A 201 13.03 -19.31 -3.19
N GLY A 202 12.25 -19.15 -4.27
CA GLY A 202 12.75 -18.52 -5.49
C GLY A 202 12.45 -19.52 -6.61
N ASP A 203 12.64 -19.07 -7.83
CA ASP A 203 12.40 -19.81 -9.07
C ASP A 203 13.76 -20.38 -9.48
N GLU A 204 13.85 -21.72 -9.56
CA GLU A 204 15.11 -22.42 -9.85
C GLU A 204 15.84 -22.12 -11.14
N VAL A 205 15.10 -22.13 -12.25
CA VAL A 205 15.64 -21.90 -13.57
C VAL A 205 16.27 -20.52 -13.54
N TYR A 206 15.60 -19.56 -12.90
CA TYR A 206 16.15 -18.23 -12.80
C TYR A 206 17.30 -18.20 -11.81
N GLN A 207 17.08 -18.75 -10.62
CA GLN A 207 18.10 -18.61 -9.58
C GLN A 207 19.41 -19.37 -9.68
N ARG A 208 19.63 -20.01 -10.82
CA ARG A 208 20.89 -20.73 -11.11
C ARG A 208 22.02 -19.68 -11.33
N LYS A 209 23.26 -20.15 -11.38
CA LYS A 209 24.38 -19.24 -11.51
C LYS A 209 24.44 -18.44 -12.83
N ASP A 210 24.25 -19.10 -13.96
CA ASP A 210 24.37 -18.35 -15.23
C ASP A 210 23.14 -17.46 -15.46
N SER A 211 23.34 -16.17 -15.67
CA SER A 211 22.22 -15.22 -15.87
C SER A 211 21.37 -15.45 -17.13
N SER A 212 21.90 -16.17 -18.13
CA SER A 212 21.08 -16.44 -19.32
C SER A 212 20.72 -17.91 -19.43
N GLU A 213 20.93 -18.64 -18.34
CA GLU A 213 20.59 -20.05 -18.35
C GLU A 213 19.09 -20.17 -18.66
N TRP A 214 18.28 -19.25 -18.15
CA TRP A 214 16.82 -19.29 -18.36
C TRP A 214 16.37 -18.94 -19.77
N LEU A 215 17.25 -18.33 -20.55
CA LEU A 215 16.84 -17.96 -21.90
C LEU A 215 16.20 -19.10 -22.72
N LYS A 216 16.71 -20.31 -22.55
CA LYS A 216 16.20 -21.48 -23.25
C LYS A 216 14.67 -21.57 -23.23
N ASP B 11 -0.29 -4.03 18.06
CA ASP B 11 -1.76 -3.86 18.23
C ASP B 11 -2.34 -2.92 17.18
N PHE B 12 -1.86 -1.67 17.15
CA PHE B 12 -2.36 -0.71 16.15
C PHE B 12 -2.15 -1.25 14.74
N GLY B 13 -1.08 -2.00 14.52
CA GLY B 13 -0.78 -2.54 13.20
C GLY B 13 -1.82 -3.33 12.42
N ILE B 14 -2.77 -3.98 13.09
CA ILE B 14 -3.86 -4.71 12.41
C ILE B 14 -4.64 -3.73 11.48
N ILE B 15 -4.57 -2.42 11.74
CA ILE B 15 -5.30 -1.48 10.86
C ILE B 15 -4.92 -1.59 9.38
N VAL B 16 -3.63 -1.71 9.14
CA VAL B 16 -3.11 -1.87 7.78
C VAL B 16 -3.65 -3.17 7.23
N ILE B 17 -3.37 -4.25 7.95
CA ILE B 17 -3.81 -5.58 7.54
C ILE B 17 -5.32 -5.61 7.22
N LEU B 18 -6.13 -4.96 8.06
CA LEU B 18 -7.56 -4.94 7.84
C LEU B 18 -8.00 -4.10 6.65
N TRP B 19 -7.28 -3.00 6.40
CA TRP B 19 -7.60 -2.12 5.29
C TRP B 19 -6.99 -2.63 3.95
N LYS B 20 -5.94 -3.47 4.04
CA LYS B 20 -5.34 -4.13 2.85
C LYS B 20 -6.39 -5.07 2.21
N GLN B 21 -7.36 -5.49 3.02
CA GLN B 21 -8.42 -6.35 2.52
C GLN B 21 -9.58 -5.56 1.92
N VAL B 22 -9.49 -4.22 2.03
CA VAL B 22 -10.51 -3.33 1.46
C VAL B 22 -9.98 -2.96 0.10
N THR B 23 -10.65 -3.42 -0.94
CA THR B 23 -10.16 -3.26 -2.28
C THR B 23 -11.15 -2.60 -3.19
N VAL B 24 -10.72 -2.41 -4.43
CA VAL B 24 -11.55 -1.81 -5.43
C VAL B 24 -11.69 -2.82 -6.55
N LYS B 25 -12.94 -3.11 -6.95
CA LYS B 25 -13.19 -4.06 -8.03
C LYS B 25 -12.95 -3.33 -9.36
N GLU B 26 -13.32 -3.99 -10.46
CA GLU B 26 -13.15 -3.43 -11.80
C GLU B 26 -13.76 -2.03 -11.90
N ASP B 27 -15.08 -2.01 -12.06
CA ASP B 27 -15.81 -0.76 -12.25
C ASP B 27 -15.73 0.21 -11.09
N GLY B 28 -15.13 -0.21 -9.98
CA GLY B 28 -15.00 0.66 -8.84
C GLY B 28 -15.83 0.20 -7.64
N LYS B 29 -15.74 -1.09 -7.32
CA LYS B 29 -16.50 -1.64 -6.19
C LYS B 29 -15.67 -2.09 -4.98
N VAL B 30 -16.06 -1.57 -3.82
CA VAL B 30 -15.43 -1.79 -2.53
C VAL B 30 -16.24 -2.90 -1.79
N PRO B 31 -15.62 -4.05 -1.51
CA PRO B 31 -16.39 -5.10 -0.81
C PRO B 31 -16.94 -4.56 0.53
N LEU B 32 -18.27 -4.59 0.63
CA LEU B 32 -18.97 -4.02 1.77
C LEU B 32 -18.50 -4.58 3.10
N GLU B 33 -18.39 -5.90 3.21
CA GLU B 33 -18.04 -6.56 4.46
C GLU B 33 -16.61 -6.21 4.86
N PRO B 34 -15.65 -6.26 3.93
CA PRO B 34 -14.28 -5.91 4.32
C PRO B 34 -14.22 -4.42 4.74
N PHE B 35 -15.05 -3.61 4.07
CA PHE B 35 -15.05 -2.18 4.40
C PHE B 35 -15.56 -1.90 5.81
N LEU B 36 -16.73 -2.44 6.17
CA LEU B 36 -17.25 -2.15 7.52
C LEU B 36 -16.39 -2.75 8.62
N THR B 37 -15.68 -3.84 8.35
CA THR B 37 -14.77 -4.45 9.34
C THR B 37 -13.54 -3.57 9.60
N ALA B 38 -12.88 -3.08 8.54
CA ALA B 38 -11.69 -2.23 8.70
C ALA B 38 -12.06 -0.85 9.27
N ALA B 39 -13.28 -0.38 8.97
CA ALA B 39 -13.75 0.92 9.45
C ALA B 39 -13.78 0.90 10.98
N LYS B 40 -14.10 -0.26 11.59
CA LYS B 40 -14.15 -0.28 13.05
C LYS B 40 -12.75 0.02 13.63
N GLU B 41 -11.72 -0.36 12.87
CA GLU B 41 -10.36 -0.13 13.36
C GLU B 41 -9.98 1.37 13.41
N VAL B 42 -10.69 2.19 12.65
CA VAL B 42 -10.40 3.62 12.64
C VAL B 42 -10.79 4.26 13.99
N LEU B 43 -11.64 3.59 14.74
CA LEU B 43 -11.98 4.10 16.07
C LEU B 43 -10.73 4.09 16.99
N ARG B 44 -9.85 3.09 16.88
CA ARG B 44 -8.63 3.02 17.71
C ARG B 44 -7.78 4.26 17.40
N VAL B 45 -7.70 4.63 16.11
CA VAL B 45 -7.02 5.86 15.73
C VAL B 45 -7.66 7.05 16.44
N VAL B 46 -9.00 7.18 16.37
CA VAL B 46 -9.62 8.31 17.04
C VAL B 46 -9.34 8.29 18.54
N ASP B 47 -9.21 7.10 19.12
CA ASP B 47 -8.90 7.05 20.55
C ASP B 47 -7.57 7.71 20.94
N ALA B 48 -6.65 7.91 19.99
CA ALA B 48 -5.36 8.51 20.34
C ALA B 48 -5.50 10.02 20.58
N PHE B 49 -6.66 10.60 20.30
CA PHE B 49 -6.88 12.02 20.64
C PHE B 49 -7.16 12.17 22.16
N GLY B 50 -7.41 11.06 22.86
CA GLY B 50 -7.71 11.11 24.29
C GLY B 50 -9.15 10.78 24.60
N SER B 51 -9.60 11.21 25.78
CA SER B 51 -10.97 10.96 26.27
C SER B 51 -12.09 11.64 25.47
N GLY B 52 -11.83 12.86 24.98
CA GLY B 52 -12.85 13.60 24.25
C GLY B 52 -12.99 13.09 22.81
N PHE B 53 -13.39 13.99 21.92
CA PHE B 53 -13.63 13.70 20.50
C PHE B 53 -14.62 12.53 20.41
N ARG B 54 -15.30 12.25 21.52
CA ARG B 54 -16.31 11.20 21.60
C ARG B 54 -17.48 11.42 20.66
N ILE B 55 -17.67 12.64 20.21
CA ILE B 55 -18.75 12.87 19.26
C ILE B 55 -18.35 12.20 17.94
N VAL B 56 -17.06 12.24 17.60
CA VAL B 56 -16.60 11.58 16.36
C VAL B 56 -16.57 10.06 16.51
N LYS B 57 -16.20 9.58 17.70
CA LYS B 57 -16.14 8.13 17.93
C LYS B 57 -17.53 7.51 17.86
N ASN B 58 -18.50 8.22 18.40
CA ASN B 58 -19.87 7.70 18.42
C ASN B 58 -20.56 7.89 17.07
N ASP B 59 -20.18 8.93 16.33
CA ASP B 59 -20.82 9.17 15.01
C ASP B 59 -20.27 8.10 14.07
N ILE B 60 -18.95 7.84 14.15
CA ILE B 60 -18.33 6.82 13.31
C ILE B 60 -18.85 5.45 13.74
N ALA B 61 -18.91 5.21 15.05
CA ALA B 61 -19.37 3.93 15.56
C ALA B 61 -20.83 3.67 15.17
N GLY B 62 -21.66 4.71 15.27
CA GLY B 62 -23.07 4.56 14.95
C GLY B 62 -23.32 4.39 13.47
N ASN B 63 -22.53 5.04 12.63
CA ASN B 63 -22.71 4.94 11.19
C ASN B 63 -22.33 3.56 10.67
N ILE B 64 -21.33 2.95 11.29
CA ILE B 64 -20.99 1.58 10.91
C ILE B 64 -22.16 0.65 11.30
N LYS B 65 -22.76 0.88 12.47
CA LYS B 65 -23.87 0.05 12.95
C LYS B 65 -25.06 0.28 12.03
N LYS B 66 -25.39 1.54 11.73
CA LYS B 66 -26.53 1.84 10.87
C LYS B 66 -26.39 1.24 9.49
N LEU B 67 -25.14 1.03 9.04
CA LEU B 67 -24.83 0.44 7.75
C LEU B 67 -25.10 -1.07 7.83
N TYR B 68 -24.62 -1.74 8.88
CA TYR B 68 -24.97 -3.16 9.00
C TYR B 68 -26.47 -3.29 9.13
N ARG B 69 -27.10 -2.47 9.98
CA ARG B 69 -28.56 -2.58 10.16
C ARG B 69 -29.35 -2.31 8.88
N ALA B 70 -28.82 -1.47 8.00
CA ALA B 70 -29.48 -1.15 6.77
C ALA B 70 -29.21 -2.18 5.68
N ASN B 71 -28.27 -3.11 5.93
CA ASN B 71 -27.93 -4.16 4.96
C ASN B 71 -28.57 -5.52 5.30
N GLN B 72 -29.06 -5.67 6.53
CA GLN B 72 -29.71 -6.91 6.95
C GLN B 72 -30.95 -7.17 6.13
N THR B 73 -31.47 -6.13 5.47
CA THR B 73 -32.65 -6.26 4.62
C THR B 73 -32.42 -6.01 3.13
N VAL B 74 -31.18 -5.71 2.74
CA VAL B 74 -30.82 -5.46 1.33
C VAL B 74 -29.86 -6.50 0.77
N HIS B 75 -28.96 -6.99 1.62
CA HIS B 75 -27.98 -7.99 1.24
C HIS B 75 -27.04 -7.62 0.09
N ALA B 76 -26.57 -6.38 0.12
CA ALA B 76 -25.65 -5.90 -0.92
C ALA B 76 -24.24 -6.42 -0.66
N GLU B 77 -23.46 -6.54 -1.73
CA GLU B 77 -22.08 -6.97 -1.55
C GLU B 77 -21.09 -5.81 -1.80
N THR B 78 -21.62 -4.62 -2.08
CA THR B 78 -20.75 -3.46 -2.25
C THR B 78 -21.50 -2.28 -1.62
N LEU B 79 -20.76 -1.30 -1.11
CA LEU B 79 -21.45 -0.17 -0.50
C LEU B 79 -22.28 0.51 -1.59
N GLN B 80 -21.76 0.48 -2.82
CA GLN B 80 -22.43 1.16 -3.95
C GLN B 80 -23.81 0.56 -4.18
N GLU B 81 -23.91 -0.76 -4.06
CA GLU B 81 -25.14 -1.52 -4.26
C GLU B 81 -26.13 -1.18 -3.16
N LEU B 82 -25.61 -1.09 -1.95
CA LEU B 82 -26.47 -0.78 -0.81
C LEU B 82 -27.10 0.62 -0.98
N ILE B 83 -26.29 1.60 -1.41
CA ILE B 83 -26.80 2.95 -1.60
C ILE B 83 -27.74 3.02 -2.83
N ILE B 84 -27.35 2.42 -3.94
CA ILE B 84 -28.20 2.44 -5.14
C ILE B 84 -29.55 1.77 -4.80
N ALA B 85 -29.56 0.75 -3.94
CA ALA B 85 -30.80 0.05 -3.56
C ALA B 85 -31.73 1.00 -2.82
N GLU B 86 -31.18 1.74 -1.86
CA GLU B 86 -32.02 2.70 -1.15
C GLU B 86 -32.49 3.79 -2.11
N ASN B 87 -31.70 4.10 -3.12
CA ASN B 87 -32.02 5.18 -4.05
C ASN B 87 -32.70 6.37 -3.37
N SER B 88 -32.07 6.90 -2.33
CA SER B 88 -32.64 8.02 -1.60
C SER B 88 -31.55 8.70 -0.79
N PRO B 89 -31.54 10.03 -0.76
CA PRO B 89 -30.49 10.73 0.02
C PRO B 89 -30.84 10.59 1.53
N ASP B 90 -31.98 9.94 1.82
CA ASP B 90 -32.43 9.73 3.19
C ASP B 90 -32.34 8.26 3.69
N GLY B 91 -31.76 7.37 2.89
CA GLY B 91 -31.64 5.97 3.31
C GLY B 91 -30.80 5.80 4.58
N LEU B 92 -31.06 4.79 5.40
CA LEU B 92 -30.33 4.58 6.65
C LEU B 92 -28.84 4.41 6.32
N ALA B 93 -28.56 3.67 5.25
CA ALA B 93 -27.18 3.44 4.82
C ALA B 93 -26.61 4.64 4.09
N THR B 94 -27.41 5.31 3.26
CA THR B 94 -26.95 6.45 2.49
C THR B 94 -26.37 7.48 3.42
N VAL B 95 -27.16 7.86 4.41
CA VAL B 95 -26.75 8.86 5.38
C VAL B 95 -25.57 8.35 6.25
N ALA B 96 -25.61 7.09 6.67
CA ALA B 96 -24.52 6.57 7.48
C ALA B 96 -23.23 6.64 6.70
N LEU B 97 -23.13 6.01 5.53
CA LEU B 97 -21.90 6.10 4.74
C LEU B 97 -21.57 7.57 4.41
N LEU B 98 -22.53 8.44 4.08
CA LEU B 98 -22.15 9.84 3.83
C LEU B 98 -21.17 10.33 4.89
N TRP B 99 -21.63 10.24 6.12
CA TRP B 99 -20.87 10.74 7.24
C TRP B 99 -19.68 9.89 7.59
N LEU B 100 -19.75 8.60 7.36
CA LEU B 100 -18.57 7.79 7.63
C LEU B 100 -17.46 8.23 6.66
N LYS B 101 -17.81 8.44 5.39
CA LYS B 101 -16.87 8.95 4.38
C LYS B 101 -16.36 10.33 4.85
N ARG B 102 -17.18 11.13 5.51
CA ARG B 102 -16.71 12.46 5.94
C ARG B 102 -15.68 12.35 7.07
N ALA B 103 -15.86 11.35 7.91
CA ALA B 103 -14.91 11.11 9.00
C ALA B 103 -13.62 10.54 8.47
N PHE B 104 -13.66 9.71 7.44
CA PHE B 104 -12.38 9.19 6.94
C PHE B 104 -11.70 10.30 6.12
N GLN B 105 -12.52 11.21 5.58
CA GLN B 105 -12.03 12.43 4.94
C GLN B 105 -11.23 13.23 5.99
N PHE B 106 -11.90 13.44 7.13
CA PHE B 106 -11.28 14.16 8.22
C PHE B 106 -10.02 13.50 8.74
N ILE B 107 -10.15 12.26 9.20
CA ILE B 107 -8.97 11.57 9.74
C ILE B 107 -7.82 11.49 8.71
N ALA B 108 -8.06 10.99 7.50
CA ALA B 108 -7.01 10.91 6.50
C ALA B 108 -6.21 12.24 6.31
N SER B 109 -6.93 13.37 6.18
CA SER B 109 -6.21 14.64 5.97
C SER B 109 -5.37 14.99 7.22
N PHE B 110 -5.89 14.66 8.41
CA PHE B 110 -5.21 14.91 9.66
C PHE B 110 -3.92 14.13 9.80
N LEU B 111 -3.95 12.86 9.46
CA LEU B 111 -2.76 12.03 9.60
C LEU B 111 -1.69 12.29 8.54
N ARG B 112 -2.09 12.58 7.30
CA ARG B 112 -1.16 12.88 6.22
C ARG B 112 -0.39 14.13 6.53
N ARG B 113 -1.07 15.14 7.09
CA ARG B 113 -0.42 16.40 7.44
C ARG B 113 0.49 16.11 8.62
N LEU B 114 -0.02 15.46 9.67
CA LEU B 114 0.75 15.15 10.85
C LEU B 114 2.05 14.41 10.51
N VAL B 115 2.00 13.46 9.58
CA VAL B 115 3.19 12.71 9.23
C VAL B 115 4.12 13.37 8.21
N VAL B 116 3.64 14.33 7.41
CA VAL B 116 4.51 14.93 6.41
C VAL B 116 4.92 16.37 6.63
N THR B 117 4.33 17.00 7.64
CA THR B 117 4.65 18.38 7.93
C THR B 117 5.25 18.37 9.31
N ASP B 118 5.79 19.51 9.68
CA ASP B 118 6.36 19.66 11.01
C ASP B 118 5.36 20.49 11.82
N LYS B 119 4.12 20.65 11.31
CA LYS B 119 3.09 21.44 12.03
C LYS B 119 2.65 20.71 13.33
N SER B 120 2.25 21.46 14.33
CA SER B 120 1.77 20.84 15.58
C SER B 120 0.52 19.91 15.44
N LEU B 121 0.42 18.89 16.30
CA LEU B 121 -0.76 18.05 16.23
C LEU B 121 -2.08 18.87 16.21
N GLU B 122 -2.21 19.94 17.01
CA GLU B 122 -3.41 20.79 17.06
C GLU B 122 -3.62 21.53 15.74
N GLN B 123 -2.53 22.03 15.14
CA GLN B 123 -2.71 22.72 13.86
C GLN B 123 -3.40 22.01 12.69
N CYS B 124 -2.76 20.96 12.26
CA CYS B 124 -3.25 20.21 11.14
C CYS B 124 -4.63 19.52 11.35
N VAL B 125 -5.11 19.38 12.57
CA VAL B 125 -6.44 18.82 12.77
C VAL B 125 -7.48 19.92 12.50
N THR B 126 -7.01 21.17 12.41
CA THR B 126 -7.88 22.32 12.12
C THR B 126 -8.05 22.43 10.60
N GLU B 127 -6.95 22.34 9.88
CA GLU B 127 -6.97 22.43 8.42
C GLU B 127 -7.74 21.24 7.82
N ALA B 128 -7.54 20.06 8.41
CA ALA B 128 -8.22 18.83 8.02
C ALA B 128 -9.73 19.06 8.20
N TYR B 129 -10.13 19.55 9.35
CA TYR B 129 -11.55 19.80 9.64
C TYR B 129 -12.02 20.85 8.64
N ASN B 130 -11.18 21.85 8.42
CA ASN B 130 -11.60 22.90 7.54
C ASN B 130 -11.84 22.44 6.12
N CYS B 131 -11.17 21.36 5.71
CA CYS B 131 -11.35 20.89 4.34
C CYS B 131 -12.30 19.71 4.32
N THR B 132 -13.10 19.56 5.37
CA THR B 132 -13.95 18.42 5.42
C THR B 132 -15.26 18.56 6.23
N LEU B 133 -15.21 18.35 7.55
CA LEU B 133 -16.41 18.31 8.38
C LEU B 133 -16.98 19.64 8.76
N ARG B 134 -16.13 20.62 9.09
CA ARG B 134 -16.58 21.93 9.53
C ARG B 134 -17.70 22.50 8.63
N PRO B 135 -17.53 22.52 7.29
CA PRO B 135 -18.60 23.07 6.43
C PRO B 135 -19.91 22.35 6.61
N CYS B 136 -19.83 21.07 6.93
CA CYS B 136 -21.03 20.24 7.12
C CYS B 136 -21.66 20.48 8.49
N HIS B 137 -21.00 21.29 9.33
CA HIS B 137 -21.45 21.51 10.70
C HIS B 137 -22.01 22.89 11.00
N SER B 138 -23.14 22.91 11.70
CA SER B 138 -23.73 24.17 12.12
C SER B 138 -22.79 24.72 13.19
N ALA B 139 -22.96 25.99 13.52
CA ALA B 139 -22.12 26.63 14.54
C ALA B 139 -22.21 25.84 15.84
N VAL B 140 -23.44 25.41 16.15
CA VAL B 140 -23.73 24.59 17.32
C VAL B 140 -22.82 23.37 17.32
N ILE B 141 -22.75 22.68 16.19
CA ILE B 141 -21.92 21.49 16.12
C ILE B 141 -20.46 21.91 16.08
N GLN B 142 -20.17 22.98 15.35
CA GLN B 142 -18.78 23.43 15.28
C GLN B 142 -18.24 23.75 16.65
N LYS B 143 -19.06 24.40 17.50
CA LYS B 143 -18.61 24.79 18.83
C LYS B 143 -18.01 23.63 19.61
N VAL B 144 -18.72 22.52 19.60
CA VAL B 144 -18.25 21.33 20.29
C VAL B 144 -17.01 20.74 19.60
N PHE B 145 -16.97 20.81 18.27
CA PHE B 145 -15.83 20.24 17.60
C PHE B 145 -14.59 21.06 17.93
N TRP B 146 -14.76 22.38 17.91
CA TRP B 146 -13.65 23.23 18.21
C TRP B 146 -13.28 22.95 19.68
N GLY B 147 -14.28 22.55 20.46
CA GLY B 147 -14.01 22.18 21.83
C GLY B 147 -13.02 21.03 21.89
N GLY B 148 -13.24 19.98 21.08
CA GLY B 148 -12.30 18.87 21.07
C GLY B 148 -10.87 19.27 20.71
N VAL B 149 -10.74 20.05 19.63
CA VAL B 149 -9.43 20.50 19.14
C VAL B 149 -8.55 21.02 20.30
N LYS B 150 -9.19 21.65 21.31
CA LYS B 150 -8.47 22.20 22.47
C LYS B 150 -8.06 21.18 23.54
N LEU B 151 -8.33 19.91 23.31
CA LEU B 151 -7.99 18.86 24.25
C LEU B 151 -7.05 17.86 23.62
N ALA B 152 -6.84 18.01 22.32
CA ALA B 152 -5.98 17.10 21.57
C ALA B 152 -4.55 17.16 22.14
N PRO B 153 -3.99 15.98 22.42
CA PRO B 153 -2.64 15.82 22.97
C PRO B 153 -1.60 16.36 22.03
N SER B 154 -0.34 16.23 22.45
CA SER B 154 0.79 16.59 21.59
C SER B 154 1.05 15.44 20.60
N ARG B 155 1.94 15.68 19.63
CA ARG B 155 2.32 14.66 18.68
C ARG B 155 2.85 13.47 19.44
N GLU B 156 3.84 13.68 20.30
CA GLU B 156 4.38 12.55 21.01
C GLU B 156 3.29 11.72 21.74
N ARG B 157 2.41 12.38 22.49
CA ARG B 157 1.35 11.70 23.27
C ARG B 157 0.32 10.98 22.37
N PHE B 158 -0.06 11.60 21.25
CA PHE B 158 -1.01 10.99 20.34
C PHE B 158 -0.40 9.65 19.85
N TYR B 159 0.85 9.69 19.37
CA TYR B 159 1.52 8.48 18.88
C TYR B 159 1.73 7.48 20.01
N ARG B 160 2.19 7.96 21.17
CA ARG B 160 2.43 7.00 22.24
C ARG B 160 1.16 6.26 22.55
N LYS B 161 0.04 6.92 22.33
CA LYS B 161 -1.22 6.25 22.64
C LYS B 161 -1.42 5.07 21.66
N LEU B 162 -0.88 5.17 20.45
CA LEU B 162 -1.04 4.12 19.45
C LEU B 162 -0.03 2.97 19.60
N HIS B 163 1.22 3.30 19.89
CA HIS B 163 2.26 2.30 20.07
C HIS B 163 3.40 2.87 20.91
N PRO B 164 3.93 2.10 21.89
CA PRO B 164 5.02 2.62 22.71
C PRO B 164 6.28 3.04 21.94
N ASP B 165 6.51 2.44 20.77
CA ASP B 165 7.66 2.82 19.94
C ASP B 165 7.01 3.83 19.00
N LEU B 166 7.34 5.10 19.16
CA LEU B 166 6.75 6.15 18.33
C LEU B 166 7.13 6.01 16.87
N ASN B 167 8.28 5.36 16.58
CA ASN B 167 8.67 5.18 15.18
C ASN B 167 7.73 4.15 14.54
N ILE B 168 7.34 3.13 15.28
CA ILE B 168 6.41 2.14 14.75
C ILE B 168 5.02 2.75 14.59
N ALA B 169 4.48 3.35 15.64
CA ALA B 169 3.18 3.99 15.58
C ALA B 169 3.13 4.83 14.33
N LYS B 170 4.14 5.67 14.15
CA LYS B 170 4.25 6.60 13.02
C LYS B 170 4.37 5.90 11.68
N ALA B 171 5.28 4.92 11.55
CA ALA B 171 5.40 4.27 10.28
C ALA B 171 4.07 3.60 9.87
N LYS B 172 3.38 3.00 10.84
CA LYS B 172 2.10 2.34 10.54
C LYS B 172 1.05 3.37 10.07
N ILE B 173 1.24 4.64 10.41
CA ILE B 173 0.35 5.69 9.92
C ILE B 173 0.45 5.86 8.40
N GLU B 174 1.65 6.06 7.89
CA GLU B 174 1.77 6.19 6.43
C GLU B 174 1.27 4.88 5.80
N GLU B 175 1.60 3.73 6.40
CA GLU B 175 1.17 2.43 5.85
C GLU B 175 -0.35 2.38 5.74
N PHE B 176 -1.06 2.75 6.81
CA PHE B 176 -2.52 2.77 6.81
C PHE B 176 -2.98 3.80 5.77
N LEU B 177 -2.39 5.00 5.80
CA LEU B 177 -2.79 6.04 4.84
C LEU B 177 -2.80 5.61 3.41
N ILE B 178 -1.71 5.03 2.91
CA ILE B 178 -1.69 4.57 1.52
C ILE B 178 -2.80 3.47 1.26
N GLU B 179 -3.06 2.57 2.22
CA GLU B 179 -4.05 1.50 2.07
C GLU B 179 -5.45 2.05 2.05
N LEU B 180 -5.75 2.98 2.98
CA LEU B 180 -7.08 3.62 3.04
C LEU B 180 -7.44 4.31 1.72
N HIS B 181 -6.41 4.93 1.16
CA HIS B 181 -6.53 5.80 0.03
C HIS B 181 -7.36 5.31 -1.12
N ASP B 182 -7.02 4.12 -1.66
CA ASP B 182 -7.74 3.67 -2.85
C ASP B 182 -9.22 3.42 -2.58
N PRO B 183 -9.54 2.54 -1.63
CA PRO B 183 -10.97 2.33 -1.38
C PRO B 183 -11.63 3.60 -0.85
N LEU B 184 -10.94 4.40 -0.02
CA LEU B 184 -11.63 5.59 0.44
C LEU B 184 -11.83 6.55 -0.76
N CYS B 185 -10.82 6.73 -1.62
CA CYS B 185 -11.04 7.62 -2.79
C CYS B 185 -12.06 7.05 -3.78
N CYS B 186 -12.18 5.73 -3.86
CA CYS B 186 -13.18 5.16 -4.75
C CYS B 186 -14.56 5.60 -4.20
N ILE B 187 -14.77 5.53 -2.87
CA ILE B 187 -16.05 5.97 -2.31
C ILE B 187 -16.24 7.46 -2.57
N VAL B 188 -15.19 8.27 -2.39
CA VAL B 188 -15.32 9.70 -2.66
C VAL B 188 -15.84 10.01 -4.07
N GLN B 189 -15.17 9.49 -5.09
CA GLN B 189 -15.61 9.78 -6.46
C GLN B 189 -17.05 9.35 -6.71
N PHE B 190 -17.43 8.19 -6.16
CA PHE B 190 -18.79 7.68 -6.32
C PHE B 190 -19.76 8.69 -5.76
N PHE B 191 -19.53 9.21 -4.55
CA PHE B 191 -20.45 10.19 -4.00
C PHE B 191 -20.62 11.42 -4.85
N PHE B 192 -19.60 11.72 -5.64
CA PHE B 192 -19.78 12.81 -6.61
C PHE B 192 -20.56 12.30 -7.81
N GLN B 193 -20.20 11.14 -8.33
CA GLN B 193 -20.90 10.61 -9.50
C GLN B 193 -22.40 10.49 -9.26
N ARG B 194 -22.78 10.02 -8.06
CA ARG B 194 -24.16 9.82 -7.61
C ARG B 194 -24.77 11.15 -7.28
N GLU B 195 -23.93 12.18 -7.33
CA GLU B 195 -24.37 13.54 -7.03
C GLU B 195 -24.82 13.64 -5.59
N LEU B 196 -24.14 12.91 -4.69
CA LEU B 196 -24.48 12.91 -3.27
C LEU B 196 -23.59 13.83 -2.45
N GLU B 197 -22.47 14.26 -3.01
CA GLU B 197 -21.56 15.10 -2.23
C GLU B 197 -21.44 16.51 -2.71
N ASP B 198 -21.93 17.43 -1.88
CA ASP B 198 -21.83 18.85 -2.18
C ASP B 198 -21.58 19.70 -0.92
N GLN B 199 -20.85 19.14 0.07
CA GLN B 199 -20.56 19.92 1.28
C GLN B 199 -19.06 19.94 1.66
N CYS B 200 -18.53 18.75 1.88
CA CYS B 200 -17.14 18.62 2.21
C CYS B 200 -16.45 17.94 1.01
N TRP B 201 -15.34 18.57 0.61
CA TRP B 201 -14.54 18.09 -0.52
C TRP B 201 -13.29 17.33 -0.12
N GLY B 202 -12.72 17.58 1.05
CA GLY B 202 -11.56 16.81 1.43
C GLY B 202 -10.23 17.46 1.17
N ASP B 203 -9.21 16.64 1.26
CA ASP B 203 -7.82 17.06 1.12
C ASP B 203 -7.32 16.65 -0.27
N GLU B 204 -7.09 17.66 -1.09
CA GLU B 204 -6.70 17.48 -2.50
C GLU B 204 -5.49 16.64 -2.84
N VAL B 205 -4.36 16.87 -2.17
CA VAL B 205 -3.17 16.16 -2.51
C VAL B 205 -3.34 14.65 -2.21
N TYR B 206 -4.06 14.36 -1.15
CA TYR B 206 -4.27 12.98 -0.76
C TYR B 206 -5.27 12.37 -1.68
N GLN B 207 -6.31 13.17 -1.93
CA GLN B 207 -7.42 12.69 -2.74
C GLN B 207 -7.14 12.60 -4.25
N ARG B 208 -5.91 12.97 -4.64
CA ARG B 208 -5.50 12.91 -6.04
C ARG B 208 -5.52 11.42 -6.45
N LYS B 209 -5.40 11.15 -7.75
CA LYS B 209 -5.47 9.77 -8.24
C LYS B 209 -4.52 8.76 -7.61
N ASP B 210 -3.24 9.11 -7.51
CA ASP B 210 -2.25 8.20 -6.96
C ASP B 210 -1.96 8.44 -5.50
N SER B 211 -1.83 7.33 -4.79
CA SER B 211 -1.59 7.28 -3.33
C SER B 211 -0.17 7.77 -3.05
N SER B 212 0.71 7.62 -4.03
CA SER B 212 2.10 8.05 -3.87
C SER B 212 2.47 9.26 -4.70
N GLU B 213 2.04 10.42 -4.20
CA GLU B 213 2.32 11.69 -4.85
C GLU B 213 2.89 12.70 -3.86
N TRP B 214 2.52 12.58 -2.59
CA TRP B 214 2.97 13.47 -1.53
C TRP B 214 4.47 13.42 -1.34
N LEU B 215 5.14 12.60 -2.12
CA LEU B 215 6.60 12.47 -2.04
C LEU B 215 7.39 13.56 -2.77
N LYS B 216 6.72 14.26 -3.71
CA LYS B 216 7.32 15.33 -4.52
C LYS B 216 6.61 16.69 -4.43
N ASP A 11 10.18 5.38 -22.12
CA ASP A 11 11.62 5.14 -21.85
C ASP A 11 11.94 3.86 -21.10
N PHE A 12 11.13 2.81 -21.29
CA PHE A 12 11.37 1.56 -20.60
C PHE A 12 12.84 1.11 -20.59
N GLY A 13 13.61 1.44 -21.62
CA GLY A 13 15.01 1.03 -21.65
C GLY A 13 15.76 1.40 -20.37
N ILE A 14 15.28 2.42 -19.67
CA ILE A 14 15.93 2.85 -18.43
C ILE A 14 16.02 1.75 -17.38
N ILE A 15 15.17 0.73 -17.46
CA ILE A 15 15.32 -0.30 -16.43
C ILE A 15 16.55 -1.14 -16.73
N VAL A 16 16.83 -1.36 -18.01
CA VAL A 16 18.04 -2.15 -18.36
C VAL A 16 19.22 -1.28 -17.98
N ILE A 17 19.15 -0.01 -18.36
CA ILE A 17 20.25 0.88 -18.05
C ILE A 17 20.60 0.80 -16.58
N LEU A 18 19.69 1.19 -15.68
CA LEU A 18 20.04 1.17 -14.27
C LEU A 18 20.42 -0.23 -13.75
N TRP A 19 19.78 -1.30 -14.21
CA TRP A 19 20.18 -2.58 -13.64
C TRP A 19 21.58 -3.06 -13.98
N LYS A 20 22.19 -2.28 -14.85
CA LYS A 20 23.56 -2.56 -15.28
C LYS A 20 24.55 -2.00 -14.24
N GLN A 21 24.14 -0.98 -13.48
CA GLN A 21 25.00 -0.38 -12.45
C GLN A 21 25.03 -1.06 -11.09
N VAL A 22 24.15 -2.02 -10.87
CA VAL A 22 24.14 -2.75 -9.61
C VAL A 22 25.09 -3.96 -9.71
N THR A 23 26.04 -3.86 -10.64
CA THR A 23 27.05 -4.90 -10.91
C THR A 23 27.66 -5.53 -9.66
N VAL A 24 27.73 -6.86 -9.65
CA VAL A 24 28.30 -7.58 -8.53
C VAL A 24 29.71 -8.04 -8.85
N LYS A 25 30.66 -7.54 -8.08
CA LYS A 25 32.08 -7.87 -8.27
C LYS A 25 32.42 -9.22 -7.68
N GLU A 26 33.69 -9.59 -7.82
CA GLU A 26 34.20 -10.87 -7.35
C GLU A 26 33.93 -11.18 -5.88
N ASP A 27 33.77 -10.15 -5.06
CA ASP A 27 33.52 -10.40 -3.64
C ASP A 27 32.11 -10.91 -3.46
N GLY A 28 31.19 -9.99 -3.19
CA GLY A 28 29.80 -10.38 -3.01
C GLY A 28 28.92 -9.42 -2.23
N LYS A 29 29.26 -8.13 -2.22
CA LYS A 29 28.43 -7.14 -1.51
C LYS A 29 27.68 -6.40 -2.59
N VAL A 30 26.49 -5.85 -2.28
CA VAL A 30 25.71 -5.14 -3.31
C VAL A 30 25.67 -3.63 -3.06
N PRO A 31 26.14 -2.82 -4.03
CA PRO A 31 26.13 -1.37 -3.83
C PRO A 31 24.75 -0.83 -3.46
N LEU A 32 24.63 -0.32 -2.24
CA LEU A 32 23.35 0.12 -1.76
C LEU A 32 22.71 1.16 -2.66
N GLU A 33 23.46 2.23 -2.93
CA GLU A 33 22.94 3.27 -3.78
C GLU A 33 22.45 2.81 -5.16
N PRO A 34 23.33 2.17 -5.95
CA PRO A 34 22.90 1.71 -7.28
C PRO A 34 21.70 0.74 -7.13
N PHE A 35 21.72 -0.12 -6.12
CA PHE A 35 20.57 -1.03 -5.97
C PHE A 35 19.24 -0.31 -5.82
N LEU A 36 19.11 0.65 -4.89
CA LEU A 36 17.82 1.33 -4.69
C LEU A 36 17.41 2.12 -5.92
N THR A 37 18.40 2.76 -6.57
CA THR A 37 18.09 3.50 -7.79
C THR A 37 17.35 2.57 -8.76
N ALA A 38 17.88 1.37 -9.00
CA ALA A 38 17.24 0.47 -9.95
C ALA A 38 15.94 -0.17 -9.37
N ALA A 39 15.86 -0.31 -8.05
CA ALA A 39 14.68 -0.93 -7.43
C ALA A 39 13.44 -0.08 -7.69
N LYS A 40 13.57 1.25 -7.59
CA LYS A 40 12.39 2.10 -7.79
C LYS A 40 11.88 1.86 -9.20
N GLU A 41 12.79 1.60 -10.15
CA GLU A 41 12.39 1.39 -11.54
C GLU A 41 11.49 0.17 -11.75
N VAL A 42 11.63 -0.85 -10.89
CA VAL A 42 10.82 -2.04 -11.02
C VAL A 42 9.31 -1.70 -10.88
N LEU A 43 8.97 -0.51 -10.39
CA LEU A 43 7.58 -0.08 -10.27
C LEU A 43 6.95 0.08 -11.63
N ARG A 44 7.74 0.37 -12.64
CA ARG A 44 7.18 0.43 -13.98
C ARG A 44 6.48 -0.90 -14.30
N VAL A 45 7.18 -1.99 -14.05
CA VAL A 45 6.67 -3.34 -14.31
C VAL A 45 5.43 -3.65 -13.53
N VAL A 46 5.42 -3.25 -12.26
CA VAL A 46 4.29 -3.49 -11.40
C VAL A 46 3.08 -2.67 -11.84
N ASP A 47 3.31 -1.37 -12.08
CA ASP A 47 2.29 -0.42 -12.53
C ASP A 47 1.60 -0.96 -13.75
N ALA A 48 2.40 -1.36 -14.74
CA ALA A 48 1.87 -1.89 -15.99
C ALA A 48 0.88 -3.03 -15.76
N PHE A 49 0.99 -3.72 -14.62
CA PHE A 49 0.07 -4.81 -14.33
C PHE A 49 -1.31 -4.16 -14.26
N GLY A 50 -1.41 -2.99 -13.62
CA GLY A 50 -2.68 -2.28 -13.49
C GLY A 50 -2.99 -2.04 -12.04
N SER A 51 -4.19 -2.39 -11.59
CA SER A 51 -4.49 -2.20 -10.18
C SER A 51 -4.55 -3.48 -9.31
N GLY A 52 -4.61 -4.70 -9.90
CA GLY A 52 -4.59 -5.91 -9.07
C GLY A 52 -3.23 -6.24 -8.47
N PHE A 53 -2.18 -5.46 -8.79
CA PHE A 53 -0.84 -5.68 -8.18
C PHE A 53 -0.64 -4.75 -6.99
N ARG A 54 -1.66 -3.99 -6.59
CA ARG A 54 -1.52 -3.10 -5.41
C ARG A 54 -0.85 -3.81 -4.23
N ILE A 55 -1.32 -5.01 -3.90
CA ILE A 55 -0.71 -5.69 -2.77
C ILE A 55 0.77 -5.94 -2.98
N VAL A 56 1.23 -6.02 -4.24
CA VAL A 56 2.68 -6.19 -4.34
C VAL A 56 3.36 -4.86 -4.46
N LYS A 57 2.73 -3.96 -5.24
CA LYS A 57 3.29 -2.62 -5.50
C LYS A 57 3.60 -1.78 -4.27
N ASN A 58 2.61 -1.65 -3.36
CA ASN A 58 2.80 -0.82 -2.17
C ASN A 58 3.88 -1.40 -1.28
N ASP A 59 3.95 -2.72 -1.24
CA ASP A 59 4.91 -3.44 -0.41
C ASP A 59 6.32 -3.18 -0.83
N ILE A 60 6.52 -3.17 -2.14
CA ILE A 60 7.83 -2.92 -2.70
C ILE A 60 8.19 -1.46 -2.44
N ALA A 61 7.26 -0.55 -2.72
CA ALA A 61 7.54 0.87 -2.55
C ALA A 61 7.87 1.18 -1.09
N GLY A 62 7.10 0.55 -0.20
CA GLY A 62 7.28 0.77 1.22
C GLY A 62 8.64 0.31 1.73
N ASN A 63 9.06 -0.86 1.24
CA ASN A 63 10.36 -1.39 1.63
C ASN A 63 11.48 -0.46 1.14
N ILE A 64 11.57 -0.11 -0.15
CA ILE A 64 12.58 0.85 -0.61
C ILE A 64 12.68 2.09 0.31
N LYS A 65 11.52 2.73 0.58
CA LYS A 65 11.54 3.93 1.41
C LYS A 65 12.13 3.61 2.78
N LYS A 66 11.81 2.43 3.32
CA LYS A 66 12.33 1.99 4.60
C LYS A 66 13.84 1.74 4.55
N LEU A 67 14.35 1.23 3.42
CA LEU A 67 15.80 1.01 3.29
C LEU A 67 16.56 2.36 3.25
N TYR A 68 15.99 3.40 2.62
CA TYR A 68 16.67 4.70 2.65
C TYR A 68 16.67 5.24 4.08
N ARG A 69 15.57 5.05 4.81
CA ARG A 69 15.44 5.56 6.17
C ARG A 69 16.37 4.78 7.09
N ALA A 70 16.56 3.50 6.82
CA ALA A 70 17.44 2.64 7.63
C ALA A 70 18.91 2.89 7.38
N ASN A 71 19.24 3.60 6.30
CA ASN A 71 20.64 3.86 5.97
C ASN A 71 21.06 5.26 6.41
N GLN A 72 20.09 6.13 6.68
CA GLN A 72 20.35 7.53 7.08
C GLN A 72 21.15 7.66 8.40
N THR A 73 21.10 6.59 9.16
CA THR A 73 21.73 6.45 10.47
C THR A 73 23.00 5.63 10.46
N VAL A 74 22.98 4.54 9.70
CA VAL A 74 24.11 3.64 9.59
C VAL A 74 25.14 4.03 8.52
N HIS A 75 24.69 4.66 7.45
CA HIS A 75 25.54 5.09 6.35
C HIS A 75 26.38 4.01 5.67
N ALA A 76 25.78 2.83 5.48
CA ALA A 76 26.45 1.74 4.83
C ALA A 76 26.49 2.04 3.35
N GLU A 77 27.53 1.58 2.69
CA GLU A 77 27.71 1.78 1.25
C GLU A 77 27.03 0.63 0.51
N THR A 78 26.89 -0.51 1.18
CA THR A 78 26.30 -1.70 0.55
C THR A 78 25.18 -2.35 1.36
N LEU A 79 24.28 -3.02 0.66
CA LEU A 79 23.19 -3.73 1.34
C LEU A 79 23.71 -4.65 2.47
N GLN A 80 24.77 -5.42 2.20
CA GLN A 80 25.31 -6.34 3.23
C GLN A 80 25.88 -5.55 4.40
N GLU A 81 26.68 -4.52 4.11
CA GLU A 81 27.25 -3.71 5.17
C GLU A 81 26.08 -3.30 6.08
N LEU A 82 24.93 -2.93 5.49
CA LEU A 82 23.80 -2.50 6.29
C LEU A 82 23.16 -3.63 7.09
N ILE A 83 22.99 -4.79 6.48
CA ILE A 83 22.37 -5.88 7.21
C ILE A 83 23.30 -6.37 8.32
N ILE A 84 24.59 -6.50 8.02
CA ILE A 84 25.56 -6.95 9.03
C ILE A 84 25.63 -5.94 10.19
N ALA A 85 25.59 -4.64 9.87
CA ALA A 85 25.60 -3.63 10.93
C ALA A 85 24.39 -3.72 11.84
N GLU A 86 23.18 -3.78 11.24
CA GLU A 86 21.97 -3.87 12.04
C GLU A 86 21.95 -5.07 12.97
N ASN A 87 22.44 -6.20 12.46
CA ASN A 87 22.49 -7.45 13.24
C ASN A 87 21.22 -7.66 14.04
N SER A 88 20.15 -8.03 13.35
CA SER A 88 18.87 -8.20 14.01
C SER A 88 17.85 -8.73 12.99
N PRO A 89 17.09 -9.79 13.32
CA PRO A 89 16.09 -10.30 12.35
C PRO A 89 14.95 -9.32 12.21
N ASP A 90 14.63 -8.66 13.31
CA ASP A 90 13.55 -7.67 13.33
C ASP A 90 14.04 -6.29 12.93
N GLY A 91 15.33 -6.20 12.56
CA GLY A 91 15.89 -4.93 12.15
C GLY A 91 15.09 -4.27 11.02
N LEU A 92 15.26 -2.97 10.87
CA LEU A 92 14.55 -2.21 9.85
C LEU A 92 14.94 -2.72 8.46
N ALA A 93 16.11 -2.30 7.98
CA ALA A 93 16.60 -2.72 6.68
C ALA A 93 16.50 -4.24 6.45
N THR A 94 16.65 -5.03 7.51
CA THR A 94 16.64 -6.51 7.39
C THR A 94 15.24 -7.04 7.05
N VAL A 95 14.22 -6.37 7.56
CA VAL A 95 12.85 -6.79 7.29
C VAL A 95 12.43 -6.15 5.96
N ALA A 96 12.82 -4.89 5.73
CA ALA A 96 12.45 -4.25 4.47
C ALA A 96 13.13 -4.96 3.31
N LEU A 97 14.40 -5.33 3.46
CA LEU A 97 15.10 -6.02 2.38
C LEU A 97 14.59 -7.47 2.25
N LEU A 98 14.15 -8.10 3.36
CA LEU A 98 13.54 -9.42 3.30
C LEU A 98 12.29 -9.40 2.42
N TRP A 99 11.50 -8.34 2.56
CA TRP A 99 10.27 -8.26 1.76
C TRP A 99 10.53 -7.67 0.40
N LEU A 100 11.45 -6.72 0.29
CA LEU A 100 11.73 -6.19 -1.01
C LEU A 100 12.44 -7.33 -1.73
N LYS A 101 13.33 -8.10 -1.04
CA LYS A 101 13.91 -9.29 -1.71
C LYS A 101 12.79 -10.21 -2.27
N ARG A 102 11.80 -10.54 -1.42
CA ARG A 102 10.70 -11.40 -1.88
C ARG A 102 9.90 -10.83 -3.09
N ALA A 103 9.74 -9.51 -3.15
CA ALA A 103 9.03 -8.96 -4.30
C ALA A 103 9.78 -9.26 -5.59
N PHE A 104 11.08 -8.94 -5.61
CA PHE A 104 11.84 -9.16 -6.83
C PHE A 104 12.04 -10.64 -7.16
N GLN A 105 12.07 -11.52 -6.15
CA GLN A 105 12.10 -12.96 -6.50
C GLN A 105 10.89 -13.40 -7.31
N PHE A 106 9.71 -12.87 -6.98
CA PHE A 106 8.41 -13.11 -7.63
C PHE A 106 8.41 -12.54 -9.05
N ILE A 107 8.78 -11.24 -9.16
CA ILE A 107 8.81 -10.50 -10.42
C ILE A 107 9.68 -11.15 -11.48
N ALA A 108 10.88 -11.63 -11.10
CA ALA A 108 11.75 -12.26 -12.09
C ALA A 108 11.09 -13.56 -12.51
N SER A 109 10.44 -14.27 -11.59
CA SER A 109 9.83 -15.54 -11.99
C SER A 109 8.68 -15.29 -12.94
N PHE A 110 7.84 -14.29 -12.63
CA PHE A 110 6.67 -13.90 -13.45
C PHE A 110 7.16 -13.57 -14.87
N LEU A 111 8.08 -12.59 -14.97
CA LEU A 111 8.57 -12.15 -16.28
C LEU A 111 9.31 -13.24 -17.01
N ARG A 112 10.11 -14.05 -16.30
CA ARG A 112 10.80 -15.15 -17.01
C ARG A 112 9.75 -16.05 -17.67
N ARG A 113 8.80 -16.54 -16.87
CA ARG A 113 7.77 -17.41 -17.43
C ARG A 113 7.01 -16.73 -18.56
N LEU A 114 6.56 -15.50 -18.29
CA LEU A 114 5.79 -14.73 -19.23
C LEU A 114 6.50 -14.60 -20.63
N VAL A 115 7.84 -14.52 -20.71
CA VAL A 115 8.51 -14.38 -22.01
C VAL A 115 9.12 -15.67 -22.58
N VAL A 116 9.44 -16.65 -21.74
CA VAL A 116 10.02 -17.88 -22.31
C VAL A 116 8.95 -18.90 -22.65
N THR A 117 7.69 -18.62 -22.31
CA THR A 117 6.58 -19.54 -22.60
C THR A 117 5.41 -18.87 -23.28
N ASP A 118 4.44 -19.68 -23.68
CA ASP A 118 3.22 -19.17 -24.30
C ASP A 118 2.06 -19.27 -23.33
N LYS A 119 2.37 -19.46 -22.05
CA LYS A 119 1.33 -19.55 -21.02
C LYS A 119 0.55 -18.24 -20.83
N SER A 120 -0.67 -18.33 -20.29
CA SER A 120 -1.43 -17.11 -20.07
C SER A 120 -0.76 -16.26 -18.99
N LEU A 121 -0.85 -14.95 -19.11
CA LEU A 121 -0.22 -14.09 -18.11
C LEU A 121 -0.76 -14.43 -16.72
N GLU A 122 -2.00 -14.94 -16.65
CA GLU A 122 -2.58 -15.34 -15.41
C GLU A 122 -1.82 -16.55 -14.88
N GLN A 123 -1.52 -17.48 -15.77
CA GLN A 123 -0.78 -18.67 -15.37
C GLN A 123 0.66 -18.27 -15.03
N CYS A 124 1.14 -17.25 -15.72
CA CYS A 124 2.50 -16.78 -15.42
C CYS A 124 2.52 -16.18 -14.01
N VAL A 125 1.50 -15.39 -13.65
CA VAL A 125 1.44 -14.81 -12.29
C VAL A 125 1.28 -15.89 -11.18
N THR A 126 0.41 -16.88 -11.41
CA THR A 126 0.17 -17.97 -10.44
C THR A 126 1.44 -18.80 -10.14
N GLU A 127 2.09 -19.29 -11.19
CA GLU A 127 3.30 -20.08 -11.01
C GLU A 127 4.36 -19.26 -10.28
N ALA A 128 4.47 -17.98 -10.63
CA ALA A 128 5.41 -17.10 -9.97
C ALA A 128 5.01 -16.84 -8.52
N TYR A 129 3.74 -16.52 -8.29
CA TYR A 129 3.28 -16.24 -6.93
C TYR A 129 3.42 -17.45 -6.01
N ASN A 130 3.01 -18.61 -6.52
CA ASN A 130 3.03 -19.87 -5.77
C ASN A 130 4.43 -20.32 -5.35
N CYS A 131 5.47 -19.82 -6.02
CA CYS A 131 6.83 -20.24 -5.68
C CYS A 131 7.64 -19.16 -4.96
N THR A 132 6.99 -18.02 -4.71
CA THR A 132 7.69 -16.96 -4.00
C THR A 132 6.97 -16.47 -2.78
N LEU A 133 6.11 -15.47 -2.97
CA LEU A 133 5.45 -14.80 -1.87
C LEU A 133 4.38 -15.63 -1.15
N ARG A 134 3.77 -16.62 -1.82
CA ARG A 134 2.67 -17.35 -1.21
C ARG A 134 3.00 -17.93 0.17
N PRO A 135 4.08 -18.70 0.31
CA PRO A 135 4.31 -19.20 1.67
C PRO A 135 4.61 -18.08 2.69
N CYS A 136 4.64 -16.85 2.20
CA CYS A 136 4.91 -15.72 3.09
C CYS A 136 3.64 -14.96 3.52
N HIS A 137 2.51 -15.23 2.87
CA HIS A 137 1.23 -14.57 3.16
C HIS A 137 0.22 -15.45 3.84
N SER A 138 -0.70 -14.84 4.58
CA SER A 138 -1.77 -15.53 5.27
C SER A 138 -2.89 -15.90 4.30
N ALA A 139 -3.76 -16.81 4.74
CA ALA A 139 -4.85 -17.27 3.90
C ALA A 139 -5.75 -16.14 3.37
N VAL A 140 -6.07 -15.19 4.24
CA VAL A 140 -6.95 -14.12 3.85
C VAL A 140 -6.28 -13.26 2.77
N ILE A 141 -5.00 -12.99 2.96
CA ILE A 141 -4.26 -12.20 1.98
C ILE A 141 -4.10 -12.97 0.64
N GLN A 142 -3.92 -14.29 0.67
CA GLN A 142 -3.80 -15.00 -0.59
C GLN A 142 -5.07 -14.81 -1.40
N LYS A 143 -6.21 -14.93 -0.72
CA LYS A 143 -7.47 -14.76 -1.42
C LYS A 143 -7.59 -13.34 -1.93
N VAL A 144 -7.21 -12.35 -1.11
CA VAL A 144 -7.27 -10.96 -1.59
C VAL A 144 -6.47 -10.97 -2.91
N PHE A 145 -5.22 -11.45 -2.85
CA PHE A 145 -4.36 -11.47 -4.04
C PHE A 145 -5.00 -12.19 -5.23
N TRP A 146 -5.32 -13.47 -5.08
CA TRP A 146 -5.93 -14.11 -6.22
C TRP A 146 -7.03 -13.26 -6.91
N GLY A 147 -7.74 -12.44 -6.12
CA GLY A 147 -8.73 -11.57 -6.71
C GLY A 147 -8.00 -10.63 -7.69
N GLY A 148 -6.88 -10.05 -7.24
CA GLY A 148 -6.09 -9.14 -8.06
C GLY A 148 -5.48 -9.81 -9.28
N VAL A 149 -5.23 -11.10 -9.15
CA VAL A 149 -4.67 -11.85 -10.25
C VAL A 149 -5.74 -12.08 -11.31
N LYS A 150 -6.99 -12.15 -10.87
CA LYS A 150 -8.11 -12.35 -11.77
C LYS A 150 -8.21 -11.03 -12.55
N LEU A 151 -7.57 -9.98 -12.04
CA LEU A 151 -7.56 -8.64 -12.67
C LEU A 151 -6.39 -8.54 -13.69
N ALA A 152 -5.83 -9.68 -14.12
CA ALA A 152 -4.72 -9.64 -15.07
C ALA A 152 -4.91 -9.11 -16.51
N PRO A 153 -4.11 -8.11 -16.87
CA PRO A 153 -4.24 -7.64 -18.25
C PRO A 153 -3.69 -8.77 -19.13
N SER A 154 -3.85 -8.66 -20.44
CA SER A 154 -3.26 -9.63 -21.35
C SER A 154 -1.72 -9.38 -21.43
N ARG A 155 -0.99 -10.36 -21.97
CA ARG A 155 0.45 -10.23 -22.20
C ARG A 155 0.66 -8.97 -23.04
N GLU A 156 -0.17 -8.75 -24.06
CA GLU A 156 0.03 -7.60 -24.94
C GLU A 156 -0.33 -6.31 -24.23
N ARG A 157 -1.42 -6.28 -23.46
CA ARG A 157 -1.72 -5.04 -22.78
C ARG A 157 -0.59 -4.73 -21.79
N PHE A 158 -0.12 -5.75 -21.08
CA PHE A 158 0.96 -5.57 -20.10
C PHE A 158 2.23 -5.15 -20.85
N TYR A 159 2.62 -5.95 -21.84
CA TYR A 159 3.80 -5.64 -22.68
C TYR A 159 3.78 -4.23 -23.30
N ARG A 160 2.63 -3.81 -23.86
CA ARG A 160 2.54 -2.49 -24.53
C ARG A 160 2.64 -1.26 -23.65
N LYS A 161 2.28 -1.39 -22.37
CA LYS A 161 2.41 -0.28 -21.43
C LYS A 161 3.90 -0.01 -21.21
N LEU A 162 4.75 -1.00 -21.50
CA LEU A 162 6.21 -0.82 -21.32
C LEU A 162 6.88 -0.32 -22.62
N HIS A 163 6.45 -0.84 -23.77
CA HIS A 163 6.99 -0.37 -25.06
C HIS A 163 5.95 -0.59 -26.15
N PRO A 164 5.81 0.40 -27.04
CA PRO A 164 4.82 0.26 -28.11
C PRO A 164 4.94 -0.97 -29.00
N ASP A 165 6.13 -1.52 -29.15
CA ASP A 165 6.36 -2.71 -29.96
C ASP A 165 6.48 -3.99 -29.09
N LEU A 166 5.66 -4.98 -29.40
CA LEU A 166 5.65 -6.20 -28.58
C LEU A 166 6.98 -6.92 -28.49
N ASN A 167 7.67 -6.97 -29.61
CA ASN A 167 8.93 -7.67 -29.70
C ASN A 167 9.99 -6.94 -28.90
N ILE A 168 9.92 -5.62 -28.93
CA ILE A 168 10.88 -4.83 -28.17
C ILE A 168 10.58 -4.99 -26.67
N ALA A 169 9.30 -4.90 -26.31
CA ALA A 169 8.89 -5.07 -24.91
C ALA A 169 9.50 -6.38 -24.42
N LYS A 170 9.37 -7.42 -25.23
CA LYS A 170 9.87 -8.71 -24.82
C LYS A 170 11.36 -8.69 -24.61
N ALA A 171 12.08 -8.35 -25.69
CA ALA A 171 13.55 -8.28 -25.58
C ALA A 171 14.01 -7.47 -24.35
N LYS A 172 13.30 -6.38 -24.03
CA LYS A 172 13.61 -5.51 -22.88
C LYS A 172 13.45 -6.21 -21.56
N ILE A 173 12.34 -6.91 -21.43
CA ILE A 173 12.17 -7.71 -20.23
C ILE A 173 13.38 -8.64 -20.08
N GLU A 174 13.85 -9.21 -21.21
CA GLU A 174 14.99 -10.12 -21.05
C GLU A 174 16.22 -9.32 -20.65
N GLU A 175 16.44 -8.19 -21.33
CA GLU A 175 17.62 -7.34 -21.03
C GLU A 175 17.57 -6.94 -19.56
N PHE A 176 16.34 -6.99 -19.02
CA PHE A 176 16.06 -6.75 -17.60
C PHE A 176 16.37 -7.96 -16.71
N LEU A 177 15.86 -9.14 -17.08
CA LEU A 177 16.11 -10.30 -16.20
C LEU A 177 17.58 -10.59 -16.01
N ILE A 178 18.32 -10.64 -17.12
CA ILE A 178 19.75 -10.88 -17.04
C ILE A 178 20.42 -9.88 -16.10
N GLU A 179 20.10 -8.59 -16.19
CA GLU A 179 20.74 -7.57 -15.37
C GLU A 179 20.35 -7.63 -13.89
N LEU A 180 19.10 -8.04 -13.61
CA LEU A 180 18.68 -8.26 -12.24
C LEU A 180 19.27 -9.62 -11.79
N HIS A 181 19.75 -10.44 -12.72
CA HIS A 181 20.04 -11.79 -12.25
C HIS A 181 21.12 -12.02 -11.19
N ASP A 182 22.34 -11.53 -11.39
CA ASP A 182 23.36 -11.82 -10.39
C ASP A 182 23.17 -11.02 -9.11
N PRO A 183 22.81 -9.71 -9.20
CA PRO A 183 22.60 -8.99 -7.94
C PRO A 183 21.46 -9.58 -7.07
N LEU A 184 20.35 -9.96 -7.69
CA LEU A 184 19.28 -10.53 -6.89
C LEU A 184 19.70 -11.92 -6.38
N CYS A 185 20.36 -12.71 -7.23
CA CYS A 185 20.73 -14.05 -6.74
C CYS A 185 21.77 -13.95 -5.62
N CYS A 186 22.70 -13.01 -5.74
CA CYS A 186 23.70 -12.80 -4.68
C CYS A 186 22.98 -12.48 -3.36
N ILE A 187 22.04 -11.52 -3.39
CA ILE A 187 21.23 -11.14 -2.23
C ILE A 187 20.46 -12.34 -1.63
N VAL A 188 20.00 -13.25 -2.48
CA VAL A 188 19.31 -14.44 -2.02
C VAL A 188 20.30 -15.27 -1.17
N GLN A 189 21.55 -15.36 -1.65
CA GLN A 189 22.57 -16.13 -0.93
C GLN A 189 22.84 -15.50 0.43
N PHE A 190 22.94 -14.18 0.50
CA PHE A 190 23.19 -13.50 1.76
C PHE A 190 22.08 -13.81 2.79
N PHE A 191 20.88 -14.00 2.26
CA PHE A 191 19.78 -14.31 3.15
C PHE A 191 19.80 -15.76 3.59
N PHE A 192 20.35 -16.65 2.77
CA PHE A 192 20.54 -18.02 3.24
C PHE A 192 21.80 -18.14 4.08
N GLN A 193 22.88 -17.43 3.74
CA GLN A 193 24.11 -17.48 4.53
C GLN A 193 23.88 -17.02 5.93
N ARG A 194 23.03 -16.01 6.09
CA ARG A 194 22.71 -15.40 7.39
C ARG A 194 21.49 -16.03 8.06
N GLU A 195 20.96 -17.10 7.44
CA GLU A 195 19.80 -17.84 7.95
C GLU A 195 18.57 -16.94 8.12
N LEU A 196 18.38 -16.03 7.16
CA LEU A 196 17.26 -15.09 7.18
C LEU A 196 16.07 -15.52 6.32
N GLU A 197 16.26 -16.48 5.42
CA GLU A 197 15.13 -16.93 4.56
C GLU A 197 14.57 -18.32 4.90
N ASP A 198 13.35 -18.35 5.43
CA ASP A 198 12.75 -19.65 5.86
C ASP A 198 11.47 -20.03 5.13
N GLN A 199 11.25 -19.53 3.91
CA GLN A 199 9.99 -19.86 3.19
C GLN A 199 10.02 -19.76 1.65
N CYS A 200 10.55 -18.64 1.17
CA CYS A 200 10.56 -18.36 -0.25
C CYS A 200 11.88 -18.81 -0.84
N TRP A 201 11.84 -19.84 -1.68
CA TRP A 201 13.04 -20.35 -2.31
C TRP A 201 13.04 -19.88 -3.77
N GLY A 202 11.98 -19.17 -4.18
CA GLY A 202 11.94 -18.68 -5.54
C GLY A 202 12.23 -19.67 -6.65
N ASP A 203 12.29 -19.09 -7.85
CA ASP A 203 12.44 -19.77 -9.14
C ASP A 203 13.82 -20.37 -9.36
N GLU A 204 13.88 -21.70 -9.46
CA GLU A 204 15.15 -22.40 -9.60
C GLU A 204 15.97 -22.14 -10.86
N VAL A 205 15.29 -22.10 -12.00
CA VAL A 205 15.96 -21.93 -13.27
C VAL A 205 16.61 -20.57 -13.30
N TYR A 206 15.95 -19.59 -12.66
CA TYR A 206 16.45 -18.25 -12.61
C TYR A 206 17.58 -17.98 -11.66
N GLN A 207 17.52 -18.59 -10.47
CA GLN A 207 18.52 -18.28 -9.45
C GLN A 207 19.81 -19.08 -9.56
N ARG A 208 20.02 -19.64 -10.76
CA ARG A 208 21.20 -20.43 -11.15
C ARG A 208 22.35 -19.44 -11.37
N LYS A 209 23.56 -19.94 -11.57
CA LYS A 209 24.71 -19.05 -11.72
C LYS A 209 24.74 -17.97 -12.81
N ASP A 210 24.73 -18.42 -14.05
CA ASP A 210 24.83 -17.50 -15.15
C ASP A 210 23.52 -16.76 -15.40
N SER A 211 23.67 -15.50 -15.77
CA SER A 211 22.49 -14.65 -15.97
C SER A 211 21.64 -14.93 -17.19
N SER A 212 22.09 -15.81 -18.09
CA SER A 212 21.25 -16.20 -19.22
C SER A 212 20.91 -17.71 -19.28
N GLU A 213 21.22 -18.44 -18.20
CA GLU A 213 20.92 -19.88 -18.18
C GLU A 213 19.41 -20.01 -18.46
N TRP A 214 18.62 -19.09 -17.91
CA TRP A 214 17.16 -19.12 -18.13
C TRP A 214 16.76 -18.97 -19.59
N LEU A 215 17.60 -18.31 -20.38
CA LEU A 215 17.32 -18.17 -21.81
C LEU A 215 17.71 -19.42 -22.59
N LYS A 216 17.92 -20.53 -21.90
CA LYS A 216 18.29 -21.79 -22.54
C LYS A 216 17.33 -22.94 -22.23
N ASP B 11 -0.12 -4.03 18.72
CA ASP B 11 -0.85 -4.57 17.53
C ASP B 11 -1.62 -3.51 16.75
N PHE B 12 -1.15 -2.25 16.80
CA PHE B 12 -1.81 -1.17 16.07
C PHE B 12 -1.83 -1.54 14.59
N GLY B 13 -0.89 -2.39 14.18
CA GLY B 13 -0.83 -2.85 12.79
C GLY B 13 -2.03 -3.63 12.24
N ILE B 14 -2.95 -4.08 13.09
CA ILE B 14 -4.16 -4.78 12.63
C ILE B 14 -4.98 -3.89 11.67
N ILE B 15 -4.93 -2.57 11.84
CA ILE B 15 -5.70 -1.71 10.93
C ILE B 15 -5.10 -1.69 9.49
N VAL B 16 -3.79 -1.89 9.36
CA VAL B 16 -3.14 -1.90 8.04
C VAL B 16 -3.59 -3.14 7.25
N ILE B 17 -3.77 -4.27 7.95
CA ILE B 17 -4.20 -5.52 7.31
C ILE B 17 -5.64 -5.40 6.86
N LEU B 18 -6.52 -4.83 7.68
CA LEU B 18 -7.92 -4.75 7.23
C LEU B 18 -8.09 -3.87 5.99
N TRP B 19 -7.30 -2.80 5.82
CA TRP B 19 -7.42 -1.95 4.63
C TRP B 19 -6.71 -2.53 3.41
N LYS B 20 -5.83 -3.50 3.60
CA LYS B 20 -5.23 -4.16 2.45
C LYS B 20 -6.36 -4.98 1.82
N GLN B 21 -7.28 -5.43 2.66
CA GLN B 21 -8.42 -6.27 2.27
C GLN B 21 -9.62 -5.54 1.71
N VAL B 22 -9.55 -4.21 1.67
CA VAL B 22 -10.63 -3.46 1.08
C VAL B 22 -10.15 -3.04 -0.30
N THR B 23 -10.51 -3.83 -1.32
CA THR B 23 -9.99 -3.52 -2.65
C THR B 23 -11.03 -3.05 -3.61
N VAL B 24 -10.62 -2.11 -4.47
CA VAL B 24 -11.54 -1.61 -5.49
C VAL B 24 -11.50 -2.70 -6.54
N LYS B 25 -12.62 -3.42 -6.74
CA LYS B 25 -12.64 -4.50 -7.74
C LYS B 25 -12.71 -4.01 -9.17
N GLU B 26 -12.77 -4.96 -10.11
CA GLU B 26 -12.82 -4.62 -11.53
C GLU B 26 -14.05 -3.83 -11.93
N ASP B 27 -15.13 -3.97 -11.19
CA ASP B 27 -16.34 -3.23 -11.48
C ASP B 27 -16.27 -1.87 -10.79
N GLY B 28 -15.12 -1.59 -10.19
CA GLY B 28 -14.91 -0.30 -9.53
C GLY B 28 -15.59 -0.19 -8.18
N LYS B 29 -16.09 -1.31 -7.65
CA LYS B 29 -16.79 -1.25 -6.40
C LYS B 29 -16.06 -1.97 -5.25
N VAL B 30 -16.19 -1.37 -4.07
CA VAL B 30 -15.53 -1.81 -2.86
C VAL B 30 -16.55 -2.64 -2.07
N PRO B 31 -16.14 -3.86 -1.61
CA PRO B 31 -16.95 -4.82 -0.82
C PRO B 31 -17.33 -4.26 0.57
N LEU B 32 -18.43 -4.78 1.12
CA LEU B 32 -19.00 -4.26 2.38
C LEU B 32 -18.46 -4.81 3.72
N GLU B 33 -18.53 -6.12 3.95
CA GLU B 33 -18.06 -6.70 5.20
C GLU B 33 -16.61 -6.31 5.44
N PRO B 34 -15.74 -6.43 4.42
CA PRO B 34 -14.35 -6.03 4.68
C PRO B 34 -14.24 -4.53 5.05
N PHE B 35 -14.82 -3.69 4.20
CA PHE B 35 -14.78 -2.25 4.45
C PHE B 35 -15.27 -2.02 5.88
N LEU B 36 -16.37 -2.64 6.31
CA LEU B 36 -16.87 -2.40 7.66
C LEU B 36 -15.94 -2.97 8.71
N THR B 37 -15.37 -4.15 8.49
CA THR B 37 -14.43 -4.67 9.48
C THR B 37 -13.26 -3.70 9.70
N ALA B 38 -12.73 -3.13 8.62
CA ALA B 38 -11.61 -2.18 8.72
C ALA B 38 -12.13 -0.81 9.19
N ALA B 39 -13.30 -0.39 8.71
CA ALA B 39 -13.85 0.92 9.13
C ALA B 39 -13.96 1.00 10.65
N LYS B 40 -14.34 -0.09 11.34
CA LYS B 40 -14.43 -0.05 12.79
C LYS B 40 -13.07 0.20 13.51
N GLU B 41 -11.98 -0.38 13.00
CA GLU B 41 -10.66 -0.23 13.66
C GLU B 41 -10.14 1.21 13.61
N VAL B 42 -10.70 2.03 12.74
CA VAL B 42 -10.29 3.41 12.62
C VAL B 42 -10.57 4.16 13.93
N LEU B 43 -11.49 3.67 14.76
CA LEU B 43 -11.70 4.33 16.07
C LEU B 43 -10.31 4.40 16.76
N ARG B 44 -9.50 3.36 16.66
CA ARG B 44 -8.16 3.41 17.26
C ARG B 44 -7.52 4.80 17.05
N VAL B 45 -7.53 5.28 15.81
CA VAL B 45 -6.96 6.60 15.57
C VAL B 45 -7.67 7.67 16.40
N VAL B 46 -8.99 7.62 16.40
CA VAL B 46 -9.80 8.58 17.13
C VAL B 46 -9.47 8.51 18.63
N ASP B 47 -9.29 7.31 19.16
CA ASP B 47 -8.95 7.18 20.57
C ASP B 47 -7.60 7.81 20.93
N ALA B 48 -6.73 8.02 19.93
CA ALA B 48 -5.42 8.62 20.18
C ALA B 48 -5.61 10.10 20.47
N PHE B 49 -6.78 10.66 20.19
CA PHE B 49 -7.02 12.07 20.53
C PHE B 49 -7.33 12.26 22.02
N GLY B 50 -7.42 11.18 22.80
CA GLY B 50 -7.74 11.26 24.23
C GLY B 50 -9.19 10.89 24.55
N SER B 51 -9.67 11.37 25.70
CA SER B 51 -11.05 11.13 26.17
C SER B 51 -12.10 11.97 25.42
N GLY B 52 -11.65 13.06 24.80
CA GLY B 52 -12.55 13.98 24.11
C GLY B 52 -12.94 13.46 22.73
N PHE B 53 -13.44 14.38 21.90
CA PHE B 53 -13.91 14.07 20.55
C PHE B 53 -14.96 12.92 20.59
N ARG B 54 -15.75 12.81 21.67
CA ARG B 54 -16.73 11.73 21.65
C ARG B 54 -17.81 11.97 20.59
N ILE B 55 -18.11 13.22 20.21
CA ILE B 55 -19.09 13.39 19.14
C ILE B 55 -18.55 12.72 17.86
N VAL B 56 -17.23 12.69 17.66
CA VAL B 56 -16.62 12.03 16.49
C VAL B 56 -16.66 10.51 16.68
N LYS B 57 -16.24 10.03 17.87
CA LYS B 57 -16.28 8.57 18.09
C LYS B 57 -17.71 8.02 17.94
N ASN B 58 -18.69 8.74 18.48
CA ASN B 58 -20.06 8.27 18.41
C ASN B 58 -20.65 8.34 16.99
N ASP B 59 -20.30 9.38 16.25
CA ASP B 59 -20.84 9.50 14.89
C ASP B 59 -20.32 8.39 13.99
N ILE B 60 -19.01 8.13 14.06
CA ILE B 60 -18.39 7.05 13.25
C ILE B 60 -19.08 5.74 13.54
N ALA B 61 -19.18 5.38 14.82
CA ALA B 61 -19.83 4.12 15.24
C ALA B 61 -21.28 4.02 14.77
N GLY B 62 -22.02 5.11 14.93
CA GLY B 62 -23.41 5.12 14.53
C GLY B 62 -23.64 4.92 13.06
N ASN B 63 -22.77 5.49 12.23
CA ASN B 63 -22.94 5.34 10.80
C ASN B 63 -22.61 3.91 10.34
N ILE B 64 -21.61 3.28 10.95
CA ILE B 64 -21.26 1.86 10.66
C ILE B 64 -22.43 0.95 11.10
N LYS B 65 -23.03 1.17 12.27
CA LYS B 65 -24.13 0.35 12.76
C LYS B 65 -25.30 0.53 11.79
N LYS B 66 -25.52 1.75 11.30
CA LYS B 66 -26.61 1.98 10.36
C LYS B 66 -26.38 1.28 9.00
N LEU B 67 -25.12 1.17 8.56
CA LEU B 67 -24.83 0.47 7.30
C LEU B 67 -25.03 -1.05 7.42
N TYR B 68 -24.71 -1.63 8.58
CA TYR B 68 -24.95 -3.09 8.79
C TYR B 68 -26.43 -3.34 8.77
N ARG B 69 -27.19 -2.47 9.43
CA ARG B 69 -28.63 -2.61 9.55
C ARG B 69 -29.29 -2.42 8.21
N ALA B 70 -28.96 -1.34 7.52
CA ALA B 70 -29.53 -1.05 6.21
C ALA B 70 -29.22 -2.15 5.22
N ASN B 71 -28.27 -3.02 5.56
CA ASN B 71 -27.92 -4.15 4.69
C ASN B 71 -28.64 -5.46 5.08
N GLN B 72 -29.39 -5.44 6.19
CA GLN B 72 -30.14 -6.63 6.65
C GLN B 72 -31.36 -6.85 5.76
N THR B 73 -31.78 -5.83 5.03
CA THR B 73 -32.93 -5.96 4.16
C THR B 73 -32.57 -5.75 2.70
N VAL B 74 -31.29 -5.52 2.42
CA VAL B 74 -30.84 -5.32 1.03
C VAL B 74 -29.88 -6.41 0.53
N HIS B 75 -29.02 -6.88 1.42
CA HIS B 75 -28.05 -7.90 1.06
C HIS B 75 -27.07 -7.54 -0.08
N ALA B 76 -26.57 -6.31 -0.04
CA ALA B 76 -25.63 -5.87 -1.08
C ALA B 76 -24.24 -6.40 -0.73
N GLU B 77 -23.39 -6.54 -1.74
CA GLU B 77 -22.04 -7.01 -1.50
C GLU B 77 -20.94 -5.95 -1.73
N THR B 78 -21.33 -4.78 -2.25
CA THR B 78 -20.42 -3.65 -2.41
C THR B 78 -21.15 -2.42 -1.87
N LEU B 79 -20.39 -1.43 -1.43
CA LEU B 79 -21.02 -0.19 -0.97
C LEU B 79 -21.83 0.41 -2.10
N GLN B 80 -21.28 0.35 -3.30
CA GLN B 80 -21.97 0.91 -4.43
C GLN B 80 -23.32 0.25 -4.71
N GLU B 81 -23.42 -1.06 -4.51
CA GLU B 81 -24.70 -1.76 -4.75
C GLU B 81 -25.74 -1.32 -3.71
N LEU B 82 -25.31 -1.13 -2.46
CA LEU B 82 -26.25 -0.73 -1.40
C LEU B 82 -26.75 0.68 -1.76
N ILE B 83 -25.82 1.60 -2.04
CA ILE B 83 -26.25 2.94 -2.36
C ILE B 83 -27.19 3.00 -3.58
N ILE B 84 -26.81 2.27 -4.62
CA ILE B 84 -27.66 2.20 -5.81
C ILE B 84 -29.04 1.58 -5.46
N ALA B 85 -29.08 0.57 -4.57
CA ALA B 85 -30.37 -0.05 -4.21
C ALA B 85 -31.31 0.92 -3.50
N GLU B 86 -30.78 1.78 -2.61
CA GLU B 86 -31.63 2.75 -1.93
C GLU B 86 -32.07 3.85 -2.87
N ASN B 87 -31.18 4.23 -3.78
CA ASN B 87 -31.41 5.29 -4.76
C ASN B 87 -32.18 6.48 -4.14
N SER B 88 -31.64 7.06 -3.07
CA SER B 88 -32.27 8.18 -2.39
C SER B 88 -31.25 8.85 -1.46
N PRO B 89 -31.15 10.17 -1.53
CA PRO B 89 -30.20 10.85 -0.63
C PRO B 89 -30.55 10.59 0.81
N ASP B 90 -31.80 10.20 1.09
CA ASP B 90 -32.19 9.94 2.47
C ASP B 90 -32.14 8.46 2.88
N GLY B 91 -31.61 7.59 2.04
CA GLY B 91 -31.51 6.19 2.44
C GLY B 91 -30.72 6.05 3.75
N LEU B 92 -31.04 5.04 4.55
CA LEU B 92 -30.38 4.79 5.81
C LEU B 92 -28.88 4.61 5.57
N ALA B 93 -28.55 3.90 4.52
CA ALA B 93 -27.12 3.66 4.18
C ALA B 93 -26.53 4.89 3.51
N THR B 94 -27.20 5.42 2.48
CA THR B 94 -26.67 6.58 1.76
C THR B 94 -26.15 7.67 2.71
N VAL B 95 -26.90 7.97 3.76
CA VAL B 95 -26.52 8.97 4.73
C VAL B 95 -25.42 8.34 5.62
N ALA B 96 -25.51 7.06 5.97
CA ALA B 96 -24.48 6.46 6.81
C ALA B 96 -23.12 6.63 6.12
N LEU B 97 -23.05 6.26 4.87
CA LEU B 97 -21.79 6.34 4.15
C LEU B 97 -21.43 7.79 3.77
N LEU B 98 -22.39 8.67 3.52
CA LEU B 98 -21.98 10.07 3.31
C LEU B 98 -21.09 10.52 4.51
N TRP B 99 -21.68 10.60 5.69
CA TRP B 99 -20.96 11.01 6.89
C TRP B 99 -19.75 10.14 7.24
N LEU B 100 -19.76 8.84 6.93
CA LEU B 100 -18.61 7.98 7.26
C LEU B 100 -17.39 8.26 6.36
N LYS B 101 -17.67 8.43 5.08
CA LYS B 101 -16.66 8.77 4.07
C LYS B 101 -16.07 10.12 4.47
N ARG B 102 -16.92 11.07 4.91
CA ARG B 102 -16.49 12.42 5.38
C ARG B 102 -15.59 12.31 6.61
N ALA B 103 -15.98 11.51 7.62
CA ALA B 103 -15.15 11.31 8.81
C ALA B 103 -13.82 10.73 8.46
N PHE B 104 -13.79 9.73 7.57
CA PHE B 104 -12.52 9.15 7.20
C PHE B 104 -11.69 10.14 6.37
N GLN B 105 -12.36 11.07 5.70
CA GLN B 105 -11.69 12.14 4.95
C GLN B 105 -11.03 13.08 5.96
N PHE B 106 -11.65 13.26 7.13
CA PHE B 106 -11.09 14.07 8.22
C PHE B 106 -9.90 13.38 8.85
N ILE B 107 -10.03 12.08 9.04
CA ILE B 107 -8.91 11.36 9.66
C ILE B 107 -7.71 11.24 8.68
N ALA B 108 -7.94 10.99 7.39
CA ALA B 108 -6.85 10.88 6.41
C ALA B 108 -6.10 12.23 6.21
N SER B 109 -6.83 13.27 5.80
CA SER B 109 -6.21 14.60 5.62
C SER B 109 -5.42 15.00 6.90
N PHE B 110 -5.94 14.65 8.09
CA PHE B 110 -5.30 14.92 9.35
C PHE B 110 -3.98 14.25 9.40
N LEU B 111 -4.02 12.92 9.35
CA LEU B 111 -2.86 12.06 9.44
C LEU B 111 -1.79 12.40 8.42
N ARG B 112 -2.18 12.73 7.20
CA ARG B 112 -1.26 13.11 6.14
C ARG B 112 -0.49 14.36 6.58
N ARG B 113 -1.22 15.42 6.90
CA ARG B 113 -0.59 16.67 7.33
C ARG B 113 0.29 16.48 8.58
N LEU B 114 -0.06 15.56 9.49
CA LEU B 114 0.68 15.27 10.72
C LEU B 114 2.00 14.51 10.50
N VAL B 115 1.99 13.43 9.69
CA VAL B 115 3.21 12.70 9.47
C VAL B 115 4.15 13.39 8.48
N VAL B 116 3.66 14.26 7.59
CA VAL B 116 4.53 14.93 6.61
C VAL B 116 4.94 16.34 7.07
N THR B 117 4.16 16.97 7.92
CA THR B 117 4.56 18.31 8.31
C THR B 117 5.16 18.35 9.72
N ASP B 118 5.74 19.49 10.07
CA ASP B 118 6.28 19.69 11.41
C ASP B 118 5.30 20.52 12.22
N LYS B 119 4.10 20.74 11.67
CA LYS B 119 3.08 21.54 12.33
C LYS B 119 2.59 20.82 13.61
N SER B 120 2.14 21.61 14.56
CA SER B 120 1.61 21.09 15.82
C SER B 120 0.43 20.15 15.51
N LEU B 121 0.10 19.27 16.45
CA LEU B 121 -1.03 18.40 16.22
C LEU B 121 -2.32 19.24 16.16
N GLU B 122 -2.42 20.27 17.01
CA GLU B 122 -3.60 21.15 17.02
C GLU B 122 -3.90 21.76 15.67
N GLN B 123 -2.91 22.39 15.05
CA GLN B 123 -3.07 22.96 13.73
C GLN B 123 -3.40 21.88 12.71
N CYS B 124 -2.87 20.67 12.87
CA CYS B 124 -3.20 19.66 11.87
C CYS B 124 -4.64 19.22 11.99
N VAL B 125 -5.14 19.18 13.23
CA VAL B 125 -6.52 18.74 13.37
C VAL B 125 -7.50 19.86 13.03
N THR B 126 -7.05 21.12 13.10
CA THR B 126 -7.89 22.26 12.75
C THR B 126 -8.02 22.36 11.23
N GLU B 127 -6.91 22.20 10.51
CA GLU B 127 -6.89 22.28 9.04
C GLU B 127 -7.64 21.09 8.42
N ALA B 128 -7.31 19.88 8.85
CA ALA B 128 -7.99 18.70 8.33
C ALA B 128 -9.48 18.88 8.47
N TYR B 129 -9.97 19.41 9.60
CA TYR B 129 -11.41 19.65 9.85
C TYR B 129 -11.93 20.73 8.89
N ASN B 130 -11.14 21.78 8.68
CA ASN B 130 -11.58 22.87 7.85
C ASN B 130 -11.85 22.44 6.41
N CYS B 131 -11.19 21.39 5.95
CA CYS B 131 -11.40 20.95 4.56
C CYS B 131 -12.34 19.76 4.42
N THR B 132 -12.87 19.30 5.55
CA THR B 132 -13.76 18.15 5.52
C THR B 132 -15.10 18.40 6.24
N LEU B 133 -15.16 18.17 7.56
CA LEU B 133 -16.40 18.25 8.33
C LEU B 133 -16.94 19.63 8.64
N ARG B 134 -16.09 20.65 8.87
CA ARG B 134 -16.57 21.98 9.25
C ARG B 134 -17.72 22.50 8.40
N PRO B 135 -17.58 22.48 7.06
CA PRO B 135 -18.66 23.00 6.21
C PRO B 135 -19.99 22.29 6.38
N CYS B 136 -19.96 21.19 7.13
CA CYS B 136 -21.15 20.38 7.34
C CYS B 136 -21.75 20.60 8.71
N HIS B 137 -21.05 21.40 9.50
CA HIS B 137 -21.44 21.59 10.86
C HIS B 137 -21.92 23.00 11.17
N SER B 138 -23.01 23.07 11.91
CA SER B 138 -23.54 24.36 12.32
C SER B 138 -22.54 24.92 13.31
N ALA B 139 -22.67 26.21 13.60
CA ALA B 139 -21.77 26.82 14.55
C ALA B 139 -21.89 26.06 15.89
N VAL B 140 -23.11 25.57 16.17
CA VAL B 140 -23.40 24.79 17.38
C VAL B 140 -22.59 23.49 17.42
N ILE B 141 -22.45 22.84 16.28
CA ILE B 141 -21.70 21.60 16.26
C ILE B 141 -20.20 21.88 16.17
N GLN B 142 -19.84 22.99 15.53
CA GLN B 142 -18.41 23.37 15.45
C GLN B 142 -17.89 23.72 16.86
N LYS B 143 -18.73 24.39 17.68
CA LYS B 143 -18.29 24.72 19.04
C LYS B 143 -17.94 23.43 19.73
N VAL B 144 -18.77 22.42 19.54
CA VAL B 144 -18.47 21.11 20.10
C VAL B 144 -17.12 20.59 19.54
N PHE B 145 -16.88 20.74 18.24
CA PHE B 145 -15.62 20.22 17.70
C PHE B 145 -14.40 21.03 18.15
N TRP B 146 -14.52 22.36 18.12
CA TRP B 146 -13.40 23.20 18.52
C TRP B 146 -12.98 23.04 19.99
N GLY B 147 -13.96 22.81 20.89
CA GLY B 147 -13.59 22.60 22.29
C GLY B 147 -12.73 21.36 22.47
N GLY B 148 -12.97 20.34 21.67
CA GLY B 148 -12.14 19.15 21.75
C GLY B 148 -10.72 19.38 21.28
N VAL B 149 -10.55 20.20 20.24
CA VAL B 149 -9.21 20.50 19.71
C VAL B 149 -8.35 21.06 20.85
N LYS B 150 -8.98 21.73 21.80
CA LYS B 150 -8.24 22.30 22.92
C LYS B 150 -7.62 21.19 23.75
N LEU B 151 -8.26 20.03 23.72
CA LEU B 151 -7.87 18.85 24.50
C LEU B 151 -6.96 17.92 23.73
N ALA B 152 -6.65 18.31 22.51
CA ALA B 152 -5.84 17.44 21.67
C ALA B 152 -4.41 17.30 22.20
N PRO B 153 -3.87 16.07 22.14
CA PRO B 153 -2.52 15.80 22.63
C PRO B 153 -1.43 16.36 21.70
N SER B 154 -0.19 16.30 22.17
CA SER B 154 0.93 16.66 21.32
C SER B 154 1.16 15.50 20.32
N ARG B 155 1.89 15.79 19.25
CA ARG B 155 2.22 14.78 18.26
C ARG B 155 2.90 13.59 18.96
N GLU B 156 3.88 13.85 19.82
CA GLU B 156 4.57 12.78 20.51
C GLU B 156 3.58 11.95 21.32
N ARG B 157 2.72 12.60 22.08
CA ARG B 157 1.77 11.85 22.87
C ARG B 157 0.76 11.11 21.96
N PHE B 158 0.38 11.71 20.83
CA PHE B 158 -0.56 11.04 19.90
C PHE B 158 0.04 9.73 19.43
N TYR B 159 1.30 9.78 19.00
CA TYR B 159 1.96 8.56 18.54
C TYR B 159 2.02 7.53 19.67
N ARG B 160 2.24 7.96 20.92
CA ARG B 160 2.34 7.05 22.06
C ARG B 160 1.02 6.40 22.43
N LYS B 161 -0.07 7.12 22.22
CA LYS B 161 -1.38 6.54 22.54
C LYS B 161 -1.64 5.38 21.54
N LEU B 162 -1.04 5.48 20.35
CA LEU B 162 -1.21 4.45 19.31
C LEU B 162 -0.33 3.22 19.56
N HIS B 163 0.94 3.42 19.88
CA HIS B 163 1.89 2.32 20.12
C HIS B 163 3.07 2.82 20.99
N PRO B 164 3.50 2.04 22.00
CA PRO B 164 4.62 2.52 22.83
C PRO B 164 5.89 2.90 22.07
N ASP B 165 6.13 2.28 20.92
CA ASP B 165 7.31 2.62 20.12
C ASP B 165 6.75 3.64 19.13
N LEU B 166 7.07 4.91 19.34
CA LEU B 166 6.54 5.94 18.46
C LEU B 166 6.96 5.70 17.03
N ASN B 167 8.13 5.08 16.82
CA ASN B 167 8.62 4.82 15.47
C ASN B 167 7.60 3.93 14.77
N ILE B 168 7.16 2.90 15.48
CA ILE B 168 6.18 2.00 14.91
C ILE B 168 4.83 2.69 14.75
N ALA B 169 4.46 3.59 15.67
CA ALA B 169 3.18 4.27 15.49
C ALA B 169 3.25 5.03 14.19
N LYS B 170 4.33 5.78 13.97
CA LYS B 170 4.48 6.58 12.74
C LYS B 170 4.39 5.70 11.52
N ALA B 171 5.16 4.60 11.51
CA ALA B 171 5.16 3.67 10.40
C ALA B 171 3.79 3.06 10.16
N LYS B 172 3.09 2.72 11.24
CA LYS B 172 1.79 2.08 11.06
C LYS B 172 0.79 3.11 10.57
N ILE B 173 0.84 4.33 11.10
CA ILE B 173 -0.08 5.39 10.62
C ILE B 173 0.27 5.62 9.14
N GLU B 174 1.58 5.66 8.78
CA GLU B 174 1.93 5.82 7.38
C GLU B 174 1.36 4.69 6.52
N GLU B 175 1.70 3.46 6.87
CA GLU B 175 1.18 2.31 6.11
C GLU B 175 -0.35 2.34 5.93
N PHE B 176 -1.07 2.74 6.98
CA PHE B 176 -2.54 2.82 6.96
C PHE B 176 -3.03 3.80 5.89
N LEU B 177 -2.52 5.03 5.92
CA LEU B 177 -2.93 6.05 4.92
C LEU B 177 -2.73 5.47 3.53
N ILE B 178 -1.65 4.71 3.33
CA ILE B 178 -1.43 4.06 2.03
C ILE B 178 -2.56 3.04 1.83
N GLU B 179 -2.71 2.10 2.78
CA GLU B 179 -3.82 1.13 2.63
C GLU B 179 -5.18 1.82 2.45
N LEU B 180 -5.43 2.84 3.29
CA LEU B 180 -6.68 3.54 3.23
C LEU B 180 -7.04 4.14 1.85
N HIS B 181 -6.00 4.61 1.16
CA HIS B 181 -6.29 5.40 -0.02
C HIS B 181 -7.29 4.88 -1.01
N ASP B 182 -6.99 3.68 -1.53
CA ASP B 182 -7.81 3.05 -2.59
C ASP B 182 -9.33 3.08 -2.31
N PRO B 183 -9.80 2.43 -1.23
CA PRO B 183 -11.25 2.47 -1.00
C PRO B 183 -11.90 3.84 -0.78
N LEU B 184 -11.22 4.74 -0.07
CA LEU B 184 -11.83 6.05 0.21
C LEU B 184 -12.00 6.96 -1.03
N CYS B 185 -11.00 7.00 -1.90
CA CYS B 185 -11.09 7.86 -3.08
C CYS B 185 -12.23 7.40 -3.99
N CYS B 186 -12.47 6.09 -4.00
CA CYS B 186 -13.56 5.51 -4.78
C CYS B 186 -14.90 6.01 -4.21
N ILE B 187 -15.09 5.82 -2.90
CA ILE B 187 -16.31 6.30 -2.27
C ILE B 187 -16.42 7.79 -2.59
N VAL B 188 -15.33 8.52 -2.49
CA VAL B 188 -15.40 9.91 -2.84
C VAL B 188 -15.82 10.07 -4.29
N GLN B 189 -15.10 9.42 -5.19
CA GLN B 189 -15.45 9.55 -6.62
C GLN B 189 -16.85 9.07 -6.93
N PHE B 190 -17.24 7.94 -6.32
CA PHE B 190 -18.55 7.37 -6.54
C PHE B 190 -19.62 8.31 -6.01
N PHE B 191 -19.36 8.99 -4.89
CA PHE B 191 -20.35 9.90 -4.34
C PHE B 191 -20.56 11.06 -5.25
N PHE B 192 -19.48 11.54 -5.88
CA PHE B 192 -19.67 12.61 -6.83
C PHE B 192 -20.46 12.09 -8.01
N GLN B 193 -20.25 10.83 -8.37
CA GLN B 193 -20.98 10.26 -9.48
C GLN B 193 -22.49 10.14 -9.21
N ARG B 194 -22.83 9.92 -7.93
CA ARG B 194 -24.21 9.76 -7.48
C ARG B 194 -24.80 11.12 -7.21
N GLU B 195 -23.95 12.14 -7.30
CA GLU B 195 -24.35 13.52 -7.04
C GLU B 195 -24.81 13.62 -5.60
N LEU B 196 -24.09 12.93 -4.69
CA LEU B 196 -24.42 12.88 -3.27
C LEU B 196 -23.63 13.72 -2.27
N GLU B 197 -22.64 14.49 -2.72
CA GLU B 197 -21.83 15.30 -1.81
C GLU B 197 -21.69 16.73 -2.30
N ASP B 198 -22.19 17.68 -1.52
CA ASP B 198 -22.03 19.08 -1.90
C ASP B 198 -21.64 20.03 -0.76
N GLN B 199 -20.80 19.55 0.15
CA GLN B 199 -20.36 20.40 1.25
C GLN B 199 -18.92 20.12 1.63
N CYS B 200 -18.57 18.85 1.61
CA CYS B 200 -17.23 18.52 2.02
C CYS B 200 -16.39 17.93 0.88
N TRP B 201 -15.28 18.61 0.60
CA TRP B 201 -14.37 18.17 -0.48
C TRP B 201 -13.08 17.56 -0.02
N GLY B 202 -12.77 17.65 1.28
CA GLY B 202 -11.57 16.99 1.75
C GLY B 202 -10.22 17.49 1.30
N ASP B 203 -9.24 16.61 1.45
CA ASP B 203 -7.83 16.93 1.17
C ASP B 203 -7.43 16.62 -0.27
N GLU B 204 -7.18 17.67 -1.04
CA GLU B 204 -6.88 17.51 -2.44
C GLU B 204 -5.64 16.70 -2.78
N VAL B 205 -4.54 16.92 -2.08
CA VAL B 205 -3.29 16.20 -2.39
C VAL B 205 -3.41 14.71 -1.99
N TYR B 206 -4.24 14.42 -1.00
CA TYR B 206 -4.37 13.04 -0.57
C TYR B 206 -5.14 12.25 -1.59
N GLN B 207 -6.14 12.92 -2.14
CA GLN B 207 -7.07 12.24 -3.05
C GLN B 207 -6.58 12.06 -4.48
N ARG B 208 -5.30 12.37 -4.67
CA ARG B 208 -4.70 12.15 -5.96
C ARG B 208 -4.65 10.66 -6.25
N LYS B 209 -4.48 10.33 -7.51
CA LYS B 209 -4.49 8.97 -7.93
C LYS B 209 -3.69 7.93 -7.17
N ASP B 210 -2.38 8.12 -7.11
CA ASP B 210 -1.53 7.13 -6.46
C ASP B 210 -1.56 7.26 -4.97
N SER B 211 -1.59 6.12 -4.31
CA SER B 211 -1.69 6.10 -2.85
C SER B 211 -0.50 6.64 -2.07
N SER B 212 0.62 6.91 -2.72
CA SER B 212 1.75 7.52 -2.00
C SER B 212 2.06 8.94 -2.48
N GLU B 213 1.20 9.51 -3.33
CA GLU B 213 1.46 10.87 -3.83
C GLU B 213 1.58 11.90 -2.72
N TRP B 214 0.89 11.66 -1.61
CA TRP B 214 0.92 12.58 -0.48
C TRP B 214 2.28 12.66 0.26
N LEU B 215 3.05 11.58 0.25
CA LEU B 215 4.31 11.62 0.97
C LEU B 215 5.27 12.76 0.58
N LYS B 216 5.35 13.08 -0.71
CA LYS B 216 6.25 14.14 -1.18
C LYS B 216 5.68 15.52 -0.82
N ASP A 11 10.24 5.36 -21.85
CA ASP A 11 11.66 5.03 -21.73
C ASP A 11 11.90 3.80 -20.87
N PHE A 12 11.13 2.74 -21.09
CA PHE A 12 11.28 1.53 -20.29
C PHE A 12 12.72 1.03 -20.22
N GLY A 13 13.51 1.26 -21.26
CA GLY A 13 14.89 0.77 -21.26
C GLY A 13 15.77 1.29 -20.11
N ILE A 14 15.35 2.36 -19.45
CA ILE A 14 16.15 2.86 -18.34
C ILE A 14 16.31 1.78 -17.28
N ILE A 15 15.39 0.81 -17.25
CA ILE A 15 15.48 -0.24 -16.25
C ILE A 15 16.68 -1.15 -16.51
N VAL A 16 17.02 -1.37 -17.78
CA VAL A 16 18.20 -2.21 -18.08
C VAL A 16 19.46 -1.43 -17.75
N ILE A 17 19.47 -0.15 -18.13
CA ILE A 17 20.65 0.69 -17.88
C ILE A 17 20.85 0.84 -16.38
N LEU A 18 19.75 1.06 -15.64
CA LEU A 18 19.89 1.22 -14.21
C LEU A 18 20.27 -0.07 -13.52
N TRP A 19 19.80 -1.24 -13.99
CA TRP A 19 20.23 -2.45 -13.32
C TRP A 19 21.68 -2.84 -13.65
N LYS A 20 22.09 -2.70 -14.92
CA LYS A 20 23.51 -2.93 -15.30
C LYS A 20 24.47 -2.13 -14.39
N GLN A 21 24.03 -0.97 -13.88
CA GLN A 21 24.83 -0.11 -12.98
C GLN A 21 24.88 -0.58 -11.53
N VAL A 22 24.21 -1.71 -11.23
CA VAL A 22 24.24 -2.31 -9.89
C VAL A 22 25.29 -3.42 -9.98
N THR A 23 26.54 -2.99 -10.08
CA THR A 23 27.62 -3.94 -10.25
C THR A 23 28.08 -4.70 -9.05
N VAL A 24 27.98 -6.03 -9.15
CA VAL A 24 28.45 -6.94 -8.12
C VAL A 24 29.84 -7.41 -8.61
N LYS A 25 30.85 -7.05 -7.83
CA LYS A 25 32.22 -7.42 -8.16
C LYS A 25 32.57 -8.70 -7.42
N GLU A 26 33.84 -9.11 -7.50
CA GLU A 26 34.26 -10.33 -6.85
C GLU A 26 33.93 -10.39 -5.37
N ASP A 27 33.90 -9.23 -4.72
CA ASP A 27 33.63 -9.21 -3.28
C ASP A 27 32.17 -9.65 -2.89
N GLY A 28 31.30 -9.83 -3.90
CA GLY A 28 29.93 -10.26 -3.64
C GLY A 28 29.08 -9.28 -2.83
N LYS A 29 29.35 -7.99 -2.96
CA LYS A 29 28.60 -6.96 -2.23
C LYS A 29 27.74 -6.19 -3.21
N VAL A 30 26.57 -5.74 -2.74
CA VAL A 30 25.64 -4.96 -3.57
C VAL A 30 25.62 -3.48 -3.18
N PRO A 31 26.07 -2.58 -4.07
CA PRO A 31 26.06 -1.14 -3.76
C PRO A 31 24.63 -0.61 -3.47
N LEU A 32 24.46 0.08 -2.34
CA LEU A 32 23.17 0.52 -1.86
C LEU A 32 22.40 1.61 -2.60
N GLU A 33 22.99 2.76 -2.85
CA GLU A 33 22.25 3.80 -3.50
C GLU A 33 21.84 3.36 -4.89
N PRO A 34 22.75 2.69 -5.64
CA PRO A 34 22.42 2.22 -6.99
C PRO A 34 21.26 1.22 -6.94
N PHE A 35 21.33 0.29 -6.00
CA PHE A 35 20.26 -0.69 -5.85
C PHE A 35 18.97 0.00 -5.58
N LEU A 36 18.96 0.99 -4.70
CA LEU A 36 17.64 1.60 -4.46
C LEU A 36 17.21 2.33 -5.73
N THR A 37 18.16 2.88 -6.50
CA THR A 37 17.81 3.53 -7.78
C THR A 37 17.37 2.49 -8.82
N ALA A 38 17.92 1.29 -8.77
CA ALA A 38 17.47 0.32 -9.76
C ALA A 38 16.12 -0.28 -9.25
N ALA A 39 16.00 -0.44 -7.94
CA ALA A 39 14.75 -1.00 -7.35
C ALA A 39 13.51 -0.16 -7.67
N LYS A 40 13.63 1.17 -7.55
CA LYS A 40 12.46 2.04 -7.77
C LYS A 40 11.90 1.84 -9.16
N GLU A 41 12.75 1.65 -10.18
CA GLU A 41 12.27 1.48 -11.55
C GLU A 41 11.46 0.18 -11.75
N VAL A 42 11.62 -0.80 -10.86
CA VAL A 42 10.85 -2.04 -11.00
C VAL A 42 9.35 -1.75 -10.86
N LEU A 43 8.99 -0.63 -10.22
CA LEU A 43 7.58 -0.24 -10.09
C LEU A 43 6.93 -0.11 -11.48
N ARG A 44 7.73 0.08 -12.54
CA ARG A 44 7.15 0.09 -13.89
C ARG A 44 6.35 -1.21 -14.13
N VAL A 45 6.80 -2.32 -13.56
CA VAL A 45 6.10 -3.57 -13.75
C VAL A 45 4.73 -3.56 -13.01
N VAL A 46 4.70 -3.16 -11.76
CA VAL A 46 3.40 -3.12 -11.10
C VAL A 46 2.48 -2.10 -11.77
N ASP A 47 3.04 -1.03 -12.31
CA ASP A 47 2.18 -0.05 -12.98
C ASP A 47 1.56 -0.60 -14.27
N ALA A 48 2.31 -1.40 -15.01
CA ALA A 48 1.79 -1.97 -16.25
C ALA A 48 0.83 -3.10 -15.96
N PHE A 49 0.89 -3.67 -14.75
CA PHE A 49 -0.03 -4.73 -14.37
C PHE A 49 -1.30 -4.04 -13.83
N GLY A 50 -1.15 -2.91 -13.13
CA GLY A 50 -2.33 -2.24 -12.62
C GLY A 50 -2.66 -2.60 -11.16
N SER A 51 -3.84 -2.14 -10.71
CA SER A 51 -4.30 -2.31 -9.31
C SER A 51 -4.35 -3.75 -8.74
N GLY A 52 -4.46 -4.78 -9.58
CA GLY A 52 -4.46 -6.13 -9.03
C GLY A 52 -3.13 -6.43 -8.34
N PHE A 53 -2.09 -5.64 -8.61
CA PHE A 53 -0.77 -5.83 -7.96
C PHE A 53 -0.54 -4.84 -6.81
N ARG A 54 -1.61 -4.27 -6.28
CA ARG A 54 -1.55 -3.33 -5.16
C ARG A 54 -0.58 -3.84 -4.09
N ILE A 55 -0.70 -5.11 -3.69
CA ILE A 55 0.19 -5.63 -2.65
C ILE A 55 1.64 -5.62 -3.08
N VAL A 56 1.87 -5.97 -4.34
CA VAL A 56 3.22 -6.01 -4.89
C VAL A 56 3.80 -4.60 -4.85
N LYS A 57 2.99 -3.67 -5.35
CA LYS A 57 3.38 -2.26 -5.34
C LYS A 57 3.82 -1.79 -3.96
N ASN A 58 3.01 -1.99 -2.90
CA ASN A 58 3.45 -1.45 -1.63
C ASN A 58 4.69 -2.16 -1.08
N ASP A 59 4.82 -3.46 -1.32
CA ASP A 59 5.99 -4.18 -0.88
C ASP A 59 7.27 -3.68 -1.56
N ILE A 60 7.12 -3.09 -2.75
CA ILE A 60 8.28 -2.57 -3.47
C ILE A 60 8.48 -1.12 -3.12
N ALA A 61 7.43 -0.29 -3.23
CA ALA A 61 7.63 1.12 -2.91
C ALA A 61 7.89 1.36 -1.42
N GLY A 62 7.15 0.66 -0.55
CA GLY A 62 7.32 0.88 0.88
C GLY A 62 8.66 0.40 1.42
N ASN A 63 9.03 -0.85 1.11
CA ASN A 63 10.30 -1.32 1.65
C ASN A 63 11.48 -0.55 1.07
N ILE A 64 11.32 0.06 -0.10
CA ILE A 64 12.35 0.96 -0.63
C ILE A 64 12.45 2.13 0.39
N LYS A 65 11.30 2.62 0.85
CA LYS A 65 11.30 3.74 1.81
C LYS A 65 12.06 3.41 3.11
N LYS A 66 11.76 2.25 3.67
CA LYS A 66 12.42 1.83 4.89
C LYS A 66 13.95 1.64 4.70
N LEU A 67 14.38 1.46 3.45
CA LEU A 67 15.81 1.32 3.22
C LEU A 67 16.45 2.70 3.09
N TYR A 68 15.77 3.66 2.46
CA TYR A 68 16.37 4.98 2.51
C TYR A 68 16.24 5.57 3.93
N ARG A 69 15.24 5.15 4.68
CA ARG A 69 15.11 5.69 6.04
C ARG A 69 16.21 5.04 6.92
N ALA A 70 16.41 3.73 6.84
CA ALA A 70 17.43 3.06 7.67
C ALA A 70 18.84 3.57 7.37
N ASN A 71 19.11 3.89 6.12
CA ASN A 71 20.45 4.35 5.82
C ASN A 71 20.66 5.81 6.11
N GLN A 72 19.66 6.42 6.70
CA GLN A 72 19.68 7.85 7.01
C GLN A 72 20.86 8.29 7.85
N THR A 73 21.20 7.51 8.89
CA THR A 73 22.33 7.90 9.72
C THR A 73 23.45 6.86 9.72
N VAL A 74 23.15 5.66 9.23
CA VAL A 74 24.12 4.58 9.18
C VAL A 74 25.08 4.80 8.01
N HIS A 75 24.56 5.37 6.92
CA HIS A 75 25.30 5.67 5.71
C HIS A 75 26.08 4.49 5.20
N ALA A 76 25.51 3.29 5.37
CA ALA A 76 26.18 2.11 4.92
C ALA A 76 26.41 2.17 3.45
N GLU A 77 27.47 1.51 3.02
CA GLU A 77 27.87 1.48 1.63
C GLU A 77 27.12 0.43 0.81
N THR A 78 26.92 -0.74 1.41
CA THR A 78 26.28 -1.85 0.73
C THR A 78 25.17 -2.45 1.58
N LEU A 79 24.36 -3.29 0.93
CA LEU A 79 23.25 -3.96 1.63
C LEU A 79 23.75 -4.91 2.70
N GLN A 80 24.79 -5.66 2.40
CA GLN A 80 25.31 -6.64 3.36
C GLN A 80 25.74 -5.97 4.66
N GLU A 81 26.43 -4.84 4.53
CA GLU A 81 26.92 -4.05 5.67
C GLU A 81 25.79 -3.56 6.56
N LEU A 82 24.70 -3.09 5.95
CA LEU A 82 23.57 -2.57 6.71
C LEU A 82 22.92 -3.67 7.54
N ILE A 83 22.70 -4.83 6.92
CA ILE A 83 22.07 -5.94 7.58
C ILE A 83 22.98 -6.48 8.70
N ILE A 84 24.24 -6.79 8.37
CA ILE A 84 25.21 -7.29 9.37
C ILE A 84 25.32 -6.32 10.57
N ALA A 85 25.24 -5.02 10.29
CA ALA A 85 25.31 -3.99 11.32
C ALA A 85 24.09 -3.94 12.19
N GLU A 86 22.90 -4.11 11.61
CA GLU A 86 21.67 -4.10 12.41
C GLU A 86 21.66 -5.32 13.30
N ASN A 87 22.22 -6.40 12.76
CA ASN A 87 22.32 -7.70 13.43
C ASN A 87 21.07 -8.14 14.17
N SER A 88 19.97 -8.25 13.46
CA SER A 88 18.69 -8.65 14.06
C SER A 88 17.67 -8.99 13.01
N PRO A 89 16.95 -10.10 13.17
CA PRO A 89 15.94 -10.42 12.16
C PRO A 89 14.80 -9.42 12.23
N ASP A 90 14.90 -8.50 13.18
CA ASP A 90 13.86 -7.48 13.33
C ASP A 90 14.35 -6.08 12.93
N GLY A 91 15.55 -5.99 12.37
CA GLY A 91 16.07 -4.69 11.95
C GLY A 91 15.19 -4.05 10.86
N LEU A 92 15.16 -2.72 10.80
CA LEU A 92 14.32 -2.02 9.80
C LEU A 92 14.76 -2.32 8.37
N ALA A 93 16.03 -2.15 8.05
CA ALA A 93 16.53 -2.46 6.72
C ALA A 93 16.38 -3.97 6.50
N THR A 94 16.53 -4.75 7.57
CA THR A 94 16.51 -6.20 7.46
C THR A 94 15.12 -6.70 7.03
N VAL A 95 14.09 -6.28 7.76
CA VAL A 95 12.76 -6.72 7.40
C VAL A 95 12.43 -6.15 6.01
N ALA A 96 12.86 -4.93 5.71
CA ALA A 96 12.57 -4.34 4.41
C ALA A 96 13.25 -5.09 3.27
N LEU A 97 14.54 -5.44 3.40
CA LEU A 97 15.21 -6.13 2.30
C LEU A 97 14.70 -7.59 2.21
N LEU A 98 14.23 -8.15 3.33
CA LEU A 98 13.60 -9.47 3.23
C LEU A 98 12.44 -9.33 2.24
N TRP A 99 11.52 -8.42 2.56
CA TRP A 99 10.34 -8.28 1.70
C TRP A 99 10.57 -7.69 0.33
N LEU A 100 11.49 -6.75 0.18
CA LEU A 100 11.75 -6.20 -1.14
C LEU A 100 12.38 -7.30 -2.03
N LYS A 101 13.31 -8.12 -1.47
CA LYS A 101 13.96 -9.28 -2.14
C LYS A 101 12.90 -10.34 -2.57
N ARG A 102 12.05 -10.77 -1.61
CA ARG A 102 10.99 -11.75 -1.95
C ARG A 102 10.15 -11.22 -3.11
N ALA A 103 9.75 -9.96 -3.03
CA ALA A 103 8.96 -9.35 -4.10
C ALA A 103 9.80 -9.39 -5.37
N PHE A 104 11.12 -9.16 -5.29
CA PHE A 104 11.95 -9.18 -6.48
C PHE A 104 12.03 -10.57 -7.13
N GLN A 105 12.12 -11.61 -6.29
CA GLN A 105 12.05 -13.00 -6.80
C GLN A 105 10.71 -13.28 -7.54
N PHE A 106 9.61 -12.72 -7.05
CA PHE A 106 8.29 -12.86 -7.69
C PHE A 106 8.23 -12.15 -9.05
N ILE A 107 8.69 -10.90 -9.11
CA ILE A 107 8.62 -10.19 -10.39
C ILE A 107 9.54 -10.86 -11.41
N ALA A 108 10.71 -11.35 -10.97
CA ALA A 108 11.67 -11.98 -11.89
C ALA A 108 11.14 -13.37 -12.39
N SER A 109 10.32 -14.07 -11.58
CA SER A 109 9.81 -15.36 -12.09
C SER A 109 8.65 -15.17 -13.07
N PHE A 110 7.82 -14.17 -12.78
CA PHE A 110 6.64 -13.83 -13.59
C PHE A 110 7.12 -13.46 -14.99
N LEU A 111 8.10 -12.55 -15.06
CA LEU A 111 8.60 -12.09 -16.34
C LEU A 111 9.34 -13.18 -17.06
N ARG A 112 10.09 -14.03 -16.36
CA ARG A 112 10.78 -15.12 -17.09
C ARG A 112 9.70 -15.98 -17.76
N ARG A 113 8.67 -16.36 -17.01
CA ARG A 113 7.63 -17.22 -17.58
C ARG A 113 6.89 -16.51 -18.70
N LEU A 114 6.60 -15.23 -18.50
CA LEU A 114 5.90 -14.50 -19.52
C LEU A 114 6.68 -14.48 -20.84
N VAL A 115 8.02 -14.45 -20.80
CA VAL A 115 8.77 -14.38 -22.05
C VAL A 115 9.36 -15.71 -22.53
N VAL A 116 9.19 -16.80 -21.76
CA VAL A 116 9.73 -18.10 -22.25
C VAL A 116 8.64 -19.16 -22.38
N THR A 117 7.52 -18.99 -21.71
CA THR A 117 6.46 -19.99 -21.89
C THR A 117 5.28 -19.40 -22.68
N ASP A 118 4.37 -20.28 -23.09
CA ASP A 118 3.20 -19.87 -23.84
C ASP A 118 1.99 -19.82 -22.93
N LYS A 119 2.23 -19.84 -21.63
CA LYS A 119 1.14 -19.81 -20.68
C LYS A 119 0.52 -18.41 -20.64
N SER A 120 -0.74 -18.29 -20.27
CA SER A 120 -1.35 -16.97 -20.20
C SER A 120 -0.62 -16.14 -19.14
N LEU A 121 -0.72 -14.83 -19.26
CA LEU A 121 -0.09 -13.99 -18.24
C LEU A 121 -0.62 -14.40 -16.86
N GLU A 122 -1.90 -14.77 -16.77
CA GLU A 122 -2.50 -15.23 -15.53
C GLU A 122 -1.78 -16.47 -15.01
N GLN A 123 -1.51 -17.41 -15.89
CA GLN A 123 -0.80 -18.62 -15.47
C GLN A 123 0.63 -18.30 -15.01
N CYS A 124 1.29 -17.41 -15.74
CA CYS A 124 2.66 -17.03 -15.33
C CYS A 124 2.65 -16.30 -13.99
N VAL A 125 1.74 -15.33 -13.83
CA VAL A 125 1.68 -14.65 -12.53
C VAL A 125 1.32 -15.71 -11.51
N THR A 126 0.35 -16.58 -11.86
CA THR A 126 -0.04 -17.60 -10.91
C THR A 126 1.11 -18.46 -10.48
N GLU A 127 1.90 -18.98 -11.42
CA GLU A 127 3.04 -19.84 -11.06
C GLU A 127 4.13 -19.06 -10.35
N ALA A 128 4.45 -17.90 -10.92
CA ALA A 128 5.44 -17.07 -10.30
C ALA A 128 4.95 -16.79 -8.88
N TYR A 129 3.65 -16.48 -8.68
CA TYR A 129 3.28 -16.28 -7.25
C TYR A 129 3.51 -17.57 -6.45
N ASN A 130 3.09 -18.68 -7.04
CA ASN A 130 3.22 -19.94 -6.32
C ASN A 130 4.59 -20.26 -5.74
N CYS A 131 5.67 -20.00 -6.50
CA CYS A 131 7.02 -20.35 -5.97
C CYS A 131 7.75 -19.20 -5.24
N THR A 132 7.05 -18.10 -4.99
CA THR A 132 7.69 -16.99 -4.30
C THR A 132 6.89 -16.47 -3.13
N LEU A 133 5.94 -15.59 -3.39
CA LEU A 133 5.23 -14.95 -2.33
C LEU A 133 4.13 -15.81 -1.72
N ARG A 134 3.71 -16.87 -2.39
CA ARG A 134 2.57 -17.57 -1.77
C ARG A 134 2.76 -18.04 -0.34
N PRO A 135 3.86 -18.75 -0.02
CA PRO A 135 4.14 -19.27 1.32
C PRO A 135 4.53 -18.27 2.39
N CYS A 136 5.01 -17.09 1.97
CA CYS A 136 5.45 -16.09 2.94
C CYS A 136 4.32 -15.24 3.55
N HIS A 137 3.15 -15.32 2.88
CA HIS A 137 1.87 -14.62 3.15
C HIS A 137 0.86 -15.30 4.11
N SER A 138 0.12 -14.50 4.89
CA SER A 138 -0.87 -15.05 5.82
C SER A 138 -2.04 -15.54 4.97
N ALA A 139 -2.81 -16.55 5.44
CA ALA A 139 -3.87 -17.08 4.60
C ALA A 139 -4.80 -15.97 4.17
N VAL A 140 -5.02 -15.00 5.05
CA VAL A 140 -5.87 -13.91 4.66
C VAL A 140 -5.32 -13.09 3.50
N ILE A 141 -4.03 -12.75 3.53
CA ILE A 141 -3.46 -11.94 2.44
C ILE A 141 -3.40 -12.70 1.13
N GLN A 142 -3.16 -14.01 1.19
CA GLN A 142 -3.15 -14.81 0.00
C GLN A 142 -4.49 -14.56 -0.73
N LYS A 143 -5.63 -14.46 -0.02
CA LYS A 143 -6.90 -14.15 -0.70
C LYS A 143 -6.89 -12.79 -1.44
N VAL A 144 -6.24 -11.79 -0.84
CA VAL A 144 -6.16 -10.49 -1.50
C VAL A 144 -5.39 -10.64 -2.84
N PHE A 145 -4.26 -11.34 -2.82
CA PHE A 145 -3.51 -11.49 -4.08
C PHE A 145 -4.34 -12.16 -5.16
N TRP A 146 -5.01 -13.28 -4.81
CA TRP A 146 -5.86 -13.95 -5.79
C TRP A 146 -6.94 -12.96 -6.31
N GLY A 147 -7.52 -12.13 -5.44
CA GLY A 147 -8.47 -11.11 -5.92
C GLY A 147 -7.73 -10.11 -6.80
N GLY A 148 -6.43 -9.94 -6.55
CA GLY A 148 -5.67 -9.01 -7.37
C GLY A 148 -5.69 -9.48 -8.80
N VAL A 149 -5.22 -10.74 -8.96
CA VAL A 149 -5.09 -11.48 -10.22
C VAL A 149 -6.40 -11.50 -11.05
N LYS A 150 -7.54 -11.34 -10.38
CA LYS A 150 -8.79 -11.23 -11.12
C LYS A 150 -8.71 -10.05 -12.06
N LEU A 151 -7.80 -9.09 -11.80
CA LEU A 151 -7.70 -7.91 -12.64
C LEU A 151 -6.49 -7.89 -13.58
N ALA A 152 -5.91 -9.05 -13.81
CA ALA A 152 -4.74 -9.17 -14.66
C ALA A 152 -5.02 -8.84 -16.11
N PRO A 153 -4.07 -8.16 -16.79
CA PRO A 153 -4.19 -7.80 -18.21
C PRO A 153 -3.68 -9.01 -19.00
N SER A 154 -3.91 -8.98 -20.29
CA SER A 154 -3.34 -10.01 -21.12
C SER A 154 -1.80 -9.76 -21.20
N ARG A 155 -1.04 -10.80 -21.55
CA ARG A 155 0.41 -10.67 -21.76
C ARG A 155 0.64 -9.52 -22.74
N GLU A 156 -0.05 -9.52 -23.88
CA GLU A 156 0.11 -8.50 -24.92
C GLU A 156 -0.19 -7.09 -24.45
N ARG A 157 -1.30 -6.90 -23.73
CA ARG A 157 -1.58 -5.54 -23.20
C ARG A 157 -0.44 -5.10 -22.25
N PHE A 158 -0.03 -5.99 -21.35
CA PHE A 158 1.03 -5.73 -20.37
C PHE A 158 2.30 -5.31 -21.08
N TYR A 159 2.70 -6.03 -22.13
CA TYR A 159 3.90 -5.60 -22.86
C TYR A 159 3.72 -4.19 -23.42
N ARG A 160 2.55 -3.91 -24.02
CA ARG A 160 2.33 -2.60 -24.62
C ARG A 160 2.31 -1.47 -23.62
N LYS A 161 1.94 -1.73 -22.36
CA LYS A 161 2.01 -0.67 -21.36
C LYS A 161 3.46 -0.31 -21.02
N LEU A 162 4.38 -1.29 -21.12
CA LEU A 162 5.79 -1.02 -20.82
C LEU A 162 6.36 -0.16 -21.93
N HIS A 163 6.10 -0.58 -23.17
CA HIS A 163 6.56 0.15 -24.35
C HIS A 163 5.53 -0.14 -25.46
N PRO A 164 5.14 0.88 -26.25
CA PRO A 164 4.14 0.59 -27.30
C PRO A 164 4.54 -0.46 -28.34
N ASP A 165 5.83 -0.67 -28.53
CA ASP A 165 6.29 -1.69 -29.49
C ASP A 165 6.50 -3.00 -28.69
N LEU A 166 5.67 -4.00 -28.97
CA LEU A 166 5.68 -5.31 -28.30
C LEU A 166 7.05 -5.95 -28.29
N ASN A 167 7.67 -6.02 -29.47
CA ASN A 167 9.01 -6.60 -29.63
C ASN A 167 10.06 -5.92 -28.72
N ILE A 168 10.01 -4.61 -28.61
CA ILE A 168 10.93 -3.88 -27.74
C ILE A 168 10.62 -4.22 -26.27
N ALA A 169 9.34 -4.39 -25.93
CA ALA A 169 8.96 -4.73 -24.55
C ALA A 169 9.53 -6.06 -24.11
N LYS A 170 9.43 -7.06 -25.00
CA LYS A 170 9.90 -8.39 -24.66
C LYS A 170 11.42 -8.43 -24.53
N ALA A 171 12.10 -7.82 -25.50
CA ALA A 171 13.57 -7.79 -25.47
C ALA A 171 14.09 -7.05 -24.24
N LYS A 172 13.43 -5.96 -23.86
CA LYS A 172 13.88 -5.19 -22.72
C LYS A 172 13.52 -5.87 -21.40
N ILE A 173 12.43 -6.62 -21.39
CA ILE A 173 12.14 -7.43 -20.21
C ILE A 173 13.26 -8.49 -20.12
N GLU A 174 13.65 -9.09 -21.26
CA GLU A 174 14.71 -10.10 -21.21
C GLU A 174 16.02 -9.47 -20.77
N GLU A 175 16.36 -8.28 -21.29
CA GLU A 175 17.60 -7.59 -20.89
C GLU A 175 17.57 -7.17 -19.41
N PHE A 176 16.43 -6.61 -18.96
CA PHE A 176 16.29 -6.26 -17.54
C PHE A 176 16.54 -7.51 -16.68
N LEU A 177 15.90 -8.63 -17.04
CA LEU A 177 16.09 -9.86 -16.30
C LEU A 177 17.58 -10.23 -16.25
N ILE A 178 18.25 -10.19 -17.41
CA ILE A 178 19.70 -10.49 -17.44
C ILE A 178 20.40 -9.57 -16.43
N GLU A 179 20.08 -8.27 -16.38
CA GLU A 179 20.81 -7.40 -15.44
C GLU A 179 20.36 -7.53 -13.99
N LEU A 180 19.06 -7.81 -13.80
CA LEU A 180 18.59 -8.04 -12.46
C LEU A 180 19.26 -9.25 -11.81
N HIS A 181 19.64 -10.22 -12.65
CA HIS A 181 20.05 -11.49 -12.14
C HIS A 181 21.08 -11.51 -11.02
N ASP A 182 22.26 -10.97 -11.29
CA ASP A 182 23.29 -11.07 -10.26
C ASP A 182 23.06 -10.31 -8.96
N PRO A 183 22.51 -9.09 -9.02
CA PRO A 183 22.26 -8.38 -7.77
C PRO A 183 21.25 -9.20 -6.96
N LEU A 184 20.16 -9.62 -7.60
CA LEU A 184 19.19 -10.41 -6.87
C LEU A 184 19.76 -11.77 -6.47
N CYS A 185 20.49 -12.40 -7.41
CA CYS A 185 21.06 -13.68 -7.04
C CYS A 185 22.05 -13.54 -5.88
N CYS A 186 22.82 -12.43 -5.86
CA CYS A 186 23.78 -12.20 -4.78
C CYS A 186 22.99 -12.13 -3.50
N ILE A 187 21.94 -11.33 -3.52
CA ILE A 187 21.05 -11.18 -2.39
C ILE A 187 20.43 -12.53 -1.92
N VAL A 188 19.85 -13.29 -2.87
CA VAL A 188 19.26 -14.61 -2.54
C VAL A 188 20.29 -15.44 -1.72
N GLN A 189 21.55 -15.48 -2.17
CA GLN A 189 22.57 -16.26 -1.44
C GLN A 189 22.81 -15.74 -0.02
N PHE A 190 22.97 -14.43 0.14
CA PHE A 190 23.20 -13.77 1.45
C PHE A 190 22.13 -14.02 2.53
N PHE A 191 20.86 -13.78 2.20
CA PHE A 191 19.79 -14.01 3.23
C PHE A 191 19.72 -15.43 3.79
N PHE A 192 20.45 -16.35 3.16
CA PHE A 192 20.59 -17.73 3.66
C PHE A 192 21.73 -17.76 4.67
N GLN A 193 22.83 -17.04 4.37
CA GLN A 193 24.01 -17.00 5.26
C GLN A 193 23.62 -16.43 6.62
N ARG A 194 22.74 -15.42 6.63
CA ARG A 194 22.32 -14.87 7.92
C ARG A 194 21.09 -15.56 8.51
N GLU A 195 20.59 -16.62 7.85
CA GLU A 195 19.44 -17.43 8.30
C GLU A 195 18.19 -16.59 8.53
N LEU A 196 17.91 -15.75 7.52
CA LEU A 196 16.79 -14.82 7.53
C LEU A 196 15.75 -15.10 6.50
N GLU A 197 15.65 -16.34 6.08
CA GLU A 197 14.64 -16.65 5.11
C GLU A 197 14.46 -18.15 5.17
N ASP A 198 13.23 -18.54 5.53
CA ASP A 198 12.91 -19.97 5.65
C ASP A 198 11.61 -20.35 4.92
N GLN A 199 11.19 -19.53 3.95
CA GLN A 199 9.90 -19.79 3.25
C GLN A 199 9.88 -19.67 1.71
N CYS A 200 10.54 -18.64 1.17
CA CYS A 200 10.52 -18.40 -0.26
C CYS A 200 11.77 -18.90 -0.93
N TRP A 201 11.65 -19.88 -1.82
CA TRP A 201 12.84 -20.38 -2.49
C TRP A 201 12.92 -19.76 -3.90
N GLY A 202 11.79 -19.28 -4.41
CA GLY A 202 11.80 -18.66 -5.71
C GLY A 202 11.91 -19.59 -6.88
N ASP A 203 12.23 -19.00 -8.01
CA ASP A 203 12.27 -19.73 -9.28
C ASP A 203 13.62 -20.36 -9.40
N GLU A 204 13.66 -21.68 -9.18
CA GLU A 204 14.92 -22.38 -9.23
C GLU A 204 15.59 -22.21 -10.58
N VAL A 205 14.79 -22.13 -11.65
CA VAL A 205 15.38 -21.96 -12.99
C VAL A 205 16.10 -20.61 -13.20
N TYR A 206 15.40 -19.51 -12.98
CA TYR A 206 16.00 -18.20 -13.18
C TYR A 206 17.30 -18.06 -12.39
N GLN A 207 17.27 -18.57 -11.15
CA GLN A 207 18.34 -18.43 -10.19
C GLN A 207 19.54 -19.30 -10.34
N ARG A 208 19.51 -20.13 -11.36
CA ARG A 208 20.69 -20.92 -11.65
C ARG A 208 21.82 -19.92 -11.90
N LYS A 209 23.02 -20.46 -11.96
CA LYS A 209 24.22 -19.68 -12.10
C LYS A 209 24.33 -18.70 -13.23
N ASP A 210 24.22 -19.18 -14.46
CA ASP A 210 24.41 -18.23 -15.55
C ASP A 210 23.24 -17.24 -15.61
N SER A 211 23.54 -15.94 -15.76
CA SER A 211 22.49 -14.90 -15.77
C SER A 211 21.73 -14.75 -17.06
N SER A 212 22.10 -15.57 -18.06
CA SER A 212 21.41 -15.65 -19.35
C SER A 212 20.84 -17.07 -19.67
N GLU A 213 21.26 -18.07 -18.91
CA GLU A 213 20.81 -19.47 -19.07
C GLU A 213 19.31 -19.70 -19.21
N TRP A 214 18.55 -19.15 -18.26
CA TRP A 214 17.10 -19.30 -18.20
C TRP A 214 16.39 -19.10 -19.52
N LEU A 215 16.97 -18.34 -20.43
CA LEU A 215 16.28 -18.10 -21.70
C LEU A 215 15.99 -19.41 -22.44
N LYS A 216 16.85 -20.42 -22.24
CA LYS A 216 16.72 -21.73 -22.89
C LYS A 216 15.86 -22.74 -22.10
N ASP B 11 0.09 -3.68 18.62
CA ASP B 11 -0.79 -4.37 17.63
C ASP B 11 -1.54 -3.41 16.71
N PHE B 12 -1.10 -2.14 16.64
CA PHE B 12 -1.73 -1.13 15.78
C PHE B 12 -1.61 -1.53 14.31
N GLY B 13 -0.78 -2.54 14.06
CA GLY B 13 -0.64 -3.06 12.70
C GLY B 13 -1.93 -3.70 12.15
N ILE B 14 -2.83 -4.11 13.04
CA ILE B 14 -4.12 -4.70 12.63
C ILE B 14 -4.89 -3.75 11.66
N ILE B 15 -4.79 -2.43 11.87
CA ILE B 15 -5.51 -1.53 10.95
C ILE B 15 -4.98 -1.61 9.49
N VAL B 16 -3.68 -1.82 9.34
CA VAL B 16 -3.06 -1.94 8.02
C VAL B 16 -3.50 -3.23 7.36
N ILE B 17 -3.47 -4.32 8.12
CA ILE B 17 -3.87 -5.62 7.61
C ILE B 17 -5.35 -5.62 7.20
N LEU B 18 -6.19 -4.94 7.97
CA LEU B 18 -7.61 -4.92 7.63
C LEU B 18 -7.89 -4.05 6.39
N TRP B 19 -7.19 -2.92 6.24
CA TRP B 19 -7.42 -2.07 5.08
C TRP B 19 -6.81 -2.62 3.78
N LYS B 20 -5.74 -3.42 3.89
CA LYS B 20 -5.17 -4.13 2.73
C LYS B 20 -6.23 -5.03 2.08
N GLN B 21 -7.23 -5.43 2.87
CA GLN B 21 -8.29 -6.31 2.38
C GLN B 21 -9.48 -5.53 1.84
N VAL B 22 -9.39 -4.20 1.96
CA VAL B 22 -10.46 -3.34 1.45
C VAL B 22 -9.97 -2.91 0.10
N THR B 23 -10.51 -3.53 -0.94
CA THR B 23 -10.05 -3.30 -2.28
C THR B 23 -11.18 -2.76 -3.15
N VAL B 24 -10.83 -2.46 -4.40
CA VAL B 24 -11.81 -1.95 -5.34
C VAL B 24 -11.84 -3.01 -6.43
N LYS B 25 -13.02 -3.51 -6.75
CA LYS B 25 -13.13 -4.55 -7.79
C LYS B 25 -13.03 -3.99 -9.20
N GLU B 26 -12.99 -4.87 -10.20
CA GLU B 26 -12.90 -4.40 -11.59
C GLU B 26 -13.95 -3.35 -11.96
N ASP B 27 -15.16 -3.53 -11.43
CA ASP B 27 -16.23 -2.60 -11.73
C ASP B 27 -16.18 -1.32 -10.90
N GLY B 28 -15.08 -1.14 -10.16
CA GLY B 28 -14.92 0.05 -9.34
C GLY B 28 -15.67 -0.04 -8.02
N LYS B 29 -16.01 -1.25 -7.56
CA LYS B 29 -16.76 -1.40 -6.32
C LYS B 29 -15.93 -1.85 -5.10
N VAL B 30 -16.42 -1.56 -3.90
CA VAL B 30 -15.72 -1.87 -2.65
C VAL B 30 -16.41 -2.93 -1.77
N PRO B 31 -15.78 -4.11 -1.59
CA PRO B 31 -16.38 -5.19 -0.76
C PRO B 31 -16.88 -4.63 0.60
N LEU B 32 -18.18 -4.76 0.81
CA LEU B 32 -18.86 -4.18 1.96
C LEU B 32 -18.47 -4.64 3.35
N GLU B 33 -18.31 -5.96 3.53
CA GLU B 33 -18.01 -6.57 4.82
C GLU B 33 -16.59 -6.28 5.30
N PRO B 34 -15.59 -6.45 4.43
CA PRO B 34 -14.23 -6.16 4.88
C PRO B 34 -14.07 -4.66 5.23
N PHE B 35 -14.95 -3.83 4.70
CA PHE B 35 -14.92 -2.38 4.92
C PHE B 35 -15.39 -2.05 6.30
N LEU B 36 -16.37 -2.76 6.79
CA LEU B 36 -16.89 -2.42 8.12
C LEU B 36 -15.94 -2.91 9.19
N THR B 37 -15.39 -4.12 9.03
CA THR B 37 -14.42 -4.58 9.98
C THR B 37 -13.25 -3.56 9.99
N ALA B 38 -12.77 -3.11 8.83
CA ALA B 38 -11.66 -2.15 8.79
C ALA B 38 -12.16 -0.77 9.27
N ALA B 39 -13.33 -0.35 8.80
CA ALA B 39 -13.85 0.98 9.21
C ALA B 39 -13.93 1.03 10.73
N LYS B 40 -14.43 -0.04 11.40
CA LYS B 40 -14.48 -0.03 12.87
C LYS B 40 -13.11 0.21 13.56
N GLU B 41 -12.05 -0.41 13.06
CA GLU B 41 -10.71 -0.30 13.67
C GLU B 41 -10.14 1.14 13.64
N VAL B 42 -10.66 1.99 12.77
CA VAL B 42 -10.20 3.37 12.68
C VAL B 42 -10.56 4.07 14.01
N LEU B 43 -11.51 3.52 14.76
CA LEU B 43 -11.81 4.12 16.06
C LEU B 43 -10.57 4.04 16.99
N ARG B 44 -9.68 3.07 16.79
CA ARG B 44 -8.48 3.03 17.64
C ARG B 44 -7.66 4.31 17.36
N VAL B 45 -7.66 4.78 16.10
CA VAL B 45 -7.00 6.05 15.77
C VAL B 45 -7.65 7.24 16.49
N VAL B 46 -8.99 7.33 16.47
CA VAL B 46 -9.61 8.45 17.16
C VAL B 46 -9.32 8.37 18.67
N ASP B 47 -9.15 7.16 19.19
CA ASP B 47 -8.83 7.06 20.62
C ASP B 47 -7.48 7.68 21.01
N ALA B 48 -6.59 7.92 20.05
CA ALA B 48 -5.29 8.48 20.42
C ALA B 48 -5.38 9.99 20.72
N PHE B 49 -6.52 10.62 20.43
CA PHE B 49 -6.71 12.02 20.82
C PHE B 49 -7.00 12.09 22.35
N GLY B 50 -7.33 10.94 22.94
CA GLY B 50 -7.66 10.90 24.35
C GLY B 50 -9.12 10.56 24.48
N SER B 51 -9.74 11.08 25.55
CA SER B 51 -11.17 10.83 25.85
C SER B 51 -12.20 11.84 25.29
N GLY B 52 -11.73 12.90 24.63
CA GLY B 52 -12.62 13.91 24.05
C GLY B 52 -13.04 13.57 22.61
N PHE B 53 -13.57 14.57 21.90
CA PHE B 53 -14.08 14.38 20.50
C PHE B 53 -15.20 13.31 20.49
N ARG B 54 -15.88 13.11 21.64
CA ARG B 54 -16.91 12.08 21.66
C ARG B 54 -18.00 12.28 20.61
N ILE B 55 -18.25 13.51 20.16
CA ILE B 55 -19.25 13.62 19.09
C ILE B 55 -18.79 12.89 17.82
N VAL B 56 -17.52 13.05 17.42
CA VAL B 56 -16.96 12.38 16.23
C VAL B 56 -16.97 10.84 16.41
N LYS B 57 -16.36 10.34 17.51
CA LYS B 57 -16.37 8.89 17.79
C LYS B 57 -17.82 8.36 17.66
N ASN B 58 -18.72 8.97 18.42
CA ASN B 58 -20.12 8.56 18.40
C ASN B 58 -20.68 8.53 16.96
N ASP B 59 -20.28 9.51 16.14
CA ASP B 59 -20.79 9.49 14.76
C ASP B 59 -20.19 8.33 13.97
N ILE B 60 -18.89 8.08 14.16
CA ILE B 60 -18.28 6.95 13.44
C ILE B 60 -18.94 5.63 13.84
N ALA B 61 -19.01 5.38 15.14
CA ALA B 61 -19.60 4.16 15.63
C ALA B 61 -21.08 4.09 15.25
N GLY B 62 -21.77 5.21 15.45
CA GLY B 62 -23.18 5.23 15.14
C GLY B 62 -23.45 4.85 13.69
N ASN B 63 -22.58 5.31 12.79
CA ASN B 63 -22.72 5.02 11.36
C ASN B 63 -22.38 3.58 10.97
N ILE B 64 -21.27 3.05 11.48
CA ILE B 64 -21.00 1.64 11.18
C ILE B 64 -22.24 0.80 11.59
N LYS B 65 -22.88 1.17 12.72
CA LYS B 65 -24.03 0.41 13.20
C LYS B 65 -25.18 0.45 12.21
N LYS B 66 -25.34 1.54 11.44
CA LYS B 66 -26.42 1.64 10.47
C LYS B 66 -26.11 0.89 9.17
N LEU B 67 -24.84 0.78 8.79
CA LEU B 67 -24.55 0.04 7.57
C LEU B 67 -24.76 -1.43 7.90
N TYR B 68 -24.43 -1.83 9.11
CA TYR B 68 -24.71 -3.22 9.51
C TYR B 68 -26.21 -3.50 9.59
N ARG B 69 -26.96 -2.58 10.21
CA ARG B 69 -28.39 -2.75 10.35
C ARG B 69 -29.09 -2.71 9.00
N ALA B 70 -28.82 -1.72 8.17
CA ALA B 70 -29.41 -1.57 6.84
C ALA B 70 -29.19 -2.82 5.99
N ASN B 71 -28.00 -3.39 6.05
CA ASN B 71 -27.72 -4.54 5.23
C ASN B 71 -28.37 -5.84 5.70
N GLN B 72 -28.94 -5.82 6.89
CA GLN B 72 -29.62 -7.02 7.40
C GLN B 72 -30.72 -7.48 6.44
N THR B 73 -31.34 -6.55 5.70
CA THR B 73 -32.39 -6.91 4.74
C THR B 73 -32.06 -6.76 3.24
N VAL B 74 -30.90 -6.19 2.91
CA VAL B 74 -30.48 -6.00 1.52
C VAL B 74 -29.45 -7.06 1.12
N HIS B 75 -28.60 -7.43 2.07
CA HIS B 75 -27.57 -8.42 1.86
C HIS B 75 -26.65 -8.07 0.74
N ALA B 76 -26.33 -6.78 0.66
CA ALA B 76 -25.40 -6.27 -0.32
C ALA B 76 -24.00 -6.79 0.02
N GLU B 77 -23.16 -6.96 -0.99
CA GLU B 77 -21.78 -7.41 -0.80
C GLU B 77 -20.72 -6.33 -1.04
N THR B 78 -21.13 -5.22 -1.65
CA THR B 78 -20.20 -4.05 -1.80
C THR B 78 -20.99 -2.86 -1.30
N LEU B 79 -20.27 -1.76 -1.06
CA LEU B 79 -20.89 -0.50 -0.61
C LEU B 79 -21.67 0.08 -1.80
N GLN B 80 -21.13 -0.01 -3.02
CA GLN B 80 -21.85 0.52 -4.18
C GLN B 80 -23.23 -0.14 -4.33
N GLU B 81 -23.28 -1.47 -4.23
CA GLU B 81 -24.59 -2.17 -4.35
C GLU B 81 -25.59 -1.70 -3.29
N LEU B 82 -25.13 -1.54 -2.06
CA LEU B 82 -26.05 -1.17 -1.00
C LEU B 82 -26.69 0.19 -1.18
N ILE B 83 -25.89 1.18 -1.59
CA ILE B 83 -26.39 2.52 -1.83
C ILE B 83 -27.41 2.50 -3.00
N ILE B 84 -27.05 1.79 -4.06
CA ILE B 84 -27.92 1.69 -5.22
C ILE B 84 -29.28 1.11 -4.80
N ALA B 85 -29.26 0.10 -3.94
CA ALA B 85 -30.50 -0.57 -3.48
C ALA B 85 -31.47 0.42 -2.82
N GLU B 86 -30.91 1.44 -2.15
CA GLU B 86 -31.72 2.47 -1.50
C GLU B 86 -32.14 3.54 -2.51
N ASN B 87 -31.26 3.87 -3.46
CA ASN B 87 -31.52 4.89 -4.49
C ASN B 87 -32.33 6.03 -3.87
N SER B 88 -31.66 6.85 -3.08
CA SER B 88 -32.28 7.95 -2.39
C SER B 88 -31.20 8.66 -1.58
N PRO B 89 -31.11 9.98 -1.74
CA PRO B 89 -30.11 10.75 -1.00
C PRO B 89 -30.45 10.72 0.48
N ASP B 90 -31.67 10.29 0.81
CA ASP B 90 -32.08 10.21 2.20
C ASP B 90 -32.12 8.79 2.75
N GLY B 91 -31.64 7.81 2.00
CA GLY B 91 -31.64 6.44 2.52
C GLY B 91 -30.70 6.24 3.70
N LEU B 92 -31.07 5.34 4.61
CA LEU B 92 -30.31 4.99 5.80
C LEU B 92 -28.84 4.67 5.53
N ALA B 93 -28.52 3.62 4.78
CA ALA B 93 -27.09 3.33 4.54
C ALA B 93 -26.39 4.45 3.77
N THR B 94 -27.16 5.24 3.03
CA THR B 94 -26.63 6.33 2.19
C THR B 94 -26.19 7.54 3.00
N VAL B 95 -27.02 8.01 3.94
CA VAL B 95 -26.65 9.16 4.76
C VAL B 95 -25.58 8.70 5.74
N ALA B 96 -25.65 7.47 6.25
CA ALA B 96 -24.67 6.96 7.23
C ALA B 96 -23.29 6.80 6.61
N LEU B 97 -23.20 6.36 5.35
CA LEU B 97 -21.93 6.17 4.65
C LEU B 97 -21.39 7.51 4.16
N LEU B 98 -22.27 8.46 3.86
CA LEU B 98 -21.89 9.82 3.47
C LEU B 98 -21.10 10.40 4.68
N TRP B 99 -21.59 10.17 5.89
CA TRP B 99 -20.97 10.78 7.06
C TRP B 99 -19.77 10.02 7.52
N LEU B 100 -19.81 8.71 7.40
CA LEU B 100 -18.67 7.89 7.74
C LEU B 100 -17.53 8.28 6.76
N LYS B 101 -17.85 8.43 5.47
CA LYS B 101 -16.91 8.88 4.44
C LYS B 101 -16.34 10.25 4.90
N ARG B 102 -17.19 11.14 5.42
CA ARG B 102 -16.75 12.47 5.85
C ARG B 102 -15.72 12.40 6.96
N ALA B 103 -16.06 11.61 7.98
CA ALA B 103 -15.12 11.37 9.08
C ALA B 103 -13.84 10.72 8.62
N PHE B 104 -13.88 9.84 7.61
CA PHE B 104 -12.66 9.20 7.17
C PHE B 104 -11.78 10.16 6.37
N GLN B 105 -12.38 11.05 5.56
CA GLN B 105 -11.63 12.11 4.86
C GLN B 105 -11.01 13.06 5.88
N PHE B 106 -11.79 13.53 6.86
CA PHE B 106 -11.23 14.41 7.89
C PHE B 106 -10.03 13.72 8.59
N ILE B 107 -10.02 12.39 8.78
CA ILE B 107 -8.92 11.69 9.47
C ILE B 107 -7.72 11.42 8.58
N ALA B 108 -7.93 11.09 7.30
CA ALA B 108 -6.80 10.86 6.40
C ALA B 108 -6.03 12.18 6.20
N SER B 109 -6.76 13.29 6.09
CA SER B 109 -6.08 14.60 5.92
C SER B 109 -5.30 14.91 7.21
N PHE B 110 -5.90 14.71 8.38
CA PHE B 110 -5.24 14.93 9.64
C PHE B 110 -3.96 14.14 9.73
N LEU B 111 -4.04 12.83 9.51
CA LEU B 111 -2.84 12.03 9.61
C LEU B 111 -1.86 12.44 8.53
N ARG B 112 -2.33 12.83 7.34
CA ARG B 112 -1.44 13.29 6.29
C ARG B 112 -0.57 14.42 6.83
N ARG B 113 -1.22 15.43 7.38
CA ARG B 113 -0.48 16.60 7.90
C ARG B 113 0.42 16.26 9.06
N LEU B 114 -0.06 15.39 9.95
CA LEU B 114 0.75 15.03 11.11
C LEU B 114 2.04 14.30 10.66
N VAL B 115 2.01 13.64 9.49
CA VAL B 115 3.19 12.92 9.04
C VAL B 115 4.06 13.71 8.07
N VAL B 116 3.48 14.54 7.19
CA VAL B 116 4.30 15.27 6.22
C VAL B 116 4.75 16.68 6.59
N THR B 117 4.10 17.30 7.57
CA THR B 117 4.46 18.64 7.95
C THR B 117 5.09 18.62 9.36
N ASP B 118 5.59 19.79 9.75
CA ASP B 118 6.12 19.97 11.09
C ASP B 118 5.13 20.80 11.92
N LYS B 119 3.91 20.98 11.41
CA LYS B 119 2.90 21.78 12.11
C LYS B 119 2.46 21.12 13.43
N SER B 120 1.95 21.90 14.38
CA SER B 120 1.48 21.29 15.63
C SER B 120 0.27 20.35 15.44
N LEU B 121 0.04 19.44 16.37
CA LEU B 121 -1.12 18.55 16.25
C LEU B 121 -2.34 19.42 16.12
N GLU B 122 -2.41 20.44 16.94
CA GLU B 122 -3.54 21.36 16.83
C GLU B 122 -3.58 21.88 15.40
N GLN B 123 -2.40 22.24 14.85
CA GLN B 123 -2.51 22.68 13.47
C GLN B 123 -3.09 21.66 12.49
N CYS B 124 -2.56 20.44 12.47
CA CYS B 124 -3.14 19.57 11.45
C CYS B 124 -4.54 19.06 11.79
N VAL B 125 -4.88 18.88 13.07
CA VAL B 125 -6.28 18.46 13.34
C VAL B 125 -7.23 19.61 13.02
N THR B 126 -6.82 20.88 13.24
CA THR B 126 -7.68 22.02 12.88
C THR B 126 -7.87 22.16 11.36
N GLU B 127 -6.79 22.10 10.60
CA GLU B 127 -6.90 22.19 9.14
C GLU B 127 -7.61 20.95 8.58
N ALA B 128 -7.51 19.81 9.29
CA ALA B 128 -8.18 18.55 8.90
C ALA B 128 -9.62 18.82 8.85
N TYR B 129 -10.10 19.25 10.02
CA TYR B 129 -11.51 19.56 10.17
C TYR B 129 -11.85 20.62 9.14
N ASN B 130 -10.99 21.65 9.05
CA ASN B 130 -11.24 22.71 8.10
C ASN B 130 -11.59 22.30 6.67
N CYS B 131 -10.91 21.30 6.10
CA CYS B 131 -11.22 20.94 4.71
C CYS B 131 -12.15 19.75 4.48
N THR B 132 -12.74 19.26 5.56
CA THR B 132 -13.65 18.14 5.43
C THR B 132 -15.03 18.52 6.05
N LEU B 133 -15.22 18.18 7.32
CA LEU B 133 -16.50 18.31 8.00
C LEU B 133 -16.91 19.66 8.56
N ARG B 134 -15.99 20.63 8.76
CA ARG B 134 -16.42 21.88 9.38
C ARG B 134 -17.59 22.52 8.62
N PRO B 135 -17.58 22.53 7.28
CA PRO B 135 -18.70 23.16 6.55
C PRO B 135 -19.98 22.37 6.63
N CYS B 136 -19.87 21.10 7.00
CA CYS B 136 -21.04 20.24 7.11
C CYS B 136 -21.68 20.43 8.49
N HIS B 137 -21.08 21.27 9.33
CA HIS B 137 -21.53 21.43 10.71
C HIS B 137 -22.05 22.82 11.09
N SER B 138 -23.19 22.83 11.78
CA SER B 138 -23.73 24.10 12.25
C SER B 138 -22.84 24.59 13.38
N ALA B 139 -23.15 25.80 13.87
CA ALA B 139 -22.35 26.43 14.95
C ALA B 139 -22.33 25.55 16.20
N VAL B 140 -23.48 24.94 16.45
CA VAL B 140 -23.69 24.03 17.56
C VAL B 140 -22.60 22.95 17.62
N ILE B 141 -22.49 22.14 16.57
CA ILE B 141 -21.49 21.09 16.53
C ILE B 141 -20.08 21.66 16.37
N GLN B 142 -19.94 22.72 15.56
CA GLN B 142 -18.61 23.33 15.40
C GLN B 142 -18.06 23.70 16.77
N LYS B 143 -18.90 24.32 17.61
CA LYS B 143 -18.46 24.73 18.94
C LYS B 143 -17.91 23.53 19.71
N VAL B 144 -18.64 22.42 19.67
CA VAL B 144 -18.18 21.20 20.32
C VAL B 144 -16.85 20.66 19.74
N PHE B 145 -16.74 20.62 18.42
CA PHE B 145 -15.52 20.13 17.80
C PHE B 145 -14.31 20.96 18.23
N TRP B 146 -14.43 22.30 18.23
CA TRP B 146 -13.30 23.13 18.66
C TRP B 146 -12.87 22.90 20.11
N GLY B 147 -13.81 22.53 21.00
CA GLY B 147 -13.42 22.26 22.39
C GLY B 147 -12.58 21.00 22.48
N GLY B 148 -12.85 20.04 21.60
CA GLY B 148 -12.03 18.84 21.58
C GLY B 148 -10.64 19.17 21.08
N VAL B 149 -10.53 20.13 20.16
CA VAL B 149 -9.19 20.50 19.63
C VAL B 149 -8.37 21.07 20.79
N LYS B 150 -9.02 21.70 21.75
CA LYS B 150 -8.29 22.27 22.88
C LYS B 150 -7.66 21.17 23.72
N LEU B 151 -8.28 20.00 23.72
CA LEU B 151 -7.87 18.84 24.51
C LEU B 151 -6.95 17.91 23.76
N ALA B 152 -6.59 18.33 22.55
CA ALA B 152 -5.78 17.49 21.70
C ALA B 152 -4.39 17.23 22.29
N PRO B 153 -3.87 16.00 22.05
CA PRO B 153 -2.55 15.63 22.56
C PRO B 153 -1.39 16.17 21.72
N SER B 154 -0.19 16.18 22.33
CA SER B 154 0.95 16.51 21.51
C SER B 154 1.18 15.40 20.47
N ARG B 155 1.89 15.72 19.40
CA ARG B 155 2.21 14.75 18.38
C ARG B 155 2.87 13.53 19.04
N GLU B 156 3.75 13.77 20.00
CA GLU B 156 4.43 12.69 20.69
C GLU B 156 3.44 11.82 21.47
N ARG B 157 2.58 12.44 22.28
CA ARG B 157 1.61 11.67 23.06
C ARG B 157 0.62 10.91 22.16
N PHE B 158 0.07 11.59 21.13
CA PHE B 158 -0.86 10.96 20.21
C PHE B 158 -0.20 9.68 19.65
N TYR B 159 1.05 9.79 19.16
CA TYR B 159 1.74 8.60 18.62
C TYR B 159 1.98 7.54 19.68
N ARG B 160 2.41 7.94 20.88
CA ARG B 160 2.70 6.95 21.91
C ARG B 160 1.48 6.16 22.29
N LYS B 161 0.30 6.75 22.15
CA LYS B 161 -0.94 6.04 22.45
C LYS B 161 -1.15 4.89 21.45
N LEU B 162 -0.63 5.05 20.24
CA LEU B 162 -0.81 4.02 19.21
C LEU B 162 0.23 2.92 19.35
N HIS B 163 1.45 3.31 19.71
CA HIS B 163 2.54 2.34 19.90
C HIS B 163 3.66 2.95 20.73
N PRO B 164 4.21 2.19 21.70
CA PRO B 164 5.29 2.71 22.55
C PRO B 164 6.53 3.19 21.78
N ASP B 165 6.78 2.60 20.61
CA ASP B 165 7.91 3.01 19.78
C ASP B 165 7.23 4.02 18.84
N LEU B 166 7.56 5.30 19.00
CA LEU B 166 6.97 6.37 18.20
C LEU B 166 7.29 6.24 16.72
N ASN B 167 8.44 5.63 16.39
CA ASN B 167 8.79 5.44 14.97
C ASN B 167 7.89 4.39 14.34
N ILE B 168 7.51 3.37 15.10
CA ILE B 168 6.62 2.34 14.60
C ILE B 168 5.26 3.00 14.43
N ALA B 169 4.78 3.72 15.45
CA ALA B 169 3.48 4.37 15.34
C ALA B 169 3.45 5.20 14.07
N LYS B 170 4.48 6.00 13.82
CA LYS B 170 4.47 6.85 12.62
C LYS B 170 4.48 6.01 11.34
N ALA B 171 5.24 4.89 11.34
CA ALA B 171 5.29 4.06 10.16
C ALA B 171 3.94 3.39 9.87
N LYS B 172 3.24 2.93 10.91
CA LYS B 172 1.97 2.28 10.68
C LYS B 172 0.94 3.31 10.24
N ILE B 173 1.02 4.55 10.73
CA ILE B 173 0.08 5.56 10.24
C ILE B 173 0.31 5.80 8.74
N GLU B 174 1.56 5.83 8.31
CA GLU B 174 1.84 6.00 6.88
C GLU B 174 1.30 4.82 6.07
N GLU B 175 1.53 3.58 6.54
CA GLU B 175 1.01 2.40 5.82
C GLU B 175 -0.53 2.43 5.82
N PHE B 176 -1.14 2.84 6.92
CA PHE B 176 -2.60 2.92 7.00
C PHE B 176 -3.12 3.89 5.93
N LEU B 177 -2.53 5.08 5.83
CA LEU B 177 -2.96 6.06 4.82
C LEU B 177 -2.80 5.53 3.41
N ILE B 178 -1.76 4.73 3.20
CA ILE B 178 -1.51 4.13 1.87
C ILE B 178 -2.60 3.04 1.57
N GLU B 179 -3.08 2.32 2.58
CA GLU B 179 -4.07 1.28 2.38
C GLU B 179 -5.53 1.75 2.45
N LEU B 180 -5.73 2.83 3.22
CA LEU B 180 -7.05 3.40 3.32
C LEU B 180 -7.39 4.13 2.02
N HIS B 181 -6.35 4.62 1.30
CA HIS B 181 -6.47 5.52 0.14
C HIS B 181 -7.35 5.16 -1.03
N ASP B 182 -7.05 4.04 -1.70
CA ASP B 182 -7.82 3.78 -2.93
C ASP B 182 -9.29 3.53 -2.64
N PRO B 183 -9.63 2.69 -1.63
CA PRO B 183 -11.06 2.49 -1.41
C PRO B 183 -11.75 3.80 -0.97
N LEU B 184 -11.08 4.62 -0.13
CA LEU B 184 -11.73 5.85 0.29
C LEU B 184 -11.94 6.79 -0.91
N CYS B 185 -10.94 6.91 -1.79
CA CYS B 185 -11.12 7.81 -2.94
C CYS B 185 -12.13 7.24 -3.91
N CYS B 186 -12.20 5.90 -4.00
CA CYS B 186 -13.20 5.26 -4.86
C CYS B 186 -14.57 5.66 -4.27
N ILE B 187 -14.76 5.58 -2.94
CA ILE B 187 -16.05 5.98 -2.36
C ILE B 187 -16.26 7.50 -2.52
N VAL B 188 -15.22 8.31 -2.30
CA VAL B 188 -15.35 9.76 -2.48
C VAL B 188 -15.84 10.18 -3.87
N GLN B 189 -15.50 9.40 -4.90
CA GLN B 189 -15.97 9.76 -6.25
C GLN B 189 -17.36 9.18 -6.49
N PHE B 190 -17.67 8.02 -5.91
CA PHE B 190 -18.99 7.43 -6.07
C PHE B 190 -20.06 8.36 -5.50
N PHE B 191 -19.74 9.08 -4.41
CA PHE B 191 -20.71 10.02 -3.83
C PHE B 191 -20.89 11.29 -4.71
N PHE B 192 -19.90 11.57 -5.55
CA PHE B 192 -20.06 12.67 -6.54
C PHE B 192 -20.81 12.12 -7.74
N GLN B 193 -20.45 10.94 -8.21
CA GLN B 193 -21.16 10.37 -9.37
C GLN B 193 -22.67 10.33 -9.13
N ARG B 194 -23.07 10.24 -7.86
CA ARG B 194 -24.46 10.16 -7.45
C ARG B 194 -25.07 11.50 -6.98
N GLU B 195 -24.28 12.56 -6.96
CA GLU B 195 -24.73 13.87 -6.52
C GLU B 195 -25.21 13.84 -5.08
N LEU B 196 -24.42 13.18 -4.23
CA LEU B 196 -24.76 13.03 -2.80
C LEU B 196 -23.92 13.85 -1.86
N GLU B 197 -22.87 14.50 -2.35
CA GLU B 197 -22.01 15.30 -1.48
C GLU B 197 -21.83 16.62 -2.19
N ASP B 198 -22.10 17.73 -1.49
CA ASP B 198 -21.88 19.06 -2.04
C ASP B 198 -21.33 20.06 -0.99
N GLN B 199 -20.66 19.50 0.03
CA GLN B 199 -20.09 20.28 1.13
C GLN B 199 -18.61 19.93 1.46
N CYS B 200 -18.40 18.66 1.80
CA CYS B 200 -17.19 17.94 2.22
C CYS B 200 -16.44 17.57 0.95
N TRP B 201 -15.41 18.32 0.55
CA TRP B 201 -14.59 18.02 -0.63
C TRP B 201 -13.27 17.29 -0.34
N GLY B 202 -12.72 17.44 0.87
CA GLY B 202 -11.52 16.68 1.20
C GLY B 202 -10.21 17.37 0.94
N ASP B 203 -9.15 16.69 1.34
CA ASP B 203 -7.76 17.19 1.26
C ASP B 203 -7.21 16.73 -0.08
N GLU B 204 -7.19 17.66 -1.04
CA GLU B 204 -6.79 17.40 -2.43
C GLU B 204 -5.45 16.71 -2.53
N VAL B 205 -4.51 17.09 -1.69
CA VAL B 205 -3.24 16.45 -1.79
C VAL B 205 -3.38 14.96 -1.50
N TYR B 206 -4.09 14.64 -0.42
CA TYR B 206 -4.23 13.23 -0.10
C TYR B 206 -4.96 12.46 -1.19
N GLN B 207 -6.02 13.08 -1.74
CA GLN B 207 -6.86 12.38 -2.73
C GLN B 207 -6.30 12.28 -4.16
N ARG B 208 -5.08 12.77 -4.39
CA ARG B 208 -4.48 12.55 -5.71
C ARG B 208 -4.45 11.05 -6.01
N LYS B 209 -4.26 10.69 -7.28
CA LYS B 209 -4.33 9.31 -7.70
C LYS B 209 -3.32 8.31 -7.12
N ASP B 210 -2.04 8.67 -7.01
CA ASP B 210 -1.08 7.70 -6.43
C ASP B 210 -1.39 7.65 -4.94
N SER B 211 -1.56 6.43 -4.43
CA SER B 211 -1.85 6.31 -2.99
C SER B 211 -0.64 6.75 -2.14
N SER B 212 0.51 6.94 -2.77
CA SER B 212 1.68 7.45 -2.03
C SER B 212 2.03 8.85 -2.56
N GLU B 213 1.20 9.41 -3.43
CA GLU B 213 1.49 10.74 -3.99
C GLU B 213 1.55 11.84 -2.96
N TRP B 214 0.90 11.63 -1.82
CA TRP B 214 0.90 12.60 -0.74
C TRP B 214 2.27 12.66 -0.02
N LEU B 215 3.09 11.66 -0.24
CA LEU B 215 4.41 11.65 0.39
C LEU B 215 5.41 12.58 -0.33
N LYS B 216 4.95 13.31 -1.34
CA LYS B 216 5.79 14.25 -2.09
C LYS B 216 5.82 15.61 -1.41
N ASP A 11 9.91 5.27 -21.10
CA ASP A 11 11.30 4.93 -21.56
C ASP A 11 11.74 3.72 -20.78
N PHE A 12 10.96 2.63 -20.86
CA PHE A 12 11.23 1.43 -20.11
C PHE A 12 12.67 0.91 -20.19
N GLY A 13 13.30 1.04 -21.35
CA GLY A 13 14.65 0.55 -21.50
C GLY A 13 15.60 1.10 -20.46
N ILE A 14 15.25 2.24 -19.87
CA ILE A 14 16.09 2.79 -18.84
C ILE A 14 16.21 1.75 -17.76
N ILE A 15 15.20 0.89 -17.57
CA ILE A 15 15.30 -0.10 -16.52
C ILE A 15 16.51 -0.99 -16.69
N VAL A 16 16.90 -1.25 -17.93
CA VAL A 16 18.11 -2.07 -18.14
C VAL A 16 19.34 -1.25 -17.75
N ILE A 17 19.34 0.04 -18.10
CA ILE A 17 20.47 0.91 -17.80
C ILE A 17 20.66 1.02 -16.30
N LEU A 18 19.57 1.25 -15.54
CA LEU A 18 19.74 1.39 -14.11
C LEU A 18 20.21 0.10 -13.48
N TRP A 19 19.68 -1.02 -13.94
CA TRP A 19 20.16 -2.27 -13.40
C TRP A 19 21.61 -2.65 -13.79
N LYS A 20 22.01 -2.40 -15.04
CA LYS A 20 23.42 -2.63 -15.40
C LYS A 20 24.38 -1.80 -14.49
N GLN A 21 23.92 -0.74 -13.83
CA GLN A 21 24.77 0.07 -12.95
C GLN A 21 24.94 -0.62 -11.59
N VAL A 22 24.09 -1.59 -11.26
CA VAL A 22 24.22 -2.28 -9.98
C VAL A 22 25.37 -3.28 -10.23
N THR A 23 26.52 -2.98 -9.65
CA THR A 23 27.67 -3.81 -9.92
C THR A 23 28.12 -4.65 -8.77
N VAL A 24 28.02 -5.96 -8.96
CA VAL A 24 28.48 -6.94 -7.99
C VAL A 24 29.92 -7.28 -8.44
N LYS A 25 30.82 -7.13 -7.48
CA LYS A 25 32.26 -7.40 -7.69
C LYS A 25 32.59 -8.76 -7.10
N GLU A 26 33.87 -9.10 -7.13
CA GLU A 26 34.31 -10.37 -6.64
C GLU A 26 33.92 -10.63 -5.19
N ASP A 27 33.83 -9.56 -4.40
CA ASP A 27 33.50 -9.77 -2.99
C ASP A 27 32.03 -10.15 -2.81
N GLY A 28 31.28 -10.11 -3.92
CA GLY A 28 29.89 -10.52 -3.87
C GLY A 28 28.96 -9.62 -3.11
N LYS A 29 29.30 -8.34 -2.99
CA LYS A 29 28.45 -7.35 -2.31
C LYS A 29 27.70 -6.68 -3.46
N VAL A 30 26.52 -6.14 -3.12
CA VAL A 30 25.70 -5.43 -4.07
C VAL A 30 25.73 -4.02 -3.57
N PRO A 31 26.09 -3.05 -4.43
CA PRO A 31 26.17 -1.63 -4.03
C PRO A 31 24.81 -1.00 -3.73
N LEU A 32 24.71 -0.41 -2.55
CA LEU A 32 23.46 0.11 -2.02
C LEU A 32 22.69 1.19 -2.80
N GLU A 33 23.32 2.31 -3.13
CA GLU A 33 22.61 3.35 -3.83
C GLU A 33 22.18 2.99 -5.26
N PRO A 34 23.06 2.40 -6.08
CA PRO A 34 22.58 2.06 -7.45
C PRO A 34 21.41 1.04 -7.36
N PHE A 35 21.52 0.10 -6.44
CA PHE A 35 20.49 -0.92 -6.31
C PHE A 35 19.16 -0.27 -5.91
N LEU A 36 19.11 0.77 -5.07
CA LEU A 36 17.80 1.35 -4.68
C LEU A 36 17.16 2.17 -5.78
N THR A 37 17.96 2.96 -6.48
CA THR A 37 17.41 3.70 -7.61
C THR A 37 16.98 2.70 -8.70
N ALA A 38 17.67 1.55 -8.80
CA ALA A 38 17.27 0.58 -9.82
C ALA A 38 15.95 -0.09 -9.35
N ALA A 39 15.80 -0.26 -8.03
CA ALA A 39 14.60 -0.88 -7.45
C ALA A 39 13.42 0.02 -7.76
N LYS A 40 13.65 1.33 -7.81
CA LYS A 40 12.46 2.14 -8.08
C LYS A 40 11.91 1.81 -9.43
N GLU A 41 12.82 1.45 -10.33
CA GLU A 41 12.39 1.21 -11.66
C GLU A 41 11.51 -0.05 -11.79
N VAL A 42 11.58 -0.91 -10.76
CA VAL A 42 10.74 -2.10 -10.75
C VAL A 42 9.27 -1.69 -10.46
N LEU A 43 9.04 -0.54 -9.83
CA LEU A 43 7.63 -0.17 -9.63
C LEU A 43 6.90 0.07 -10.97
N ARG A 44 7.58 0.49 -12.06
CA ARG A 44 6.94 0.70 -13.37
C ARG A 44 6.51 -0.61 -14.00
N VAL A 45 7.25 -1.68 -13.71
CA VAL A 45 6.91 -2.98 -14.23
C VAL A 45 5.65 -3.42 -13.50
N VAL A 46 5.67 -3.28 -12.16
CA VAL A 46 4.52 -3.68 -11.38
C VAL A 46 3.24 -2.96 -11.79
N ASP A 47 3.36 -1.68 -12.16
CA ASP A 47 2.24 -0.84 -12.59
C ASP A 47 1.65 -1.28 -13.94
N ALA A 48 2.38 -2.08 -14.74
CA ALA A 48 1.83 -2.56 -16.04
C ALA A 48 0.82 -3.71 -15.79
N PHE A 49 0.77 -4.23 -14.57
CA PHE A 49 -0.21 -5.27 -14.33
C PHE A 49 -1.62 -4.76 -13.98
N GLY A 50 -1.77 -3.53 -13.52
CA GLY A 50 -3.11 -3.10 -13.15
C GLY A 50 -3.16 -2.91 -11.64
N SER A 51 -4.33 -2.53 -11.12
CA SER A 51 -4.45 -2.31 -9.69
C SER A 51 -4.40 -3.59 -8.84
N GLY A 52 -4.44 -4.79 -9.45
CA GLY A 52 -4.39 -6.04 -8.69
C GLY A 52 -3.03 -6.47 -8.07
N PHE A 53 -1.94 -5.81 -8.46
CA PHE A 53 -0.56 -6.07 -7.93
C PHE A 53 -0.27 -5.09 -6.76
N ARG A 54 -1.32 -4.47 -6.20
CA ARG A 54 -1.18 -3.51 -5.10
C ARG A 54 -0.51 -4.18 -3.93
N ILE A 55 -0.77 -5.48 -3.71
CA ILE A 55 -0.16 -6.16 -2.56
C ILE A 55 1.35 -5.95 -2.63
N VAL A 56 1.93 -6.25 -3.80
CA VAL A 56 3.35 -6.19 -4.16
C VAL A 56 3.89 -4.79 -4.36
N LYS A 57 3.09 -3.89 -4.98
CA LYS A 57 3.44 -2.48 -5.26
C LYS A 57 3.87 -1.81 -4.00
N ASN A 58 3.19 -2.10 -2.88
CA ASN A 58 3.56 -1.47 -1.64
C ASN A 58 4.73 -2.22 -0.99
N ASP A 59 4.88 -3.50 -1.32
CA ASP A 59 6.01 -4.24 -0.82
C ASP A 59 7.29 -3.70 -1.46
N ILE A 60 7.21 -3.11 -2.66
CA ILE A 60 8.38 -2.55 -3.34
C ILE A 60 8.58 -1.07 -2.96
N ALA A 61 7.68 -0.20 -3.43
CA ALA A 61 7.79 1.22 -3.12
C ALA A 61 8.04 1.48 -1.63
N GLY A 62 7.26 0.84 -0.76
CA GLY A 62 7.39 1.06 0.67
C GLY A 62 8.68 0.55 1.28
N ASN A 63 9.09 -0.66 0.91
CA ASN A 63 10.31 -1.19 1.51
C ASN A 63 11.54 -0.51 0.97
N ILE A 64 11.44 0.11 -0.21
CA ILE A 64 12.51 0.93 -0.75
C ILE A 64 12.69 2.12 0.23
N LYS A 65 11.57 2.74 0.62
CA LYS A 65 11.62 3.89 1.54
C LYS A 65 12.21 3.48 2.90
N LYS A 66 11.76 2.34 3.41
CA LYS A 66 12.25 1.84 4.67
C LYS A 66 13.74 1.65 4.64
N LEU A 67 14.30 1.12 3.53
CA LEU A 67 15.76 0.98 3.43
C LEU A 67 16.43 2.38 3.44
N TYR A 68 15.83 3.40 2.82
CA TYR A 68 16.42 4.75 2.87
C TYR A 68 16.37 5.25 4.30
N ARG A 69 15.23 5.00 4.96
CA ARG A 69 15.07 5.49 6.32
C ARG A 69 16.09 4.77 7.21
N ALA A 70 16.36 3.50 6.91
CA ALA A 70 17.32 2.68 7.68
C ALA A 70 18.78 3.01 7.39
N ASN A 71 19.07 3.74 6.32
CA ASN A 71 20.47 4.06 6.03
C ASN A 71 20.76 5.52 6.30
N GLN A 72 19.76 6.24 6.78
CA GLN A 72 19.88 7.68 7.02
C GLN A 72 21.03 8.06 7.92
N THR A 73 21.42 7.17 8.84
CA THR A 73 22.54 7.47 9.73
C THR A 73 23.74 6.57 9.47
N VAL A 74 23.47 5.30 9.22
CA VAL A 74 24.51 4.31 8.96
C VAL A 74 25.39 4.69 7.78
N HIS A 75 24.77 5.22 6.72
CA HIS A 75 25.46 5.62 5.49
C HIS A 75 26.24 4.48 4.84
N ALA A 76 25.69 3.27 4.91
CA ALA A 76 26.33 2.09 4.35
C ALA A 76 26.45 2.20 2.83
N GLU A 77 27.52 1.61 2.30
CA GLU A 77 27.77 1.58 0.87
C GLU A 77 27.28 0.31 0.14
N THR A 78 27.03 -0.76 0.90
CA THR A 78 26.52 -2.03 0.34
C THR A 78 25.39 -2.61 1.17
N LEU A 79 24.52 -3.38 0.51
CA LEU A 79 23.40 -4.00 1.23
C LEU A 79 23.91 -4.86 2.38
N GLN A 80 24.95 -5.63 2.10
CA GLN A 80 25.52 -6.51 3.11
C GLN A 80 25.98 -5.79 4.37
N GLU A 81 26.60 -4.61 4.23
CA GLU A 81 27.08 -3.83 5.39
C GLU A 81 25.94 -3.41 6.30
N LEU A 82 24.81 -3.00 5.71
CA LEU A 82 23.68 -2.54 6.50
C LEU A 82 23.04 -3.67 7.33
N ILE A 83 22.78 -4.79 6.69
CA ILE A 83 22.18 -5.89 7.38
C ILE A 83 23.17 -6.33 8.47
N ILE A 84 24.47 -6.29 8.16
CA ILE A 84 25.51 -6.64 9.14
C ILE A 84 25.53 -5.59 10.27
N ALA A 85 25.48 -4.31 9.90
CA ALA A 85 25.44 -3.27 10.94
C ALA A 85 24.23 -3.42 11.86
N GLU A 86 23.04 -3.58 11.28
CA GLU A 86 21.84 -3.75 12.10
C GLU A 86 21.92 -4.99 12.97
N ASN A 87 22.46 -6.06 12.40
CA ASN A 87 22.63 -7.36 13.08
C ASN A 87 21.45 -7.87 13.89
N SER A 88 20.29 -7.91 13.24
CA SER A 88 19.06 -8.38 13.88
C SER A 88 18.06 -8.82 12.84
N PRO A 89 17.47 -10.00 13.00
CA PRO A 89 16.48 -10.46 12.02
C PRO A 89 15.20 -9.63 12.00
N ASP A 90 14.98 -8.80 13.04
CA ASP A 90 13.80 -7.93 13.13
C ASP A 90 14.13 -6.44 12.92
N GLY A 91 15.34 -6.12 12.46
CA GLY A 91 15.70 -4.73 12.23
C GLY A 91 14.91 -4.05 11.09
N LEU A 92 14.88 -2.72 11.06
CA LEU A 92 14.14 -2.00 10.02
C LEU A 92 14.64 -2.37 8.63
N ALA A 93 15.96 -2.34 8.45
CA ALA A 93 16.52 -2.71 7.16
C ALA A 93 16.32 -4.21 7.00
N THR A 94 16.61 -5.01 8.05
CA THR A 94 16.45 -6.47 7.85
C THR A 94 15.07 -6.79 7.25
N VAL A 95 14.04 -6.32 7.94
CA VAL A 95 12.68 -6.57 7.50
C VAL A 95 12.45 -5.94 6.10
N ALA A 96 12.95 -4.71 5.87
CA ALA A 96 12.75 -4.13 4.55
C ALA A 96 13.28 -5.03 3.41
N LEU A 97 14.58 -5.33 3.40
CA LEU A 97 15.20 -6.11 2.32
C LEU A 97 14.64 -7.55 2.24
N LEU A 98 14.06 -8.02 3.33
CA LEU A 98 13.39 -9.30 3.31
C LEU A 98 12.33 -9.22 2.21
N TRP A 99 11.48 -8.20 2.35
CA TRP A 99 10.34 -8.09 1.43
C TRP A 99 10.64 -7.58 0.02
N LEU A 100 11.58 -6.67 -0.17
CA LEU A 100 11.93 -6.24 -1.54
C LEU A 100 12.59 -7.49 -2.17
N LYS A 101 13.40 -8.24 -1.40
CA LYS A 101 13.99 -9.48 -1.94
C LYS A 101 12.91 -10.43 -2.45
N ARG A 102 12.00 -10.83 -1.57
CA ARG A 102 10.94 -11.73 -2.09
C ARG A 102 10.01 -11.04 -3.16
N ALA A 103 9.75 -9.74 -3.04
CA ALA A 103 8.90 -9.10 -4.05
C ALA A 103 9.60 -9.13 -5.44
N PHE A 104 10.95 -8.94 -5.49
CA PHE A 104 11.72 -8.99 -6.75
C PHE A 104 11.90 -10.46 -7.18
N GLN A 105 11.93 -11.40 -6.22
CA GLN A 105 11.93 -12.84 -6.58
C GLN A 105 10.61 -13.15 -7.29
N PHE A 106 9.49 -12.60 -6.78
CA PHE A 106 8.21 -12.80 -7.46
C PHE A 106 8.28 -12.19 -8.84
N ILE A 107 8.74 -10.93 -8.94
CA ILE A 107 8.81 -10.36 -10.29
C ILE A 107 9.76 -11.23 -11.14
N ALA A 108 10.93 -11.59 -10.57
CA ALA A 108 11.83 -12.44 -11.31
C ALA A 108 11.03 -13.60 -11.96
N SER A 109 10.31 -14.34 -11.12
CA SER A 109 9.57 -15.54 -11.58
C SER A 109 8.46 -15.21 -12.55
N PHE A 110 7.69 -14.17 -12.25
CA PHE A 110 6.58 -13.84 -13.17
C PHE A 110 7.13 -13.49 -14.56
N LEU A 111 8.22 -12.68 -14.64
CA LEU A 111 8.78 -12.28 -15.96
C LEU A 111 9.45 -13.41 -16.72
N ARG A 112 10.12 -14.28 -15.95
CA ARG A 112 10.69 -15.44 -16.61
C ARG A 112 9.63 -16.26 -17.34
N ARG A 113 8.57 -16.56 -16.60
CA ARG A 113 7.51 -17.36 -17.19
C ARG A 113 6.96 -16.70 -18.44
N LEU A 114 6.68 -15.39 -18.35
CA LEU A 114 6.15 -14.64 -19.46
C LEU A 114 6.96 -14.68 -20.76
N VAL A 115 8.28 -14.52 -20.70
CA VAL A 115 9.02 -14.48 -21.94
C VAL A 115 9.54 -15.86 -22.39
N VAL A 116 9.70 -16.81 -21.48
CA VAL A 116 10.17 -18.13 -21.97
C VAL A 116 9.05 -19.16 -22.27
N THR A 117 7.79 -18.71 -22.22
CA THR A 117 6.67 -19.62 -22.49
C THR A 117 5.44 -18.98 -23.10
N ASP A 118 4.66 -19.73 -23.87
CA ASP A 118 3.43 -19.17 -24.40
C ASP A 118 2.33 -19.35 -23.39
N LYS A 119 2.71 -19.58 -22.14
CA LYS A 119 1.72 -19.73 -21.12
C LYS A 119 0.99 -18.41 -21.02
N SER A 120 -0.20 -18.45 -20.49
CA SER A 120 -0.99 -17.26 -20.29
C SER A 120 -0.41 -16.40 -19.16
N LEU A 121 -0.61 -15.10 -19.26
CA LEU A 121 -0.09 -14.23 -18.19
C LEU A 121 -0.64 -14.66 -16.83
N GLU A 122 -1.92 -15.02 -16.76
CA GLU A 122 -2.51 -15.47 -15.52
C GLU A 122 -1.73 -16.69 -14.98
N GLN A 123 -1.37 -17.61 -15.87
CA GLN A 123 -0.64 -18.79 -15.43
C GLN A 123 0.81 -18.44 -15.02
N CYS A 124 1.46 -17.57 -15.78
CA CYS A 124 2.85 -17.17 -15.38
C CYS A 124 2.86 -16.49 -13.98
N VAL A 125 1.93 -15.57 -13.74
CA VAL A 125 1.84 -14.90 -12.45
C VAL A 125 1.46 -15.89 -11.32
N THR A 126 0.56 -16.83 -11.64
CA THR A 126 0.11 -17.82 -10.68
C THR A 126 1.29 -18.66 -10.24
N GLU A 127 2.05 -19.20 -11.21
CA GLU A 127 3.21 -20.01 -10.90
C GLU A 127 4.25 -19.19 -10.12
N ALA A 128 4.40 -17.90 -10.44
CA ALA A 128 5.37 -17.09 -9.70
C ALA A 128 4.97 -16.81 -8.25
N TYR A 129 3.72 -16.43 -8.06
CA TYR A 129 3.21 -16.14 -6.72
C TYR A 129 3.38 -17.41 -5.90
N ASN A 130 3.05 -18.54 -6.53
CA ASN A 130 3.13 -19.83 -5.88
C ASN A 130 4.56 -20.18 -5.43
N CYS A 131 5.59 -19.87 -6.24
CA CYS A 131 6.95 -20.24 -5.75
C CYS A 131 7.67 -19.12 -5.00
N THR A 132 6.97 -18.02 -4.75
CA THR A 132 7.59 -16.93 -4.00
C THR A 132 6.81 -16.41 -2.82
N LEU A 133 5.85 -15.53 -3.06
CA LEU A 133 5.18 -14.87 -1.97
C LEU A 133 4.05 -15.65 -1.32
N ARG A 134 3.37 -16.51 -2.08
CA ARG A 134 2.23 -17.21 -1.53
C ARG A 134 2.48 -17.91 -0.21
N PRO A 135 3.54 -18.75 -0.05
CA PRO A 135 3.56 -19.27 1.31
C PRO A 135 3.97 -18.26 2.37
N CYS A 136 4.57 -17.13 1.94
CA CYS A 136 4.99 -16.10 2.90
C CYS A 136 3.84 -15.23 3.40
N HIS A 137 2.74 -15.29 2.65
CA HIS A 137 1.52 -14.52 2.95
C HIS A 137 0.52 -15.33 3.73
N SER A 138 -0.16 -14.70 4.69
CA SER A 138 -1.19 -15.32 5.51
C SER A 138 -2.36 -15.73 4.64
N ALA A 139 -3.29 -16.52 5.19
CA ALA A 139 -4.45 -16.94 4.41
C ALA A 139 -5.23 -15.76 3.89
N VAL A 140 -5.38 -14.74 4.75
CA VAL A 140 -6.15 -13.57 4.35
C VAL A 140 -5.37 -12.70 3.36
N ILE A 141 -4.04 -12.77 3.40
CA ILE A 141 -3.23 -12.01 2.46
C ILE A 141 -3.24 -12.73 1.09
N GLN A 142 -3.26 -14.07 1.09
CA GLN A 142 -3.37 -14.82 -0.14
C GLN A 142 -4.75 -14.55 -0.76
N LYS A 143 -5.79 -14.49 0.07
CA LYS A 143 -7.13 -14.18 -0.46
C LYS A 143 -7.04 -12.86 -1.23
N VAL A 144 -6.42 -11.86 -0.61
CA VAL A 144 -6.27 -10.56 -1.25
C VAL A 144 -5.42 -10.76 -2.49
N PHE A 145 -4.29 -11.46 -2.36
CA PHE A 145 -3.47 -11.58 -3.54
C PHE A 145 -4.19 -12.33 -4.67
N TRP A 146 -4.84 -13.46 -4.39
CA TRP A 146 -5.53 -14.11 -5.55
C TRP A 146 -6.65 -13.29 -6.24
N GLY A 147 -7.32 -12.35 -5.53
CA GLY A 147 -8.34 -11.50 -6.15
C GLY A 147 -7.78 -10.44 -7.11
N GLY A 148 -6.46 -10.19 -7.06
CA GLY A 148 -5.82 -9.23 -7.96
C GLY A 148 -5.22 -10.01 -9.12
N VAL A 149 -4.78 -11.22 -8.81
CA VAL A 149 -4.23 -12.06 -9.88
C VAL A 149 -5.29 -12.28 -10.93
N LYS A 150 -6.55 -12.38 -10.50
CA LYS A 150 -7.71 -12.65 -11.36
C LYS A 150 -7.95 -11.52 -12.32
N LEU A 151 -7.37 -10.35 -12.05
CA LEU A 151 -7.55 -9.22 -12.91
C LEU A 151 -6.34 -9.14 -13.81
N ALA A 152 -5.68 -10.27 -13.98
CA ALA A 152 -4.50 -10.29 -14.86
C ALA A 152 -4.81 -9.91 -16.29
N PRO A 153 -4.00 -8.99 -16.83
CA PRO A 153 -4.16 -8.53 -18.21
C PRO A 153 -3.52 -9.56 -19.11
N SER A 154 -3.80 -9.51 -20.40
CA SER A 154 -3.15 -10.41 -21.33
C SER A 154 -1.67 -10.04 -21.37
N ARG A 155 -0.89 -10.91 -21.98
CA ARG A 155 0.53 -10.64 -22.16
C ARG A 155 0.71 -9.35 -22.92
N GLU A 156 0.00 -9.18 -24.06
CA GLU A 156 0.14 -8.00 -24.89
C GLU A 156 -0.29 -6.72 -24.19
N ARG A 157 -1.41 -6.72 -23.46
CA ARG A 157 -1.74 -5.47 -22.76
C ARG A 157 -0.61 -5.13 -21.77
N PHE A 158 -0.09 -6.15 -21.07
CA PHE A 158 0.97 -5.93 -20.12
C PHE A 158 2.22 -5.42 -20.86
N TYR A 159 2.64 -6.08 -21.95
CA TYR A 159 3.81 -5.57 -22.69
C TYR A 159 3.69 -4.13 -23.13
N ARG A 160 2.62 -3.82 -23.89
CA ARG A 160 2.41 -2.48 -24.44
C ARG A 160 2.27 -1.39 -23.43
N LYS A 161 1.94 -1.73 -22.19
CA LYS A 161 1.92 -0.71 -21.15
C LYS A 161 3.38 -0.35 -20.82
N LEU A 162 4.31 -1.32 -21.03
CA LEU A 162 5.73 -1.05 -20.77
C LEU A 162 6.31 -0.20 -21.89
N HIS A 163 6.09 -0.63 -23.13
CA HIS A 163 6.53 0.09 -24.31
C HIS A 163 5.52 -0.22 -25.42
N PRO A 164 5.06 0.81 -26.18
CA PRO A 164 4.09 0.55 -27.25
C PRO A 164 4.50 -0.46 -28.32
N ASP A 165 5.80 -0.64 -28.51
CA ASP A 165 6.30 -1.62 -29.48
C ASP A 165 6.53 -2.91 -28.68
N LEU A 166 5.74 -3.95 -28.96
CA LEU A 166 5.77 -5.26 -28.29
C LEU A 166 7.14 -5.88 -28.40
N ASN A 167 7.84 -5.61 -29.50
CA ASN A 167 9.17 -6.19 -29.66
C ASN A 167 10.17 -5.52 -28.71
N ILE A 168 10.07 -4.22 -28.57
CA ILE A 168 10.98 -3.50 -27.66
C ILE A 168 10.64 -3.88 -26.21
N ALA A 169 9.35 -4.14 -25.94
CA ALA A 169 8.95 -4.46 -24.58
C ALA A 169 9.56 -5.79 -24.19
N LYS A 170 9.32 -6.83 -24.99
CA LYS A 170 9.82 -8.17 -24.70
C LYS A 170 11.33 -8.20 -24.64
N ALA A 171 11.99 -7.58 -25.63
CA ALA A 171 13.46 -7.54 -25.60
C ALA A 171 14.00 -6.90 -24.33
N LYS A 172 13.42 -5.77 -23.94
CA LYS A 172 13.89 -5.09 -22.75
C LYS A 172 13.46 -5.82 -21.49
N ILE A 173 12.29 -6.43 -21.48
CA ILE A 173 11.98 -7.26 -20.32
C ILE A 173 13.13 -8.32 -20.27
N GLU A 174 13.50 -8.90 -21.44
CA GLU A 174 14.57 -9.87 -21.42
C GLU A 174 15.89 -9.23 -20.98
N GLU A 175 16.24 -8.07 -21.54
CA GLU A 175 17.49 -7.42 -21.07
C GLU A 175 17.53 -7.08 -19.56
N PHE A 176 16.41 -6.57 -19.03
CA PHE A 176 16.29 -6.28 -17.58
C PHE A 176 16.56 -7.49 -16.65
N LEU A 177 15.95 -8.63 -16.95
CA LEU A 177 16.15 -9.85 -16.13
C LEU A 177 17.63 -10.27 -16.04
N ILE A 178 18.42 -9.92 -17.06
CA ILE A 178 19.85 -10.23 -17.05
C ILE A 178 20.55 -9.37 -16.01
N GLU A 179 20.29 -8.07 -16.04
CA GLU A 179 20.97 -7.20 -15.10
C GLU A 179 20.42 -7.35 -13.70
N LEU A 180 19.20 -7.89 -13.57
CA LEU A 180 18.62 -8.16 -12.26
C LEU A 180 19.27 -9.38 -11.57
N HIS A 181 19.58 -10.38 -12.39
CA HIS A 181 19.97 -11.67 -11.86
C HIS A 181 21.05 -11.70 -10.80
N ASP A 182 22.22 -11.13 -11.14
CA ASP A 182 23.32 -11.21 -10.18
C ASP A 182 23.10 -10.51 -8.85
N PRO A 183 22.65 -9.24 -8.88
CA PRO A 183 22.42 -8.58 -7.60
C PRO A 183 21.36 -9.34 -6.76
N LEU A 184 20.23 -9.68 -7.37
CA LEU A 184 19.21 -10.39 -6.62
C LEU A 184 19.70 -11.70 -6.02
N CYS A 185 20.47 -12.48 -6.79
CA CYS A 185 20.95 -13.80 -6.34
C CYS A 185 21.99 -13.60 -5.24
N CYS A 186 22.79 -12.52 -5.33
CA CYS A 186 23.71 -12.33 -4.22
C CYS A 186 22.90 -12.11 -2.95
N ILE A 187 21.84 -11.32 -3.04
CA ILE A 187 20.98 -11.08 -1.89
C ILE A 187 20.32 -12.41 -1.45
N VAL A 188 19.86 -13.21 -2.41
CA VAL A 188 19.26 -14.52 -2.11
C VAL A 188 20.30 -15.45 -1.46
N GLN A 189 21.47 -15.61 -2.10
CA GLN A 189 22.45 -16.50 -1.49
C GLN A 189 22.97 -15.94 -0.19
N PHE A 190 23.12 -14.63 -0.10
CA PHE A 190 23.57 -13.94 1.13
C PHE A 190 22.54 -14.13 2.23
N PHE A 191 21.25 -14.04 1.87
CA PHE A 191 20.25 -14.28 2.89
C PHE A 191 20.25 -15.66 3.50
N PHE A 192 20.47 -16.69 2.68
CA PHE A 192 20.60 -18.03 3.28
C PHE A 192 21.83 -18.08 4.19
N GLN A 193 22.94 -17.45 3.82
CA GLN A 193 24.13 -17.45 4.67
C GLN A 193 23.79 -16.88 6.04
N ARG A 194 22.92 -15.88 6.07
CA ARG A 194 22.52 -15.25 7.34
C ARG A 194 21.40 -16.01 8.05
N GLU A 195 20.93 -17.12 7.43
CA GLU A 195 19.85 -17.98 7.96
C GLU A 195 18.51 -17.23 8.11
N LEU A 196 18.32 -16.15 7.32
CA LEU A 196 17.11 -15.30 7.39
C LEU A 196 15.89 -15.78 6.59
N GLU A 197 16.14 -16.39 5.42
CA GLU A 197 15.05 -16.86 4.53
C GLU A 197 14.57 -18.27 4.90
N ASP A 198 13.37 -18.34 5.48
CA ASP A 198 12.85 -19.65 5.91
C ASP A 198 11.62 -20.12 5.17
N GLN A 199 11.04 -19.25 4.34
CA GLN A 199 9.77 -19.51 3.60
C GLN A 199 9.90 -19.48 2.09
N CYS A 200 10.41 -18.37 1.55
CA CYS A 200 10.47 -18.18 0.11
C CYS A 200 11.74 -18.68 -0.53
N TRP A 201 11.56 -19.62 -1.45
CA TRP A 201 12.66 -20.28 -2.16
C TRP A 201 12.92 -19.71 -3.56
N GLY A 202 11.88 -19.18 -4.21
CA GLY A 202 12.07 -18.63 -5.53
C GLY A 202 11.87 -19.59 -6.65
N ASP A 203 12.39 -19.16 -7.80
CA ASP A 203 12.21 -19.85 -9.08
C ASP A 203 13.58 -20.36 -9.50
N GLU A 204 13.75 -21.68 -9.35
CA GLU A 204 15.00 -22.38 -9.62
C GLU A 204 15.58 -22.20 -11.00
N VAL A 205 14.73 -22.22 -12.01
CA VAL A 205 15.27 -22.08 -13.36
C VAL A 205 15.93 -20.72 -13.47
N TYR A 206 15.17 -19.70 -13.19
CA TYR A 206 15.72 -18.40 -13.30
C TYR A 206 16.90 -18.28 -12.33
N GLN A 207 16.84 -18.92 -11.15
CA GLN A 207 17.95 -18.70 -10.24
C GLN A 207 19.24 -19.46 -10.39
N ARG A 208 19.43 -20.12 -11.54
CA ARG A 208 20.70 -20.80 -11.83
C ARG A 208 21.84 -19.78 -11.75
N LYS A 209 23.06 -20.27 -11.89
CA LYS A 209 24.23 -19.43 -11.72
C LYS A 209 24.47 -18.32 -12.70
N ASP A 210 24.46 -18.68 -13.98
CA ASP A 210 24.75 -17.70 -15.01
C ASP A 210 23.56 -16.78 -15.23
N SER A 211 23.84 -15.48 -15.35
CA SER A 211 22.72 -14.54 -15.52
C SER A 211 21.83 -14.78 -16.73
N SER A 212 22.37 -15.39 -17.80
CA SER A 212 21.63 -15.75 -19.02
C SER A 212 21.28 -17.24 -19.10
N GLU A 213 21.62 -18.07 -18.11
CA GLU A 213 21.27 -19.50 -18.15
C GLU A 213 19.78 -19.78 -18.44
N TRP A 214 18.90 -19.06 -17.75
CA TRP A 214 17.48 -19.25 -17.93
C TRP A 214 16.96 -19.04 -19.37
N LEU A 215 17.73 -18.38 -20.25
CA LEU A 215 17.33 -18.21 -21.66
C LEU A 215 17.69 -19.44 -22.51
N LYS A 216 18.67 -20.22 -22.06
CA LYS A 216 19.08 -21.42 -22.81
C LYS A 216 18.03 -22.56 -22.76
N ASP B 11 -1.60 -3.28 19.59
CA ASP B 11 -1.57 -3.91 18.24
C ASP B 11 -2.18 -3.00 17.16
N PHE B 12 -1.71 -1.75 17.10
CA PHE B 12 -2.24 -0.79 16.10
C PHE B 12 -1.98 -1.22 14.64
N GLY B 13 -0.82 -1.80 14.34
CA GLY B 13 -0.51 -2.19 12.97
C GLY B 13 -1.53 -3.11 12.31
N ILE B 14 -2.37 -3.73 13.12
CA ILE B 14 -3.45 -4.57 12.59
C ILE B 14 -4.27 -3.65 11.68
N ILE B 15 -4.34 -2.37 11.99
CA ILE B 15 -5.13 -1.49 11.12
C ILE B 15 -4.59 -1.53 9.68
N VAL B 16 -3.29 -1.73 9.56
CA VAL B 16 -2.71 -1.84 8.21
C VAL B 16 -3.23 -3.11 7.50
N ILE B 17 -3.09 -4.25 8.16
CA ILE B 17 -3.52 -5.52 7.54
C ILE B 17 -4.99 -5.52 7.19
N LEU B 18 -5.83 -4.95 8.08
CA LEU B 18 -7.25 -4.91 7.84
C LEU B 18 -7.56 -4.11 6.59
N TRP B 19 -6.95 -2.92 6.46
CA TRP B 19 -7.24 -2.12 5.29
C TRP B 19 -6.68 -2.71 4.01
N LYS B 20 -5.66 -3.58 4.14
CA LYS B 20 -5.17 -4.33 2.96
C LYS B 20 -6.31 -5.25 2.45
N GLN B 21 -7.14 -5.76 3.37
CA GLN B 21 -8.24 -6.60 2.97
C GLN B 21 -9.39 -5.84 2.33
N VAL B 22 -9.35 -4.49 2.37
CA VAL B 22 -10.38 -3.66 1.72
C VAL B 22 -9.84 -3.31 0.31
N THR B 23 -10.67 -3.43 -0.72
CA THR B 23 -10.22 -3.31 -2.11
C THR B 23 -11.21 -2.62 -3.05
N VAL B 24 -10.76 -2.46 -4.30
CA VAL B 24 -11.57 -1.85 -5.35
C VAL B 24 -11.57 -2.84 -6.49
N LYS B 25 -12.72 -3.47 -6.74
CA LYS B 25 -12.79 -4.48 -7.82
C LYS B 25 -12.75 -3.86 -9.23
N GLU B 26 -12.58 -4.70 -10.24
CA GLU B 26 -12.51 -4.20 -11.62
C GLU B 26 -13.71 -3.32 -11.96
N ASP B 27 -14.86 -3.68 -11.41
CA ASP B 27 -16.07 -2.92 -11.65
C ASP B 27 -16.12 -1.62 -10.85
N GLY B 28 -15.04 -1.31 -10.15
CA GLY B 28 -14.95 -0.07 -9.40
C GLY B 28 -15.75 0.01 -8.09
N LYS B 29 -16.28 -1.11 -7.60
CA LYS B 29 -17.08 -1.05 -6.39
C LYS B 29 -16.27 -1.59 -5.23
N VAL B 30 -16.69 -1.22 -4.01
CA VAL B 30 -15.99 -1.58 -2.80
C VAL B 30 -16.75 -2.64 -2.00
N PRO B 31 -16.13 -3.84 -1.85
CA PRO B 31 -16.77 -4.94 -1.09
C PRO B 31 -17.09 -4.44 0.33
N LEU B 32 -18.27 -4.79 0.80
CA LEU B 32 -18.78 -4.32 2.06
C LEU B 32 -18.16 -4.95 3.31
N GLU B 33 -17.99 -6.26 3.34
CA GLU B 33 -17.51 -6.89 4.56
C GLU B 33 -16.21 -6.44 5.17
N PRO B 34 -15.11 -6.59 4.43
CA PRO B 34 -13.81 -6.19 4.95
C PRO B 34 -13.75 -4.67 5.23
N PHE B 35 -14.62 -3.88 4.61
CA PHE B 35 -14.63 -2.41 4.80
C PHE B 35 -15.19 -2.12 6.18
N LEU B 36 -16.40 -2.59 6.48
CA LEU B 36 -16.99 -2.29 7.77
C LEU B 36 -16.10 -2.84 8.87
N THR B 37 -15.41 -3.96 8.61
CA THR B 37 -14.49 -4.50 9.59
C THR B 37 -13.27 -3.60 9.84
N ALA B 38 -12.58 -3.16 8.78
CA ALA B 38 -11.41 -2.29 8.93
C ALA B 38 -11.87 -0.91 9.44
N ALA B 39 -13.11 -0.51 9.14
CA ALA B 39 -13.67 0.78 9.58
C ALA B 39 -13.70 0.80 11.11
N LYS B 40 -13.98 -0.35 11.74
CA LYS B 40 -14.00 -0.30 13.20
C LYS B 40 -12.59 -0.02 13.74
N GLU B 41 -11.59 -0.33 12.92
CA GLU B 41 -10.24 -0.12 13.39
C GLU B 41 -9.86 1.40 13.32
N VAL B 42 -10.55 2.16 12.51
CA VAL B 42 -10.26 3.60 12.39
C VAL B 42 -10.56 4.30 13.73
N LEU B 43 -11.54 3.82 14.49
CA LEU B 43 -11.85 4.37 15.83
C LEU B 43 -10.60 4.47 16.73
N ARG B 44 -9.59 3.61 16.51
CA ARG B 44 -8.30 3.61 17.26
C ARG B 44 -7.60 4.97 17.06
N VAL B 45 -7.66 5.49 15.85
CA VAL B 45 -7.06 6.79 15.62
C VAL B 45 -7.72 7.93 16.42
N VAL B 46 -9.04 7.94 16.51
CA VAL B 46 -9.68 9.02 17.25
C VAL B 46 -9.51 8.81 18.78
N ASP B 47 -9.42 7.57 19.21
CA ASP B 47 -9.25 7.29 20.65
C ASP B 47 -7.90 7.87 21.06
N ALA B 48 -6.91 7.88 20.16
CA ALA B 48 -5.56 8.40 20.50
C ALA B 48 -5.62 9.92 20.75
N PHE B 49 -6.68 10.59 20.27
CA PHE B 49 -6.83 12.01 20.61
C PHE B 49 -7.13 12.18 22.11
N GLY B 50 -7.34 11.10 22.85
CA GLY B 50 -7.69 11.18 24.25
C GLY B 50 -9.13 10.80 24.50
N SER B 51 -9.61 11.08 25.71
CA SER B 51 -11.00 10.77 26.15
C SER B 51 -12.02 11.69 25.45
N GLY B 52 -11.55 12.76 24.82
CA GLY B 52 -12.48 13.68 24.17
C GLY B 52 -12.91 13.25 22.75
N PHE B 53 -13.44 14.22 21.99
CA PHE B 53 -13.99 14.01 20.65
C PHE B 53 -15.05 12.87 20.66
N ARG B 54 -15.80 12.66 21.76
CA ARG B 54 -16.78 11.57 21.63
C ARG B 54 -17.81 11.91 20.56
N ILE B 55 -18.04 13.19 20.23
CA ILE B 55 -18.97 13.52 19.14
C ILE B 55 -18.51 12.83 17.83
N VAL B 56 -17.20 12.54 17.69
CA VAL B 56 -16.65 11.83 16.52
C VAL B 56 -16.64 10.30 16.77
N LYS B 57 -16.21 9.86 17.96
CA LYS B 57 -16.21 8.39 18.18
C LYS B 57 -17.60 7.78 18.00
N ASN B 58 -18.61 8.48 18.53
CA ASN B 58 -19.97 7.98 18.46
C ASN B 58 -20.56 8.08 17.03
N ASP B 59 -20.22 9.15 16.30
CA ASP B 59 -20.78 9.29 14.94
C ASP B 59 -20.25 8.16 14.05
N ILE B 60 -18.93 7.96 14.06
CA ILE B 60 -18.33 6.88 13.24
C ILE B 60 -18.89 5.54 13.69
N ALA B 61 -19.01 5.32 15.01
CA ALA B 61 -19.53 4.06 15.52
C ALA B 61 -20.98 3.79 15.07
N GLY B 62 -21.81 4.82 15.15
CA GLY B 62 -23.21 4.67 14.76
C GLY B 62 -23.44 4.57 13.27
N ASN B 63 -22.67 5.29 12.46
CA ASN B 63 -22.91 5.21 11.02
C ASN B 63 -22.52 3.81 10.50
N ILE B 64 -21.49 3.19 11.08
CA ILE B 64 -21.15 1.79 10.72
C ILE B 64 -22.38 0.88 11.00
N LYS B 65 -22.92 0.93 12.22
CA LYS B 65 -24.06 0.12 12.65
C LYS B 65 -25.24 0.35 11.68
N LYS B 66 -25.51 1.61 11.36
CA LYS B 66 -26.61 1.94 10.45
C LYS B 66 -26.41 1.32 9.09
N LEU B 67 -25.16 1.28 8.60
CA LEU B 67 -24.87 0.64 7.32
C LEU B 67 -25.25 -0.83 7.35
N TYR B 68 -24.77 -1.59 8.32
CA TYR B 68 -25.16 -3.02 8.41
C TYR B 68 -26.69 -3.13 8.53
N ARG B 69 -27.33 -2.25 9.27
CA ARG B 69 -28.79 -2.35 9.46
C ARG B 69 -29.48 -2.11 8.15
N ALA B 70 -29.03 -1.11 7.41
CA ALA B 70 -29.65 -0.83 6.13
C ALA B 70 -29.57 -2.07 5.27
N ASN B 71 -28.42 -2.73 5.23
CA ASN B 71 -28.25 -3.97 4.44
C ASN B 71 -28.94 -5.25 4.93
N GLN B 72 -29.63 -5.23 6.08
CA GLN B 72 -30.31 -6.43 6.60
C GLN B 72 -31.31 -6.98 5.61
N THR B 73 -31.93 -6.10 4.83
CA THR B 73 -32.93 -6.50 3.86
C THR B 73 -32.41 -6.40 2.44
N VAL B 74 -31.28 -5.73 2.25
CA VAL B 74 -30.74 -5.56 0.91
C VAL B 74 -29.73 -6.63 0.54
N HIS B 75 -28.92 -7.03 1.51
CA HIS B 75 -27.89 -8.03 1.27
C HIS B 75 -26.97 -7.65 0.11
N ALA B 76 -26.70 -6.35 0.00
CA ALA B 76 -25.82 -5.87 -1.05
C ALA B 76 -24.50 -6.41 -0.56
N GLU B 77 -23.57 -6.62 -1.48
CA GLU B 77 -22.24 -7.10 -1.12
C GLU B 77 -21.25 -5.99 -1.34
N THR B 78 -21.70 -4.81 -1.75
CA THR B 78 -20.73 -3.70 -1.91
C THR B 78 -21.44 -2.48 -1.45
N LEU B 79 -20.62 -1.55 -1.00
CA LEU B 79 -21.17 -0.28 -0.54
C LEU B 79 -22.06 0.34 -1.63
N GLN B 80 -21.56 0.35 -2.88
CA GLN B 80 -22.30 0.94 -4.00
C GLN B 80 -23.60 0.19 -4.25
N GLU B 81 -23.49 -1.12 -4.45
CA GLU B 81 -24.70 -1.92 -4.69
C GLU B 81 -25.70 -1.57 -3.57
N LEU B 82 -25.20 -1.21 -2.39
CA LEU B 82 -26.08 -0.88 -1.26
C LEU B 82 -26.80 0.49 -1.35
N ILE B 83 -26.08 1.56 -1.74
CA ILE B 83 -26.68 2.90 -1.87
C ILE B 83 -27.59 3.06 -3.13
N ILE B 84 -27.18 2.49 -4.26
CA ILE B 84 -28.01 2.55 -5.49
C ILE B 84 -29.38 1.88 -5.20
N ALA B 85 -29.40 0.86 -4.35
CA ALA B 85 -30.67 0.18 -4.04
C ALA B 85 -31.57 1.13 -3.30
N GLU B 86 -30.97 2.13 -2.68
CA GLU B 86 -31.77 3.08 -1.97
C GLU B 86 -32.16 4.22 -2.87
N ASN B 87 -31.31 4.48 -3.85
CA ASN B 87 -31.51 5.59 -4.77
C ASN B 87 -32.26 6.76 -4.09
N SER B 88 -31.69 7.30 -3.02
CA SER B 88 -32.30 8.42 -2.29
C SER B 88 -31.32 9.00 -1.27
N PRO B 89 -31.23 10.32 -1.18
CA PRO B 89 -30.30 10.90 -0.20
C PRO B 89 -30.72 10.63 1.25
N ASP B 90 -31.89 10.03 1.46
CA ASP B 90 -32.34 9.71 2.83
C ASP B 90 -32.21 8.21 3.15
N GLY B 91 -31.66 7.43 2.23
CA GLY B 91 -31.48 6.01 2.52
C GLY B 91 -30.69 5.85 3.83
N LEU B 92 -30.98 4.79 4.58
CA LEU B 92 -30.32 4.55 5.84
C LEU B 92 -28.83 4.42 5.60
N ALA B 93 -28.45 3.62 4.60
CA ALA B 93 -27.03 3.43 4.26
C ALA B 93 -26.41 4.63 3.53
N THR B 94 -27.20 5.36 2.73
CA THR B 94 -26.67 6.50 1.95
C THR B 94 -26.16 7.64 2.81
N VAL B 95 -26.98 8.12 3.75
CA VAL B 95 -26.62 9.19 4.66
C VAL B 95 -25.52 8.70 5.61
N ALA B 96 -25.61 7.46 6.10
CA ALA B 96 -24.62 6.95 7.06
C ALA B 96 -23.26 6.83 6.39
N LEU B 97 -23.20 6.42 5.13
CA LEU B 97 -21.92 6.27 4.44
C LEU B 97 -21.36 7.62 3.96
N LEU B 98 -22.22 8.52 3.51
CA LEU B 98 -21.87 9.91 3.12
C LEU B 98 -21.03 10.59 4.24
N TRP B 99 -21.51 10.47 5.48
CA TRP B 99 -20.91 11.07 6.68
C TRP B 99 -19.75 10.22 7.12
N LEU B 100 -19.88 8.90 7.06
CA LEU B 100 -18.77 8.06 7.48
C LEU B 100 -17.60 8.43 6.57
N LYS B 101 -17.87 8.49 5.27
CA LYS B 101 -16.89 8.94 4.28
C LYS B 101 -16.27 10.25 4.76
N ARG B 102 -17.09 11.25 5.08
CA ARG B 102 -16.52 12.55 5.54
C ARG B 102 -15.64 12.38 6.77
N ALA B 103 -16.09 11.63 7.78
CA ALA B 103 -15.22 11.40 8.94
C ALA B 103 -13.90 10.78 8.51
N PHE B 104 -13.90 9.89 7.50
CA PHE B 104 -12.65 9.27 7.10
C PHE B 104 -11.79 10.24 6.27
N GLN B 105 -12.41 11.09 5.45
CA GLN B 105 -11.62 12.13 4.77
C GLN B 105 -10.96 13.03 5.85
N PHE B 106 -11.61 13.25 6.99
CA PHE B 106 -11.08 14.06 8.12
C PHE B 106 -9.92 13.34 8.79
N ILE B 107 -10.17 12.09 9.20
CA ILE B 107 -9.07 11.37 9.85
C ILE B 107 -7.83 11.32 8.90
N ALA B 108 -8.01 10.95 7.62
CA ALA B 108 -6.92 10.89 6.67
C ALA B 108 -6.20 12.26 6.54
N SER B 109 -6.95 13.36 6.38
CA SER B 109 -6.29 14.67 6.21
C SER B 109 -5.37 14.98 7.37
N PHE B 110 -5.85 14.66 8.55
CA PHE B 110 -5.11 14.88 9.75
C PHE B 110 -3.82 14.08 9.69
N LEU B 111 -3.92 12.85 9.27
CA LEU B 111 -2.72 12.06 9.24
C LEU B 111 -1.85 12.51 8.08
N ARG B 112 -2.44 13.00 7.00
CA ARG B 112 -1.60 13.49 5.94
C ARG B 112 -0.74 14.68 6.47
N ARG B 113 -1.40 15.64 7.13
CA ARG B 113 -0.65 16.80 7.66
C ARG B 113 0.33 16.45 8.78
N LEU B 114 0.02 15.46 9.62
CA LEU B 114 0.89 15.04 10.70
C LEU B 114 2.14 14.35 10.17
N VAL B 115 1.96 13.40 9.27
CA VAL B 115 3.12 12.69 8.81
C VAL B 115 4.12 13.60 8.11
N VAL B 116 3.72 14.15 6.98
CA VAL B 116 4.58 14.97 6.16
C VAL B 116 4.92 16.38 6.59
N THR B 117 4.43 16.83 7.75
CA THR B 117 4.74 18.19 8.11
C THR B 117 5.23 18.37 9.52
N ASP B 118 5.71 19.59 9.77
CA ASP B 118 6.17 20.01 11.07
C ASP B 118 5.09 20.86 11.71
N LYS B 119 3.90 20.83 11.11
CA LYS B 119 2.85 21.66 11.69
C LYS B 119 2.49 21.06 13.04
N SER B 120 2.11 21.87 14.02
CA SER B 120 1.65 21.29 15.28
C SER B 120 0.45 20.40 15.01
N LEU B 121 0.27 19.41 15.86
CA LEU B 121 -0.88 18.51 15.68
C LEU B 121 -2.19 19.36 15.75
N GLU B 122 -2.26 20.38 16.61
CA GLU B 122 -3.46 21.24 16.75
C GLU B 122 -3.80 21.91 15.44
N GLN B 123 -2.80 22.50 14.82
CA GLN B 123 -2.99 23.14 13.53
C GLN B 123 -3.44 22.07 12.55
N CYS B 124 -2.89 20.88 12.68
CA CYS B 124 -3.33 19.87 11.77
C CYS B 124 -4.75 19.39 11.98
N VAL B 125 -5.17 19.20 13.24
CA VAL B 125 -6.55 18.76 13.43
C VAL B 125 -7.46 19.85 12.89
N THR B 126 -7.08 21.12 13.14
CA THR B 126 -7.82 22.28 12.67
C THR B 126 -7.82 22.30 11.13
N GLU B 127 -6.65 22.14 10.52
CA GLU B 127 -6.58 22.14 9.05
C GLU B 127 -7.42 21.01 8.43
N ALA B 128 -7.23 19.80 8.94
CA ALA B 128 -7.99 18.65 8.44
C ALA B 128 -9.48 18.88 8.60
N TYR B 129 -9.95 19.35 9.77
CA TYR B 129 -11.39 19.61 10.03
C TYR B 129 -11.94 20.69 9.08
N ASN B 130 -11.18 21.77 8.86
CA ASN B 130 -11.64 22.88 8.03
C ASN B 130 -12.02 22.42 6.62
N CYS B 131 -11.30 21.43 6.11
CA CYS B 131 -11.60 20.98 4.76
C CYS B 131 -12.45 19.71 4.68
N THR B 132 -13.08 19.30 5.79
CA THR B 132 -13.92 18.10 5.77
C THR B 132 -15.16 18.25 6.63
N LEU B 133 -14.99 18.22 7.96
CA LEU B 133 -16.16 18.37 8.79
C LEU B 133 -16.44 19.84 9.15
N ARG B 134 -16.08 20.81 8.31
CA ARG B 134 -16.43 22.19 8.70
C ARG B 134 -17.61 22.63 7.92
N PRO B 135 -17.60 22.42 6.60
CA PRO B 135 -18.80 22.89 5.86
C PRO B 135 -20.06 22.11 6.11
N CYS B 136 -19.92 20.98 6.80
CA CYS B 136 -21.08 20.13 7.07
C CYS B 136 -21.73 20.25 8.46
N HIS B 137 -21.07 20.93 9.40
CA HIS B 137 -21.53 21.06 10.79
C HIS B 137 -22.24 22.34 11.19
N SER B 138 -23.21 22.20 12.09
CA SER B 138 -23.91 23.35 12.64
C SER B 138 -22.92 24.23 13.39
N ALA B 139 -23.25 25.52 13.57
CA ALA B 139 -22.33 26.43 14.28
C ALA B 139 -22.09 25.91 15.70
N VAL B 140 -23.11 25.30 16.29
CA VAL B 140 -23.02 24.74 17.65
C VAL B 140 -22.16 23.44 17.71
N ILE B 141 -22.17 22.65 16.64
CA ILE B 141 -21.39 21.43 16.63
C ILE B 141 -19.90 21.77 16.49
N GLN B 142 -19.60 22.90 15.84
CA GLN B 142 -18.22 23.36 15.66
C GLN B 142 -17.60 23.75 17.01
N LYS B 143 -18.38 24.39 17.89
CA LYS B 143 -17.86 24.77 19.20
C LYS B 143 -17.46 23.53 20.03
N VAL B 144 -18.20 22.42 19.92
CA VAL B 144 -17.83 21.20 20.65
C VAL B 144 -16.55 20.60 20.06
N PHE B 145 -16.40 20.71 18.74
CA PHE B 145 -15.18 20.23 18.09
C PHE B 145 -14.02 21.11 18.52
N TRP B 146 -14.12 22.45 18.44
CA TRP B 146 -12.96 23.19 18.91
C TRP B 146 -12.62 22.85 20.36
N GLY B 147 -13.63 22.47 21.16
CA GLY B 147 -13.34 22.07 22.52
C GLY B 147 -12.60 20.74 22.46
N GLY B 148 -12.89 19.96 21.41
CA GLY B 148 -12.22 18.70 21.15
C GLY B 148 -10.80 18.96 20.65
N VAL B 149 -10.60 20.10 19.98
CA VAL B 149 -9.25 20.47 19.49
C VAL B 149 -8.33 21.09 20.56
N LYS B 150 -8.88 22.04 21.32
CA LYS B 150 -8.10 22.75 22.36
C LYS B 150 -7.45 21.89 23.44
N LEU B 151 -7.95 20.68 23.65
CA LEU B 151 -7.39 19.79 24.67
C LEU B 151 -6.73 18.55 24.04
N ALA B 152 -6.53 18.59 22.74
CA ALA B 152 -5.94 17.45 22.05
C ALA B 152 -4.49 17.25 22.51
N PRO B 153 -3.96 16.04 22.31
CA PRO B 153 -2.58 15.81 22.75
C PRO B 153 -1.55 16.43 21.80
N SER B 154 -0.29 16.33 22.21
CA SER B 154 0.83 16.71 21.36
C SER B 154 1.07 15.53 20.38
N ARG B 155 1.86 15.79 19.35
CA ARG B 155 2.22 14.76 18.37
C ARG B 155 2.88 13.55 19.04
N GLU B 156 3.82 13.79 19.95
CA GLU B 156 4.50 12.70 20.62
C GLU B 156 3.49 11.86 21.43
N ARG B 157 2.63 12.54 22.18
CA ARG B 157 1.63 11.87 23.00
C ARG B 157 0.64 11.06 22.15
N PHE B 158 0.12 11.69 21.09
CA PHE B 158 -0.82 11.01 20.19
C PHE B 158 -0.16 9.72 19.64
N TYR B 159 1.09 9.82 19.14
CA TYR B 159 1.78 8.63 18.62
C TYR B 159 2.02 7.58 19.66
N ARG B 160 2.52 8.00 20.84
CA ARG B 160 2.85 7.04 21.89
C ARG B 160 1.67 6.19 22.28
N LYS B 161 0.45 6.72 22.12
CA LYS B 161 -0.77 5.94 22.41
C LYS B 161 -0.97 4.83 21.35
N LEU B 162 -0.36 4.99 20.18
CA LEU B 162 -0.50 4.01 19.11
C LEU B 162 0.66 2.99 19.12
N HIS B 163 1.87 3.41 19.42
CA HIS B 163 3.02 2.46 19.48
C HIS B 163 4.08 3.09 20.37
N PRO B 164 4.71 2.30 21.27
CA PRO B 164 5.74 2.92 22.12
C PRO B 164 6.93 3.52 21.35
N ASP B 165 7.26 2.91 20.23
CA ASP B 165 8.33 3.40 19.38
C ASP B 165 7.74 4.47 18.42
N LEU B 166 8.10 5.73 18.63
CA LEU B 166 7.56 6.80 17.77
C LEU B 166 7.74 6.56 16.29
N ASN B 167 8.84 5.92 15.92
CA ASN B 167 9.09 5.65 14.52
C ASN B 167 8.14 4.65 13.92
N ILE B 168 7.72 3.65 14.70
CA ILE B 168 6.82 2.64 14.17
C ILE B 168 5.41 3.22 14.16
N ALA B 169 5.19 4.23 15.00
CA ALA B 169 3.89 4.90 15.05
C ALA B 169 3.72 5.65 13.73
N LYS B 170 4.72 6.44 13.36
CA LYS B 170 4.64 7.25 12.15
C LYS B 170 4.65 6.47 10.82
N ALA B 171 5.47 5.42 10.69
CA ALA B 171 5.50 4.60 9.47
C ALA B 171 4.21 3.80 9.29
N LYS B 172 3.61 3.37 10.41
CA LYS B 172 2.38 2.62 10.34
C LYS B 172 1.24 3.59 9.97
N ILE B 173 1.23 4.80 10.52
CA ILE B 173 0.19 5.76 10.08
C ILE B 173 0.29 5.97 8.55
N GLU B 174 1.50 6.14 8.03
CA GLU B 174 1.73 6.28 6.59
C GLU B 174 1.21 5.04 5.84
N GLU B 175 1.52 3.82 6.32
CA GLU B 175 1.06 2.59 5.66
C GLU B 175 -0.47 2.59 5.62
N PHE B 176 -1.10 2.93 6.74
CA PHE B 176 -2.57 2.99 6.82
C PHE B 176 -3.13 3.97 5.81
N LEU B 177 -2.55 5.18 5.75
CA LEU B 177 -3.02 6.18 4.80
C LEU B 177 -2.89 5.67 3.37
N ILE B 178 -1.85 4.87 3.11
CA ILE B 178 -1.67 4.33 1.75
C ILE B 178 -2.79 3.29 1.46
N GLU B 179 -3.21 2.46 2.42
CA GLU B 179 -4.24 1.48 2.11
C GLU B 179 -5.64 2.05 2.14
N LEU B 180 -5.94 2.93 3.09
CA LEU B 180 -7.27 3.57 3.12
C LEU B 180 -7.52 4.29 1.78
N HIS B 181 -6.44 4.78 1.15
CA HIS B 181 -6.51 5.65 0.01
C HIS B 181 -7.41 5.27 -1.14
N ASP B 182 -7.12 4.12 -1.78
CA ASP B 182 -7.89 3.82 -2.99
C ASP B 182 -9.36 3.55 -2.67
N PRO B 183 -9.66 2.76 -1.62
CA PRO B 183 -11.07 2.51 -1.33
C PRO B 183 -11.77 3.82 -0.97
N LEU B 184 -11.13 4.64 -0.12
CA LEU B 184 -11.75 5.89 0.26
C LEU B 184 -11.93 6.82 -0.95
N CYS B 185 -10.94 6.91 -1.83
CA CYS B 185 -11.09 7.77 -3.00
C CYS B 185 -12.15 7.20 -3.93
N CYS B 186 -12.21 5.87 -3.98
CA CYS B 186 -13.23 5.20 -4.79
C CYS B 186 -14.60 5.62 -4.19
N ILE B 187 -14.77 5.55 -2.85
CA ILE B 187 -16.04 6.00 -2.27
C ILE B 187 -16.23 7.50 -2.58
N VAL B 188 -15.20 8.33 -2.42
CA VAL B 188 -15.38 9.74 -2.77
C VAL B 188 -15.92 9.93 -4.16
N GLN B 189 -15.31 9.25 -5.13
CA GLN B 189 -15.80 9.41 -6.50
C GLN B 189 -17.26 9.06 -6.61
N PHE B 190 -17.65 7.93 -6.05
CA PHE B 190 -19.04 7.52 -6.13
C PHE B 190 -19.97 8.60 -5.58
N PHE B 191 -19.66 9.18 -4.43
CA PHE B 191 -20.54 10.21 -3.90
C PHE B 191 -20.64 11.51 -4.68
N PHE B 192 -19.59 11.87 -5.40
CA PHE B 192 -19.70 13.07 -6.28
C PHE B 192 -20.48 12.82 -7.54
N GLN B 193 -20.18 11.69 -8.18
CA GLN B 193 -20.83 11.28 -9.43
C GLN B 193 -22.34 11.16 -9.26
N ARG B 194 -22.81 10.92 -8.03
CA ARG B 194 -24.24 10.80 -7.72
C ARG B 194 -24.78 12.12 -7.14
N GLU B 195 -23.94 13.17 -7.14
CA GLU B 195 -24.27 14.50 -6.64
C GLU B 195 -24.83 14.35 -5.25
N LEU B 196 -24.16 13.48 -4.48
CA LEU B 196 -24.57 13.17 -3.10
C LEU B 196 -23.68 13.88 -2.13
N GLU B 197 -22.65 14.54 -2.66
CA GLU B 197 -21.70 15.27 -1.84
C GLU B 197 -21.52 16.64 -2.48
N ASP B 198 -21.91 17.67 -1.74
CA ASP B 198 -21.75 19.05 -2.17
C ASP B 198 -21.29 19.95 -1.00
N GLN B 199 -21.00 19.30 0.14
CA GLN B 199 -20.56 20.00 1.35
C GLN B 199 -19.04 19.76 1.46
N CYS B 200 -18.61 18.50 1.34
CA CYS B 200 -17.14 18.34 1.37
C CYS B 200 -16.28 17.63 0.42
N TRP B 201 -15.17 18.30 0.19
CA TRP B 201 -14.16 17.92 -0.74
C TRP B 201 -12.90 17.36 -0.16
N GLY B 202 -12.64 17.65 1.11
CA GLY B 202 -11.47 17.08 1.73
C GLY B 202 -10.13 17.65 1.34
N ASP B 203 -9.22 16.73 1.07
CA ASP B 203 -7.82 17.01 0.79
C ASP B 203 -7.34 16.62 -0.65
N GLU B 204 -7.16 17.60 -1.53
CA GLU B 204 -6.74 17.31 -2.93
C GLU B 204 -5.43 16.57 -3.01
N VAL B 205 -4.54 16.86 -2.07
CA VAL B 205 -3.24 16.24 -2.07
C VAL B 205 -3.34 14.77 -1.70
N TYR B 206 -3.98 14.49 -0.58
CA TYR B 206 -4.12 13.10 -0.17
C TYR B 206 -4.91 12.36 -1.24
N GLN B 207 -5.96 13.00 -1.76
CA GLN B 207 -6.84 12.34 -2.72
C GLN B 207 -6.32 12.26 -4.16
N ARG B 208 -5.09 12.72 -4.39
CA ARG B 208 -4.50 12.52 -5.71
C ARG B 208 -4.49 11.04 -6.05
N LYS B 209 -4.30 10.70 -7.32
CA LYS B 209 -4.38 9.34 -7.78
C LYS B 209 -3.53 8.26 -7.15
N ASP B 210 -2.21 8.44 -7.05
CA ASP B 210 -1.43 7.37 -6.44
C ASP B 210 -1.50 7.42 -4.94
N SER B 211 -1.60 6.23 -4.35
CA SER B 211 -1.73 6.14 -2.89
C SER B 211 -0.53 6.64 -2.08
N SER B 212 0.62 6.80 -2.71
CA SER B 212 1.76 7.37 -1.97
C SER B 212 2.07 8.76 -2.52
N GLU B 213 1.23 9.25 -3.41
CA GLU B 213 1.46 10.56 -4.01
C GLU B 213 1.69 11.67 -3.03
N TRP B 214 0.80 11.80 -2.07
CA TRP B 214 0.90 12.80 -1.04
C TRP B 214 2.28 12.78 -0.35
N LEU B 215 2.99 11.66 -0.43
CA LEU B 215 4.35 11.54 0.17
C LEU B 215 5.43 12.19 -0.71
N LYS B 216 5.06 13.21 -1.46
CA LYS B 216 5.99 13.92 -2.34
C LYS B 216 5.97 15.41 -1.99
N ASP A 11 11.91 6.16 -20.95
CA ASP A 11 11.24 4.92 -21.47
C ASP A 11 11.63 3.73 -20.60
N PHE A 12 10.87 2.65 -20.71
CA PHE A 12 11.09 1.47 -19.88
C PHE A 12 12.56 1.04 -19.85
N GLY A 13 13.28 1.37 -20.90
CA GLY A 13 14.68 0.96 -21.00
C GLY A 13 15.62 1.48 -19.92
N ILE A 14 15.20 2.46 -19.12
CA ILE A 14 16.07 2.95 -18.07
C ILE A 14 16.24 1.86 -17.04
N ILE A 15 15.25 0.95 -16.94
CA ILE A 15 15.35 -0.12 -15.97
C ILE A 15 16.63 -0.94 -16.23
N VAL A 16 16.95 -1.17 -17.51
CA VAL A 16 18.17 -1.88 -17.88
C VAL A 16 19.38 -1.07 -17.45
N ILE A 17 19.38 0.20 -17.88
CA ILE A 17 20.48 1.09 -17.57
C ILE A 17 20.63 1.19 -16.07
N LEU A 18 19.53 1.28 -15.32
CA LEU A 18 19.71 1.38 -13.88
C LEU A 18 20.25 0.06 -13.29
N TRP A 19 19.77 -1.09 -13.74
CA TRP A 19 20.29 -2.37 -13.22
C TRP A 19 21.70 -2.77 -13.74
N LYS A 20 22.11 -2.15 -14.85
CA LYS A 20 23.45 -2.40 -15.37
C LYS A 20 24.43 -1.72 -14.41
N GLN A 21 23.98 -0.74 -13.63
CA GLN A 21 24.86 -0.05 -12.67
C GLN A 21 24.89 -0.71 -11.30
N VAL A 22 24.22 -1.88 -11.17
CA VAL A 22 24.23 -2.64 -9.93
C VAL A 22 25.20 -3.83 -10.07
N THR A 23 26.48 -3.50 -10.13
CA THR A 23 27.54 -4.50 -10.32
C THR A 23 27.97 -5.18 -9.04
N VAL A 24 28.00 -6.51 -9.07
CA VAL A 24 28.47 -7.29 -7.93
C VAL A 24 29.98 -7.60 -8.14
N LYS A 25 30.78 -7.22 -7.16
CA LYS A 25 32.24 -7.44 -7.21
C LYS A 25 32.73 -8.56 -6.31
N GLU A 26 34.04 -8.76 -6.40
CA GLU A 26 34.75 -9.80 -5.67
C GLU A 26 34.46 -9.82 -4.17
N ASP A 27 33.94 -8.72 -3.63
CA ASP A 27 33.65 -8.61 -2.19
C ASP A 27 32.35 -9.41 -1.81
N GLY A 28 31.49 -9.58 -2.80
CA GLY A 28 30.24 -10.27 -2.56
C GLY A 28 29.13 -9.37 -2.01
N LYS A 29 29.32 -8.06 -2.08
CA LYS A 29 28.33 -7.12 -1.57
C LYS A 29 27.75 -6.21 -2.65
N VAL A 30 26.42 -6.06 -2.61
CA VAL A 30 25.67 -5.25 -3.59
C VAL A 30 25.72 -3.79 -3.20
N PRO A 31 26.22 -2.92 -4.09
CA PRO A 31 26.29 -1.49 -3.73
C PRO A 31 24.86 -1.02 -3.49
N LEU A 32 24.66 -0.13 -2.52
CA LEU A 32 23.35 0.28 -2.05
C LEU A 32 22.58 1.36 -2.79
N GLU A 33 23.21 2.50 -3.06
CA GLU A 33 22.46 3.54 -3.73
C GLU A 33 22.05 3.12 -5.13
N PRO A 34 22.94 2.50 -5.94
CA PRO A 34 22.51 2.10 -7.29
C PRO A 34 21.33 1.10 -7.18
N PHE A 35 21.41 0.20 -6.22
CA PHE A 35 20.34 -0.80 -6.05
C PHE A 35 19.04 -0.09 -5.82
N LEU A 36 18.98 0.86 -4.89
CA LEU A 36 17.69 1.50 -4.65
C LEU A 36 17.25 2.31 -5.85
N THR A 37 18.22 2.87 -6.58
CA THR A 37 17.89 3.60 -7.79
C THR A 37 17.19 2.68 -8.80
N ALA A 38 17.83 1.57 -9.16
CA ALA A 38 17.25 0.68 -10.16
C ALA A 38 15.93 0.07 -9.68
N ALA A 39 15.87 -0.34 -8.41
CA ALA A 39 14.72 -0.95 -7.77
C ALA A 39 13.50 -0.11 -8.07
N LYS A 40 13.62 1.21 -8.00
CA LYS A 40 12.45 2.06 -8.29
C LYS A 40 11.89 1.82 -9.70
N GLU A 41 12.73 1.42 -10.67
CA GLU A 41 12.13 1.22 -11.98
C GLU A 41 11.36 -0.09 -12.01
N VAL A 42 11.51 -0.91 -10.96
CA VAL A 42 10.76 -2.15 -10.89
C VAL A 42 9.29 -1.74 -10.60
N LEU A 43 9.07 -0.64 -9.86
CA LEU A 43 7.67 -0.23 -9.66
C LEU A 43 6.98 0.12 -11.00
N ARG A 44 7.68 0.47 -12.10
CA ARG A 44 7.03 0.77 -13.40
C ARG A 44 6.58 -0.53 -14.06
N VAL A 45 7.31 -1.61 -13.75
CA VAL A 45 6.97 -2.92 -14.27
C VAL A 45 5.70 -3.33 -13.51
N VAL A 46 5.73 -3.19 -12.18
CA VAL A 46 4.57 -3.56 -11.39
C VAL A 46 3.32 -2.76 -11.76
N ASP A 47 3.47 -1.44 -11.95
CA ASP A 47 2.36 -0.54 -12.34
C ASP A 47 1.69 -1.05 -13.63
N ALA A 48 2.50 -1.52 -14.60
CA ALA A 48 1.94 -1.97 -15.88
C ALA A 48 0.91 -3.10 -15.78
N PHE A 49 0.94 -3.87 -14.68
CA PHE A 49 0.00 -4.96 -14.45
C PHE A 49 -1.36 -4.34 -14.01
N GLY A 50 -1.31 -3.11 -13.48
CA GLY A 50 -2.52 -2.44 -13.04
C GLY A 50 -2.81 -2.65 -11.56
N SER A 51 -3.95 -2.10 -11.14
CA SER A 51 -4.38 -2.12 -9.74
C SER A 51 -4.47 -3.52 -9.09
N GLY A 52 -4.56 -4.63 -9.84
CA GLY A 52 -4.54 -5.94 -9.20
C GLY A 52 -3.16 -6.20 -8.58
N PHE A 53 -2.15 -5.41 -8.92
CA PHE A 53 -0.83 -5.55 -8.29
C PHE A 53 -0.64 -4.56 -7.16
N ARG A 54 -1.74 -3.98 -6.63
CA ARG A 54 -1.65 -3.02 -5.51
C ARG A 54 -0.80 -3.52 -4.31
N ILE A 55 -0.97 -4.78 -3.86
CA ILE A 55 -0.17 -5.32 -2.72
C ILE A 55 1.29 -5.37 -3.09
N VAL A 56 1.59 -5.89 -4.30
CA VAL A 56 2.98 -6.01 -4.70
C VAL A 56 3.65 -4.65 -4.68
N LYS A 57 3.00 -3.71 -5.37
CA LYS A 57 3.44 -2.30 -5.44
C LYS A 57 3.81 -1.79 -4.07
N ASN A 58 2.88 -1.90 -3.10
CA ASN A 58 3.16 -1.37 -1.79
C ASN A 58 4.39 -2.03 -1.16
N ASP A 59 4.57 -3.33 -1.32
CA ASP A 59 5.76 -3.96 -0.77
C ASP A 59 7.03 -3.35 -1.34
N ILE A 60 7.11 -3.17 -2.66
CA ILE A 60 8.31 -2.61 -3.25
C ILE A 60 8.51 -1.18 -2.66
N ALA A 61 7.52 -0.30 -2.81
CA ALA A 61 7.63 1.06 -2.30
C ALA A 61 7.80 1.16 -0.78
N GLY A 62 6.91 0.47 -0.06
CA GLY A 62 6.95 0.51 1.43
C GLY A 62 8.35 0.29 2.01
N ASN A 63 8.90 -0.88 1.64
CA ASN A 63 10.23 -1.32 2.03
C ASN A 63 11.46 -0.67 1.50
N ILE A 64 11.42 -0.10 0.31
CA ILE A 64 12.55 0.67 -0.19
C ILE A 64 12.68 1.83 0.78
N LYS A 65 11.52 2.40 1.14
CA LYS A 65 11.49 3.56 2.05
C LYS A 65 12.04 3.18 3.38
N LYS A 66 11.70 1.98 3.82
CA LYS A 66 12.22 1.52 5.10
C LYS A 66 13.71 1.30 5.09
N LEU A 67 14.27 0.89 3.95
CA LEU A 67 15.73 0.72 3.87
C LEU A 67 16.43 2.11 3.85
N TYR A 68 15.82 3.17 3.30
CA TYR A 68 16.49 4.50 3.25
C TYR A 68 16.47 5.05 4.63
N ARG A 69 15.42 4.70 5.35
CA ARG A 69 15.31 5.24 6.70
C ARG A 69 16.24 4.48 7.63
N ALA A 70 16.44 3.19 7.35
CA ALA A 70 17.34 2.37 8.16
C ALA A 70 18.80 2.81 7.94
N ASN A 71 19.15 3.27 6.74
CA ASN A 71 20.53 3.72 6.43
C ASN A 71 20.81 5.24 6.65
N GLN A 72 19.81 5.98 7.12
CA GLN A 72 19.90 7.44 7.33
C GLN A 72 21.15 7.88 8.07
N THR A 73 21.52 7.09 9.07
CA THR A 73 22.70 7.46 9.84
C THR A 73 23.86 6.52 9.59
N VAL A 74 23.52 5.28 9.23
CA VAL A 74 24.52 4.27 8.98
C VAL A 74 25.42 4.61 7.79
N HIS A 75 24.82 5.15 6.73
CA HIS A 75 25.53 5.53 5.49
C HIS A 75 26.34 4.39 4.86
N ALA A 76 25.76 3.18 4.88
CA ALA A 76 26.38 2.00 4.33
C ALA A 76 26.58 2.05 2.82
N GLU A 77 27.69 1.47 2.38
CA GLU A 77 28.00 1.44 0.95
C GLU A 77 27.37 0.21 0.28
N THR A 78 27.01 -0.78 1.10
CA THR A 78 26.42 -2.02 0.60
C THR A 78 25.21 -2.38 1.45
N LEU A 79 24.32 -3.20 0.87
CA LEU A 79 23.11 -3.69 1.57
C LEU A 79 23.54 -4.53 2.78
N GLN A 80 24.56 -5.36 2.60
CA GLN A 80 25.00 -6.23 3.71
C GLN A 80 25.57 -5.38 4.84
N GLU A 81 26.33 -4.36 4.50
CA GLU A 81 26.86 -3.50 5.55
C GLU A 81 25.69 -2.97 6.37
N LEU A 82 24.61 -2.58 5.70
CA LEU A 82 23.50 -2.07 6.45
C LEU A 82 22.84 -3.12 7.34
N ILE A 83 22.66 -4.33 6.82
CA ILE A 83 22.01 -5.40 7.58
C ILE A 83 22.85 -5.81 8.81
N ILE A 84 24.05 -6.30 8.53
CA ILE A 84 25.01 -6.74 9.58
C ILE A 84 25.04 -5.78 10.80
N ALA A 85 24.96 -4.48 10.50
CA ALA A 85 24.96 -3.45 11.53
C ALA A 85 23.73 -3.54 12.42
N GLU A 86 22.60 -3.96 11.86
CA GLU A 86 21.40 -4.10 12.66
C GLU A 86 21.47 -5.38 13.49
N ASN A 87 22.10 -6.40 12.90
CA ASN A 87 22.26 -7.72 13.49
C ASN A 87 21.02 -8.22 14.21
N SER A 88 19.91 -8.31 13.48
CA SER A 88 18.65 -8.75 14.08
C SER A 88 17.60 -9.06 13.04
N PRO A 89 17.00 -10.24 13.10
CA PRO A 89 15.97 -10.51 12.09
C PRO A 89 14.87 -9.47 12.16
N ASP A 90 14.91 -8.61 13.17
CA ASP A 90 13.90 -7.56 13.29
C ASP A 90 14.50 -6.20 12.89
N GLY A 91 15.72 -6.20 12.37
CA GLY A 91 16.34 -4.95 11.95
C GLY A 91 15.46 -4.37 10.85
N LEU A 92 15.24 -3.05 10.85
CA LEU A 92 14.39 -2.37 9.89
C LEU A 92 14.86 -2.55 8.43
N ALA A 93 16.16 -2.52 8.20
CA ALA A 93 16.63 -2.72 6.84
C ALA A 93 16.53 -4.20 6.51
N THR A 94 16.82 -5.05 7.50
CA THR A 94 16.82 -6.50 7.32
C THR A 94 15.44 -6.98 6.81
N VAL A 95 14.37 -6.40 7.36
CA VAL A 95 12.98 -6.75 7.01
C VAL A 95 12.62 -6.17 5.62
N ALA A 96 13.01 -4.92 5.36
CA ALA A 96 12.71 -4.34 4.06
C ALA A 96 13.37 -5.13 2.90
N LEU A 97 14.67 -5.47 2.99
CA LEU A 97 15.33 -6.19 1.90
C LEU A 97 14.78 -7.65 1.81
N LEU A 98 14.39 -8.25 2.94
CA LEU A 98 13.78 -9.61 2.91
C LEU A 98 12.56 -9.55 2.00
N TRP A 99 11.67 -8.60 2.28
CA TRP A 99 10.43 -8.52 1.52
C TRP A 99 10.70 -7.98 0.14
N LEU A 100 11.72 -7.14 -0.01
CA LEU A 100 12.08 -6.62 -1.31
C LEU A 100 12.68 -7.76 -2.15
N LYS A 101 13.61 -8.51 -1.56
CA LYS A 101 14.19 -9.64 -2.25
C LYS A 101 13.04 -10.56 -2.73
N ARG A 102 12.15 -10.93 -1.80
CA ARG A 102 11.02 -11.81 -2.18
C ARG A 102 10.17 -11.24 -3.34
N ALA A 103 9.78 -9.97 -3.23
CA ALA A 103 8.98 -9.32 -4.25
C ALA A 103 9.76 -9.35 -5.56
N PHE A 104 11.10 -9.18 -5.52
CA PHE A 104 11.86 -9.20 -6.76
C PHE A 104 12.02 -10.63 -7.27
N GLN A 105 12.13 -11.62 -6.38
CA GLN A 105 12.10 -13.04 -6.82
C GLN A 105 10.71 -13.28 -7.42
N PHE A 106 9.66 -12.76 -6.76
CA PHE A 106 8.32 -12.90 -7.28
C PHE A 106 8.33 -12.22 -8.65
N ILE A 107 8.75 -10.95 -8.75
CA ILE A 107 8.73 -10.33 -10.09
C ILE A 107 9.57 -11.05 -11.21
N ALA A 108 10.78 -11.55 -10.87
CA ALA A 108 11.63 -12.21 -11.89
C ALA A 108 10.97 -13.47 -12.49
N SER A 109 10.20 -14.19 -11.68
CA SER A 109 9.53 -15.41 -12.13
C SER A 109 8.41 -15.08 -13.10
N PHE A 110 7.66 -14.06 -12.77
CA PHE A 110 6.53 -13.71 -13.61
C PHE A 110 7.03 -13.32 -15.01
N LEU A 111 8.07 -12.48 -15.03
CA LEU A 111 8.58 -12.01 -16.31
C LEU A 111 9.34 -13.07 -17.09
N ARG A 112 10.04 -13.99 -16.43
CA ARG A 112 10.75 -15.06 -17.18
C ARG A 112 9.72 -15.89 -17.95
N ARG A 113 8.63 -16.28 -17.26
CA ARG A 113 7.61 -17.13 -17.87
C ARG A 113 6.84 -16.37 -18.95
N LEU A 114 6.66 -15.09 -18.74
CA LEU A 114 5.92 -14.36 -19.72
C LEU A 114 6.74 -14.33 -21.00
N VAL A 115 8.06 -14.25 -20.88
CA VAL A 115 8.88 -14.18 -22.09
C VAL A 115 9.40 -15.52 -22.63
N VAL A 116 9.40 -16.60 -21.83
CA VAL A 116 9.90 -17.89 -22.36
C VAL A 116 8.81 -18.93 -22.61
N THR A 117 7.73 -18.91 -21.85
CA THR A 117 6.65 -19.88 -22.10
C THR A 117 5.51 -19.24 -22.88
N ASP A 118 4.56 -20.08 -23.33
CA ASP A 118 3.38 -19.59 -24.05
C ASP A 118 2.17 -19.64 -23.14
N LYS A 119 2.41 -19.68 -21.84
CA LYS A 119 1.30 -19.69 -20.88
C LYS A 119 0.68 -18.30 -20.81
N SER A 120 -0.58 -18.20 -20.45
CA SER A 120 -1.22 -16.89 -20.34
C SER A 120 -0.52 -16.08 -19.26
N LEU A 121 -0.59 -14.76 -19.38
CA LEU A 121 0.03 -13.93 -18.34
C LEU A 121 -0.49 -14.31 -16.95
N GLU A 122 -1.81 -14.41 -16.79
CA GLU A 122 -2.44 -14.80 -15.52
C GLU A 122 -1.84 -16.11 -14.98
N GLN A 123 -1.62 -17.11 -15.84
CA GLN A 123 -0.99 -18.36 -15.40
C GLN A 123 0.48 -18.14 -14.96
N CYS A 124 1.23 -17.32 -15.72
CA CYS A 124 2.64 -17.04 -15.37
C CYS A 124 2.75 -16.41 -13.99
N VAL A 125 1.82 -15.51 -13.67
CA VAL A 125 1.86 -14.87 -12.38
C VAL A 125 1.40 -15.81 -11.26
N THR A 126 0.38 -16.65 -11.54
CA THR A 126 -0.12 -17.58 -10.54
C THR A 126 1.06 -18.45 -10.13
N GLU A 127 1.80 -18.98 -11.10
CA GLU A 127 2.95 -19.84 -10.83
C GLU A 127 4.09 -19.10 -10.12
N ALA A 128 4.43 -17.90 -10.62
CA ALA A 128 5.48 -17.13 -9.98
C ALA A 128 5.26 -17.05 -8.47
N TYR A 129 4.01 -16.74 -8.10
CA TYR A 129 3.59 -16.56 -6.71
C TYR A 129 3.79 -17.83 -5.87
N ASN A 130 3.46 -19.00 -6.43
CA ASN A 130 3.57 -20.24 -5.65
C ASN A 130 4.95 -20.50 -5.11
N CYS A 131 5.96 -20.02 -5.82
CA CYS A 131 7.28 -20.28 -5.34
C CYS A 131 7.88 -19.08 -4.66
N THR A 132 7.03 -18.08 -4.41
CA THR A 132 7.54 -16.92 -3.69
C THR A 132 6.63 -16.42 -2.60
N LEU A 133 5.83 -15.40 -2.87
CA LEU A 133 5.04 -14.79 -1.80
C LEU A 133 3.89 -15.59 -1.22
N ARG A 134 3.48 -16.66 -1.89
CA ARG A 134 2.33 -17.38 -1.37
C ARG A 134 2.48 -17.83 0.09
N PRO A 135 3.52 -18.63 0.43
CA PRO A 135 3.54 -19.04 1.85
C PRO A 135 3.99 -17.96 2.85
N CYS A 136 4.51 -16.87 2.32
CA CYS A 136 4.98 -15.75 3.14
C CYS A 136 3.75 -14.94 3.59
N HIS A 137 2.64 -15.15 2.90
CA HIS A 137 1.37 -14.48 3.16
C HIS A 137 0.36 -15.36 3.85
N SER A 138 -0.36 -14.78 4.82
CA SER A 138 -1.40 -15.48 5.54
C SER A 138 -2.45 -15.87 4.52
N ALA A 139 -3.34 -16.76 4.94
CA ALA A 139 -4.39 -17.20 4.04
C ALA A 139 -5.32 -16.06 3.59
N VAL A 140 -5.65 -15.13 4.48
CA VAL A 140 -6.57 -14.11 4.02
C VAL A 140 -5.93 -13.16 3.01
N ILE A 141 -4.64 -12.91 3.15
CA ILE A 141 -3.96 -12.05 2.21
C ILE A 141 -3.80 -12.77 0.84
N GLN A 142 -3.74 -14.12 0.82
CA GLN A 142 -3.66 -14.86 -0.44
C GLN A 142 -4.93 -14.67 -1.26
N LYS A 143 -6.07 -14.77 -0.57
CA LYS A 143 -7.33 -14.64 -1.26
C LYS A 143 -7.45 -13.23 -1.88
N VAL A 144 -6.98 -12.21 -1.15
CA VAL A 144 -6.96 -10.85 -1.69
C VAL A 144 -6.06 -10.82 -2.94
N PHE A 145 -4.89 -11.47 -2.89
CA PHE A 145 -3.97 -11.48 -4.04
C PHE A 145 -4.60 -12.14 -5.26
N TRP A 146 -5.34 -13.23 -5.03
CA TRP A 146 -5.99 -13.90 -6.15
C TRP A 146 -7.04 -12.98 -6.80
N GLY A 147 -7.59 -12.08 -6.00
CA GLY A 147 -8.52 -11.10 -6.54
C GLY A 147 -7.70 -10.15 -7.40
N GLY A 148 -6.47 -9.89 -6.99
CA GLY A 148 -5.62 -8.99 -7.77
C GLY A 148 -5.32 -9.64 -9.12
N VAL A 149 -5.11 -10.96 -9.06
CA VAL A 149 -4.81 -11.72 -10.28
C VAL A 149 -6.05 -11.79 -11.21
N LYS A 150 -7.24 -11.85 -10.66
CA LYS A 150 -8.40 -11.86 -11.52
C LYS A 150 -8.40 -10.58 -12.38
N LEU A 151 -7.71 -9.53 -11.92
CA LEU A 151 -7.62 -8.25 -12.63
C LEU A 151 -6.44 -8.20 -13.61
N ALA A 152 -5.78 -9.33 -13.86
CA ALA A 152 -4.64 -9.36 -14.79
C ALA A 152 -5.01 -8.94 -16.20
N PRO A 153 -4.06 -8.32 -16.94
CA PRO A 153 -4.19 -7.89 -18.34
C PRO A 153 -3.67 -9.06 -19.22
N SER A 154 -3.75 -8.89 -20.54
CA SER A 154 -3.15 -9.90 -21.42
C SER A 154 -1.63 -9.62 -21.57
N ARG A 155 -0.89 -10.63 -22.00
CA ARG A 155 0.54 -10.48 -22.25
C ARG A 155 0.73 -9.25 -23.14
N GLU A 156 -0.08 -9.09 -24.18
CA GLU A 156 0.11 -7.96 -25.08
C GLU A 156 -0.23 -6.63 -24.42
N ARG A 157 -1.32 -6.54 -23.65
CA ARG A 157 -1.63 -5.26 -22.97
C ARG A 157 -0.54 -4.85 -21.94
N PHE A 158 -0.06 -5.82 -21.16
CA PHE A 158 0.96 -5.55 -20.13
C PHE A 158 2.24 -4.98 -20.75
N TYR A 159 2.68 -5.57 -21.86
CA TYR A 159 3.86 -5.15 -22.62
C TYR A 159 3.66 -3.78 -23.22
N ARG A 160 2.45 -3.51 -23.69
CA ARG A 160 2.19 -2.24 -24.31
C ARG A 160 2.24 -1.09 -23.34
N LYS A 161 2.03 -1.41 -22.07
CA LYS A 161 2.13 -0.39 -21.06
C LYS A 161 3.61 -0.13 -20.84
N LEU A 162 4.44 -1.17 -21.00
CA LEU A 162 5.88 -0.99 -20.83
C LEU A 162 6.44 -0.25 -22.02
N HIS A 163 6.05 -0.71 -23.21
CA HIS A 163 6.48 -0.06 -24.44
C HIS A 163 5.49 -0.41 -25.56
N PRO A 164 4.98 0.61 -26.31
CA PRO A 164 4.02 0.33 -27.39
C PRO A 164 4.45 -0.72 -28.41
N ASP A 165 5.74 -0.83 -28.65
CA ASP A 165 6.30 -1.84 -29.58
C ASP A 165 6.51 -3.17 -28.81
N LEU A 166 5.71 -4.19 -29.14
CA LEU A 166 5.75 -5.52 -28.48
C LEU A 166 7.15 -6.13 -28.60
N ASN A 167 7.89 -5.70 -29.60
CA ASN A 167 9.24 -6.23 -29.74
C ASN A 167 10.22 -5.63 -28.71
N ILE A 168 10.12 -4.33 -28.51
CA ILE A 168 10.98 -3.66 -27.53
C ILE A 168 10.61 -4.09 -26.11
N ALA A 169 9.33 -4.36 -25.84
CA ALA A 169 8.91 -4.78 -24.50
C ALA A 169 9.51 -6.13 -24.19
N LYS A 170 9.49 -7.05 -25.16
CA LYS A 170 10.00 -8.38 -24.87
C LYS A 170 11.49 -8.38 -24.59
N ALA A 171 12.23 -7.73 -25.49
CA ALA A 171 13.69 -7.65 -25.38
C ALA A 171 14.14 -6.84 -24.17
N LYS A 172 13.43 -5.76 -23.89
CA LYS A 172 13.84 -4.97 -22.76
C LYS A 172 13.52 -5.63 -21.43
N ILE A 173 12.40 -6.33 -21.34
CA ILE A 173 12.17 -7.10 -20.12
C ILE A 173 13.39 -8.06 -19.94
N GLU A 174 13.79 -8.74 -21.05
CA GLU A 174 14.88 -9.72 -21.03
C GLU A 174 16.22 -9.18 -20.60
N GLU A 175 16.56 -7.98 -21.08
CA GLU A 175 17.82 -7.36 -20.74
C GLU A 175 17.68 -7.04 -19.28
N PHE A 176 16.49 -6.55 -18.87
CA PHE A 176 16.27 -6.34 -17.44
C PHE A 176 16.46 -7.67 -16.70
N LEU A 177 15.85 -8.74 -17.21
CA LEU A 177 15.98 -10.04 -16.55
C LEU A 177 17.44 -10.47 -16.39
N ILE A 178 18.27 -10.16 -17.38
CA ILE A 178 19.68 -10.50 -17.22
C ILE A 178 20.38 -9.57 -16.21
N GLU A 179 20.08 -8.26 -16.21
CA GLU A 179 20.78 -7.38 -15.26
C GLU A 179 20.34 -7.49 -13.81
N LEU A 180 19.13 -8.00 -13.58
CA LEU A 180 18.62 -8.26 -12.24
C LEU A 180 19.26 -9.48 -11.55
N HIS A 181 19.51 -10.51 -12.36
CA HIS A 181 19.91 -11.82 -11.85
C HIS A 181 21.03 -11.85 -10.86
N ASP A 182 22.22 -11.41 -11.29
CA ASP A 182 23.35 -11.52 -10.38
C ASP A 182 23.12 -10.76 -9.08
N PRO A 183 22.65 -9.48 -9.12
CA PRO A 183 22.42 -8.79 -7.85
C PRO A 183 21.36 -9.53 -7.00
N LEU A 184 20.26 -9.94 -7.65
CA LEU A 184 19.23 -10.61 -6.89
C LEU A 184 19.73 -11.88 -6.21
N CYS A 185 20.53 -12.65 -6.93
CA CYS A 185 21.02 -13.93 -6.39
C CYS A 185 22.01 -13.62 -5.27
N CYS A 186 22.74 -12.51 -5.41
CA CYS A 186 23.67 -12.14 -4.35
C CYS A 186 22.88 -11.97 -3.04
N ILE A 187 21.82 -11.17 -3.07
CA ILE A 187 21.01 -10.93 -1.87
C ILE A 187 20.31 -12.18 -1.29
N VAL A 188 19.75 -13.03 -2.15
CA VAL A 188 19.12 -14.27 -1.69
C VAL A 188 20.14 -15.14 -0.90
N GLN A 189 21.33 -15.32 -1.47
CA GLN A 189 22.38 -16.12 -0.85
C GLN A 189 22.75 -15.50 0.49
N PHE A 190 22.88 -14.19 0.53
CA PHE A 190 23.22 -13.51 1.77
C PHE A 190 22.15 -13.81 2.84
N PHE A 191 20.90 -13.86 2.40
CA PHE A 191 19.81 -14.14 3.35
C PHE A 191 19.96 -15.58 3.85
N PHE A 192 20.14 -16.56 2.98
CA PHE A 192 20.45 -17.91 3.53
C PHE A 192 21.74 -17.96 4.38
N GLN A 193 22.88 -17.45 3.88
CA GLN A 193 24.13 -17.47 4.69
C GLN A 193 23.82 -16.96 6.07
N ARG A 194 23.02 -15.91 6.18
CA ARG A 194 22.71 -15.33 7.47
C ARG A 194 21.47 -15.89 8.17
N GLU A 195 20.89 -16.96 7.60
CA GLU A 195 19.71 -17.64 8.13
C GLU A 195 18.53 -16.66 8.32
N LEU A 196 18.29 -15.87 7.26
CA LEU A 196 17.26 -14.85 7.24
C LEU A 196 16.02 -15.20 6.41
N GLU A 197 16.14 -16.21 5.54
CA GLU A 197 14.99 -16.61 4.70
C GLU A 197 14.63 -18.05 5.00
N ASP A 198 13.43 -18.24 5.55
CA ASP A 198 13.05 -19.62 5.89
C ASP A 198 11.67 -19.97 5.37
N GLN A 199 11.27 -19.31 4.26
CA GLN A 199 9.91 -19.50 3.68
C GLN A 199 9.81 -19.39 2.18
N CYS A 200 10.62 -18.53 1.55
CA CYS A 200 10.49 -18.36 0.11
C CYS A 200 11.78 -18.75 -0.59
N TRP A 201 11.73 -19.76 -1.47
CA TRP A 201 12.92 -20.27 -2.18
C TRP A 201 13.15 -19.70 -3.60
N GLY A 202 12.10 -19.53 -4.43
CA GLY A 202 12.27 -18.95 -5.75
C GLY A 202 12.16 -19.82 -6.97
N ASP A 203 12.44 -19.22 -8.10
CA ASP A 203 12.33 -19.84 -9.42
C ASP A 203 13.69 -20.42 -9.71
N GLU A 204 13.74 -21.75 -9.62
CA GLU A 204 14.96 -22.49 -9.83
C GLU A 204 15.51 -22.23 -11.20
N VAL A 205 14.63 -22.16 -12.18
CA VAL A 205 15.11 -21.89 -13.53
C VAL A 205 15.88 -20.55 -13.51
N TYR A 206 15.23 -19.51 -12.99
CA TYR A 206 15.88 -18.22 -12.99
C TYR A 206 17.12 -18.18 -12.12
N GLN A 207 17.06 -18.81 -10.95
CA GLN A 207 18.18 -18.66 -10.03
C GLN A 207 19.44 -19.44 -10.24
N ARG A 208 19.56 -20.07 -11.42
CA ARG A 208 20.81 -20.75 -11.78
C ARG A 208 21.94 -19.74 -11.73
N LYS A 209 23.17 -20.23 -11.81
CA LYS A 209 24.30 -19.36 -11.65
C LYS A 209 24.51 -18.32 -12.74
N ASP A 210 24.44 -18.74 -13.99
CA ASP A 210 24.68 -17.80 -15.07
C ASP A 210 23.46 -16.89 -15.27
N SER A 211 23.74 -15.60 -15.44
CA SER A 211 22.62 -14.65 -15.59
C SER A 211 21.77 -14.85 -16.83
N SER A 212 22.28 -15.57 -17.84
CA SER A 212 21.49 -15.89 -19.05
C SER A 212 21.10 -17.37 -19.20
N GLU A 213 21.40 -18.21 -18.20
CA GLU A 213 21.05 -19.64 -18.26
C GLU A 213 19.55 -19.86 -18.55
N TRP A 214 18.70 -19.08 -17.91
CA TRP A 214 17.25 -19.22 -18.11
C TRP A 214 16.76 -19.02 -19.53
N LEU A 215 17.53 -18.31 -20.35
CA LEU A 215 17.13 -18.12 -21.75
C LEU A 215 17.41 -19.36 -22.60
N LYS A 216 16.99 -20.53 -22.12
CA LYS A 216 17.21 -21.78 -22.86
C LYS A 216 16.17 -22.84 -22.55
N ASP B 11 -1.05 -3.44 19.38
CA ASP B 11 -1.27 -4.04 18.04
C ASP B 11 -2.01 -3.08 17.09
N PHE B 12 -1.70 -1.78 17.17
CA PHE B 12 -2.31 -0.77 16.28
C PHE B 12 -2.15 -1.31 14.87
N GLY B 13 -1.09 -2.07 14.66
CA GLY B 13 -0.85 -2.64 13.35
C GLY B 13 -2.05 -3.40 12.80
N ILE B 14 -3.00 -3.82 13.63
CA ILE B 14 -4.17 -4.47 13.03
C ILE B 14 -4.87 -3.61 11.96
N ILE B 15 -4.80 -2.29 12.09
CA ILE B 15 -5.46 -1.43 11.12
C ILE B 15 -4.80 -1.57 9.73
N VAL B 16 -3.48 -1.79 9.70
CA VAL B 16 -2.84 -1.97 8.40
C VAL B 16 -3.21 -3.34 7.89
N ILE B 17 -3.21 -4.31 8.79
CA ILE B 17 -3.55 -5.64 8.39
C ILE B 17 -4.94 -5.59 7.79
N LEU B 18 -5.90 -4.98 8.50
CA LEU B 18 -7.23 -4.97 7.94
C LEU B 18 -7.38 -4.12 6.69
N TRP B 19 -6.70 -2.98 6.62
CA TRP B 19 -6.87 -2.13 5.43
C TRP B 19 -6.28 -2.64 4.11
N LYS B 20 -5.21 -3.44 4.17
CA LYS B 20 -4.69 -4.05 2.94
C LYS B 20 -5.74 -4.95 2.31
N GLN B 21 -6.71 -5.42 3.12
CA GLN B 21 -7.78 -6.27 2.61
C GLN B 21 -9.00 -5.51 2.01
N VAL B 22 -9.01 -4.14 2.03
CA VAL B 22 -10.17 -3.40 1.45
C VAL B 22 -9.77 -2.97 0.06
N THR B 23 -10.62 -3.24 -0.95
CA THR B 23 -10.23 -3.08 -2.36
C THR B 23 -11.15 -2.33 -3.28
N VAL B 24 -10.59 -1.93 -4.43
CA VAL B 24 -11.36 -1.32 -5.51
C VAL B 24 -11.37 -2.36 -6.64
N LYS B 25 -12.56 -2.93 -6.97
CA LYS B 25 -12.65 -3.95 -8.05
C LYS B 25 -12.69 -3.23 -9.41
N GLU B 26 -12.50 -4.00 -10.49
CA GLU B 26 -12.49 -3.43 -11.83
C GLU B 26 -13.73 -2.60 -12.15
N ASP B 27 -14.87 -2.95 -11.56
CA ASP B 27 -16.10 -2.22 -11.80
C ASP B 27 -16.18 -0.92 -10.96
N GLY B 28 -15.14 -0.67 -10.17
CA GLY B 28 -15.10 0.55 -9.38
C GLY B 28 -15.89 0.50 -8.07
N LYS B 29 -16.24 -0.72 -7.62
CA LYS B 29 -17.03 -0.95 -6.40
C LYS B 29 -16.17 -1.54 -5.29
N VAL B 30 -16.53 -1.22 -4.04
CA VAL B 30 -15.77 -1.66 -2.89
C VAL B 30 -16.48 -2.76 -2.10
N PRO B 31 -15.86 -3.95 -1.97
CA PRO B 31 -16.50 -5.05 -1.21
C PRO B 31 -16.87 -4.55 0.19
N LEU B 32 -18.06 -4.92 0.66
CA LEU B 32 -18.63 -4.45 1.88
C LEU B 32 -18.09 -4.98 3.19
N GLU B 33 -17.99 -6.29 3.33
CA GLU B 33 -17.55 -6.81 4.62
C GLU B 33 -16.16 -6.46 5.04
N PRO B 34 -15.20 -6.50 4.10
CA PRO B 34 -13.88 -6.12 4.57
C PRO B 34 -13.88 -4.62 4.97
N PHE B 35 -14.56 -3.78 4.19
CA PHE B 35 -14.63 -2.34 4.52
C PHE B 35 -15.16 -2.14 5.95
N LEU B 36 -16.30 -2.72 6.32
CA LEU B 36 -16.85 -2.47 7.66
C LEU B 36 -15.92 -2.99 8.74
N THR B 37 -15.36 -4.17 8.56
CA THR B 37 -14.39 -4.66 9.55
C THR B 37 -13.28 -3.60 9.64
N ALA B 38 -12.86 -3.07 8.48
CA ALA B 38 -11.80 -2.04 8.43
C ALA B 38 -12.22 -0.73 9.11
N ALA B 39 -13.48 -0.34 8.93
CA ALA B 39 -13.97 0.93 9.52
C ALA B 39 -13.98 0.81 11.05
N LYS B 40 -14.71 -0.16 11.60
CA LYS B 40 -14.72 -0.24 13.07
C LYS B 40 -13.32 -0.23 13.71
N GLU B 41 -12.27 -0.36 12.89
CA GLU B 41 -10.88 -0.34 13.35
C GLU B 41 -10.31 1.08 13.41
N VAL B 42 -10.91 2.00 12.67
CA VAL B 42 -10.45 3.38 12.68
C VAL B 42 -10.69 4.08 14.02
N LEU B 43 -11.60 3.54 14.83
CA LEU B 43 -11.80 4.15 16.15
C LEU B 43 -10.52 4.08 17.01
N ARG B 44 -9.57 3.21 16.67
CA ARG B 44 -8.30 3.13 17.41
C ARG B 44 -7.41 4.39 17.16
N VAL B 45 -7.75 5.19 16.17
CA VAL B 45 -7.04 6.44 15.88
C VAL B 45 -7.72 7.64 16.52
N VAL B 46 -9.04 7.68 16.52
CA VAL B 46 -9.69 8.81 17.15
C VAL B 46 -9.48 8.69 18.67
N ASP B 47 -9.35 7.47 19.17
CA ASP B 47 -9.12 7.27 20.62
C ASP B 47 -7.71 7.75 21.04
N ALA B 48 -6.75 7.81 20.10
CA ALA B 48 -5.39 8.25 20.48
C ALA B 48 -5.47 9.70 20.92
N PHE B 49 -6.52 10.42 20.55
CA PHE B 49 -6.69 11.78 21.07
C PHE B 49 -6.97 11.72 22.59
N GLY B 50 -7.21 10.50 23.10
CA GLY B 50 -7.51 10.36 24.53
C GLY B 50 -8.99 10.08 24.72
N SER B 51 -9.61 10.81 25.65
CA SER B 51 -11.04 10.54 25.94
C SER B 51 -12.10 11.56 25.42
N GLY B 52 -11.69 12.62 24.71
CA GLY B 52 -12.65 13.59 24.16
C GLY B 52 -13.02 13.34 22.66
N PHE B 53 -13.60 14.34 22.00
CA PHE B 53 -14.08 14.24 20.60
C PHE B 53 -15.17 13.14 20.54
N ARG B 54 -15.84 12.84 21.67
CA ARG B 54 -16.84 11.77 21.57
C ARG B 54 -17.91 12.08 20.52
N ILE B 55 -18.20 13.35 20.22
CA ILE B 55 -19.18 13.57 19.14
C ILE B 55 -18.72 12.91 17.84
N VAL B 56 -17.40 12.80 17.62
CA VAL B 56 -16.83 12.17 16.41
C VAL B 56 -16.75 10.65 16.60
N LYS B 57 -16.28 10.19 17.79
CA LYS B 57 -16.22 8.73 18.05
C LYS B 57 -17.59 8.04 17.92
N ASN B 58 -18.59 8.60 18.59
CA ASN B 58 -19.93 8.01 18.56
C ASN B 58 -20.40 7.91 17.12
N ASP B 59 -20.14 8.94 16.33
CA ASP B 59 -20.61 8.95 14.93
C ASP B 59 -20.04 7.80 14.10
N ILE B 60 -18.74 7.55 14.18
CA ILE B 60 -18.19 6.46 13.40
C ILE B 60 -18.79 5.12 13.83
N ALA B 61 -18.78 4.83 15.13
CA ALA B 61 -19.34 3.56 15.55
C ALA B 61 -20.82 3.47 15.16
N GLY B 62 -21.55 4.57 15.37
CA GLY B 62 -22.97 4.59 15.08
C GLY B 62 -23.27 4.38 13.62
N ASN B 63 -22.52 5.03 12.73
CA ASN B 63 -22.73 4.89 11.29
C ASN B 63 -22.32 3.53 10.79
N ILE B 64 -21.30 2.95 11.41
CA ILE B 64 -20.97 1.58 11.04
C ILE B 64 -22.19 0.76 11.55
N LYS B 65 -22.34 0.61 12.87
CA LYS B 65 -23.51 -0.14 13.38
C LYS B 65 -24.75 0.00 12.49
N LYS B 66 -25.06 1.20 11.98
CA LYS B 66 -26.23 1.42 11.09
C LYS B 66 -26.07 0.79 9.72
N LEU B 67 -24.84 0.77 9.20
CA LEU B 67 -24.62 0.20 7.89
C LEU B 67 -24.93 -1.28 8.02
N TYR B 68 -24.31 -1.98 8.97
CA TYR B 68 -24.69 -3.40 9.08
C TYR B 68 -26.22 -3.54 9.13
N ARG B 69 -26.92 -2.74 9.93
CA ARG B 69 -28.40 -2.82 10.04
C ARG B 69 -29.08 -2.66 8.67
N ALA B 70 -28.78 -1.61 7.91
CA ALA B 70 -29.38 -1.44 6.60
C ALA B 70 -29.13 -2.70 5.76
N ASN B 71 -28.00 -3.35 5.97
CA ASN B 71 -27.71 -4.52 5.17
C ASN B 71 -28.38 -5.81 5.64
N GLN B 72 -28.98 -5.78 6.82
CA GLN B 72 -29.67 -6.97 7.32
C GLN B 72 -30.78 -7.43 6.37
N THR B 73 -31.37 -6.50 5.61
CA THR B 73 -32.42 -6.85 4.65
C THR B 73 -32.07 -6.76 3.15
N VAL B 74 -30.94 -6.13 2.81
CA VAL B 74 -30.51 -5.98 1.41
C VAL B 74 -29.47 -7.03 1.00
N HIS B 75 -28.59 -7.39 1.92
CA HIS B 75 -27.53 -8.37 1.69
C HIS B 75 -26.60 -8.03 0.54
N ALA B 76 -26.26 -6.75 0.44
CA ALA B 76 -25.34 -6.27 -0.57
C ALA B 76 -23.91 -6.77 -0.24
N GLU B 77 -23.06 -6.88 -1.27
CA GLU B 77 -21.67 -7.32 -1.12
C GLU B 77 -20.58 -6.25 -1.46
N THR B 78 -20.98 -5.15 -2.08
CA THR B 78 -20.07 -3.99 -2.26
C THR B 78 -20.75 -2.74 -1.75
N LEU B 79 -19.98 -1.73 -1.33
CA LEU B 79 -20.67 -0.49 -0.87
C LEU B 79 -21.56 0.07 -1.95
N GLN B 80 -21.07 0.05 -3.19
CA GLN B 80 -21.85 0.59 -4.30
C GLN B 80 -23.23 -0.10 -4.41
N GLU B 81 -23.26 -1.43 -4.41
CA GLU B 81 -24.58 -2.12 -4.51
C GLU B 81 -25.58 -1.60 -3.49
N LEU B 82 -25.13 -1.44 -2.24
CA LEU B 82 -26.04 -1.01 -1.19
C LEU B 82 -26.68 0.37 -1.43
N ILE B 83 -25.85 1.35 -1.78
CA ILE B 83 -26.39 2.67 -2.05
C ILE B 83 -27.31 2.65 -3.29
N ILE B 84 -26.94 1.83 -4.26
CA ILE B 84 -27.75 1.70 -5.48
C ILE B 84 -29.10 1.08 -5.11
N ALA B 85 -29.08 0.06 -4.24
CA ALA B 85 -30.33 -0.61 -3.82
C ALA B 85 -31.30 0.34 -3.12
N GLU B 86 -30.77 1.19 -2.21
CA GLU B 86 -31.59 2.14 -1.48
C GLU B 86 -32.13 3.23 -2.43
N ASN B 87 -31.27 3.79 -3.27
CA ASN B 87 -31.64 4.84 -4.22
C ASN B 87 -32.47 5.94 -3.53
N SER B 88 -31.83 6.67 -2.62
CA SER B 88 -32.48 7.73 -1.87
C SER B 88 -31.42 8.51 -1.08
N PRO B 89 -31.34 9.82 -1.31
CA PRO B 89 -30.35 10.66 -0.59
C PRO B 89 -30.61 10.64 0.91
N ASP B 90 -31.86 10.33 1.31
CA ASP B 90 -32.20 10.29 2.72
C ASP B 90 -32.23 8.91 3.36
N GLY B 91 -31.75 7.91 2.63
CA GLY B 91 -31.74 6.55 3.12
C GLY B 91 -30.84 6.33 4.32
N LEU B 92 -31.17 5.36 5.14
CA LEU B 92 -30.45 4.98 6.37
C LEU B 92 -28.97 4.78 6.10
N ALA B 93 -28.61 3.67 5.46
CA ALA B 93 -27.18 3.38 5.12
C ALA B 93 -26.57 4.50 4.32
N THR B 94 -27.36 5.15 3.48
CA THR B 94 -26.87 6.23 2.63
C THR B 94 -26.34 7.35 3.45
N VAL B 95 -27.16 7.85 4.35
CA VAL B 95 -26.75 8.96 5.20
C VAL B 95 -25.60 8.53 6.10
N ALA B 96 -25.67 7.36 6.73
CA ALA B 96 -24.57 6.86 7.59
C ALA B 96 -23.27 6.80 6.82
N LEU B 97 -23.23 6.27 5.59
CA LEU B 97 -21.98 6.21 4.82
C LEU B 97 -21.50 7.60 4.39
N LEU B 98 -22.42 8.54 4.18
CA LEU B 98 -22.05 9.89 3.82
C LEU B 98 -21.22 10.48 4.97
N TRP B 99 -21.78 10.31 6.17
CA TRP B 99 -21.15 10.84 7.37
C TRP B 99 -19.92 10.14 7.86
N LEU B 100 -19.84 8.83 7.62
CA LEU B 100 -18.72 7.93 7.93
C LEU B 100 -17.52 8.20 6.94
N LYS B 101 -17.77 8.26 5.62
CA LYS B 101 -16.81 8.59 4.52
C LYS B 101 -16.17 9.98 4.82
N ARG B 102 -16.97 10.99 5.20
CA ARG B 102 -16.45 12.35 5.49
C ARG B 102 -15.61 12.35 6.76
N ALA B 103 -15.92 11.47 7.70
CA ALA B 103 -15.15 11.33 8.96
C ALA B 103 -13.82 10.68 8.73
N PHE B 104 -13.77 9.76 7.77
CA PHE B 104 -12.52 9.10 7.46
C PHE B 104 -11.67 10.04 6.58
N GLN B 105 -12.31 10.97 5.83
CA GLN B 105 -11.66 12.00 5.00
C GLN B 105 -11.01 12.98 5.96
N PHE B 106 -11.73 13.30 7.04
CA PHE B 106 -11.17 14.17 8.06
C PHE B 106 -9.90 13.50 8.56
N ILE B 107 -9.99 12.24 8.99
CA ILE B 107 -8.83 11.53 9.53
C ILE B 107 -7.73 11.48 8.48
N ALA B 108 -8.11 11.13 7.24
CA ALA B 108 -7.17 11.08 6.12
C ALA B 108 -6.27 12.33 6.15
N SER B 109 -6.96 13.48 6.21
CA SER B 109 -6.24 14.75 6.21
C SER B 109 -5.44 14.99 7.49
N PHE B 110 -6.09 14.85 8.62
CA PHE B 110 -5.39 15.06 9.87
C PHE B 110 -4.08 14.22 9.98
N LEU B 111 -4.11 12.93 9.61
CA LEU B 111 -2.92 12.09 9.72
C LEU B 111 -1.85 12.42 8.68
N ARG B 112 -2.21 12.73 7.43
CA ARG B 112 -1.20 13.12 6.42
C ARG B 112 -0.48 14.40 6.94
N ARG B 113 -1.18 15.25 7.67
CA ARG B 113 -0.64 16.55 8.23
C ARG B 113 0.39 16.18 9.27
N LEU B 114 0.01 15.22 10.10
CA LEU B 114 0.89 14.77 11.15
C LEU B 114 2.14 14.10 10.58
N VAL B 115 1.99 13.44 9.45
CA VAL B 115 3.12 12.77 8.89
C VAL B 115 4.08 13.68 8.12
N VAL B 116 3.57 14.51 7.20
CA VAL B 116 4.44 15.31 6.36
C VAL B 116 4.72 16.79 6.62
N THR B 117 4.12 17.34 7.68
CA THR B 117 4.37 18.75 8.04
C THR B 117 4.86 18.96 9.48
N ASP B 118 5.47 20.12 9.71
CA ASP B 118 5.86 20.43 11.09
C ASP B 118 4.83 21.23 11.86
N LYS B 119 3.63 21.38 11.31
CA LYS B 119 2.63 22.16 12.01
C LYS B 119 2.27 21.51 13.34
N SER B 120 1.71 22.29 14.28
CA SER B 120 1.29 21.65 15.53
C SER B 120 0.11 20.68 15.30
N LEU B 121 -0.11 19.77 16.25
CA LEU B 121 -1.20 18.80 16.11
C LEU B 121 -2.46 19.61 16.00
N GLU B 122 -2.47 20.73 16.68
CA GLU B 122 -3.65 21.58 16.66
C GLU B 122 -3.92 22.17 15.29
N GLN B 123 -2.87 22.53 14.56
CA GLN B 123 -2.99 23.08 13.21
C GLN B 123 -3.38 22.02 12.19
N CYS B 124 -2.87 20.82 12.35
CA CYS B 124 -3.20 19.76 11.37
C CYS B 124 -4.69 19.37 11.55
N VAL B 125 -5.12 19.15 12.79
CA VAL B 125 -6.53 18.82 12.97
C VAL B 125 -7.41 19.98 12.59
N THR B 126 -6.98 21.20 12.94
CA THR B 126 -7.75 22.36 12.55
C THR B 126 -7.85 22.38 11.02
N GLU B 127 -6.73 22.23 10.32
CA GLU B 127 -6.76 22.26 8.85
C GLU B 127 -7.60 21.07 8.34
N ALA B 128 -7.44 19.90 8.95
CA ALA B 128 -8.22 18.73 8.53
C ALA B 128 -9.69 19.01 8.73
N TYR B 129 -10.07 19.54 9.89
CA TYR B 129 -11.48 19.83 10.14
C TYR B 129 -12.06 20.80 9.14
N ASN B 130 -11.29 21.85 8.82
CA ASN B 130 -11.73 22.91 7.92
C ASN B 130 -12.21 22.44 6.55
N CYS B 131 -11.51 21.51 5.93
CA CYS B 131 -11.94 21.08 4.59
C CYS B 131 -12.84 19.85 4.61
N THR B 132 -13.28 19.44 5.80
CA THR B 132 -14.14 18.29 5.85
C THR B 132 -15.42 18.48 6.60
N LEU B 133 -15.37 18.14 7.88
CA LEU B 133 -16.60 18.22 8.63
C LEU B 133 -17.05 19.65 8.95
N ARG B 134 -16.13 20.63 9.07
CA ARG B 134 -16.54 21.98 9.40
C ARG B 134 -17.60 22.54 8.43
N PRO B 135 -17.41 22.47 7.08
CA PRO B 135 -18.48 23.04 6.23
C PRO B 135 -19.71 22.14 6.11
N CYS B 136 -19.79 21.12 6.95
CA CYS B 136 -20.93 20.25 6.89
C CYS B 136 -21.72 20.23 8.20
N HIS B 137 -21.08 20.64 9.30
CA HIS B 137 -21.62 20.66 10.67
C HIS B 137 -22.38 21.93 11.05
N SER B 138 -23.27 21.80 12.03
CA SER B 138 -24.01 22.97 12.53
C SER B 138 -23.09 23.82 13.41
N ALA B 139 -23.51 25.07 13.66
CA ALA B 139 -22.78 26.01 14.52
C ALA B 139 -22.50 25.41 15.92
N VAL B 140 -23.50 24.76 16.51
CA VAL B 140 -23.33 24.14 17.82
C VAL B 140 -22.34 22.94 17.83
N ILE B 141 -22.30 22.18 16.74
CA ILE B 141 -21.39 21.06 16.64
C ILE B 141 -19.99 21.62 16.39
N GLN B 142 -19.90 22.59 15.49
CA GLN B 142 -18.63 23.21 15.17
C GLN B 142 -18.02 23.69 16.47
N LYS B 143 -18.86 24.27 17.35
CA LYS B 143 -18.39 24.78 18.64
C LYS B 143 -17.81 23.69 19.53
N VAL B 144 -18.50 22.55 19.63
CA VAL B 144 -18.01 21.41 20.41
C VAL B 144 -16.71 20.80 19.83
N PHE B 145 -16.58 20.79 18.51
CA PHE B 145 -15.37 20.25 17.91
C PHE B 145 -14.16 21.09 18.34
N TRP B 146 -14.23 22.43 18.29
CA TRP B 146 -13.07 23.21 18.71
C TRP B 146 -12.74 23.00 20.20
N GLY B 147 -13.77 22.84 21.04
CA GLY B 147 -13.50 22.61 22.45
C GLY B 147 -12.72 21.33 22.68
N GLY B 148 -12.88 20.37 21.79
CA GLY B 148 -12.11 19.15 21.92
C GLY B 148 -10.68 19.30 21.44
N VAL B 149 -10.46 20.17 20.45
CA VAL B 149 -9.12 20.38 19.90
C VAL B 149 -8.27 20.98 21.02
N LYS B 150 -8.89 21.80 21.86
CA LYS B 150 -8.13 22.41 22.95
C LYS B 150 -7.49 21.31 23.77
N LEU B 151 -8.16 20.17 23.80
CA LEU B 151 -7.80 18.98 24.56
C LEU B 151 -6.84 18.02 23.90
N ALA B 152 -6.64 18.19 22.61
CA ALA B 152 -5.84 17.26 21.86
C ALA B 152 -4.40 17.10 22.37
N PRO B 153 -3.81 15.93 22.13
CA PRO B 153 -2.43 15.70 22.59
C PRO B 153 -1.37 16.31 21.65
N SER B 154 -0.13 16.35 22.12
CA SER B 154 0.96 16.75 21.24
C SER B 154 1.18 15.61 20.23
N ARG B 155 1.84 15.95 19.13
CA ARG B 155 2.15 14.92 18.14
C ARG B 155 2.87 13.75 18.87
N GLU B 156 3.95 14.03 19.61
CA GLU B 156 4.70 12.99 20.31
C GLU B 156 3.85 12.05 21.11
N ARG B 157 2.95 12.60 21.92
CA ARG B 157 2.07 11.79 22.76
C ARG B 157 1.08 10.96 21.92
N PHE B 158 0.53 11.55 20.85
CA PHE B 158 -0.41 10.84 19.98
C PHE B 158 0.21 9.58 19.44
N TYR B 159 1.46 9.73 18.95
CA TYR B 159 2.16 8.58 18.42
C TYR B 159 2.38 7.53 19.51
N ARG B 160 2.46 7.95 20.79
CA ARG B 160 2.68 6.98 21.88
C ARG B 160 1.43 6.21 22.23
N LYS B 161 0.26 6.85 22.13
CA LYS B 161 -1.00 6.14 22.41
C LYS B 161 -1.16 4.95 21.43
N LEU B 162 -0.64 5.11 20.21
CA LEU B 162 -0.76 4.07 19.19
C LEU B 162 0.25 2.94 19.39
N HIS B 163 1.50 3.33 19.69
CA HIS B 163 2.56 2.35 19.91
C HIS B 163 3.68 2.98 20.72
N PRO B 164 4.24 2.23 21.71
CA PRO B 164 5.33 2.77 22.54
C PRO B 164 6.56 3.23 21.76
N ASP B 165 6.82 2.62 20.61
CA ASP B 165 7.93 3.02 19.76
C ASP B 165 7.27 4.03 18.83
N LEU B 166 7.59 5.31 19.00
CA LEU B 166 7.00 6.38 18.19
C LEU B 166 7.29 6.22 16.71
N ASN B 167 8.43 5.60 16.37
CA ASN B 167 8.75 5.38 14.96
C ASN B 167 7.83 4.33 14.35
N ILE B 168 7.44 3.33 15.12
CA ILE B 168 6.53 2.30 14.62
C ILE B 168 5.14 2.94 14.53
N ALA B 169 4.79 3.85 15.44
CA ALA B 169 3.49 4.47 15.33
C ALA B 169 3.45 5.32 14.07
N LYS B 170 4.50 6.08 13.78
CA LYS B 170 4.47 6.92 12.58
C LYS B 170 4.50 6.09 11.29
N ALA B 171 5.28 5.01 11.28
CA ALA B 171 5.35 4.19 10.10
C ALA B 171 4.00 3.49 9.81
N LYS B 172 3.31 3.00 10.85
CA LYS B 172 2.04 2.34 10.64
C LYS B 172 0.99 3.38 10.22
N ILE B 173 1.07 4.61 10.75
CA ILE B 173 0.11 5.64 10.30
C ILE B 173 0.31 5.84 8.78
N GLU B 174 1.55 5.87 8.31
CA GLU B 174 1.81 6.02 6.88
C GLU B 174 1.29 4.84 6.08
N GLU B 175 1.53 3.61 6.55
CA GLU B 175 1.03 2.42 5.84
C GLU B 175 -0.51 2.41 5.81
N PHE B 176 -1.14 2.82 6.91
CA PHE B 176 -2.60 2.89 6.96
C PHE B 176 -3.10 3.87 5.89
N LEU B 177 -2.49 5.04 5.83
CA LEU B 177 -2.89 6.05 4.83
C LEU B 177 -2.77 5.52 3.42
N ILE B 178 -1.71 4.76 3.16
CA ILE B 178 -1.50 4.18 1.84
C ILE B 178 -2.64 3.13 1.56
N GLU B 179 -3.09 2.38 2.57
CA GLU B 179 -4.13 1.38 2.34
C GLU B 179 -5.56 1.92 2.29
N LEU B 180 -5.88 2.86 3.20
CA LEU B 180 -7.20 3.46 3.22
C LEU B 180 -7.41 4.22 1.89
N HIS B 181 -6.31 4.71 1.31
CA HIS B 181 -6.38 5.63 0.17
C HIS B 181 -7.20 5.19 -1.01
N ASP B 182 -6.89 4.01 -1.58
CA ASP B 182 -7.59 3.62 -2.82
C ASP B 182 -9.13 3.48 -2.77
N PRO B 183 -9.67 2.77 -1.77
CA PRO B 183 -11.13 2.57 -1.62
C PRO B 183 -11.81 3.89 -1.15
N LEU B 184 -11.07 4.70 -0.40
CA LEU B 184 -11.59 5.95 0.10
C LEU B 184 -12.05 6.93 -0.97
N CYS B 185 -11.13 7.32 -1.85
CA CYS B 185 -11.44 8.28 -2.91
C CYS B 185 -12.67 7.79 -3.70
N CYS B 186 -12.75 6.47 -3.88
CA CYS B 186 -13.81 5.76 -4.65
C CYS B 186 -15.21 5.97 -4.09
N ILE B 187 -15.27 5.94 -2.77
CA ILE B 187 -16.48 6.19 -2.05
C ILE B 187 -16.80 7.69 -2.26
N VAL B 188 -15.76 8.53 -2.20
CA VAL B 188 -15.85 9.96 -2.43
C VAL B 188 -16.23 10.25 -3.91
N GLN B 189 -15.56 9.59 -4.85
CA GLN B 189 -15.84 9.78 -6.28
C GLN B 189 -17.21 9.19 -6.61
N PHE B 190 -17.56 8.07 -5.98
CA PHE B 190 -18.85 7.45 -6.20
C PHE B 190 -19.93 8.35 -5.61
N PHE B 191 -19.65 9.00 -4.46
CA PHE B 191 -20.64 9.91 -3.89
C PHE B 191 -20.87 11.12 -4.81
N PHE B 192 -19.83 11.77 -5.33
CA PHE B 192 -20.11 12.84 -6.32
C PHE B 192 -20.99 12.34 -7.48
N GLN B 193 -20.67 11.18 -8.05
CA GLN B 193 -21.47 10.65 -9.18
C GLN B 193 -22.97 10.63 -8.83
N ARG B 194 -23.28 10.03 -7.68
CA ARG B 194 -24.64 9.90 -7.18
C ARG B 194 -25.26 11.27 -6.80
N GLU B 195 -24.44 12.32 -6.87
CA GLU B 195 -24.83 13.70 -6.53
C GLU B 195 -25.29 13.79 -5.07
N LEU B 196 -24.48 13.22 -4.18
CA LEU B 196 -24.79 13.18 -2.75
C LEU B 196 -23.88 14.04 -1.88
N GLU B 197 -22.78 14.54 -2.43
CA GLU B 197 -21.84 15.35 -1.67
C GLU B 197 -21.82 16.80 -2.15
N ASP B 198 -22.25 17.71 -1.28
CA ASP B 198 -22.24 19.12 -1.66
C ASP B 198 -21.66 20.07 -0.60
N GLN B 199 -20.97 19.54 0.40
CA GLN B 199 -20.40 20.43 1.41
C GLN B 199 -18.95 20.18 1.77
N CYS B 200 -18.63 18.91 1.92
CA CYS B 200 -17.32 18.49 2.34
C CYS B 200 -16.45 18.28 1.12
N TRP B 201 -15.29 18.98 1.02
CA TRP B 201 -14.55 18.63 -0.18
C TRP B 201 -13.29 17.90 0.14
N GLY B 202 -12.94 17.79 1.42
CA GLY B 202 -11.75 17.02 1.74
C GLY B 202 -10.42 17.61 1.38
N ASP B 203 -9.39 16.81 1.61
CA ASP B 203 -8.00 17.20 1.41
C ASP B 203 -7.56 16.88 0.00
N GLU B 204 -7.28 17.93 -0.79
CA GLU B 204 -6.96 17.68 -2.16
C GLU B 204 -5.65 16.95 -2.45
N VAL B 205 -4.61 17.16 -1.67
CA VAL B 205 -3.36 16.44 -1.97
C VAL B 205 -3.50 14.92 -1.77
N TYR B 206 -3.95 14.53 -0.59
CA TYR B 206 -4.10 13.10 -0.29
C TYR B 206 -4.91 12.35 -1.34
N GLN B 207 -5.95 13.01 -1.85
CA GLN B 207 -6.88 12.35 -2.79
C GLN B 207 -6.39 12.22 -4.23
N ARG B 208 -5.14 12.64 -4.48
CA ARG B 208 -4.56 12.41 -5.79
C ARG B 208 -4.56 10.91 -6.04
N LYS B 209 -4.59 10.53 -7.31
CA LYS B 209 -4.69 9.16 -7.77
C LYS B 209 -3.80 8.09 -7.15
N ASP B 210 -2.50 8.30 -7.07
CA ASP B 210 -1.64 7.27 -6.50
C ASP B 210 -1.61 7.36 -4.99
N SER B 211 -1.66 6.20 -4.36
CA SER B 211 -1.72 6.15 -2.88
C SER B 211 -0.53 6.69 -2.11
N SER B 212 0.59 6.95 -2.77
CA SER B 212 1.72 7.57 -2.06
C SER B 212 2.04 8.95 -2.60
N GLU B 213 1.20 9.50 -3.48
CA GLU B 213 1.50 10.82 -4.03
C GLU B 213 1.75 11.83 -2.95
N TRP B 214 0.81 11.93 -2.02
CA TRP B 214 0.92 12.85 -0.92
C TRP B 214 2.29 12.77 -0.21
N LEU B 215 2.98 11.63 -0.27
CA LEU B 215 4.31 11.50 0.36
C LEU B 215 5.36 12.12 -0.56
N LYS B 216 5.17 11.95 -1.85
CA LYS B 216 6.13 12.50 -2.80
C LYS B 216 5.96 14.01 -2.98
N ASP A 11 10.81 4.98 -22.51
CA ASP A 11 12.01 4.99 -21.65
C ASP A 11 12.03 3.76 -20.77
N PHE A 12 11.31 2.72 -21.18
CA PHE A 12 11.29 1.49 -20.42
C PHE A 12 12.70 0.90 -20.31
N GLY A 13 13.46 0.96 -21.41
CA GLY A 13 14.79 0.40 -21.40
C GLY A 13 15.76 0.91 -20.35
N ILE A 14 15.44 2.04 -19.72
CA ILE A 14 16.27 2.62 -18.65
C ILE A 14 16.45 1.68 -17.45
N ILE A 15 15.46 0.80 -17.17
CA ILE A 15 15.57 -0.11 -16.02
C ILE A 15 16.81 -1.02 -16.19
N VAL A 16 17.16 -1.34 -17.44
CA VAL A 16 18.31 -2.19 -17.78
C VAL A 16 19.61 -1.50 -17.40
N ILE A 17 19.74 -0.27 -17.86
CA ILE A 17 20.92 0.53 -17.59
C ILE A 17 21.09 0.68 -16.08
N LEU A 18 20.01 0.96 -15.35
CA LEU A 18 20.18 1.16 -13.90
C LEU A 18 20.50 -0.15 -13.18
N TRP A 19 19.95 -1.26 -13.62
CA TRP A 19 20.33 -2.50 -12.97
C TRP A 19 21.77 -2.94 -13.30
N LYS A 20 22.22 -2.79 -14.54
CA LYS A 20 23.61 -3.10 -14.93
C LYS A 20 24.60 -2.34 -14.00
N GLN A 21 24.21 -1.14 -13.57
CA GLN A 21 25.02 -0.34 -12.64
C GLN A 21 25.03 -0.91 -11.22
N VAL A 22 24.19 -1.89 -10.95
CA VAL A 22 24.19 -2.55 -9.65
C VAL A 22 25.20 -3.71 -9.82
N THR A 23 26.45 -3.45 -9.44
CA THR A 23 27.50 -4.45 -9.65
C THR A 23 27.87 -5.29 -8.43
N VAL A 24 28.09 -6.57 -8.62
CA VAL A 24 28.54 -7.42 -7.52
C VAL A 24 29.93 -7.92 -7.95
N LYS A 25 30.88 -7.02 -7.96
CA LYS A 25 32.22 -7.43 -8.34
C LYS A 25 32.60 -8.69 -7.53
N GLU A 26 33.82 -9.19 -7.74
CA GLU A 26 34.24 -10.40 -7.06
C GLU A 26 33.94 -10.42 -5.57
N ASP A 27 33.92 -9.25 -4.94
CA ASP A 27 33.67 -9.17 -3.51
C ASP A 27 32.22 -9.57 -3.06
N GLY A 28 31.31 -9.81 -4.01
CA GLY A 28 29.96 -10.22 -3.67
C GLY A 28 29.13 -9.24 -2.85
N LYS A 29 29.36 -7.95 -3.02
CA LYS A 29 28.63 -6.92 -2.27
C LYS A 29 27.76 -6.11 -3.19
N VAL A 30 26.54 -5.80 -2.73
CA VAL A 30 25.61 -4.99 -3.52
C VAL A 30 25.64 -3.56 -2.95
N PRO A 31 26.16 -2.61 -3.74
CA PRO A 31 26.22 -1.21 -3.31
C PRO A 31 24.78 -0.79 -3.03
N LEU A 32 24.56 -0.14 -1.90
CA LEU A 32 23.24 0.22 -1.47
C LEU A 32 22.51 1.29 -2.28
N GLU A 33 23.17 2.39 -2.61
CA GLU A 33 22.49 3.43 -3.35
C GLU A 33 22.15 2.98 -4.77
N PRO A 34 23.08 2.30 -5.48
CA PRO A 34 22.73 1.87 -6.84
C PRO A 34 21.56 0.88 -6.73
N PHE A 35 21.57 0.05 -5.68
CA PHE A 35 20.45 -0.91 -5.51
C PHE A 35 19.11 -0.25 -5.32
N LEU A 36 19.05 0.74 -4.43
CA LEU A 36 17.76 1.38 -4.19
C LEU A 36 17.28 2.19 -5.39
N THR A 37 18.21 2.86 -6.11
CA THR A 37 17.87 3.61 -7.32
C THR A 37 17.25 2.65 -8.35
N ALA A 38 17.87 1.48 -8.53
CA ALA A 38 17.39 0.46 -9.47
C ALA A 38 16.04 -0.11 -8.96
N ALA A 39 16.02 -0.33 -7.64
CA ALA A 39 14.85 -0.84 -6.94
C ALA A 39 13.55 -0.20 -7.43
N LYS A 40 13.50 1.13 -7.22
CA LYS A 40 12.38 2.01 -7.58
C LYS A 40 11.93 1.80 -9.02
N GLU A 41 12.85 1.62 -9.98
CA GLU A 41 12.48 1.45 -11.40
C GLU A 41 11.50 0.31 -11.68
N VAL A 42 11.64 -0.80 -10.94
CA VAL A 42 10.76 -1.93 -11.14
C VAL A 42 9.28 -1.57 -10.90
N LEU A 43 9.00 -0.41 -10.30
CA LEU A 43 7.63 0.01 -10.13
C LEU A 43 7.00 0.21 -11.49
N ARG A 44 7.79 0.26 -12.55
CA ARG A 44 7.21 0.35 -13.88
C ARG A 44 6.49 -0.97 -14.22
N VAL A 45 7.15 -2.10 -13.96
CA VAL A 45 6.59 -3.40 -14.26
C VAL A 45 5.33 -3.66 -13.49
N VAL A 46 5.29 -3.16 -12.26
CA VAL A 46 4.15 -3.31 -11.40
C VAL A 46 2.97 -2.48 -11.92
N ASP A 47 3.23 -1.20 -12.22
CA ASP A 47 2.20 -0.29 -12.74
C ASP A 47 1.63 -0.86 -14.03
N ALA A 48 2.49 -1.50 -14.82
CA ALA A 48 2.06 -2.10 -16.10
C ALA A 48 0.82 -2.90 -15.80
N PHE A 49 1.02 -3.96 -14.99
CA PHE A 49 -0.02 -4.86 -14.49
C PHE A 49 -1.19 -3.99 -13.92
N GLY A 50 -0.94 -3.06 -13.01
CA GLY A 50 -2.05 -2.24 -12.53
C GLY A 50 -2.58 -2.71 -11.18
N SER A 51 -3.62 -1.99 -10.71
CA SER A 51 -4.24 -2.19 -9.38
C SER A 51 -4.34 -3.66 -8.90
N GLY A 52 -4.41 -4.66 -9.80
CA GLY A 52 -4.38 -6.03 -9.35
C GLY A 52 -2.98 -6.32 -8.83
N PHE A 53 -2.06 -5.36 -8.90
CA PHE A 53 -0.72 -5.58 -8.30
C PHE A 53 -0.48 -4.69 -7.08
N ARG A 54 -1.56 -4.12 -6.51
CA ARG A 54 -1.47 -3.26 -5.32
C ARG A 54 -0.54 -3.79 -4.23
N ILE A 55 -0.70 -5.06 -3.82
CA ILE A 55 0.15 -5.59 -2.75
C ILE A 55 1.62 -5.50 -3.07
N VAL A 56 1.97 -5.91 -4.29
CA VAL A 56 3.34 -5.92 -4.75
C VAL A 56 3.86 -4.49 -4.88
N LYS A 57 3.03 -3.61 -5.40
CA LYS A 57 3.43 -2.21 -5.49
C LYS A 57 3.71 -1.68 -4.08
N ASN A 58 2.76 -1.88 -3.14
CA ASN A 58 2.94 -1.35 -1.81
C ASN A 58 4.16 -1.91 -1.11
N ASP A 59 4.47 -3.20 -1.31
CA ASP A 59 5.66 -3.77 -0.71
C ASP A 59 6.93 -3.16 -1.32
N ILE A 60 7.00 -3.04 -2.65
CA ILE A 60 8.21 -2.49 -3.26
C ILE A 60 8.48 -1.02 -2.88
N ALA A 61 7.48 -0.15 -3.06
CA ALA A 61 7.73 1.24 -2.73
C ALA A 61 7.97 1.46 -1.24
N GLY A 62 7.18 0.81 -0.39
CA GLY A 62 7.30 1.03 1.05
C GLY A 62 8.61 0.53 1.62
N ASN A 63 9.14 -0.57 1.06
CA ASN A 63 10.38 -1.13 1.58
C ASN A 63 11.59 -0.43 0.99
N ILE A 64 11.47 0.12 -0.22
CA ILE A 64 12.54 0.95 -0.77
C ILE A 64 12.70 2.16 0.19
N LYS A 65 11.56 2.77 0.54
CA LYS A 65 11.59 3.94 1.42
C LYS A 65 12.19 3.56 2.79
N LYS A 66 11.79 2.39 3.32
CA LYS A 66 12.31 1.93 4.60
C LYS A 66 13.81 1.68 4.56
N LEU A 67 14.33 1.07 3.49
CA LEU A 67 15.79 0.86 3.41
C LEU A 67 16.52 2.21 3.53
N TYR A 68 16.11 3.25 2.78
CA TYR A 68 16.78 4.57 2.93
C TYR A 68 16.71 5.03 4.40
N ARG A 69 15.54 4.91 5.01
CA ARG A 69 15.38 5.39 6.39
C ARG A 69 16.26 4.61 7.37
N ALA A 70 16.34 3.29 7.21
CA ALA A 70 17.16 2.46 8.10
C ALA A 70 18.67 2.71 7.88
N ASN A 71 19.01 3.47 6.83
CA ASN A 71 20.44 3.76 6.56
C ASN A 71 20.75 5.29 6.65
N GLN A 72 19.75 6.08 6.99
CA GLN A 72 19.88 7.55 7.07
C GLN A 72 21.00 8.02 7.97
N THR A 73 21.34 7.23 8.99
CA THR A 73 22.42 7.63 9.88
C THR A 73 23.56 6.63 9.86
N VAL A 74 23.35 5.52 9.16
CA VAL A 74 24.35 4.47 9.06
C VAL A 74 25.28 4.72 7.87
N HIS A 75 24.73 5.24 6.77
CA HIS A 75 25.48 5.57 5.55
C HIS A 75 26.28 4.40 4.97
N ALA A 76 25.69 3.20 5.06
CA ALA A 76 26.32 1.99 4.57
C ALA A 76 26.57 2.01 3.08
N GLU A 77 27.64 1.35 2.68
CA GLU A 77 27.99 1.29 1.26
C GLU A 77 27.34 0.14 0.47
N THR A 78 27.12 -0.99 1.13
CA THR A 78 26.56 -2.18 0.47
C THR A 78 25.41 -2.73 1.28
N LEU A 79 24.54 -3.49 0.60
CA LEU A 79 23.41 -4.06 1.32
C LEU A 79 23.93 -4.96 2.44
N GLN A 80 24.96 -5.74 2.12
CA GLN A 80 25.52 -6.64 3.12
C GLN A 80 25.98 -5.91 4.36
N GLU A 81 26.67 -4.79 4.19
CA GLU A 81 27.19 -4.01 5.32
C GLU A 81 26.05 -3.52 6.20
N LEU A 82 24.94 -3.10 5.59
CA LEU A 82 23.82 -2.59 6.35
C LEU A 82 23.17 -3.71 7.15
N ILE A 83 23.01 -4.87 6.53
CA ILE A 83 22.40 -5.98 7.22
C ILE A 83 23.37 -6.52 8.28
N ILE A 84 24.67 -6.54 7.96
CA ILE A 84 25.66 -7.01 8.93
C ILE A 84 25.75 -6.08 10.15
N ALA A 85 25.57 -4.77 9.94
CA ALA A 85 25.59 -3.84 11.06
C ALA A 85 24.40 -4.06 11.97
N GLU A 86 23.22 -4.26 11.35
CA GLU A 86 22.02 -4.46 12.15
C GLU A 86 22.07 -5.74 12.91
N ASN A 87 22.68 -6.76 12.33
CA ASN A 87 22.77 -8.06 12.97
C ASN A 87 21.54 -8.49 13.77
N SER A 88 20.38 -8.51 13.11
CA SER A 88 19.15 -8.90 13.77
C SER A 88 18.04 -9.13 12.78
N PRO A 89 17.27 -10.21 12.92
CA PRO A 89 16.18 -10.45 11.96
C PRO A 89 15.07 -9.39 12.09
N ASP A 90 15.22 -8.48 13.06
CA ASP A 90 14.22 -7.41 13.24
C ASP A 90 14.66 -5.99 12.82
N GLY A 91 15.80 -5.82 12.18
CA GLY A 91 16.23 -4.47 11.80
C GLY A 91 15.37 -3.83 10.68
N LEU A 92 15.28 -2.50 10.58
CA LEU A 92 14.44 -1.89 9.51
C LEU A 92 14.95 -2.35 8.15
N ALA A 93 16.25 -2.38 7.94
CA ALA A 93 16.75 -2.80 6.65
C ALA A 93 16.63 -4.33 6.43
N THR A 94 16.84 -5.13 7.47
CA THR A 94 16.81 -6.60 7.34
C THR A 94 15.40 -7.10 6.93
N VAL A 95 14.36 -6.50 7.52
CA VAL A 95 12.96 -6.86 7.22
C VAL A 95 12.51 -6.21 5.91
N ALA A 96 12.85 -4.94 5.70
CA ALA A 96 12.43 -4.28 4.47
C ALA A 96 13.09 -4.96 3.27
N LEU A 97 14.37 -5.33 3.41
CA LEU A 97 15.08 -5.98 2.31
C LEU A 97 14.63 -7.46 2.14
N LEU A 98 14.25 -8.15 3.24
CA LEU A 98 13.70 -9.52 3.13
C LEU A 98 12.52 -9.44 2.16
N TRP A 99 11.60 -8.54 2.47
CA TRP A 99 10.39 -8.43 1.66
C TRP A 99 10.63 -7.84 0.29
N LEU A 100 11.61 -6.94 0.15
CA LEU A 100 11.90 -6.40 -1.17
C LEU A 100 12.50 -7.48 -2.06
N LYS A 101 13.41 -8.29 -1.50
CA LYS A 101 14.04 -9.43 -2.18
C LYS A 101 12.93 -10.43 -2.63
N ARG A 102 12.03 -10.77 -1.71
CA ARG A 102 10.94 -11.71 -2.05
C ARG A 102 10.12 -11.18 -3.23
N ALA A 103 9.76 -9.90 -3.18
CA ALA A 103 8.99 -9.29 -4.25
C ALA A 103 9.80 -9.38 -5.53
N PHE A 104 11.12 -9.17 -5.47
CA PHE A 104 11.90 -9.24 -6.70
C PHE A 104 12.07 -10.69 -7.15
N GLN A 105 12.12 -11.64 -6.20
CA GLN A 105 12.07 -13.06 -6.67
C GLN A 105 10.74 -13.34 -7.43
N PHE A 106 9.62 -12.74 -6.97
CA PHE A 106 8.31 -12.90 -7.65
C PHE A 106 8.30 -12.28 -9.07
N ILE A 107 8.76 -11.02 -9.20
CA ILE A 107 8.73 -10.38 -10.49
C ILE A 107 9.63 -11.07 -11.52
N ALA A 108 10.82 -11.53 -11.09
CA ALA A 108 11.72 -12.19 -12.03
C ALA A 108 11.03 -13.42 -12.59
N SER A 109 10.55 -14.30 -11.70
CA SER A 109 9.91 -15.54 -12.14
C SER A 109 8.68 -15.26 -12.98
N PHE A 110 7.84 -14.30 -12.56
CA PHE A 110 6.63 -13.93 -13.33
C PHE A 110 7.12 -13.56 -14.73
N LEU A 111 8.11 -12.64 -14.81
CA LEU A 111 8.60 -12.16 -16.11
C LEU A 111 9.41 -13.23 -16.87
N ARG A 112 10.17 -14.06 -16.15
CA ARG A 112 10.91 -15.12 -16.88
C ARG A 112 9.93 -16.07 -17.58
N ARG A 113 8.88 -16.49 -16.86
CA ARG A 113 7.90 -17.39 -17.48
C ARG A 113 7.17 -16.71 -18.63
N LEU A 114 6.78 -15.45 -18.40
CA LEU A 114 6.07 -14.65 -19.37
C LEU A 114 6.75 -14.60 -20.73
N VAL A 115 8.04 -14.25 -20.78
CA VAL A 115 8.77 -14.13 -22.04
C VAL A 115 9.27 -15.44 -22.66
N VAL A 116 9.44 -16.50 -21.87
CA VAL A 116 9.94 -17.78 -22.41
C VAL A 116 8.84 -18.75 -22.78
N THR A 117 7.69 -18.69 -22.11
CA THR A 117 6.59 -19.60 -22.43
C THR A 117 5.51 -18.91 -23.21
N ASP A 118 4.51 -19.67 -23.63
CA ASP A 118 3.39 -19.09 -24.33
C ASP A 118 2.13 -19.15 -23.47
N LYS A 119 2.32 -19.28 -22.16
CA LYS A 119 1.21 -19.31 -21.19
C LYS A 119 0.53 -17.91 -21.06
N SER A 120 -0.72 -17.81 -20.64
CA SER A 120 -1.39 -16.49 -20.50
C SER A 120 -0.63 -15.77 -19.43
N LEU A 121 -0.81 -14.46 -19.39
CA LEU A 121 -0.13 -13.72 -18.35
C LEU A 121 -0.64 -14.02 -16.93
N GLU A 122 -1.92 -14.38 -16.75
CA GLU A 122 -2.48 -14.69 -15.43
C GLU A 122 -1.98 -15.99 -14.77
N GLN A 123 -1.67 -17.00 -15.57
CA GLN A 123 -1.13 -18.28 -15.11
C GLN A 123 0.33 -18.26 -14.54
N CYS A 124 1.22 -17.63 -15.28
CA CYS A 124 2.62 -17.59 -14.82
C CYS A 124 2.75 -16.68 -13.60
N VAL A 125 1.80 -15.74 -13.45
CA VAL A 125 1.80 -14.86 -12.31
C VAL A 125 1.35 -15.65 -11.06
N THR A 126 0.50 -16.67 -11.26
CA THR A 126 -0.01 -17.54 -10.20
C THR A 126 1.11 -18.52 -9.84
N GLU A 127 1.82 -19.04 -10.85
CA GLU A 127 2.94 -19.96 -10.60
C GLU A 127 4.17 -19.23 -10.00
N ALA A 128 4.30 -17.93 -10.26
CA ALA A 128 5.40 -17.17 -9.69
C ALA A 128 5.09 -16.89 -8.21
N TYR A 129 3.80 -16.63 -7.98
CA TYR A 129 3.33 -16.32 -6.65
C TYR A 129 3.50 -17.59 -5.82
N ASN A 130 3.19 -18.73 -6.42
CA ASN A 130 3.28 -20.00 -5.70
C ASN A 130 4.72 -20.36 -5.30
N CYS A 131 5.73 -19.96 -6.11
CA CYS A 131 7.11 -20.35 -5.72
C CYS A 131 7.89 -19.29 -4.94
N THR A 132 7.24 -18.16 -4.67
CA THR A 132 7.91 -17.09 -3.91
C THR A 132 7.12 -16.61 -2.70
N LEU A 133 6.21 -15.66 -2.95
CA LEU A 133 5.47 -14.95 -1.93
C LEU A 133 4.33 -15.71 -1.24
N ARG A 134 3.65 -16.61 -1.94
CA ARG A 134 2.48 -17.27 -1.36
C ARG A 134 2.63 -17.81 0.07
N PRO A 135 3.66 -18.63 0.37
CA PRO A 135 3.73 -19.12 1.76
C PRO A 135 3.70 -18.02 2.83
N CYS A 136 4.27 -16.88 2.43
CA CYS A 136 4.45 -15.67 3.21
C CYS A 136 3.16 -14.92 3.50
N HIS A 137 2.06 -15.33 2.87
CA HIS A 137 0.78 -14.64 3.05
C HIS A 137 -0.22 -15.46 3.82
N SER A 138 -0.97 -14.81 4.69
CA SER A 138 -1.97 -15.49 5.45
C SER A 138 -3.05 -15.89 4.44
N ALA A 139 -3.89 -16.80 4.83
CA ALA A 139 -4.94 -17.25 3.95
C ALA A 139 -5.73 -16.05 3.46
N VAL A 140 -5.95 -15.07 4.34
CA VAL A 140 -6.73 -13.94 3.95
C VAL A 140 -5.98 -13.05 2.95
N ILE A 141 -4.69 -12.84 3.15
CA ILE A 141 -3.95 -12.03 2.22
C ILE A 141 -3.80 -12.77 0.87
N GLN A 142 -3.68 -14.12 0.88
CA GLN A 142 -3.62 -14.86 -0.37
C GLN A 142 -4.88 -14.61 -1.20
N LYS A 143 -6.03 -14.54 -0.51
CA LYS A 143 -7.25 -14.30 -1.24
C LYS A 143 -7.21 -12.90 -1.89
N VAL A 144 -6.68 -11.91 -1.19
CA VAL A 144 -6.54 -10.56 -1.78
C VAL A 144 -5.67 -10.62 -3.05
N PHE A 145 -4.59 -11.39 -3.01
CA PHE A 145 -3.74 -11.48 -4.19
C PHE A 145 -4.48 -12.15 -5.33
N TRP A 146 -5.19 -13.25 -5.04
CA TRP A 146 -5.96 -13.92 -6.09
C TRP A 146 -7.04 -13.01 -6.65
N GLY A 147 -7.63 -12.19 -5.78
CA GLY A 147 -8.61 -11.22 -6.26
C GLY A 147 -7.84 -10.34 -7.24
N GLY A 148 -6.72 -9.77 -6.82
CA GLY A 148 -5.94 -8.90 -7.71
C GLY A 148 -5.55 -9.56 -9.04
N VAL A 149 -5.34 -10.88 -9.00
CA VAL A 149 -4.97 -11.65 -10.18
C VAL A 149 -6.19 -11.70 -11.14
N LYS A 150 -7.39 -11.67 -10.59
CA LYS A 150 -8.53 -11.62 -11.48
C LYS A 150 -8.50 -10.36 -12.36
N LEU A 151 -7.76 -9.33 -11.90
CA LEU A 151 -7.65 -8.06 -12.63
C LEU A 151 -6.47 -8.04 -13.63
N ALA A 152 -5.88 -9.20 -13.89
CA ALA A 152 -4.74 -9.29 -14.81
C ALA A 152 -4.98 -8.82 -16.23
N PRO A 153 -4.09 -7.96 -16.76
CA PRO A 153 -4.17 -7.46 -18.14
C PRO A 153 -3.56 -8.51 -19.09
N SER A 154 -4.02 -8.61 -20.34
CA SER A 154 -3.35 -9.56 -21.24
C SER A 154 -1.81 -9.28 -21.30
N ARG A 155 -1.05 -10.21 -21.86
CA ARG A 155 0.38 -10.07 -22.10
C ARG A 155 0.63 -8.85 -22.99
N GLU A 156 -0.17 -8.68 -24.03
CA GLU A 156 0.05 -7.60 -24.98
C GLU A 156 -0.24 -6.22 -24.42
N ARG A 157 -1.33 -6.05 -23.67
CA ARG A 157 -1.64 -4.74 -23.13
C ARG A 157 -0.50 -4.36 -22.16
N PHE A 158 -0.05 -5.37 -21.42
CA PHE A 158 1.03 -5.24 -20.42
C PHE A 158 2.33 -4.82 -21.10
N TYR A 159 2.71 -5.57 -22.12
CA TYR A 159 3.89 -5.25 -22.87
C TYR A 159 3.75 -3.85 -23.37
N ARG A 160 2.60 -3.51 -23.95
CA ARG A 160 2.49 -2.17 -24.48
C ARG A 160 2.39 -1.06 -23.45
N LYS A 161 2.11 -1.43 -22.20
CA LYS A 161 2.11 -0.43 -21.16
C LYS A 161 3.56 -0.12 -20.81
N LEU A 162 4.50 -1.02 -21.16
CA LEU A 162 5.92 -0.79 -20.89
C LEU A 162 6.52 -0.05 -22.08
N HIS A 163 6.29 -0.56 -23.30
CA HIS A 163 6.77 0.08 -24.52
C HIS A 163 5.72 -0.19 -25.60
N PRO A 164 5.48 0.79 -26.50
CA PRO A 164 4.49 0.63 -27.58
C PRO A 164 4.71 -0.54 -28.52
N ASP A 165 5.97 -0.89 -28.79
CA ASP A 165 6.29 -2.02 -29.67
C ASP A 165 6.50 -3.32 -28.84
N LEU A 166 5.70 -4.33 -29.14
CA LEU A 166 5.70 -5.61 -28.42
C LEU A 166 7.04 -6.31 -28.36
N ASN A 167 7.65 -6.50 -29.51
CA ASN A 167 8.96 -7.14 -29.67
C ASN A 167 10.02 -6.45 -28.82
N ILE A 168 9.99 -5.12 -28.80
CA ILE A 168 10.92 -4.36 -28.00
C ILE A 168 10.62 -4.66 -26.51
N ALA A 169 9.35 -4.61 -26.11
CA ALA A 169 8.99 -4.89 -24.71
C ALA A 169 9.50 -6.25 -24.26
N LYS A 170 9.40 -7.25 -25.11
CA LYS A 170 9.80 -8.59 -24.73
C LYS A 170 11.28 -8.79 -24.62
N ALA A 171 12.03 -8.17 -25.53
CA ALA A 171 13.49 -8.25 -25.53
C ALA A 171 14.02 -7.46 -24.34
N LYS A 172 13.38 -6.32 -24.03
CA LYS A 172 13.80 -5.48 -22.92
C LYS A 172 13.48 -6.12 -21.58
N ILE A 173 12.40 -6.87 -21.54
CA ILE A 173 12.11 -7.64 -20.33
C ILE A 173 13.21 -8.69 -20.11
N GLU A 174 13.64 -9.37 -21.18
CA GLU A 174 14.70 -10.41 -21.02
C GLU A 174 16.01 -9.77 -20.57
N GLU A 175 16.40 -8.68 -21.23
CA GLU A 175 17.65 -7.95 -20.89
C GLU A 175 17.61 -7.42 -19.44
N PHE A 176 16.46 -6.85 -19.03
CA PHE A 176 16.31 -6.39 -17.66
C PHE A 176 16.50 -7.57 -16.70
N LEU A 177 15.97 -8.74 -17.08
CA LEU A 177 16.13 -9.94 -16.25
C LEU A 177 17.60 -10.33 -16.20
N ILE A 178 18.30 -10.17 -17.32
CA ILE A 178 19.74 -10.48 -17.34
C ILE A 178 20.41 -9.59 -16.29
N GLU A 179 20.10 -8.29 -16.23
CA GLU A 179 20.79 -7.42 -15.26
C GLU A 179 20.33 -7.57 -13.80
N LEU A 180 19.08 -8.02 -13.60
CA LEU A 180 18.59 -8.27 -12.26
C LEU A 180 19.25 -9.49 -11.59
N HIS A 181 19.50 -10.52 -12.41
CA HIS A 181 19.91 -11.82 -11.92
C HIS A 181 21.05 -11.87 -10.92
N ASP A 182 22.25 -11.52 -11.39
CA ASP A 182 23.39 -11.62 -10.50
C ASP A 182 23.14 -10.87 -9.22
N PRO A 183 22.68 -9.58 -9.29
CA PRO A 183 22.43 -8.85 -8.02
C PRO A 183 21.36 -9.58 -7.19
N LEU A 184 20.25 -9.96 -7.83
CA LEU A 184 19.23 -10.65 -7.05
C LEU A 184 19.72 -11.94 -6.40
N CYS A 185 20.46 -12.73 -7.18
CA CYS A 185 20.91 -14.02 -6.65
C CYS A 185 21.95 -13.92 -5.52
N CYS A 186 22.63 -12.78 -5.40
CA CYS A 186 23.59 -12.56 -4.30
C CYS A 186 22.84 -12.20 -2.99
N ILE A 187 21.81 -11.35 -3.07
CA ILE A 187 21.04 -11.02 -1.88
C ILE A 187 20.30 -12.27 -1.36
N VAL A 188 19.79 -13.11 -2.25
CA VAL A 188 19.13 -14.36 -1.85
C VAL A 188 20.16 -15.27 -1.14
N GLN A 189 21.31 -15.49 -1.78
CA GLN A 189 22.33 -16.35 -1.16
C GLN A 189 22.78 -15.74 0.15
N PHE A 190 22.95 -14.42 0.19
CA PHE A 190 23.35 -13.74 1.43
C PHE A 190 22.33 -13.98 2.54
N PHE A 191 21.05 -13.89 2.18
CA PHE A 191 19.98 -14.12 3.16
C PHE A 191 20.04 -15.52 3.77
N PHE A 192 20.47 -16.51 3.01
CA PHE A 192 20.69 -17.83 3.64
C PHE A 192 22.03 -17.82 4.42
N GLN A 193 23.03 -17.04 4.00
CA GLN A 193 24.30 -17.04 4.73
C GLN A 193 24.04 -16.45 6.09
N ARG A 194 22.93 -15.71 6.22
CA ARG A 194 22.59 -15.11 7.51
C ARG A 194 21.44 -15.83 8.22
N GLU A 195 20.88 -16.89 7.60
CA GLU A 195 19.77 -17.66 8.17
C GLU A 195 18.52 -16.76 8.31
N LEU A 196 18.33 -15.90 7.28
CA LEU A 196 17.23 -14.94 7.22
C LEU A 196 16.06 -15.38 6.35
N GLU A 197 16.28 -16.40 5.50
CA GLU A 197 15.18 -16.88 4.64
C GLU A 197 14.88 -18.36 4.81
N ASP A 198 13.62 -18.68 5.12
CA ASP A 198 13.24 -20.06 5.35
C ASP A 198 11.78 -20.34 4.95
N GLN A 199 11.29 -19.67 3.88
CA GLN A 199 9.90 -19.83 3.36
C GLN A 199 9.75 -19.60 1.84
N CYS A 200 10.67 -18.87 1.22
CA CYS A 200 10.52 -18.51 -0.18
C CYS A 200 11.79 -18.92 -0.92
N TRP A 201 11.74 -19.92 -1.78
CA TRP A 201 12.96 -20.32 -2.48
C TRP A 201 12.96 -19.75 -3.92
N GLY A 202 11.81 -19.25 -4.38
CA GLY A 202 11.75 -18.67 -5.70
C GLY A 202 11.89 -19.60 -6.87
N ASP A 203 12.22 -19.00 -8.00
CA ASP A 203 12.30 -19.72 -9.27
C ASP A 203 13.66 -20.34 -9.39
N GLU A 204 13.71 -21.64 -9.13
CA GLU A 204 14.98 -22.36 -9.15
C GLU A 204 15.64 -22.20 -10.51
N VAL A 205 14.86 -22.14 -11.59
CA VAL A 205 15.43 -21.98 -12.93
C VAL A 205 16.13 -20.62 -13.11
N TYR A 206 15.43 -19.52 -12.82
CA TYR A 206 16.02 -18.22 -12.99
C TYR A 206 17.31 -18.07 -12.19
N GLN A 207 17.32 -18.62 -10.98
CA GLN A 207 18.42 -18.42 -10.04
C GLN A 207 19.66 -19.25 -10.23
N ARG A 208 19.71 -19.97 -11.33
CA ARG A 208 20.92 -20.71 -11.65
C ARG A 208 22.02 -19.67 -11.75
N LYS A 209 23.21 -20.06 -11.30
CA LYS A 209 24.36 -19.18 -11.24
C LYS A 209 24.56 -18.22 -12.43
N ASP A 210 24.38 -18.70 -13.66
CA ASP A 210 24.63 -17.84 -14.83
C ASP A 210 23.43 -16.94 -15.13
N SER A 211 23.70 -15.65 -15.32
CA SER A 211 22.59 -14.71 -15.54
C SER A 211 21.75 -14.95 -16.78
N SER A 212 22.22 -15.79 -17.71
CA SER A 212 21.45 -16.11 -18.93
C SER A 212 21.13 -17.61 -19.04
N GLU A 213 21.38 -18.37 -17.97
CA GLU A 213 21.09 -19.81 -17.94
C GLU A 213 19.59 -20.03 -18.14
N TRP A 214 18.78 -19.03 -17.80
CA TRP A 214 17.32 -19.18 -17.98
C TRP A 214 16.84 -19.02 -19.42
N LEU A 215 17.58 -18.31 -20.26
CA LEU A 215 17.16 -18.15 -21.65
C LEU A 215 17.45 -19.40 -22.49
N LYS A 216 17.18 -20.57 -21.93
CA LYS A 216 17.42 -21.81 -22.68
C LYS A 216 16.45 -22.94 -22.34
N ASP B 11 -3.63 -3.59 20.86
CA ASP B 11 -2.97 -3.44 19.52
C ASP B 11 -3.38 -2.20 18.68
N PHE B 12 -2.64 -1.97 17.59
CA PHE B 12 -2.90 -0.86 16.67
C PHE B 12 -2.63 -1.29 15.23
N GLY B 13 -1.42 -1.77 15.03
CA GLY B 13 -0.94 -2.24 13.73
C GLY B 13 -1.85 -3.15 12.90
N ILE B 14 -2.78 -3.88 13.49
CA ILE B 14 -3.68 -4.70 12.67
C ILE B 14 -4.48 -3.76 11.74
N ILE B 15 -4.54 -2.49 12.10
CA ILE B 15 -5.33 -1.60 11.27
C ILE B 15 -4.97 -1.74 9.77
N VAL B 16 -3.68 -1.70 9.41
CA VAL B 16 -3.14 -1.81 8.01
C VAL B 16 -3.52 -3.15 7.36
N ILE B 17 -3.43 -4.24 8.13
CA ILE B 17 -3.75 -5.57 7.64
C ILE B 17 -5.21 -5.59 7.15
N LEU B 18 -6.11 -4.95 7.90
CA LEU B 18 -7.50 -4.91 7.51
C LEU B 18 -7.68 -4.01 6.26
N TRP B 19 -7.05 -2.84 6.22
CA TRP B 19 -7.25 -2.03 5.02
C TRP B 19 -6.67 -2.62 3.74
N LYS B 20 -5.59 -3.41 3.83
CA LYS B 20 -5.11 -4.15 2.66
C LYS B 20 -6.23 -5.09 2.15
N GLN B 21 -7.14 -5.49 3.04
CA GLN B 21 -8.24 -6.37 2.63
C GLN B 21 -9.44 -5.61 2.08
N VAL B 22 -9.34 -4.28 1.99
CA VAL B 22 -10.42 -3.47 1.43
C VAL B 22 -9.96 -2.99 0.08
N THR B 23 -10.49 -3.60 -0.98
CA THR B 23 -10.03 -3.31 -2.32
C THR B 23 -11.12 -2.73 -3.21
N VAL B 24 -10.71 -2.37 -4.42
CA VAL B 24 -11.66 -1.85 -5.40
C VAL B 24 -11.72 -2.94 -6.47
N LYS B 25 -12.92 -3.45 -6.73
CA LYS B 25 -13.05 -4.51 -7.73
C LYS B 25 -12.99 -4.02 -9.16
N GLU B 26 -13.01 -4.96 -10.09
CA GLU B 26 -12.96 -4.62 -11.51
C GLU B 26 -14.00 -3.57 -11.91
N ASP B 27 -15.20 -3.69 -11.37
CA ASP B 27 -16.25 -2.74 -11.69
C ASP B 27 -16.17 -1.44 -10.89
N GLY B 28 -15.11 -1.31 -10.10
CA GLY B 28 -14.92 -0.10 -9.32
C GLY B 28 -15.71 -0.07 -8.00
N LYS B 29 -16.18 -1.20 -7.50
CA LYS B 29 -16.95 -1.20 -6.27
C LYS B 29 -16.17 -1.78 -5.08
N VAL B 30 -16.62 -1.44 -3.85
CA VAL B 30 -15.94 -1.84 -2.63
C VAL B 30 -16.65 -2.86 -1.71
N PRO B 31 -15.99 -4.03 -1.49
CA PRO B 31 -16.59 -5.08 -0.61
C PRO B 31 -17.00 -4.52 0.76
N LEU B 32 -18.17 -4.93 1.16
CA LEU B 32 -18.81 -4.43 2.35
C LEU B 32 -18.23 -4.98 3.64
N GLU B 33 -18.06 -6.28 3.75
CA GLU B 33 -17.57 -6.80 5.01
C GLU B 33 -16.12 -6.46 5.25
N PRO B 34 -15.30 -6.51 4.19
CA PRO B 34 -13.94 -6.13 4.56
C PRO B 34 -13.97 -4.64 5.00
N PHE B 35 -14.52 -3.78 4.14
CA PHE B 35 -14.62 -2.33 4.48
C PHE B 35 -15.24 -2.07 5.86
N LEU B 36 -16.42 -2.59 6.19
CA LEU B 36 -17.04 -2.27 7.50
C LEU B 36 -16.25 -2.72 8.70
N THR B 37 -15.56 -3.85 8.57
CA THR B 37 -14.71 -4.40 9.63
C THR B 37 -13.45 -3.53 9.84
N ALA B 38 -12.82 -3.05 8.75
CA ALA B 38 -11.62 -2.23 8.86
C ALA B 38 -12.01 -0.84 9.37
N ALA B 39 -13.23 -0.38 9.06
CA ALA B 39 -13.73 0.93 9.48
C ALA B 39 -13.80 0.93 11.01
N LYS B 40 -14.14 -0.21 11.62
CA LYS B 40 -14.22 -0.22 13.09
C LYS B 40 -12.86 0.12 13.70
N GLU B 41 -11.79 -0.29 13.02
CA GLU B 41 -10.43 -0.07 13.52
C GLU B 41 -9.98 1.42 13.33
N VAL B 42 -10.69 2.20 12.54
CA VAL B 42 -10.32 3.61 12.34
C VAL B 42 -10.50 4.36 13.65
N LEU B 43 -11.28 3.77 14.58
CA LEU B 43 -11.54 4.30 15.95
C LEU B 43 -10.28 4.16 16.87
N ARG B 44 -9.33 3.31 16.51
CA ARG B 44 -8.09 3.22 17.28
C ARG B 44 -7.44 4.59 17.11
N VAL B 45 -7.57 5.16 15.91
CA VAL B 45 -7.02 6.49 15.66
C VAL B 45 -7.77 7.59 16.39
N VAL B 46 -9.11 7.57 16.34
CA VAL B 46 -9.83 8.62 17.01
C VAL B 46 -9.58 8.58 18.50
N ASP B 47 -9.50 7.39 19.10
CA ASP B 47 -9.27 7.29 20.56
C ASP B 47 -7.93 7.92 20.93
N ALA B 48 -6.95 8.00 20.00
CA ALA B 48 -5.64 8.57 20.30
C ALA B 48 -5.70 10.08 20.58
N PHE B 49 -6.81 10.75 20.28
CA PHE B 49 -6.94 12.16 20.69
C PHE B 49 -7.19 12.23 22.24
N GLY B 50 -7.42 11.08 22.87
CA GLY B 50 -7.71 11.04 24.29
C GLY B 50 -9.20 10.88 24.56
N SER B 51 -9.64 11.34 25.72
CA SER B 51 -11.05 11.27 26.16
C SER B 51 -12.08 12.09 25.35
N GLY B 52 -11.60 13.20 24.77
CA GLY B 52 -12.45 14.13 24.02
C GLY B 52 -12.87 13.52 22.68
N PHE B 53 -13.27 14.37 21.74
CA PHE B 53 -13.76 13.99 20.41
C PHE B 53 -14.63 12.74 20.43
N ARG B 54 -15.23 12.46 21.58
CA ARG B 54 -16.09 11.32 21.68
C ARG B 54 -17.22 11.34 20.66
N ILE B 55 -17.78 12.50 20.33
CA ILE B 55 -18.88 12.51 19.33
C ILE B 55 -18.40 11.91 18.00
N VAL B 56 -17.14 12.17 17.62
CA VAL B 56 -16.61 11.62 16.35
C VAL B 56 -16.54 10.08 16.42
N LYS B 57 -16.11 9.58 17.57
CA LYS B 57 -15.98 8.13 17.76
C LYS B 57 -17.33 7.48 17.62
N ASN B 58 -18.26 7.99 18.42
CA ASN B 58 -19.68 7.57 18.48
C ASN B 58 -20.38 7.62 17.16
N ASP B 59 -20.18 8.69 16.38
CA ASP B 59 -20.86 8.77 15.06
C ASP B 59 -20.20 7.74 14.16
N ILE B 60 -18.87 7.57 14.22
CA ILE B 60 -18.23 6.57 13.40
C ILE B 60 -18.76 5.18 13.78
N ALA B 61 -18.71 4.84 15.06
CA ALA B 61 -19.19 3.54 15.49
C ALA B 61 -20.65 3.29 15.10
N GLY B 62 -21.50 4.32 15.25
CA GLY B 62 -22.94 4.24 14.96
C GLY B 62 -23.26 4.18 13.47
N ASN B 63 -22.46 4.83 12.64
CA ASN B 63 -22.72 4.81 11.20
C ASN B 63 -22.27 3.46 10.66
N ILE B 64 -21.28 2.88 11.30
CA ILE B 64 -20.87 1.52 10.91
C ILE B 64 -22.02 0.56 11.27
N LYS B 65 -22.56 0.67 12.49
CA LYS B 65 -23.67 -0.17 12.96
C LYS B 65 -24.90 0.05 12.06
N LYS B 66 -25.23 1.30 11.72
CA LYS B 66 -26.38 1.64 10.89
C LYS B 66 -26.28 1.09 9.49
N LEU B 67 -25.07 1.07 8.91
CA LEU B 67 -24.85 0.54 7.57
C LEU B 67 -25.13 -0.97 7.62
N TYR B 68 -24.75 -1.64 8.71
CA TYR B 68 -25.11 -3.08 8.82
C TYR B 68 -26.63 -3.15 8.93
N ARG B 69 -27.27 -2.23 9.65
CA ARG B 69 -28.74 -2.34 9.80
C ARG B 69 -29.41 -2.14 8.46
N ALA B 70 -28.97 -1.14 7.70
CA ALA B 70 -29.59 -0.85 6.42
C ALA B 70 -29.41 -1.92 5.35
N ASN B 71 -28.48 -2.84 5.58
CA ASN B 71 -28.24 -3.94 4.63
C ASN B 71 -28.91 -5.28 5.00
N GLN B 72 -29.49 -5.38 6.19
CA GLN B 72 -30.16 -6.60 6.63
C GLN B 72 -31.34 -6.90 5.73
N THR B 73 -31.82 -5.88 5.03
CA THR B 73 -32.95 -6.03 4.15
C THR B 73 -32.57 -5.84 2.69
N VAL B 74 -31.31 -5.48 2.44
CA VAL B 74 -30.86 -5.28 1.05
C VAL B 74 -29.90 -6.36 0.54
N HIS B 75 -29.03 -6.85 1.41
CA HIS B 75 -28.09 -7.88 1.02
C HIS B 75 -27.10 -7.51 -0.11
N ALA B 76 -26.58 -6.30 -0.04
CA ALA B 76 -25.63 -5.87 -1.08
C ALA B 76 -24.24 -6.41 -0.75
N GLU B 77 -23.41 -6.54 -1.76
CA GLU B 77 -22.05 -7.02 -1.53
C GLU B 77 -20.97 -5.93 -1.73
N THR B 78 -21.40 -4.77 -2.21
CA THR B 78 -20.50 -3.62 -2.35
C THR B 78 -21.26 -2.43 -1.77
N LEU B 79 -20.53 -1.37 -1.50
CA LEU B 79 -21.11 -0.13 -0.99
C LEU B 79 -21.93 0.52 -2.07
N GLN B 80 -21.40 0.54 -3.27
CA GLN B 80 -22.15 1.19 -4.33
C GLN B 80 -23.53 0.56 -4.57
N GLU B 81 -23.61 -0.76 -4.55
CA GLU B 81 -24.88 -1.45 -4.77
C GLU B 81 -25.91 -1.04 -3.74
N LEU B 82 -25.49 -0.97 -2.47
CA LEU B 82 -26.36 -0.63 -1.33
C LEU B 82 -26.93 0.78 -1.56
N ILE B 83 -26.04 1.69 -1.96
CA ILE B 83 -26.52 3.02 -2.22
C ILE B 83 -27.24 3.06 -3.59
N ILE B 84 -26.88 2.18 -4.51
CA ILE B 84 -27.64 2.13 -5.77
C ILE B 84 -29.05 1.59 -5.47
N ALA B 85 -29.17 0.65 -4.52
CA ALA B 85 -30.49 0.09 -4.17
C ALA B 85 -31.39 1.11 -3.48
N GLU B 86 -30.82 1.96 -2.63
CA GLU B 86 -31.65 2.97 -1.98
C GLU B 86 -32.05 4.03 -2.96
N ASN B 87 -31.15 4.32 -3.90
CA ASN B 87 -31.35 5.36 -4.89
C ASN B 87 -32.12 6.59 -4.32
N SER B 88 -31.57 7.21 -3.29
CA SER B 88 -32.16 8.40 -2.65
C SER B 88 -31.14 8.98 -1.68
N PRO B 89 -31.09 10.31 -1.58
CA PRO B 89 -30.18 11.01 -0.66
C PRO B 89 -30.50 10.68 0.79
N ASP B 90 -31.78 10.74 1.16
CA ASP B 90 -32.15 10.42 2.52
C ASP B 90 -32.13 8.92 2.80
N GLY B 91 -31.64 8.09 1.89
CA GLY B 91 -31.59 6.69 2.22
C GLY B 91 -30.75 6.58 3.49
N LEU B 92 -31.10 5.63 4.35
CA LEU B 92 -30.46 5.31 5.60
C LEU B 92 -28.97 5.10 5.35
N ALA B 93 -28.62 4.06 4.60
CA ALA B 93 -27.18 3.77 4.33
C ALA B 93 -26.52 4.94 3.62
N THR B 94 -27.35 5.78 3.01
CA THR B 94 -26.85 6.92 2.23
C THR B 94 -26.43 8.02 3.17
N VAL B 95 -27.32 8.43 4.04
CA VAL B 95 -26.93 9.45 4.99
C VAL B 95 -25.75 8.94 5.82
N ALA B 96 -25.78 7.69 6.28
CA ALA B 96 -24.70 7.14 7.11
C ALA B 96 -23.39 7.11 6.32
N LEU B 97 -23.36 6.49 5.15
CA LEU B 97 -22.13 6.46 4.41
C LEU B 97 -21.66 7.86 4.14
N LEU B 98 -22.60 8.78 3.95
CA LEU B 98 -22.14 10.15 3.73
C LEU B 98 -21.23 10.60 4.88
N TRP B 99 -21.61 10.21 6.09
CA TRP B 99 -20.85 10.67 7.24
C TRP B 99 -19.64 9.83 7.60
N LEU B 100 -19.69 8.52 7.41
CA LEU B 100 -18.50 7.74 7.67
C LEU B 100 -17.46 8.20 6.61
N LYS B 101 -17.94 8.51 5.40
CA LYS B 101 -17.07 9.04 4.34
C LYS B 101 -16.39 10.34 4.80
N ARG B 102 -17.17 11.34 5.17
CA ARG B 102 -16.54 12.62 5.59
C ARG B 102 -15.66 12.44 6.81
N ALA B 103 -16.14 11.76 7.85
CA ALA B 103 -15.27 11.51 8.99
C ALA B 103 -13.97 10.84 8.55
N PHE B 104 -13.97 9.97 7.54
CA PHE B 104 -12.74 9.31 7.13
C PHE B 104 -11.84 10.25 6.30
N GLN B 105 -12.42 11.04 5.38
CA GLN B 105 -11.59 12.03 4.66
C GLN B 105 -10.90 12.92 5.71
N PHE B 106 -11.59 13.27 6.81
CA PHE B 106 -11.05 14.08 7.90
C PHE B 106 -9.82 13.40 8.47
N ILE B 107 -9.95 12.15 8.93
CA ILE B 107 -8.83 11.45 9.54
C ILE B 107 -7.71 11.30 8.52
N ALA B 108 -8.07 11.16 7.24
CA ALA B 108 -7.06 11.08 6.19
C ALA B 108 -6.32 12.42 6.16
N SER B 109 -7.10 13.51 6.02
CA SER B 109 -6.44 14.82 5.97
C SER B 109 -5.64 15.19 7.24
N PHE B 110 -6.19 14.92 8.43
CA PHE B 110 -5.46 15.21 9.67
C PHE B 110 -4.14 14.41 9.70
N LEU B 111 -4.16 13.07 9.44
CA LEU B 111 -2.97 12.23 9.48
C LEU B 111 -1.97 12.63 8.43
N ARG B 112 -2.41 12.92 7.21
CA ARG B 112 -1.48 13.33 6.19
C ARG B 112 -0.64 14.50 6.77
N ARG B 113 -1.32 15.50 7.31
CA ARG B 113 -0.63 16.67 7.89
C ARG B 113 0.31 16.26 9.00
N LEU B 114 -0.14 15.39 9.91
CA LEU B 114 0.74 14.96 10.98
C LEU B 114 2.09 14.46 10.47
N VAL B 115 2.10 13.73 9.36
CA VAL B 115 3.35 13.17 8.88
C VAL B 115 4.13 14.00 7.85
N VAL B 116 3.46 14.85 7.05
CA VAL B 116 4.18 15.63 6.04
C VAL B 116 4.50 17.07 6.40
N THR B 117 4.07 17.45 7.63
CA THR B 117 4.32 18.79 8.19
C THR B 117 4.94 18.75 9.62
N ASP B 118 5.46 19.90 10.06
CA ASP B 118 6.01 20.09 11.41
C ASP B 118 5.04 20.81 12.35
N LYS B 119 3.82 21.02 11.86
CA LYS B 119 2.78 21.71 12.60
C LYS B 119 2.30 21.04 13.91
N SER B 120 1.87 21.86 14.86
CA SER B 120 1.43 21.26 16.12
C SER B 120 0.19 20.45 15.79
N LEU B 121 0.05 19.32 16.49
CA LEU B 121 -1.10 18.48 16.30
C LEU B 121 -2.38 19.32 16.27
N GLU B 122 -2.47 20.32 17.13
CA GLU B 122 -3.67 21.17 17.12
C GLU B 122 -3.97 21.82 15.78
N GLN B 123 -2.94 22.33 15.13
CA GLN B 123 -3.14 22.90 13.80
C GLN B 123 -3.32 21.75 12.82
N CYS B 124 -2.61 20.63 13.05
CA CYS B 124 -2.76 19.46 12.15
C CYS B 124 -4.31 19.11 12.11
N VAL B 125 -4.94 19.03 13.29
CA VAL B 125 -6.38 18.70 13.32
C VAL B 125 -7.27 19.79 12.76
N THR B 126 -6.89 21.07 13.01
CA THR B 126 -7.61 22.23 12.50
C THR B 126 -7.70 22.24 10.97
N GLU B 127 -6.56 22.09 10.32
CA GLU B 127 -6.59 22.13 8.85
C GLU B 127 -7.40 20.95 8.29
N ALA B 128 -7.55 19.90 9.09
CA ALA B 128 -8.33 18.73 8.66
C ALA B 128 -9.78 18.98 8.94
N TYR B 129 -10.08 19.54 10.10
CA TYR B 129 -11.50 19.76 10.35
C TYR B 129 -12.14 20.77 9.42
N ASN B 130 -11.45 21.90 9.24
CA ASN B 130 -11.94 23.01 8.42
C ASN B 130 -12.23 22.63 7.01
N CYS B 131 -11.53 21.64 6.52
CA CYS B 131 -11.70 21.24 5.15
C CYS B 131 -12.59 20.03 4.86
N THR B 132 -13.05 19.37 5.92
CA THR B 132 -13.89 18.19 5.74
C THR B 132 -15.25 18.41 6.36
N LEU B 133 -15.30 18.27 7.68
CA LEU B 133 -16.57 18.34 8.38
C LEU B 133 -16.97 19.77 8.75
N ARG B 134 -16.07 20.76 8.65
CA ARG B 134 -16.48 22.11 9.05
C ARG B 134 -17.73 22.60 8.36
N PRO B 135 -17.77 22.54 7.02
CA PRO B 135 -19.01 23.08 6.39
C PRO B 135 -20.26 22.26 6.58
N CYS B 136 -20.07 21.08 7.13
CA CYS B 136 -21.18 20.17 7.37
C CYS B 136 -21.77 20.38 8.77
N HIS B 137 -21.11 21.22 9.55
CA HIS B 137 -21.49 21.44 10.93
C HIS B 137 -22.04 22.83 11.23
N SER B 138 -23.13 22.87 11.97
CA SER B 138 -23.68 24.15 12.35
C SER B 138 -22.67 24.78 13.30
N ALA B 139 -22.88 26.04 13.61
CA ALA B 139 -21.97 26.74 14.51
C ALA B 139 -21.87 26.05 15.87
N VAL B 140 -22.98 25.49 16.35
CA VAL B 140 -22.99 24.80 17.66
C VAL B 140 -22.00 23.59 17.75
N ILE B 141 -22.11 22.64 16.83
CA ILE B 141 -21.24 21.47 16.84
C ILE B 141 -19.77 21.87 16.62
N GLN B 142 -19.54 22.91 15.82
CA GLN B 142 -18.17 23.39 15.60
C GLN B 142 -17.59 23.78 16.97
N LYS B 143 -18.41 24.41 17.82
CA LYS B 143 -17.96 24.80 19.16
C LYS B 143 -17.55 23.55 19.94
N VAL B 144 -18.31 22.47 19.86
CA VAL B 144 -17.90 21.23 20.55
C VAL B 144 -16.66 20.61 19.91
N PHE B 145 -16.65 20.53 18.58
CA PHE B 145 -15.49 20.00 17.88
C PHE B 145 -14.31 20.92 18.21
N TRP B 146 -14.48 22.26 18.12
CA TRP B 146 -13.38 23.17 18.46
C TRP B 146 -12.99 23.07 19.94
N GLY B 147 -13.98 22.98 20.83
CA GLY B 147 -13.64 22.83 22.25
C GLY B 147 -12.68 21.67 22.39
N GLY B 148 -12.99 20.55 21.72
CA GLY B 148 -12.10 19.40 21.75
C GLY B 148 -10.71 19.70 21.18
N VAL B 149 -10.65 20.35 20.01
CA VAL B 149 -9.35 20.74 19.39
C VAL B 149 -8.45 21.45 20.45
N LYS B 150 -9.04 22.31 21.26
CA LYS B 150 -8.28 23.03 22.30
C LYS B 150 -7.56 22.13 23.32
N LEU B 151 -8.11 20.95 23.57
CA LEU B 151 -7.50 20.04 24.52
C LEU B 151 -6.86 18.87 23.80
N ALA B 152 -6.71 19.00 22.49
CA ALA B 152 -6.09 17.92 21.75
C ALA B 152 -4.69 17.69 22.29
N PRO B 153 -4.20 16.46 22.15
CA PRO B 153 -2.87 16.18 22.65
C PRO B 153 -1.79 16.69 21.72
N SER B 154 -0.58 16.56 22.22
CA SER B 154 0.61 16.88 21.50
C SER B 154 0.88 15.65 20.60
N ARG B 155 1.73 15.85 19.61
CA ARG B 155 2.18 14.83 18.66
C ARG B 155 2.74 13.62 19.36
N GLU B 156 3.61 13.86 20.33
CA GLU B 156 4.23 12.76 21.03
C GLU B 156 3.17 11.96 21.80
N ARG B 157 2.25 12.64 22.45
CA ARG B 157 1.22 11.91 23.23
C ARG B 157 0.31 11.10 22.27
N PHE B 158 0.00 11.69 21.09
CA PHE B 158 -0.81 11.00 20.11
C PHE B 158 -0.12 9.71 19.60
N TYR B 159 1.12 9.82 19.12
CA TYR B 159 1.83 8.62 18.64
C TYR B 159 1.93 7.57 19.74
N ARG B 160 2.21 7.99 21.00
CA ARG B 160 2.35 7.03 22.11
C ARG B 160 1.04 6.35 22.43
N LYS B 161 -0.06 7.03 22.22
CA LYS B 161 -1.34 6.39 22.49
C LYS B 161 -1.47 5.21 21.51
N LEU B 162 -1.08 5.44 20.25
CA LEU B 162 -1.19 4.42 19.22
C LEU B 162 -0.27 3.20 19.49
N HIS B 163 0.99 3.42 19.84
CA HIS B 163 1.94 2.33 20.09
C HIS B 163 3.12 2.84 20.96
N PRO B 164 3.57 2.05 21.96
CA PRO B 164 4.68 2.55 22.79
C PRO B 164 5.96 2.92 22.03
N ASP B 165 6.20 2.30 20.88
CA ASP B 165 7.38 2.65 20.08
C ASP B 165 6.80 3.67 19.11
N LEU B 166 7.13 4.93 19.29
CA LEU B 166 6.57 5.96 18.44
C LEU B 166 6.99 5.76 17.01
N ASN B 167 8.16 5.14 16.77
CA ASN B 167 8.62 4.93 15.39
C ASN B 167 7.63 3.99 14.70
N ILE B 168 7.21 2.96 15.42
CA ILE B 168 6.24 2.04 14.83
C ILE B 168 4.85 2.69 14.77
N ALA B 169 4.53 3.58 15.69
CA ALA B 169 3.22 4.21 15.59
C ALA B 169 3.21 4.99 14.29
N LYS B 170 4.22 5.83 14.08
CA LYS B 170 4.31 6.66 12.86
C LYS B 170 4.36 5.79 11.61
N ALA B 171 5.19 4.74 11.64
CA ALA B 171 5.29 3.84 10.51
C ALA B 171 3.92 3.25 10.16
N LYS B 172 3.21 2.79 11.19
CA LYS B 172 1.93 2.17 10.94
C LYS B 172 0.87 3.16 10.54
N ILE B 173 1.04 4.44 10.89
CA ILE B 173 0.05 5.45 10.48
C ILE B 173 0.23 5.69 8.97
N GLU B 174 1.46 5.80 8.47
CA GLU B 174 1.71 6.00 7.04
C GLU B 174 1.27 4.79 6.19
N GLU B 175 1.49 3.57 6.69
CA GLU B 175 1.04 2.38 5.95
C GLU B 175 -0.51 2.34 5.99
N PHE B 176 -1.10 2.73 7.13
CA PHE B 176 -2.55 2.77 7.27
C PHE B 176 -3.07 3.69 6.16
N LEU B 177 -2.51 4.90 6.09
CA LEU B 177 -2.89 5.91 5.09
C LEU B 177 -2.76 5.39 3.67
N ILE B 178 -1.66 4.71 3.36
CA ILE B 178 -1.51 4.13 2.01
C ILE B 178 -2.65 3.13 1.72
N GLU B 179 -2.93 2.22 2.67
CA GLU B 179 -4.00 1.24 2.44
C GLU B 179 -5.41 1.84 2.32
N LEU B 180 -5.66 2.88 3.12
CA LEU B 180 -6.96 3.55 3.09
C LEU B 180 -7.17 4.24 1.73
N HIS B 181 -6.07 4.65 1.11
CA HIS B 181 -6.29 5.54 -0.02
C HIS B 181 -7.22 5.17 -1.13
N ASP B 182 -6.97 4.03 -1.79
CA ASP B 182 -7.82 3.76 -2.96
C ASP B 182 -9.28 3.49 -2.61
N PRO B 183 -9.58 2.65 -1.60
CA PRO B 183 -11.00 2.45 -1.32
C PRO B 183 -11.65 3.79 -0.94
N LEU B 184 -10.96 4.63 -0.15
CA LEU B 184 -11.60 5.90 0.16
C LEU B 184 -11.73 6.79 -1.08
N CYS B 185 -10.68 6.93 -1.87
CA CYS B 185 -10.77 7.78 -3.09
C CYS B 185 -11.93 7.48 -4.04
N CYS B 186 -12.17 6.21 -4.23
CA CYS B 186 -13.23 5.74 -5.11
C CYS B 186 -14.61 6.00 -4.44
N ILE B 187 -14.75 5.82 -3.12
CA ILE B 187 -16.05 6.05 -2.47
C ILE B 187 -16.42 7.54 -2.54
N VAL B 188 -15.42 8.42 -2.45
CA VAL B 188 -15.61 9.86 -2.57
C VAL B 188 -16.15 10.20 -3.97
N GLN B 189 -15.56 9.59 -4.99
CA GLN B 189 -16.02 9.85 -6.36
C GLN B 189 -17.49 9.45 -6.52
N PHE B 190 -17.88 8.29 -5.99
CA PHE B 190 -19.24 7.76 -6.06
C PHE B 190 -20.26 8.77 -5.44
N PHE B 191 -19.93 9.35 -4.29
CA PHE B 191 -20.88 10.31 -3.71
C PHE B 191 -21.04 11.52 -4.62
N PHE B 192 -20.07 11.66 -5.52
CA PHE B 192 -20.13 12.70 -6.56
C PHE B 192 -20.95 12.13 -7.71
N GLN B 193 -20.78 10.87 -8.06
CA GLN B 193 -21.57 10.30 -9.15
C GLN B 193 -23.08 10.32 -8.80
N ARG B 194 -23.38 9.98 -7.56
CA ARG B 194 -24.74 9.92 -7.07
C ARG B 194 -25.35 11.29 -6.68
N GLU B 195 -24.55 12.36 -6.77
CA GLU B 195 -24.97 13.72 -6.38
C GLU B 195 -25.48 13.71 -4.96
N LEU B 196 -24.58 13.43 -4.01
CA LEU B 196 -24.93 13.31 -2.59
C LEU B 196 -24.05 14.15 -1.67
N GLU B 197 -22.97 14.67 -2.21
CA GLU B 197 -22.04 15.44 -1.39
C GLU B 197 -21.98 16.85 -1.93
N ASP B 198 -22.38 17.80 -1.11
CA ASP B 198 -22.31 19.18 -1.55
C ASP B 198 -21.59 20.10 -0.54
N GLN B 199 -20.97 19.51 0.47
CA GLN B 199 -20.27 20.31 1.48
C GLN B 199 -18.77 19.96 1.74
N CYS B 200 -18.42 18.68 1.75
CA CYS B 200 -17.05 18.19 2.00
C CYS B 200 -16.31 18.49 0.74
N TRP B 201 -15.00 18.41 0.78
CA TRP B 201 -14.22 18.54 -0.41
C TRP B 201 -12.99 17.72 -0.28
N GLY B 202 -12.59 17.44 0.96
CA GLY B 202 -11.47 16.54 1.16
C GLY B 202 -10.17 17.16 0.71
N ASP B 203 -9.14 16.55 1.26
CA ASP B 203 -7.75 16.95 1.07
C ASP B 203 -7.31 16.65 -0.36
N GLU B 204 -7.10 17.70 -1.12
CA GLU B 204 -6.72 17.53 -2.50
C GLU B 204 -5.40 16.79 -2.54
N VAL B 205 -4.47 17.17 -1.68
CA VAL B 205 -3.21 16.48 -1.75
C VAL B 205 -3.47 15.01 -1.43
N TYR B 206 -4.31 14.75 -0.44
CA TYR B 206 -4.57 13.34 -0.14
C TYR B 206 -5.34 12.65 -1.23
N GLN B 207 -6.38 13.32 -1.72
CA GLN B 207 -7.25 12.65 -2.73
C GLN B 207 -6.83 12.57 -4.19
N ARG B 208 -5.59 12.96 -4.50
CA ARG B 208 -5.07 12.83 -5.86
C ARG B 208 -5.00 11.33 -6.18
N LYS B 209 -4.96 10.98 -7.46
CA LYS B 209 -4.95 9.57 -7.85
C LYS B 209 -3.83 8.69 -7.31
N ASP B 210 -2.58 9.17 -7.29
CA ASP B 210 -1.54 8.31 -6.74
C ASP B 210 -1.61 8.32 -5.22
N SER B 211 -1.86 7.13 -4.69
CA SER B 211 -2.03 6.91 -3.23
C SER B 211 -0.77 7.26 -2.44
N SER B 212 0.23 7.82 -3.13
CA SER B 212 1.49 8.20 -2.47
C SER B 212 1.90 9.60 -2.88
N GLU B 213 1.07 10.27 -3.65
CA GLU B 213 1.47 11.61 -4.04
C GLU B 213 1.63 12.54 -2.83
N TRP B 214 0.89 12.25 -1.78
CA TRP B 214 0.94 13.06 -0.58
C TRP B 214 2.28 12.88 0.15
N LEU B 215 3.04 11.88 -0.24
CA LEU B 215 4.35 11.69 0.40
C LEU B 215 5.48 12.42 -0.33
N LYS B 216 5.26 12.69 -1.61
CA LYS B 216 6.32 13.31 -2.39
C LYS B 216 6.73 14.73 -1.97
#